data_8GC3
#
_entry.id   8GC3
#
_cell.length_a   1.00
_cell.length_b   1.00
_cell.length_c   1.00
_cell.angle_alpha   90.00
_cell.angle_beta   90.00
_cell.angle_gamma   90.00
#
_symmetry.space_group_name_H-M   'P 1'
#
loop_
_entity.id
_entity.type
_entity.pdbx_description
1 polymer 'Glutamate receptor ionotropic, kainate 2'
2 branched alpha-D-mannopyranose-(1-3)-[alpha-D-mannopyranose-(1-6)]beta-D-mannopyranose-(1-4)-2-acetamido-2-deoxy-beta-D-glucopyranose-(1-4)-2-acetamido-2-deoxy-beta-D-glucopyranose
3 branched 2-acetamido-2-deoxy-beta-D-glucopyranose-(1-4)-2-acetamido-2-deoxy-beta-D-glucopyranose
4 non-polymer 2-acetamido-2-deoxy-beta-D-glucopyranose
5 non-polymer '(2S,3S,4S)-2-CARBOXY-4-[(1Z,3E,5R)-5-CARBOXY-1-METHYL-1,3-HEXADIENYL]-3-PYRROLIDINEACETIC ACID'
#
_entity_poly.entity_id   1
_entity_poly.type   'polypeptide(L)'
_entity_poly.pdbx_seq_one_letter_code
;HVLRFGGIFEYVESGPMGAEELAFRFAVNTINRNRTLLPNTTLTYDTQKINLYDSFEASKKACDQLSLGVAAIFGPSHSS
SANAVQSICNALGVPHIQTRWKHQVSDNKDSFYVSLYPDFSSLSRAILDLVQFFKWKTVTVVYDDSTGLIRLQELIKAPS
RYNLRLKIRQLPADTKDAKPLLKEMKRGKEFHVIFDCSHEMAAGILKQALAMGMMTEYYHYIFTTLDLFALDVEPYRYSG
VNMTGFRILNTENTQVSSIIEKWSMERLQAPPKPDSGLLDGFMTTDAALMYDAVHVVSVAVQQFPQMTVSSLQCNRHKPW
RFGTRFMSLIKEAHWEGLTGRITFNKTNGLRTDFDLDVISLKEEGLEKIGTWDPASGLNMTESQKGKPANITDSLSNRSL
IVTTILEEPYVLFKKSDKPLYGNDRFEGYCIDLLRELSTILGFTYEIRLVEDGKYGAQDDVNGQWNGMVRELIDHKADLA
VAPLAITYVREKVIDFSKPFMTLGISILYRKPNGTNPGVFSFLNPLSPDIWMYVLLAYLGVSVVLFVIARFSPYEWYNPH
PSNPDSDVVENNFTLLNSFWFGVGALMQQGSELMPKALSTRIVGGIWWFFTLIIISSYTANLAAFLTVERMESPIDSADD
LAKQTKIEYGAVEDGATMTFFKKSKISTYDKMWAFMSSRRQSVLVKSNEEGIQRVLTSDYAFLMESTTIEFVTQRNCNLT
QIGGLIDSKGYGVGTPMGSPYRDKITIAILQLQEEGKLHMMKEKWWRGNGCPEEESKEASALGVQNIGGIFIVLAAGLVL
SVFVAVGEFLYKSKKNAQLEKRSFCSAMVEELRMSLKCQRRLKHKPQAPVIVKTEEVINMHTFNDRRLPGKETMA
;
_entity_poly.pdbx_strand_id   A,B,C,D
#
# COMPACT_ATOMS: atom_id res chain seq x y z
N HIS A 1 76.92 12.80 -41.85
CA HIS A 1 75.54 12.72 -41.40
C HIS A 1 75.46 11.99 -40.07
N VAL A 2 75.77 12.70 -38.99
CA VAL A 2 75.80 12.15 -37.64
C VAL A 2 74.65 12.76 -36.85
N LEU A 3 73.81 11.90 -36.27
CA LEU A 3 72.65 12.32 -35.52
C LEU A 3 72.72 11.73 -34.12
N ARG A 4 72.51 12.56 -33.10
CA ARG A 4 72.66 12.17 -31.72
C ARG A 4 71.30 12.17 -31.04
N PHE A 5 71.00 11.09 -30.31
CA PHE A 5 69.81 10.99 -29.50
C PHE A 5 70.17 11.02 -28.03
N GLY A 6 69.34 11.69 -27.24
CA GLY A 6 69.52 11.74 -25.80
C GLY A 6 68.50 10.87 -25.11
N GLY A 7 68.95 10.20 -24.05
CA GLY A 7 68.07 9.34 -23.29
C GLY A 7 68.44 9.29 -21.83
N ILE A 8 67.47 9.49 -20.96
CA ILE A 8 67.67 9.41 -19.53
C ILE A 8 66.97 8.16 -19.01
N PHE A 9 67.65 7.45 -18.12
CA PHE A 9 67.14 6.19 -17.60
C PHE A 9 67.36 6.18 -16.09
N GLU A 10 66.92 5.11 -15.45
CA GLU A 10 67.05 4.95 -14.01
C GLU A 10 68.07 3.86 -13.74
N TYR A 11 69.21 4.23 -13.17
CA TYR A 11 70.29 3.28 -12.97
C TYR A 11 70.01 2.38 -11.79
N VAL A 12 70.42 1.13 -11.91
CA VAL A 12 70.40 0.16 -10.82
C VAL A 12 71.85 -0.16 -10.48
N GLU A 13 72.19 -0.08 -9.19
CA GLU A 13 73.54 -0.41 -8.77
C GLU A 13 73.77 -1.93 -8.84
N SER A 14 72.78 -2.72 -8.41
CA SER A 14 72.93 -4.16 -8.40
C SER A 14 72.87 -4.74 -9.81
N GLY A 15 71.89 -4.31 -10.59
CA GLY A 15 71.77 -4.75 -11.96
C GLY A 15 72.83 -4.11 -12.83
N PRO A 16 73.27 -4.82 -13.87
CA PRO A 16 74.31 -4.26 -14.74
C PRO A 16 73.75 -3.24 -15.72
N MET A 17 72.48 -3.37 -16.08
CA MET A 17 71.90 -2.58 -17.16
C MET A 17 70.38 -2.66 -17.04
N GLY A 18 69.71 -1.52 -17.15
CA GLY A 18 68.26 -1.52 -17.17
C GLY A 18 67.72 -2.08 -18.47
N ALA A 19 66.46 -2.50 -18.42
CA ALA A 19 65.84 -3.15 -19.58
C ALA A 19 65.58 -2.14 -20.70
N GLU A 20 65.11 -0.94 -20.34
CA GLU A 20 64.78 0.06 -21.35
C GLU A 20 66.03 0.63 -22.00
N GLU A 21 67.10 0.80 -21.22
CA GLU A 21 68.36 1.29 -21.79
C GLU A 21 68.99 0.25 -22.70
N LEU A 22 68.90 -1.02 -22.32
CA LEU A 22 69.38 -2.10 -23.18
C LEU A 22 68.57 -2.19 -24.46
N ALA A 23 67.25 -1.98 -24.36
CA ALA A 23 66.41 -1.95 -25.56
C ALA A 23 66.72 -0.75 -26.43
N PHE A 24 67.07 0.38 -25.82
CA PHE A 24 67.45 1.57 -26.57
C PHE A 24 68.74 1.34 -27.35
N ARG A 25 69.74 0.73 -26.71
CA ARG A 25 71.00 0.43 -27.39
C ARG A 25 70.80 -0.62 -28.48
N PHE A 26 69.94 -1.61 -28.20
CA PHE A 26 69.61 -2.64 -29.19
C PHE A 26 68.91 -2.04 -30.40
N ALA A 27 68.00 -1.09 -30.17
CA ALA A 27 67.29 -0.42 -31.25
C ALA A 27 68.22 0.43 -32.09
N VAL A 28 69.14 1.16 -31.43
CA VAL A 28 70.10 1.99 -32.15
C VAL A 28 71.03 1.13 -33.01
N ASN A 29 71.51 0.01 -32.46
CA ASN A 29 72.38 -0.89 -33.21
C ASN A 29 71.66 -1.55 -34.37
N THR A 30 70.40 -1.96 -34.18
CA THR A 30 69.68 -2.62 -35.26
C THR A 30 69.25 -1.63 -36.34
N ILE A 31 69.04 -0.37 -35.98
CA ILE A 31 68.81 0.65 -37.00
C ILE A 31 70.09 0.91 -37.79
N ASN A 32 71.23 0.94 -37.09
CA ASN A 32 72.51 1.21 -37.77
C ASN A 32 72.95 0.04 -38.65
N ARG A 33 72.52 -1.19 -38.33
CA ARG A 33 72.88 -2.33 -39.17
C ARG A 33 72.09 -2.32 -40.47
N ASN A 34 70.78 -2.10 -40.39
CA ASN A 34 69.93 -2.19 -41.57
C ASN A 34 70.05 -0.92 -42.41
N ARG A 35 70.13 -1.11 -43.72
CA ARG A 35 70.25 -0.01 -44.66
C ARG A 35 68.92 0.46 -45.20
N THR A 36 67.81 -0.11 -44.72
CA THR A 36 66.49 0.31 -45.20
C THR A 36 66.14 1.69 -44.69
N LEU A 37 66.34 1.93 -43.39
CA LEU A 37 66.04 3.21 -42.77
C LEU A 37 67.34 3.99 -42.60
N LEU A 38 67.33 5.26 -43.04
CA LEU A 38 68.43 6.20 -43.04
C LEU A 38 69.69 5.62 -43.69
N PRO A 39 69.70 5.49 -45.03
CA PRO A 39 70.85 4.85 -45.68
C PRO A 39 72.11 5.70 -45.70
N ASN A 40 72.01 6.99 -45.42
CA ASN A 40 73.18 7.86 -45.39
C ASN A 40 73.48 8.42 -44.01
N THR A 41 72.56 8.28 -43.05
CA THR A 41 72.70 8.87 -41.73
C THR A 41 72.83 7.77 -40.68
N THR A 42 73.83 7.88 -39.83
CA THR A 42 74.01 6.97 -38.71
C THR A 42 73.57 7.66 -37.42
N LEU A 43 73.04 6.87 -36.50
CA LEU A 43 72.52 7.37 -35.23
C LEU A 43 73.46 6.98 -34.09
N THR A 44 73.76 7.94 -33.22
CA THR A 44 74.50 7.68 -32.01
C THR A 44 73.63 8.04 -30.81
N TYR A 45 73.87 7.35 -29.70
CA TYR A 45 73.06 7.52 -28.50
C TYR A 45 73.89 8.16 -27.40
N ASP A 46 73.24 9.02 -26.61
CA ASP A 46 73.85 9.64 -25.44
C ASP A 46 72.94 9.38 -24.25
N THR A 47 73.49 8.80 -23.19
CA THR A 47 72.69 8.33 -22.07
C THR A 47 73.09 9.04 -20.80
N GLN A 48 72.09 9.39 -20.00
CA GLN A 48 72.27 9.83 -18.62
C GLN A 48 71.44 8.94 -17.72
N LYS A 49 71.89 8.78 -16.49
CA LYS A 49 71.23 7.90 -15.53
C LYS A 49 70.92 8.71 -14.27
N ILE A 50 69.64 8.79 -13.92
CA ILE A 50 69.17 9.64 -12.84
C ILE A 50 68.61 8.77 -11.72
N ASN A 51 68.29 9.42 -10.61
CA ASN A 51 67.84 8.73 -9.42
C ASN A 51 66.34 8.52 -9.44
N LEU A 52 65.84 7.91 -8.35
CA LEU A 52 64.43 7.54 -8.23
C LEU A 52 63.62 8.75 -7.82
N TYR A 53 62.84 9.29 -8.78
CA TYR A 53 61.94 10.43 -8.60
C TYR A 53 62.69 11.67 -8.10
N ASP A 54 63.67 12.09 -8.90
CA ASP A 54 64.45 13.29 -8.61
C ASP A 54 64.29 14.23 -9.80
N SER A 55 63.34 15.16 -9.70
CA SER A 55 63.01 16.02 -10.83
C SER A 55 64.10 17.04 -11.11
N PHE A 56 64.78 17.52 -10.06
CA PHE A 56 65.85 18.48 -10.28
C PHE A 56 67.06 17.81 -10.94
N GLU A 57 67.36 16.58 -10.54
CA GLU A 57 68.45 15.83 -11.17
C GLU A 57 68.13 15.52 -12.63
N ALA A 58 66.86 15.19 -12.91
CA ALA A 58 66.43 14.97 -14.28
C ALA A 58 66.50 16.25 -15.10
N SER A 59 66.15 17.39 -14.49
CA SER A 59 66.24 18.67 -15.17
C SER A 59 67.68 19.04 -15.48
N LYS A 60 68.59 18.78 -14.54
CA LYS A 60 70.01 19.05 -14.74
C LYS A 60 70.60 18.16 -15.83
N LYS A 61 70.22 16.88 -15.85
CA LYS A 61 70.70 15.98 -16.88
C LYS A 61 70.11 16.32 -18.25
N ALA A 62 68.86 16.78 -18.28
CA ALA A 62 68.26 17.20 -19.53
C ALA A 62 68.90 18.47 -20.07
N CYS A 63 69.24 19.40 -19.18
CA CYS A 63 69.99 20.60 -19.60
C CYS A 63 71.38 20.24 -20.09
N ASP A 64 72.04 19.28 -19.46
CA ASP A 64 73.36 18.85 -19.93
C ASP A 64 73.29 18.17 -21.29
N GLN A 65 72.28 17.31 -21.50
CA GLN A 65 72.14 16.62 -22.77
C GLN A 65 71.65 17.56 -23.87
N LEU A 66 70.94 18.63 -23.52
CA LEU A 66 70.61 19.64 -24.51
C LEU A 66 71.80 20.55 -24.79
N SER A 67 72.67 20.75 -23.80
CA SER A 67 73.89 21.53 -24.04
C SER A 67 74.86 20.78 -24.92
N LEU A 68 74.88 19.44 -24.82
CA LEU A 68 75.66 18.65 -25.76
C LEU A 68 75.07 18.69 -27.16
N GLY A 69 73.74 18.82 -27.27
CA GLY A 69 73.10 18.88 -28.55
C GLY A 69 72.56 17.52 -28.98
N VAL A 70 71.24 17.36 -28.93
CA VAL A 70 70.58 16.13 -29.34
C VAL A 70 69.44 16.47 -30.27
N ALA A 71 69.02 15.46 -31.04
CA ALA A 71 67.88 15.63 -31.94
C ALA A 71 66.57 15.58 -31.17
N ALA A 72 66.31 14.47 -30.50
CA ALA A 72 65.15 14.35 -29.62
C ALA A 72 65.56 13.61 -28.37
N ILE A 73 64.83 13.87 -27.30
CA ILE A 73 65.13 13.29 -26.00
C ILE A 73 64.22 12.08 -25.81
N PHE A 74 64.62 11.18 -24.92
CA PHE A 74 63.79 10.04 -24.53
C PHE A 74 63.62 10.10 -23.03
N GLY A 75 62.38 10.27 -22.58
CA GLY A 75 62.11 10.67 -21.22
C GLY A 75 62.22 9.52 -20.25
N PRO A 76 62.03 9.83 -18.98
CA PRO A 76 62.15 8.81 -17.94
C PRO A 76 60.86 8.03 -17.75
N SER A 77 60.83 7.16 -16.74
CA SER A 77 59.71 6.29 -16.48
C SER A 77 58.99 6.64 -15.18
N HIS A 78 58.83 7.93 -14.92
CA HIS A 78 58.15 8.41 -13.72
C HIS A 78 57.05 9.38 -14.13
N SER A 79 56.52 10.10 -13.14
CA SER A 79 55.55 11.15 -13.39
C SER A 79 56.15 12.55 -13.22
N SER A 80 56.82 12.80 -12.10
CA SER A 80 57.31 14.14 -11.81
C SER A 80 58.49 14.53 -12.69
N SER A 81 59.46 13.62 -12.84
CA SER A 81 60.60 13.90 -13.69
C SER A 81 60.20 13.95 -15.16
N ALA A 82 59.21 13.15 -15.54
CA ALA A 82 58.66 13.21 -16.88
C ALA A 82 57.98 14.55 -17.14
N ASN A 83 57.26 15.07 -16.13
CA ASN A 83 56.63 16.38 -16.26
C ASN A 83 57.66 17.50 -16.38
N ALA A 84 58.75 17.41 -15.59
CA ALA A 84 59.80 18.42 -15.66
C ALA A 84 60.52 18.40 -17.01
N VAL A 85 60.84 17.21 -17.51
CA VAL A 85 61.50 17.07 -18.80
C VAL A 85 60.57 17.50 -19.93
N GLN A 86 59.27 17.23 -19.80
CA GLN A 86 58.30 17.67 -20.81
C GLN A 86 58.20 19.19 -20.85
N SER A 87 58.18 19.84 -19.68
CA SER A 87 58.11 21.30 -19.67
C SER A 87 59.40 21.94 -20.21
N ILE A 88 60.55 21.32 -19.92
CA ILE A 88 61.81 21.81 -20.44
C ILE A 88 61.87 21.68 -21.96
N CYS A 89 61.48 20.51 -22.48
CA CYS A 89 61.57 20.28 -23.91
C CYS A 89 60.49 21.00 -24.69
N ASN A 90 59.36 21.30 -24.05
CA ASN A 90 58.39 22.18 -24.70
C ASN A 90 58.84 23.62 -24.67
N ALA A 91 59.64 24.00 -23.67
CA ALA A 91 60.16 25.36 -23.64
C ALA A 91 61.20 25.59 -24.72
N LEU A 92 62.01 24.59 -25.04
CA LEU A 92 63.10 24.75 -25.99
C LEU A 92 62.79 24.16 -27.35
N GLY A 93 61.57 23.70 -27.59
CA GLY A 93 61.20 23.22 -28.90
C GLY A 93 61.78 21.86 -29.28
N VAL A 94 62.18 21.06 -28.30
CA VAL A 94 62.83 19.79 -28.55
C VAL A 94 61.78 18.69 -28.38
N PRO A 95 61.71 17.70 -29.28
CA PRO A 95 60.70 16.64 -29.13
C PRO A 95 61.00 15.72 -27.96
N HIS A 96 60.01 15.57 -27.09
CA HIS A 96 60.08 14.71 -25.92
C HIS A 96 59.22 13.47 -26.17
N ILE A 97 59.77 12.30 -25.85
CA ILE A 97 59.11 11.03 -26.11
C ILE A 97 58.89 10.32 -24.79
N GLN A 98 57.65 9.95 -24.52
CA GLN A 98 57.30 9.26 -23.29
C GLN A 98 56.84 7.85 -23.62
N THR A 99 57.29 6.88 -22.82
CA THR A 99 56.94 5.49 -23.05
C THR A 99 56.09 4.89 -21.95
N ARG A 100 56.04 5.50 -20.78
CA ARG A 100 55.13 5.10 -19.72
C ARG A 100 54.02 6.13 -19.63
N TRP A 101 52.82 5.65 -19.28
CA TRP A 101 51.70 6.55 -19.04
C TRP A 101 51.99 7.41 -17.81
N LYS A 102 51.78 8.71 -17.95
CA LYS A 102 51.83 9.62 -16.83
C LYS A 102 50.45 10.27 -16.69
N HIS A 103 50.22 10.86 -15.53
CA HIS A 103 48.97 11.60 -15.33
C HIS A 103 49.07 12.92 -16.08
N GLN A 104 48.16 13.13 -17.02
CA GLN A 104 48.14 14.33 -17.83
C GLN A 104 47.30 15.39 -17.12
N VAL A 105 47.92 16.53 -16.82
CA VAL A 105 47.16 17.66 -16.29
C VAL A 105 46.34 18.25 -17.41
N SER A 106 45.05 18.46 -17.15
CA SER A 106 44.11 18.84 -18.21
C SER A 106 44.31 20.29 -18.64
N ASP A 107 44.85 21.14 -17.76
CA ASP A 107 45.05 22.54 -18.07
C ASP A 107 46.42 22.81 -18.67
N ASN A 108 47.24 21.79 -18.86
CA ASN A 108 48.54 21.97 -19.48
C ASN A 108 48.36 22.19 -20.99
N LYS A 109 49.14 23.12 -21.53
CA LYS A 109 49.06 23.46 -22.95
C LYS A 109 50.37 23.19 -23.69
N ASP A 110 51.19 22.27 -23.20
CA ASP A 110 52.40 21.89 -23.92
C ASP A 110 52.04 21.03 -25.12
N SER A 111 52.80 21.20 -26.20
CA SER A 111 52.49 20.49 -27.44
C SER A 111 53.74 19.97 -28.13
N PHE A 112 54.77 19.63 -27.37
CA PHE A 112 56.01 19.13 -27.94
C PHE A 112 56.35 17.75 -27.40
N TYR A 113 55.32 16.94 -27.16
CA TYR A 113 55.52 15.61 -26.59
C TYR A 113 54.61 14.63 -27.29
N VAL A 114 55.05 13.37 -27.34
CA VAL A 114 54.23 12.25 -27.77
C VAL A 114 54.34 11.16 -26.72
N SER A 115 53.35 10.28 -26.71
CA SER A 115 53.33 9.14 -25.82
C SER A 115 53.06 7.88 -26.63
N LEU A 116 53.66 6.78 -26.22
CA LEU A 116 53.49 5.52 -26.93
C LEU A 116 52.88 4.43 -26.08
N TYR A 117 52.78 4.61 -24.77
CA TYR A 117 51.89 3.78 -23.99
C TYR A 117 50.45 4.05 -24.43
N PRO A 118 49.60 3.03 -24.51
CA PRO A 118 48.20 3.26 -24.86
C PRO A 118 47.49 4.08 -23.80
N ASP A 119 46.59 4.94 -24.25
CA ASP A 119 45.87 5.81 -23.33
C ASP A 119 44.90 4.99 -22.51
N PHE A 120 44.87 5.23 -21.21
CA PHE A 120 44.09 4.41 -20.29
C PHE A 120 42.60 4.67 -20.39
N SER A 121 42.18 5.74 -21.08
CA SER A 121 40.77 5.88 -21.45
C SER A 121 40.33 4.76 -22.37
N SER A 122 41.14 4.49 -23.41
CA SER A 122 40.80 3.43 -24.36
C SER A 122 40.96 2.05 -23.73
N LEU A 123 41.97 1.90 -22.86
CA LEU A 123 42.15 0.64 -22.15
C LEU A 123 41.01 0.37 -21.19
N SER A 124 40.54 1.39 -20.49
CA SER A 124 39.40 1.23 -19.60
C SER A 124 38.12 0.98 -20.38
N ARG A 125 37.99 1.56 -21.58
CA ARG A 125 36.87 1.24 -22.46
C ARG A 125 36.90 -0.22 -22.89
N ALA A 126 38.09 -0.74 -23.19
CA ALA A 126 38.22 -2.15 -23.56
C ALA A 126 37.93 -3.07 -22.38
N ILE A 127 38.35 -2.67 -21.18
CA ILE A 127 38.06 -3.48 -19.98
C ILE A 127 36.57 -3.47 -19.68
N LEU A 128 35.91 -2.32 -19.86
CA LEU A 128 34.47 -2.23 -19.68
C LEU A 128 33.73 -3.05 -20.72
N ASP A 129 34.24 -3.09 -21.96
CA ASP A 129 33.63 -3.92 -22.99
C ASP A 129 33.80 -5.40 -22.68
N LEU A 130 34.96 -5.77 -22.12
CA LEU A 130 35.18 -7.16 -21.71
C LEU A 130 34.27 -7.55 -20.56
N VAL A 131 34.06 -6.64 -19.62
CA VAL A 131 33.16 -6.89 -18.49
C VAL A 131 31.72 -7.03 -18.96
N GLN A 132 31.30 -6.17 -19.89
CA GLN A 132 29.96 -6.26 -20.45
C GLN A 132 29.79 -7.51 -21.31
N PHE A 133 30.87 -7.99 -21.92
CA PHE A 133 30.80 -9.24 -22.67
C PHE A 133 30.67 -10.44 -21.73
N PHE A 134 31.39 -10.42 -20.62
CA PHE A 134 31.27 -11.53 -19.67
C PHE A 134 30.05 -11.41 -18.77
N LYS A 135 29.39 -10.25 -18.76
CA LYS A 135 28.12 -9.97 -18.09
C LYS A 135 28.21 -10.21 -16.58
N TRP A 136 29.03 -9.40 -15.94
CA TRP A 136 29.11 -9.39 -14.48
C TRP A 136 28.04 -8.48 -13.90
N LYS A 137 27.89 -8.57 -12.59
CA LYS A 137 27.05 -7.65 -11.83
C LYS A 137 27.77 -7.05 -10.63
N THR A 138 28.63 -7.82 -9.98
CA THR A 138 29.35 -7.37 -8.79
C THR A 138 30.83 -7.56 -9.05
N VAL A 139 31.54 -6.46 -9.30
CA VAL A 139 32.95 -6.53 -9.63
C VAL A 139 33.76 -5.93 -8.49
N THR A 140 35.05 -6.22 -8.49
CA THR A 140 35.96 -5.71 -7.48
C THR A 140 37.19 -5.15 -8.19
N VAL A 141 37.50 -3.89 -7.93
CA VAL A 141 38.65 -3.22 -8.51
C VAL A 141 39.69 -3.07 -7.41
N VAL A 142 40.84 -3.71 -7.59
CA VAL A 142 41.94 -3.62 -6.64
C VAL A 142 43.05 -2.83 -7.31
N TYR A 143 43.37 -1.67 -6.74
CA TYR A 143 44.39 -0.80 -7.31
C TYR A 143 45.58 -0.71 -6.38
N ASP A 144 46.78 -0.70 -6.94
CA ASP A 144 47.99 -0.66 -6.14
C ASP A 144 48.41 0.78 -5.81
N ASP A 145 48.68 1.57 -6.83
CA ASP A 145 49.02 2.98 -6.65
C ASP A 145 47.78 3.82 -6.88
N SER A 146 47.78 5.03 -6.30
CA SER A 146 46.62 5.90 -6.32
C SER A 146 46.31 6.40 -7.72
N THR A 147 47.34 6.61 -8.55
CA THR A 147 47.16 7.10 -9.91
C THR A 147 46.44 6.11 -10.81
N GLY A 148 46.42 4.83 -10.44
CA GLY A 148 45.60 3.85 -11.12
C GLY A 148 44.11 4.13 -11.02
N LEU A 149 43.68 4.84 -9.98
CA LEU A 149 42.29 5.32 -9.94
C LEU A 149 42.01 6.33 -11.04
N ILE A 150 43.03 7.09 -11.45
CA ILE A 150 42.89 7.91 -12.65
C ILE A 150 42.85 7.00 -13.88
N ARG A 151 43.58 5.88 -13.84
CA ARG A 151 43.68 5.00 -15.00
C ARG A 151 42.37 4.26 -15.28
N LEU A 152 41.55 4.05 -14.26
CA LEU A 152 40.34 3.25 -14.40
C LEU A 152 39.10 4.07 -14.10
N GLN A 153 39.08 5.33 -14.55
CA GLN A 153 37.95 6.19 -14.23
C GLN A 153 36.69 5.83 -15.01
N GLU A 154 36.83 5.18 -16.16
CA GLU A 154 35.66 4.69 -16.87
C GLU A 154 35.02 3.52 -16.14
N LEU A 155 35.83 2.67 -15.52
CA LEU A 155 35.29 1.57 -14.71
C LEU A 155 34.62 2.11 -13.45
N ILE A 156 35.13 3.20 -12.90
CA ILE A 156 34.49 3.82 -11.75
C ILE A 156 33.18 4.48 -12.14
N LYS A 157 33.15 5.11 -13.31
CA LYS A 157 31.93 5.77 -13.79
C LYS A 157 30.95 4.81 -14.47
N ALA A 158 31.32 3.53 -14.60
CA ALA A 158 30.44 2.53 -15.18
C ALA A 158 29.04 2.37 -14.56
N PRO A 159 28.82 2.35 -13.24
CA PRO A 159 27.44 2.11 -12.75
C PRO A 159 26.48 3.28 -12.94
N SER A 160 26.87 4.37 -13.58
CA SER A 160 25.91 5.40 -13.96
C SER A 160 25.05 4.96 -15.14
N ARG A 161 25.46 3.93 -15.88
CA ARG A 161 24.74 3.47 -17.06
C ARG A 161 24.37 2.00 -17.04
N TYR A 162 24.99 1.19 -16.20
CA TYR A 162 24.72 -0.24 -16.15
C TYR A 162 24.31 -0.65 -14.74
N ASN A 163 24.24 -1.96 -14.52
CA ASN A 163 23.83 -2.53 -13.25
C ASN A 163 25.01 -3.01 -12.41
N LEU A 164 26.21 -2.50 -12.68
CA LEU A 164 27.39 -2.96 -11.98
C LEU A 164 27.46 -2.41 -10.56
N ARG A 165 28.10 -3.17 -9.69
CA ARG A 165 28.40 -2.71 -8.33
C ARG A 165 29.90 -2.90 -8.10
N LEU A 166 30.59 -1.80 -7.80
CA LEU A 166 32.02 -1.82 -7.61
C LEU A 166 32.37 -2.01 -6.14
N LYS A 167 33.29 -2.91 -5.86
CA LYS A 167 33.95 -2.99 -4.57
C LYS A 167 35.40 -2.59 -4.82
N ILE A 168 35.78 -1.41 -4.34
CA ILE A 168 37.07 -0.82 -4.67
C ILE A 168 37.99 -0.94 -3.46
N ARG A 169 39.13 -1.58 -3.66
CA ARG A 169 40.08 -1.83 -2.58
C ARG A 169 41.48 -1.48 -3.02
N GLN A 170 42.31 -1.13 -2.05
CA GLN A 170 43.67 -0.66 -2.28
C GLN A 170 44.65 -1.64 -1.67
N LEU A 171 45.66 -2.02 -2.44
CA LEU A 171 46.77 -2.78 -1.89
C LEU A 171 47.57 -1.90 -0.93
N PRO A 172 48.10 -2.45 0.15
CA PRO A 172 48.82 -1.63 1.13
C PRO A 172 50.22 -1.27 0.63
N ALA A 173 50.97 -0.59 1.50
CA ALA A 173 52.31 -0.11 1.15
C ALA A 173 53.35 -1.22 1.07
N ASP A 174 53.03 -2.42 1.56
CA ASP A 174 53.93 -3.56 1.50
C ASP A 174 53.34 -4.63 0.59
N THR A 175 54.22 -5.34 -0.11
CA THR A 175 53.77 -6.35 -1.07
C THR A 175 53.23 -7.59 -0.37
N LYS A 176 53.84 -7.99 0.75
CA LYS A 176 53.51 -9.25 1.39
C LYS A 176 52.21 -9.21 2.19
N ASP A 177 51.62 -8.03 2.38
CA ASP A 177 50.40 -7.89 3.16
C ASP A 177 49.15 -8.02 2.30
N ALA A 178 49.22 -8.77 1.20
CA ALA A 178 48.03 -9.03 0.40
C ALA A 178 47.05 -9.95 1.12
N LYS A 179 47.56 -10.85 1.97
CA LYS A 179 46.71 -11.76 2.72
C LYS A 179 45.86 -11.10 3.80
N PRO A 180 46.29 -10.00 4.47
CA PRO A 180 45.29 -9.20 5.19
C PRO A 180 44.20 -8.62 4.32
N LEU A 181 44.52 -8.25 3.08
CA LEU A 181 43.46 -7.81 2.17
C LEU A 181 42.62 -8.98 1.69
N LEU A 182 43.27 -10.10 1.39
CA LEU A 182 42.65 -11.20 0.64
C LEU A 182 41.55 -11.88 1.44
N LYS A 183 41.73 -11.99 2.76
CA LYS A 183 40.68 -12.50 3.63
C LYS A 183 39.45 -11.60 3.61
N GLU A 184 39.67 -10.28 3.58
CA GLU A 184 38.56 -9.36 3.36
C GLU A 184 38.02 -9.50 1.95
N MET A 185 38.88 -9.87 1.00
CA MET A 185 38.40 -10.29 -0.31
C MET A 185 37.64 -11.61 -0.19
N LYS A 186 38.10 -12.51 0.68
CA LYS A 186 37.45 -13.80 0.84
C LYS A 186 36.12 -13.68 1.57
N ARG A 187 36.09 -12.90 2.66
CA ARG A 187 34.90 -12.80 3.48
C ARG A 187 33.78 -11.97 2.85
N GLY A 188 34.06 -11.25 1.78
CA GLY A 188 33.02 -10.50 1.10
C GLY A 188 32.13 -11.31 0.20
N LYS A 189 32.45 -12.61 0.01
CA LYS A 189 31.72 -13.55 -0.85
C LYS A 189 31.61 -13.04 -2.29
N GLU A 190 32.68 -12.44 -2.77
CA GLU A 190 32.79 -11.96 -4.14
C GLU A 190 33.74 -12.87 -4.92
N PHE A 191 33.60 -12.84 -6.24
CA PHE A 191 34.29 -13.83 -7.06
C PHE A 191 35.09 -13.21 -8.19
N HIS A 192 34.64 -12.07 -8.71
CA HIS A 192 35.22 -11.48 -9.90
C HIS A 192 35.99 -10.23 -9.52
N VAL A 193 37.28 -10.19 -9.87
CA VAL A 193 38.15 -9.09 -9.50
C VAL A 193 38.85 -8.53 -10.73
N ILE A 194 39.31 -7.29 -10.61
CA ILE A 194 40.13 -6.63 -11.62
C ILE A 194 41.38 -6.13 -10.93
N PHE A 195 42.54 -6.53 -11.43
CA PHE A 195 43.81 -6.17 -10.82
C PHE A 195 44.52 -5.14 -11.68
N ASP A 196 44.82 -3.98 -11.09
CA ASP A 196 45.59 -2.93 -11.75
C ASP A 196 46.89 -2.77 -10.99
N CYS A 197 47.93 -3.47 -11.44
CA CYS A 197 49.25 -3.38 -10.85
C CYS A 197 50.25 -3.82 -11.90
N SER A 198 51.54 -3.75 -11.54
CA SER A 198 52.57 -4.30 -12.39
C SER A 198 52.50 -5.82 -12.39
N HIS A 199 53.13 -6.43 -13.39
CA HIS A 199 53.13 -7.88 -13.51
C HIS A 199 53.94 -8.56 -12.42
N GLU A 200 54.93 -7.85 -11.85
CA GLU A 200 55.68 -8.39 -10.72
C GLU A 200 54.80 -8.49 -9.48
N MET A 201 54.08 -7.41 -9.17
CA MET A 201 53.11 -7.40 -8.09
C MET A 201 51.98 -8.39 -8.33
N ALA A 202 51.57 -8.53 -9.60
CA ALA A 202 50.54 -9.50 -9.96
C ALA A 202 51.01 -10.93 -9.71
N ALA A 203 52.27 -11.24 -10.03
CA ALA A 203 52.81 -12.56 -9.77
C ALA A 203 52.92 -12.83 -8.28
N GLY A 204 53.32 -11.81 -7.51
CA GLY A 204 53.39 -11.98 -6.05
C GLY A 204 52.04 -12.24 -5.41
N ILE A 205 51.02 -11.48 -5.82
CA ILE A 205 49.71 -11.71 -5.23
C ILE A 205 49.03 -12.95 -5.80
N LEU A 206 49.42 -13.41 -6.99
CA LEU A 206 48.93 -14.71 -7.47
C LEU A 206 49.55 -15.85 -6.68
N LYS A 207 50.83 -15.73 -6.32
CA LYS A 207 51.47 -16.70 -5.44
C LYS A 207 50.80 -16.72 -4.07
N GLN A 208 50.47 -15.54 -3.54
CA GLN A 208 49.79 -15.48 -2.25
C GLN A 208 48.36 -16.04 -2.33
N ALA A 209 47.68 -15.83 -3.45
CA ALA A 209 46.32 -16.34 -3.60
C ALA A 209 46.31 -17.85 -3.79
N LEU A 210 47.32 -18.40 -4.46
CA LEU A 210 47.44 -19.85 -4.56
C LEU A 210 47.83 -20.47 -3.22
N ALA A 211 48.72 -19.82 -2.48
CA ALA A 211 49.18 -20.38 -1.20
C ALA A 211 48.08 -20.31 -0.15
N MET A 212 47.30 -19.23 -0.13
CA MET A 212 46.21 -19.17 0.83
C MET A 212 45.00 -19.97 0.34
N GLY A 213 44.87 -20.14 -0.97
CA GLY A 213 43.81 -20.98 -1.50
C GLY A 213 42.66 -20.25 -2.16
N MET A 214 42.97 -19.29 -3.04
CA MET A 214 41.93 -18.66 -3.85
C MET A 214 41.81 -19.29 -5.23
N MET A 215 42.82 -20.04 -5.69
CA MET A 215 42.84 -20.54 -7.06
C MET A 215 41.89 -21.73 -7.19
N THR A 216 40.61 -21.43 -7.32
CA THR A 216 39.57 -22.42 -7.58
C THR A 216 38.89 -22.10 -8.90
N GLU A 217 37.83 -22.82 -9.20
CA GLU A 217 37.04 -22.58 -10.39
C GLU A 217 35.94 -21.55 -10.16
N TYR A 218 35.80 -21.05 -8.95
CA TYR A 218 34.79 -20.05 -8.60
C TYR A 218 35.23 -18.62 -8.93
N TYR A 219 36.52 -18.39 -9.15
CA TYR A 219 37.05 -17.03 -9.27
C TYR A 219 37.48 -16.72 -10.70
N HIS A 220 37.27 -15.46 -11.10
CA HIS A 220 37.63 -14.95 -12.40
C HIS A 220 38.53 -13.73 -12.22
N TYR A 221 39.58 -13.64 -13.02
CA TYR A 221 40.59 -12.60 -12.86
C TYR A 221 40.76 -11.83 -14.15
N ILE A 222 40.85 -10.50 -14.04
CA ILE A 222 41.13 -9.63 -15.17
C ILE A 222 42.28 -8.73 -14.78
N PHE A 223 43.33 -8.71 -15.61
CA PHE A 223 44.53 -7.93 -15.34
C PHE A 223 44.62 -6.79 -16.34
N THR A 224 44.75 -5.56 -15.81
CA THR A 224 44.86 -4.39 -16.67
C THR A 224 46.22 -4.27 -17.31
N THR A 225 47.24 -4.91 -16.76
CA THR A 225 48.58 -4.81 -17.31
C THR A 225 48.69 -5.58 -18.62
N LEU A 226 49.67 -5.22 -19.41
CA LEU A 226 49.87 -5.82 -20.73
C LEU A 226 51.00 -6.83 -20.75
N ASP A 227 51.61 -7.11 -19.60
CA ASP A 227 52.69 -8.09 -19.49
C ASP A 227 52.18 -9.39 -18.87
N LEU A 228 50.95 -9.78 -19.19
CA LEU A 228 50.37 -10.97 -18.57
C LEU A 228 50.97 -12.24 -19.14
N PHE A 229 51.41 -12.21 -20.40
CA PHE A 229 51.96 -13.40 -21.03
C PHE A 229 53.34 -13.77 -20.50
N ALA A 230 54.01 -12.85 -19.81
CA ALA A 230 55.33 -13.12 -19.25
C ALA A 230 55.26 -13.82 -17.90
N LEU A 231 54.07 -14.05 -17.36
CA LEU A 231 53.94 -14.72 -16.08
C LEU A 231 54.23 -16.21 -16.19
N ASP A 232 54.61 -16.80 -15.07
CA ASP A 232 54.79 -18.25 -14.97
C ASP A 232 53.44 -18.85 -14.61
N VAL A 233 52.70 -19.29 -15.61
CA VAL A 233 51.35 -19.81 -15.42
C VAL A 233 51.36 -21.33 -15.30
N GLU A 234 52.53 -21.94 -15.05
CA GLU A 234 52.62 -23.38 -14.90
C GLU A 234 51.87 -23.96 -13.71
N PRO A 235 51.94 -23.43 -12.47
CA PRO A 235 51.10 -24.03 -11.42
C PRO A 235 49.64 -23.64 -11.47
N TYR A 236 49.24 -22.72 -12.35
CA TYR A 236 47.86 -22.26 -12.39
C TYR A 236 47.07 -22.82 -13.55
N ARG A 237 47.69 -23.50 -14.50
CA ARG A 237 47.03 -23.87 -15.75
C ARG A 237 46.20 -25.15 -15.64
N TYR A 238 45.97 -25.66 -14.44
CA TYR A 238 45.12 -26.83 -14.26
C TYR A 238 44.09 -26.64 -13.16
N SER A 239 44.12 -25.53 -12.42
CA SER A 239 43.21 -25.31 -11.31
C SER A 239 41.86 -24.76 -11.75
N GLY A 240 41.67 -24.49 -13.04
CA GLY A 240 40.38 -24.06 -13.52
C GLY A 240 40.01 -22.64 -13.20
N VAL A 241 40.97 -21.80 -12.87
CA VAL A 241 40.71 -20.40 -12.60
C VAL A 241 40.75 -19.62 -13.92
N ASN A 242 39.77 -18.75 -14.11
CA ASN A 242 39.72 -17.91 -15.31
C ASN A 242 40.62 -16.70 -15.09
N MET A 243 41.58 -16.52 -16.00
CA MET A 243 42.39 -15.32 -16.04
C MET A 243 42.31 -14.76 -17.45
N THR A 244 42.06 -13.45 -17.54
CA THR A 244 41.86 -12.79 -18.82
C THR A 244 42.67 -11.51 -18.84
N GLY A 245 43.33 -11.23 -19.96
CA GLY A 245 44.13 -10.03 -20.06
C GLY A 245 44.32 -9.55 -21.49
N PHE A 246 45.12 -8.52 -21.66
CA PHE A 246 45.35 -7.91 -22.95
C PHE A 246 46.82 -8.02 -23.31
N ARG A 247 47.11 -8.34 -24.57
CA ARG A 247 48.46 -8.37 -25.08
C ARG A 247 48.56 -7.40 -26.24
N ILE A 248 49.57 -6.53 -26.20
CA ILE A 248 49.82 -5.63 -27.32
C ILE A 248 51.07 -6.04 -28.09
N LEU A 249 51.92 -6.88 -27.50
CA LEU A 249 53.10 -7.36 -28.20
C LEU A 249 52.69 -8.42 -29.21
N ASN A 250 52.77 -8.08 -30.49
CA ASN A 250 52.28 -8.94 -31.56
C ASN A 250 53.27 -10.08 -31.77
N THR A 251 53.13 -11.13 -30.96
CA THR A 251 54.08 -12.23 -30.93
C THR A 251 53.76 -13.32 -31.96
N GLU A 252 53.07 -12.98 -33.03
CA GLU A 252 52.70 -13.97 -34.04
C GLU A 252 53.57 -13.90 -35.28
N ASN A 253 54.11 -12.73 -35.61
CA ASN A 253 54.91 -12.58 -36.81
C ASN A 253 56.30 -13.19 -36.63
N THR A 254 56.90 -13.54 -37.75
CA THR A 254 58.25 -14.11 -37.73
C THR A 254 59.28 -13.07 -37.36
N GLN A 255 59.10 -11.84 -37.87
CA GLN A 255 60.06 -10.76 -37.61
C GLN A 255 60.06 -10.36 -36.15
N VAL A 256 58.88 -10.25 -35.54
CA VAL A 256 58.76 -9.86 -34.14
C VAL A 256 59.34 -10.94 -33.23
N SER A 257 59.06 -12.21 -33.55
CA SER A 257 59.60 -13.31 -32.76
C SER A 257 61.11 -13.41 -32.88
N SER A 258 61.64 -13.13 -34.08
CA SER A 258 63.09 -13.12 -34.28
C SER A 258 63.75 -11.99 -33.52
N ILE A 259 63.11 -10.82 -33.49
CA ILE A 259 63.63 -9.68 -32.73
C ILE A 259 63.59 -9.96 -31.24
N ILE A 260 62.52 -10.62 -30.77
CA ILE A 260 62.40 -11.01 -29.36
C ILE A 260 63.47 -12.04 -29.00
N GLU A 261 63.76 -12.98 -29.90
CA GLU A 261 64.80 -13.98 -29.63
C GLU A 261 66.20 -13.36 -29.63
N LYS A 262 66.44 -12.39 -30.52
CA LYS A 262 67.70 -11.67 -30.51
C LYS A 262 67.88 -10.85 -29.24
N TRP A 263 66.80 -10.21 -28.78
CA TRP A 263 66.86 -9.49 -27.52
C TRP A 263 67.00 -10.43 -26.33
N SER A 264 66.47 -11.65 -26.46
CA SER A 264 66.60 -12.62 -25.37
C SER A 264 68.02 -13.13 -25.25
N MET A 265 68.68 -13.41 -26.39
CA MET A 265 70.07 -13.86 -26.31
C MET A 265 71.01 -12.71 -26.01
N GLU A 266 70.62 -11.48 -26.33
CA GLU A 266 71.43 -10.32 -25.92
C GLU A 266 71.29 -10.07 -24.42
N ARG A 267 70.07 -10.18 -23.89
CA ARG A 267 69.81 -9.82 -22.50
C ARG A 267 70.30 -10.87 -21.52
N LEU A 268 70.41 -12.13 -21.96
CA LEU A 268 70.74 -13.24 -21.05
C LEU A 268 72.18 -13.21 -20.57
N GLN A 269 73.06 -12.43 -21.20
CA GLN A 269 74.39 -12.20 -20.63
C GLN A 269 74.28 -11.41 -19.34
N ALA A 270 73.38 -10.43 -19.29
CA ALA A 270 73.03 -9.83 -18.02
C ALA A 270 72.21 -10.82 -17.18
N PRO A 271 72.46 -10.91 -15.88
CA PRO A 271 71.79 -11.92 -15.07
C PRO A 271 70.35 -11.56 -14.76
N PRO A 272 69.40 -12.43 -15.09
CA PRO A 272 68.02 -12.19 -14.68
C PRO A 272 67.74 -12.82 -13.32
N LYS A 273 66.50 -12.72 -12.84
CA LYS A 273 66.10 -13.37 -11.60
C LYS A 273 65.22 -14.57 -11.92
N PRO A 274 65.72 -15.80 -11.80
CA PRO A 274 64.91 -16.97 -12.16
C PRO A 274 64.07 -17.52 -11.03
N ASP A 275 63.90 -16.75 -9.96
CA ASP A 275 63.22 -17.22 -8.75
C ASP A 275 62.21 -16.20 -8.26
N SER A 276 61.39 -15.68 -9.18
CA SER A 276 60.38 -14.69 -8.81
C SER A 276 59.03 -14.93 -9.48
N GLY A 277 58.78 -16.11 -10.01
CA GLY A 277 57.50 -16.38 -10.66
C GLY A 277 57.33 -15.74 -12.01
N LEU A 278 58.42 -15.34 -12.67
CA LEU A 278 58.38 -14.74 -13.99
C LEU A 278 59.24 -15.54 -14.94
N LEU A 279 58.75 -15.75 -16.16
CA LEU A 279 59.49 -16.46 -17.17
C LEU A 279 60.58 -15.55 -17.72
N ASP A 280 61.83 -15.99 -17.62
CA ASP A 280 62.97 -15.16 -17.99
C ASP A 280 63.12 -15.07 -19.50
N GLY A 281 63.77 -14.00 -19.94
CA GLY A 281 64.09 -13.82 -21.34
C GLY A 281 63.00 -13.24 -22.19
N PHE A 282 61.86 -12.87 -21.60
CA PHE A 282 60.75 -12.30 -22.36
C PHE A 282 60.85 -10.78 -22.40
N MET A 283 60.48 -10.22 -23.53
CA MET A 283 60.43 -8.77 -23.68
C MET A 283 59.27 -8.20 -22.89
N THR A 284 59.55 -7.17 -22.09
CA THR A 284 58.48 -6.44 -21.45
C THR A 284 57.84 -5.50 -22.47
N THR A 285 56.73 -4.87 -22.06
CA THR A 285 56.09 -3.91 -22.94
C THR A 285 56.91 -2.62 -23.06
N ASP A 286 57.66 -2.27 -22.02
CA ASP A 286 58.43 -1.03 -22.05
C ASP A 286 59.60 -1.11 -23.03
N ALA A 287 60.25 -2.27 -23.12
CA ALA A 287 61.33 -2.47 -24.07
C ALA A 287 60.81 -2.43 -25.51
N ALA A 288 59.64 -3.04 -25.75
CA ALA A 288 59.03 -3.01 -27.06
C ALA A 288 58.59 -1.61 -27.44
N LEU A 289 58.10 -0.84 -26.46
CA LEU A 289 57.71 0.53 -26.72
C LEU A 289 58.92 1.42 -27.01
N MET A 290 60.05 1.17 -26.36
CA MET A 290 61.26 1.93 -26.66
C MET A 290 61.79 1.59 -28.06
N TYR A 291 61.74 0.31 -28.44
CA TYR A 291 62.14 -0.11 -29.77
C TYR A 291 61.24 0.52 -30.84
N ASP A 292 59.93 0.52 -30.59
CA ASP A 292 59.00 1.16 -31.51
C ASP A 292 59.17 2.67 -31.54
N ALA A 293 59.57 3.26 -30.41
CA ALA A 293 59.82 4.70 -30.37
C ALA A 293 61.01 5.07 -31.24
N VAL A 294 62.09 4.29 -31.17
CA VAL A 294 63.26 4.54 -31.99
C VAL A 294 62.93 4.37 -33.47
N HIS A 295 62.10 3.38 -33.80
CA HIS A 295 61.71 3.20 -35.20
C HIS A 295 60.79 4.31 -35.71
N VAL A 296 59.90 4.84 -34.85
CA VAL A 296 59.03 5.95 -35.25
C VAL A 296 59.84 7.23 -35.47
N VAL A 297 60.83 7.50 -34.60
CA VAL A 297 61.68 8.68 -34.81
C VAL A 297 62.56 8.50 -36.05
N SER A 298 62.99 7.27 -36.34
CA SER A 298 63.78 7.02 -37.55
C SER A 298 62.97 7.25 -38.82
N VAL A 299 61.73 6.75 -38.85
CA VAL A 299 60.92 7.00 -40.05
C VAL A 299 60.38 8.42 -40.09
N ALA A 300 60.41 9.14 -38.98
CA ALA A 300 60.12 10.56 -39.03
C ALA A 300 61.28 11.35 -39.61
N VAL A 301 62.51 11.04 -39.21
CA VAL A 301 63.66 11.83 -39.64
C VAL A 301 64.09 11.44 -41.04
N GLN A 302 63.61 10.29 -41.55
CA GLN A 302 63.85 9.95 -42.96
C GLN A 302 63.18 10.93 -43.91
N GLN A 303 62.06 11.54 -43.50
CA GLN A 303 61.39 12.51 -44.34
C GLN A 303 62.00 13.91 -44.26
N PHE A 304 62.91 14.15 -43.32
CA PHE A 304 63.47 15.48 -43.09
C PHE A 304 64.98 15.38 -43.07
N PRO A 305 65.63 15.29 -44.23
CA PRO A 305 67.09 15.09 -44.26
C PRO A 305 67.90 16.36 -44.05
N GLN A 306 67.26 17.51 -44.02
CA GLN A 306 67.93 18.79 -43.89
C GLN A 306 68.25 19.16 -42.45
N MET A 307 67.87 18.30 -41.50
CA MET A 307 67.95 18.63 -40.09
C MET A 307 69.40 18.59 -39.59
N THR A 308 69.75 19.58 -38.78
CA THR A 308 71.07 19.65 -38.16
C THR A 308 70.91 19.81 -36.66
N VAL A 309 71.91 19.31 -35.93
CA VAL A 309 71.91 19.41 -34.47
C VAL A 309 72.46 20.76 -34.08
N SER A 310 71.68 21.52 -33.32
CA SER A 310 72.11 22.81 -32.78
C SER A 310 72.09 22.74 -31.27
N SER A 311 73.23 22.99 -30.64
CA SER A 311 73.32 22.94 -29.18
C SER A 311 72.65 24.18 -28.58
N LEU A 312 71.82 23.95 -27.57
CA LEU A 312 71.06 25.02 -26.93
C LEU A 312 71.44 25.09 -25.46
N GLN A 313 71.00 26.17 -24.81
CA GLN A 313 71.25 26.40 -23.39
C GLN A 313 69.93 26.48 -22.65
N CYS A 314 69.94 26.09 -21.37
CA CYS A 314 68.77 26.28 -20.53
C CYS A 314 68.68 27.67 -19.95
N ASN A 315 69.77 28.45 -19.99
CA ASN A 315 69.74 29.79 -19.44
C ASN A 315 69.09 30.80 -20.37
N ARG A 316 68.88 30.45 -21.63
CA ARG A 316 68.12 31.24 -22.58
C ARG A 316 67.00 30.41 -23.15
N HIS A 317 65.88 31.05 -23.45
CA HIS A 317 64.70 30.37 -23.97
C HIS A 317 64.62 30.45 -25.49
N LYS A 318 65.76 30.43 -26.16
CA LYS A 318 65.79 30.42 -27.61
C LYS A 318 65.31 29.08 -28.13
N PRO A 319 64.26 29.02 -28.93
CA PRO A 319 63.77 27.74 -29.44
C PRO A 319 64.67 27.19 -30.54
N TRP A 320 64.58 25.88 -30.71
CA TRP A 320 65.35 25.21 -31.74
C TRP A 320 64.70 25.47 -33.10
N ARG A 321 65.52 25.44 -34.16
CA ARG A 321 65.12 25.98 -35.45
C ARG A 321 64.09 25.10 -36.15
N PHE A 322 64.23 23.79 -36.06
CA PHE A 322 63.36 22.86 -36.78
C PHE A 322 62.41 22.12 -35.85
N GLY A 323 62.09 22.70 -34.70
CA GLY A 323 61.26 22.00 -33.72
C GLY A 323 59.83 21.77 -34.18
N THR A 324 59.21 22.80 -34.76
CA THR A 324 57.82 22.70 -35.20
C THR A 324 57.69 21.75 -36.38
N ARG A 325 58.64 21.82 -37.32
CA ARG A 325 58.64 20.95 -38.48
C ARG A 325 58.86 19.48 -38.08
N PHE A 326 59.80 19.24 -37.18
CA PHE A 326 60.09 17.88 -36.75
C PHE A 326 58.95 17.30 -35.93
N MET A 327 58.31 18.11 -35.09
CA MET A 327 57.19 17.61 -34.30
C MET A 327 55.96 17.37 -35.16
N SER A 328 55.73 18.22 -36.17
CA SER A 328 54.63 17.99 -37.08
C SER A 328 54.86 16.76 -37.94
N LEU A 329 56.11 16.49 -38.32
CA LEU A 329 56.40 15.27 -39.06
C LEU A 329 56.31 14.03 -38.17
N ILE A 330 56.67 14.15 -36.90
CA ILE A 330 56.64 12.97 -36.04
C ILE A 330 55.22 12.69 -35.54
N LYS A 331 54.32 13.67 -35.58
CA LYS A 331 52.95 13.42 -35.15
C LYS A 331 52.10 12.78 -36.24
N GLU A 332 52.63 12.61 -37.46
CA GLU A 332 51.89 12.00 -38.55
C GLU A 332 52.55 10.73 -39.05
N ALA A 333 53.43 10.14 -38.25
CA ALA A 333 54.16 8.95 -38.67
C ALA A 333 53.26 7.71 -38.62
N HIS A 334 53.60 6.72 -39.44
CA HIS A 334 52.94 5.43 -39.43
C HIS A 334 54.00 4.35 -39.52
N TRP A 335 53.96 3.41 -38.58
CA TRP A 335 54.96 2.34 -38.55
C TRP A 335 54.35 1.12 -37.88
N GLU A 336 54.62 -0.05 -38.46
CA GLU A 336 54.13 -1.30 -37.91
C GLU A 336 55.28 -1.97 -37.16
N GLY A 337 55.45 -1.56 -35.92
CA GLY A 337 56.49 -2.08 -35.06
C GLY A 337 56.04 -3.28 -34.27
N LEU A 338 56.61 -3.43 -33.08
CA LEU A 338 56.34 -4.58 -32.23
C LEU A 338 54.97 -4.53 -31.60
N THR A 339 54.37 -3.34 -31.49
CA THR A 339 53.04 -3.20 -30.92
C THR A 339 51.98 -2.96 -31.99
N GLY A 340 52.12 -3.58 -33.15
CA GLY A 340 51.15 -3.40 -34.21
C GLY A 340 51.30 -2.05 -34.89
N ARG A 341 50.17 -1.49 -35.31
CA ARG A 341 50.16 -0.18 -35.92
C ARG A 341 50.47 0.89 -34.88
N ILE A 342 51.15 1.94 -35.31
CA ILE A 342 51.44 3.09 -34.48
C ILE A 342 50.87 4.31 -35.19
N THR A 343 49.89 4.95 -34.55
CA THR A 343 49.26 6.15 -35.11
C THR A 343 48.92 7.08 -33.96
N PHE A 344 49.56 8.24 -33.94
CA PHE A 344 49.34 9.19 -32.87
C PHE A 344 48.07 9.98 -33.10
N ASN A 345 47.43 10.38 -32.01
CA ASN A 345 46.30 11.30 -32.09
C ASN A 345 46.81 12.68 -32.47
N LYS A 346 46.16 13.30 -33.45
CA LYS A 346 46.57 14.63 -33.88
C LYS A 346 46.07 15.73 -32.96
N THR A 347 45.16 15.42 -32.04
CA THR A 347 44.63 16.43 -31.14
C THR A 347 45.61 16.73 -30.00
N ASN A 348 45.93 15.71 -29.21
CA ASN A 348 46.75 15.89 -28.01
C ASN A 348 48.13 15.27 -28.10
N GLY A 349 48.38 14.40 -29.08
CA GLY A 349 49.66 13.76 -29.20
C GLY A 349 49.77 12.41 -28.52
N LEU A 350 48.67 11.87 -28.00
CA LEU A 350 48.70 10.58 -27.33
C LEU A 350 48.59 9.46 -28.36
N ARG A 351 48.39 8.24 -27.88
CA ARG A 351 48.16 7.08 -28.74
C ARG A 351 46.84 6.46 -28.30
N THR A 352 45.77 6.76 -29.02
CA THR A 352 44.44 6.28 -28.67
C THR A 352 43.91 5.20 -29.61
N ASP A 353 44.55 5.00 -30.76
CA ASP A 353 44.12 3.99 -31.72
C ASP A 353 45.22 2.93 -31.81
N PHE A 354 44.85 1.68 -31.54
CA PHE A 354 45.82 0.59 -31.49
C PHE A 354 45.06 -0.73 -31.68
N ASP A 355 45.77 -1.84 -31.52
CA ASP A 355 45.19 -3.16 -31.61
C ASP A 355 45.60 -3.98 -30.40
N LEU A 356 44.66 -4.72 -29.83
CA LEU A 356 44.91 -5.54 -28.66
C LEU A 356 44.44 -6.95 -28.92
N ASP A 357 45.13 -7.91 -28.31
CA ASP A 357 44.73 -9.31 -28.34
C ASP A 357 44.20 -9.67 -26.96
N VAL A 358 42.90 -9.94 -26.89
CA VAL A 358 42.28 -10.41 -25.66
C VAL A 358 42.66 -11.87 -25.49
N ILE A 359 43.49 -12.16 -24.49
CA ILE A 359 43.96 -13.50 -24.24
C ILE A 359 43.41 -13.98 -22.90
N SER A 360 43.45 -15.29 -22.71
CA SER A 360 42.92 -15.89 -21.49
C SER A 360 43.67 -17.18 -21.21
N LEU A 361 43.50 -17.68 -20.00
CA LEU A 361 44.19 -18.88 -19.54
C LEU A 361 43.35 -20.10 -19.86
N LYS A 362 43.94 -21.05 -20.58
CA LYS A 362 43.32 -22.34 -20.85
C LYS A 362 44.21 -23.43 -20.25
N GLU A 363 43.86 -24.69 -20.54
CA GLU A 363 44.63 -25.81 -20.01
C GLU A 363 46.00 -25.92 -20.66
N GLU A 364 46.10 -25.57 -21.95
CA GLU A 364 47.40 -25.57 -22.61
C GLU A 364 48.25 -24.38 -22.19
N GLY A 365 47.62 -23.28 -21.79
CA GLY A 365 48.34 -22.09 -21.41
C GLY A 365 47.60 -20.83 -21.80
N LEU A 366 48.35 -19.75 -22.03
CA LEU A 366 47.74 -18.49 -22.42
C LEU A 366 47.55 -18.47 -23.93
N GLU A 367 46.31 -18.27 -24.36
CA GLU A 367 45.97 -18.35 -25.78
C GLU A 367 45.10 -17.16 -26.14
N LYS A 368 45.28 -16.67 -27.37
CA LYS A 368 44.50 -15.53 -27.84
C LYS A 368 43.09 -16.00 -28.18
N ILE A 369 42.10 -15.34 -27.57
CA ILE A 369 40.70 -15.67 -27.84
C ILE A 369 39.94 -14.53 -28.49
N GLY A 370 40.53 -13.35 -28.63
CA GLY A 370 39.83 -12.29 -29.34
C GLY A 370 40.75 -11.15 -29.72
N THR A 371 40.22 -10.25 -30.54
CA THR A 371 40.91 -9.03 -30.91
C THR A 371 40.08 -7.82 -30.48
N TRP A 372 40.74 -6.67 -30.41
CA TRP A 372 40.06 -5.46 -29.99
C TRP A 372 40.73 -4.24 -30.61
N ASP A 373 39.91 -3.26 -30.98
CA ASP A 373 40.34 -1.98 -31.49
C ASP A 373 39.33 -0.95 -31.01
N PRO A 374 39.73 0.31 -30.84
CA PRO A 374 38.75 1.32 -30.42
C PRO A 374 37.77 1.73 -31.50
N ALA A 375 38.11 1.51 -32.78
CA ALA A 375 37.21 1.88 -33.87
C ALA A 375 36.00 0.95 -33.91
N SER A 376 36.25 -0.35 -33.83
CA SER A 376 35.17 -1.33 -33.75
C SER A 376 34.88 -1.63 -32.29
N GLY A 377 34.11 -2.68 -32.04
CA GLY A 377 33.87 -3.10 -30.68
C GLY A 377 34.84 -4.20 -30.26
N LEU A 378 34.31 -5.27 -29.69
CA LEU A 378 35.08 -6.43 -29.29
C LEU A 378 34.67 -7.60 -30.18
N ASN A 379 35.63 -8.16 -30.91
CA ASN A 379 35.30 -9.25 -31.83
C ASN A 379 35.03 -10.54 -31.09
N MET A 380 36.03 -11.00 -30.31
CA MET A 380 35.96 -12.21 -29.46
C MET A 380 35.65 -13.46 -30.29
N THR A 381 36.61 -13.80 -31.15
CA THR A 381 36.48 -14.91 -32.07
C THR A 381 36.44 -16.22 -31.30
N GLU A 382 35.26 -16.84 -31.25
CA GLU A 382 35.05 -18.05 -30.48
C GLU A 382 35.40 -19.29 -31.29
N SER A 383 35.73 -20.35 -30.57
CA SER A 383 35.96 -21.68 -31.14
C SER A 383 35.24 -22.73 -30.30
N GLN A 384 33.99 -22.45 -29.98
CA GLN A 384 33.21 -23.32 -29.10
C GLN A 384 32.78 -24.58 -29.84
N LYS A 385 33.06 -25.74 -29.24
CA LYS A 385 32.64 -27.02 -29.74
C LYS A 385 31.53 -27.58 -28.86
N GLY A 386 31.12 -28.81 -29.12
CA GLY A 386 30.09 -29.45 -28.35
C GLY A 386 30.60 -29.99 -27.02
N LYS A 387 29.69 -30.64 -26.31
CA LYS A 387 30.04 -31.29 -25.05
C LYS A 387 30.91 -32.53 -25.33
N PRO A 388 31.78 -32.90 -24.39
CA PRO A 388 32.58 -34.12 -24.58
C PRO A 388 31.72 -35.38 -24.56
N ALA A 389 32.20 -36.39 -25.30
CA ALA A 389 31.44 -37.62 -25.46
C ALA A 389 31.34 -38.40 -24.15
N ASN A 390 32.41 -38.42 -23.36
CA ASN A 390 32.40 -39.04 -22.05
C ASN A 390 32.78 -38.02 -20.98
N ILE A 391 31.96 -37.96 -19.93
CA ILE A 391 32.29 -37.14 -18.76
C ILE A 391 33.10 -38.03 -17.82
N THR A 392 34.39 -37.77 -17.75
CA THR A 392 35.34 -38.67 -17.11
C THR A 392 36.08 -37.88 -16.04
N ASP A 393 37.19 -38.44 -15.56
CA ASP A 393 37.92 -37.88 -14.43
C ASP A 393 38.62 -36.58 -14.79
N SER A 394 37.84 -35.52 -14.97
CA SER A 394 38.37 -34.21 -15.30
C SER A 394 38.86 -33.45 -14.08
N LEU A 395 38.51 -33.91 -12.88
CA LEU A 395 38.89 -33.25 -11.64
C LEU A 395 39.89 -34.10 -10.86
N SER A 396 40.77 -34.80 -11.58
CA SER A 396 41.75 -35.67 -10.94
C SER A 396 42.81 -34.90 -10.17
N ASN A 397 43.01 -33.62 -10.49
CA ASN A 397 43.87 -32.75 -9.70
C ASN A 397 43.06 -31.86 -8.75
N ARG A 398 41.77 -32.09 -8.62
CA ARG A 398 40.90 -31.27 -7.79
C ARG A 398 40.35 -32.09 -6.62
N SER A 399 40.28 -31.46 -5.46
CA SER A 399 39.74 -32.07 -4.26
C SER A 399 38.70 -31.13 -3.65
N LEU A 400 37.65 -31.71 -3.08
CA LEU A 400 36.54 -30.94 -2.57
C LEU A 400 36.21 -31.33 -1.14
N ILE A 401 35.60 -30.40 -0.41
CA ILE A 401 35.18 -30.62 0.97
C ILE A 401 33.74 -31.08 0.96
N VAL A 402 33.49 -32.28 1.46
CA VAL A 402 32.16 -32.87 1.50
C VAL A 402 31.72 -32.98 2.95
N THR A 403 30.55 -32.43 3.27
CA THR A 403 30.04 -32.40 4.63
C THR A 403 28.74 -33.19 4.70
N THR A 404 28.67 -34.12 5.65
CA THR A 404 27.49 -34.94 5.89
C THR A 404 27.18 -34.96 7.38
N ILE A 405 25.90 -35.08 7.70
CA ILE A 405 25.43 -35.27 9.07
C ILE A 405 25.02 -36.73 9.23
N LEU A 406 25.26 -37.27 10.43
CA LEU A 406 25.07 -38.69 10.68
C LEU A 406 23.57 -39.03 10.70
N GLU A 407 23.18 -39.96 9.85
CA GLU A 407 21.83 -40.51 9.84
C GLU A 407 21.93 -42.02 9.96
N GLU A 408 20.83 -42.66 10.33
CA GLU A 408 20.84 -44.11 10.51
C GLU A 408 21.10 -44.92 9.23
N PRO A 409 20.42 -44.71 8.09
CA PRO A 409 20.74 -45.55 6.93
C PRO A 409 21.68 -44.95 5.89
N TYR A 410 22.15 -43.71 6.04
CA TYR A 410 22.89 -43.04 4.97
C TYR A 410 24.40 -43.08 5.20
N VAL A 411 24.88 -42.51 6.30
CA VAL A 411 26.29 -42.53 6.65
C VAL A 411 26.45 -43.12 8.05
N LEU A 412 27.36 -44.08 8.17
CA LEU A 412 27.53 -44.81 9.41
C LEU A 412 29.02 -44.91 9.72
N PHE A 413 29.33 -44.92 11.01
CA PHE A 413 30.70 -45.18 11.43
C PHE A 413 31.04 -46.64 11.16
N LYS A 414 32.12 -46.85 10.42
CA LYS A 414 32.56 -48.21 10.09
C LYS A 414 33.14 -48.85 11.35
N LYS A 415 32.40 -49.80 11.93
CA LYS A 415 32.73 -50.35 13.23
C LYS A 415 33.91 -51.30 13.11
N SER A 416 34.96 -51.03 13.90
CA SER A 416 36.15 -51.87 13.94
C SER A 416 36.82 -51.68 15.28
N ASP A 417 37.73 -52.60 15.61
CA ASP A 417 38.50 -52.48 16.84
C ASP A 417 39.49 -51.32 16.76
N LYS A 418 40.16 -51.18 15.63
CA LYS A 418 41.06 -50.05 15.43
C LYS A 418 40.27 -48.82 15.02
N PRO A 419 40.76 -47.62 15.35
CA PRO A 419 40.10 -46.40 14.86
C PRO A 419 40.27 -46.22 13.36
N LEU A 420 39.24 -45.67 12.74
CA LEU A 420 39.23 -45.39 11.31
C LEU A 420 39.00 -43.90 11.11
N TYR A 421 39.61 -43.36 10.04
CA TYR A 421 39.62 -41.92 9.83
C TYR A 421 39.31 -41.60 8.39
N GLY A 422 38.87 -40.36 8.17
CA GLY A 422 38.73 -39.79 6.84
C GLY A 422 37.65 -40.41 5.98
N ASN A 423 38.06 -40.99 4.85
CA ASN A 423 37.14 -41.63 3.95
C ASN A 423 36.95 -43.12 4.25
N ASP A 424 37.74 -43.68 5.15
CA ASP A 424 37.48 -44.99 5.71
C ASP A 424 36.69 -44.91 7.01
N ARG A 425 36.40 -43.69 7.47
CA ARG A 425 35.67 -43.48 8.71
C ARG A 425 34.19 -43.82 8.58
N PHE A 426 33.64 -43.81 7.37
CA PHE A 426 32.20 -43.91 7.17
C PHE A 426 31.89 -44.97 6.11
N GLU A 427 30.61 -45.30 6.05
CA GLU A 427 30.08 -46.30 5.12
C GLU A 427 28.61 -46.02 4.91
N GLY A 428 28.04 -46.63 3.87
CA GLY A 428 26.60 -46.54 3.71
C GLY A 428 26.10 -46.11 2.35
N TYR A 429 24.99 -45.37 2.35
CA TYR A 429 24.31 -44.98 1.12
C TYR A 429 25.07 -43.90 0.39
N CYS A 430 25.22 -42.74 1.03
CA CYS A 430 25.90 -41.60 0.41
C CYS A 430 27.38 -41.84 0.25
N ILE A 431 27.98 -42.70 1.08
CA ILE A 431 29.40 -43.02 0.94
C ILE A 431 29.65 -43.82 -0.33
N ASP A 432 28.79 -44.80 -0.62
CA ASP A 432 28.92 -45.55 -1.87
C ASP A 432 28.49 -44.72 -3.07
N LEU A 433 27.56 -43.76 -2.86
CA LEU A 433 27.24 -42.80 -3.91
C LEU A 433 28.44 -41.93 -4.25
N LEU A 434 29.18 -41.48 -3.23
CA LEU A 434 30.41 -40.73 -3.43
C LEU A 434 31.50 -41.58 -4.06
N ARG A 435 31.54 -42.86 -3.73
CA ARG A 435 32.48 -43.78 -4.37
C ARG A 435 32.19 -43.92 -5.87
N GLU A 436 30.91 -44.04 -6.22
CA GLU A 436 30.53 -44.11 -7.63
C GLU A 436 30.84 -42.81 -8.36
N LEU A 437 30.54 -41.67 -7.71
CA LEU A 437 30.82 -40.36 -8.31
C LEU A 437 32.31 -40.11 -8.45
N SER A 438 33.12 -40.59 -7.52
CA SER A 438 34.56 -40.46 -7.63
C SER A 438 35.16 -41.40 -8.67
N THR A 439 34.58 -42.60 -8.84
CA THR A 439 35.09 -43.47 -9.89
C THR A 439 34.68 -43.01 -11.27
N ILE A 440 33.60 -42.24 -11.40
CA ILE A 440 33.23 -41.71 -12.71
C ILE A 440 33.64 -40.26 -12.91
N LEU A 441 34.20 -39.60 -11.89
CA LEU A 441 34.55 -38.19 -12.00
C LEU A 441 35.92 -37.82 -11.45
N GLY A 442 36.56 -38.70 -10.67
CA GLY A 442 37.97 -38.57 -10.38
C GLY A 442 38.36 -37.58 -9.32
N PHE A 443 37.42 -36.82 -8.77
CA PHE A 443 37.77 -35.85 -7.74
C PHE A 443 38.01 -36.55 -6.41
N THR A 444 38.92 -35.99 -5.62
CA THR A 444 39.30 -36.58 -4.34
C THR A 444 38.38 -35.99 -3.28
N TYR A 445 37.38 -36.77 -2.90
CA TYR A 445 36.42 -36.32 -1.89
C TYR A 445 37.05 -36.34 -0.52
N GLU A 446 36.76 -35.31 0.26
CA GLU A 446 37.22 -35.21 1.65
C GLU A 446 35.97 -35.12 2.52
N ILE A 447 35.58 -36.24 3.10
CA ILE A 447 34.37 -36.30 3.92
C ILE A 447 34.68 -35.67 5.27
N ARG A 448 33.87 -34.67 5.64
CA ARG A 448 34.07 -33.91 6.86
C ARG A 448 32.80 -33.97 7.69
N LEU A 449 32.95 -34.25 8.98
CA LEU A 449 31.82 -34.13 9.88
C LEU A 449 31.50 -32.67 10.12
N VAL A 450 30.26 -32.42 10.54
CA VAL A 450 29.76 -31.08 10.66
C VAL A 450 29.83 -30.65 12.12
N GLU A 451 29.67 -29.35 12.36
CA GLU A 451 29.81 -28.78 13.69
C GLU A 451 28.47 -28.44 14.33
N ASP A 452 27.39 -28.40 13.56
CA ASP A 452 26.08 -28.01 14.06
C ASP A 452 25.08 -29.14 14.04
N GLY A 453 25.03 -29.93 12.98
CA GLY A 453 24.03 -30.96 12.83
C GLY A 453 22.69 -30.48 12.35
N LYS A 454 22.55 -29.19 12.07
CA LYS A 454 21.28 -28.62 11.62
C LYS A 454 21.36 -28.39 10.12
N TYR A 455 20.42 -28.99 9.38
CA TYR A 455 20.50 -28.97 7.92
C TYR A 455 20.16 -27.60 7.35
N GLY A 456 18.92 -27.16 7.52
CA GLY A 456 18.52 -25.87 7.03
C GLY A 456 17.62 -25.14 7.99
N ALA A 457 18.06 -23.99 8.47
CA ALA A 457 17.29 -23.17 9.38
C ALA A 457 17.81 -21.74 9.29
N GLN A 458 16.98 -20.80 9.71
CA GLN A 458 17.40 -19.41 9.79
C GLN A 458 16.61 -18.73 10.90
N ASP A 459 17.25 -17.81 11.60
CA ASP A 459 16.58 -17.06 12.64
C ASP A 459 15.65 -16.03 12.00
N ASP A 460 14.40 -16.02 12.46
CA ASP A 460 13.43 -15.05 11.92
C ASP A 460 13.73 -13.64 12.40
N VAL A 461 14.38 -13.50 13.56
CA VAL A 461 14.77 -12.19 14.06
C VAL A 461 16.10 -11.71 13.48
N ASN A 462 16.80 -12.56 12.72
CA ASN A 462 18.08 -12.21 12.13
C ASN A 462 18.11 -12.34 10.62
N GLY A 463 17.45 -13.35 10.07
CA GLY A 463 17.48 -13.58 8.64
C GLY A 463 18.72 -14.28 8.13
N GLN A 464 19.63 -14.68 9.02
CA GLN A 464 20.87 -15.35 8.63
C GLN A 464 20.73 -16.85 8.89
N TRP A 465 21.10 -17.64 7.89
CA TRP A 465 20.99 -19.08 8.00
C TRP A 465 22.11 -19.63 8.90
N ASN A 466 21.84 -20.78 9.50
CA ASN A 466 22.83 -21.46 10.33
C ASN A 466 22.85 -22.94 9.98
N GLY A 467 23.99 -23.56 10.23
CA GLY A 467 24.16 -24.97 9.95
C GLY A 467 24.79 -25.20 8.58
N MET A 468 24.18 -26.09 7.79
CA MET A 468 24.78 -26.49 6.53
C MET A 468 24.60 -25.43 5.44
N VAL A 469 23.51 -24.68 5.48
CA VAL A 469 23.31 -23.60 4.52
C VAL A 469 24.33 -22.49 4.76
N ARG A 470 24.61 -22.19 6.03
CA ARG A 470 25.62 -21.20 6.39
C ARG A 470 27.02 -21.62 5.94
N GLU A 471 27.33 -22.90 6.06
CA GLU A 471 28.63 -23.36 5.60
C GLU A 471 28.68 -23.64 4.11
N LEU A 472 27.54 -23.58 3.40
CA LEU A 472 27.58 -23.60 1.94
C LEU A 472 27.53 -22.21 1.31
N ILE A 473 27.11 -21.18 2.05
CA ILE A 473 27.15 -19.82 1.51
C ILE A 473 28.59 -19.33 1.38
N ASP A 474 29.38 -19.51 2.43
CA ASP A 474 30.73 -18.94 2.48
C ASP A 474 31.78 -19.79 1.76
N HIS A 475 31.34 -20.86 1.07
CA HIS A 475 32.19 -21.81 0.33
C HIS A 475 33.20 -22.51 1.25
N LYS A 476 32.88 -22.62 2.54
CA LYS A 476 33.69 -23.45 3.42
C LYS A 476 33.45 -24.92 3.13
N ALA A 477 32.20 -25.29 2.89
CA ALA A 477 31.84 -26.62 2.41
C ALA A 477 31.57 -26.54 0.91
N ASP A 478 32.06 -27.54 0.18
CA ASP A 478 31.96 -27.54 -1.28
C ASP A 478 30.76 -28.34 -1.76
N LEU A 479 30.68 -29.61 -1.38
CA LEU A 479 29.56 -30.46 -1.75
C LEU A 479 28.84 -30.94 -0.49
N ALA A 480 27.53 -31.12 -0.60
CA ALA A 480 26.71 -31.65 0.48
C ALA A 480 25.89 -32.79 -0.09
N VAL A 481 26.28 -34.03 0.23
CA VAL A 481 25.51 -35.20 -0.17
C VAL A 481 24.75 -35.70 1.06
N ALA A 482 24.62 -34.83 2.06
CA ALA A 482 23.72 -35.09 3.17
C ALA A 482 22.28 -35.09 2.67
N PRO A 483 21.41 -35.91 3.27
CA PRO A 483 20.03 -36.00 2.78
C PRO A 483 19.21 -34.76 3.10
N LEU A 484 18.99 -33.95 2.07
CA LEU A 484 18.34 -32.65 2.22
C LEU A 484 17.33 -32.48 1.10
N ALA A 485 16.17 -31.96 1.45
CA ALA A 485 15.07 -31.80 0.50
C ALA A 485 15.20 -30.48 -0.24
N ILE A 486 14.77 -30.49 -1.50
CA ILE A 486 14.91 -29.31 -2.36
C ILE A 486 13.69 -28.42 -2.09
N THR A 487 13.81 -27.64 -1.03
CA THR A 487 12.78 -26.67 -0.67
C THR A 487 13.03 -25.36 -1.39
N TYR A 488 11.94 -24.62 -1.62
CA TYR A 488 11.99 -23.43 -2.47
C TYR A 488 12.80 -22.30 -1.84
N VAL A 489 12.77 -22.20 -0.51
CA VAL A 489 13.61 -21.22 0.17
C VAL A 489 15.09 -21.57 0.02
N ARG A 490 15.42 -22.84 0.19
CA ARG A 490 16.79 -23.29 -0.03
C ARG A 490 17.15 -23.30 -1.51
N GLU A 491 16.16 -23.45 -2.39
CA GLU A 491 16.40 -23.29 -3.81
C GLU A 491 16.73 -21.84 -4.17
N LYS A 492 16.14 -20.89 -3.44
CA LYS A 492 16.49 -19.50 -3.65
C LYS A 492 17.83 -19.13 -3.03
N VAL A 493 18.18 -19.73 -1.90
CA VAL A 493 19.42 -19.35 -1.23
C VAL A 493 20.63 -20.01 -1.89
N ILE A 494 20.58 -21.33 -2.08
CA ILE A 494 21.69 -22.08 -2.65
C ILE A 494 21.17 -22.90 -3.84
N ASP A 495 22.05 -23.71 -4.41
CA ASP A 495 21.79 -24.40 -5.66
C ASP A 495 21.87 -25.91 -5.48
N PHE A 496 20.94 -26.63 -6.10
CA PHE A 496 20.90 -28.08 -6.04
C PHE A 496 20.95 -28.67 -7.45
N SER A 497 21.41 -29.91 -7.53
CA SER A 497 21.40 -30.66 -8.77
C SER A 497 20.02 -31.29 -8.97
N LYS A 498 19.88 -32.09 -10.02
CA LYS A 498 18.67 -32.89 -10.16
C LYS A 498 18.62 -33.96 -9.08
N PRO A 499 17.43 -34.31 -8.58
CA PRO A 499 17.34 -35.27 -7.49
C PRO A 499 17.69 -36.68 -7.96
N PHE A 500 18.62 -37.31 -7.25
CA PHE A 500 18.98 -38.69 -7.56
C PHE A 500 17.88 -39.65 -7.13
N MET A 501 17.12 -39.31 -6.10
CA MET A 501 15.91 -40.06 -5.77
C MET A 501 14.88 -39.12 -5.16
N THR A 502 13.63 -39.33 -5.57
CA THR A 502 12.49 -38.56 -5.11
C THR A 502 11.67 -39.40 -4.13
N LEU A 503 10.90 -38.70 -3.31
CA LEU A 503 10.19 -39.30 -2.19
C LEU A 503 9.08 -38.35 -1.77
N GLY A 504 8.39 -38.70 -0.68
CA GLY A 504 7.38 -37.83 -0.11
C GLY A 504 7.49 -37.81 1.40
N ILE A 505 6.58 -37.07 2.02
CA ILE A 505 6.47 -37.05 3.46
C ILE A 505 5.26 -37.87 3.87
N SER A 506 5.45 -38.75 4.84
CA SER A 506 4.41 -39.65 5.30
C SER A 506 4.37 -39.65 6.82
N ILE A 507 3.47 -40.44 7.38
CA ILE A 507 3.19 -40.46 8.80
C ILE A 507 3.63 -41.80 9.37
N LEU A 508 4.55 -41.77 10.32
CA LEU A 508 4.92 -42.98 11.06
C LEU A 508 3.94 -43.18 12.20
N TYR A 509 3.43 -44.39 12.34
CA TYR A 509 2.47 -44.69 13.40
C TYR A 509 2.71 -46.10 13.91
N ARG A 510 2.58 -46.26 15.22
CA ARG A 510 2.68 -47.59 15.83
C ARG A 510 1.48 -48.44 15.43
N LYS A 511 1.73 -49.73 15.26
CA LYS A 511 0.69 -50.69 14.92
C LYS A 511 0.56 -51.69 16.07
N PRO A 512 -0.30 -51.41 17.05
CA PRO A 512 -0.56 -52.40 18.10
C PRO A 512 -1.69 -53.33 17.70
N ASN A 513 -2.06 -54.26 18.57
CA ASN A 513 -3.19 -55.14 18.28
C ASN A 513 -4.51 -54.44 18.60
N GLY A 514 -4.73 -54.12 19.87
CA GLY A 514 -5.98 -53.54 20.30
C GLY A 514 -7.18 -54.47 20.23
N THR A 515 -6.94 -55.78 20.16
CA THR A 515 -7.98 -56.76 19.93
C THR A 515 -7.71 -57.95 20.85
N ASN A 516 -8.80 -58.56 21.36
CA ASN A 516 -8.73 -59.75 22.20
C ASN A 516 -9.41 -60.89 21.45
N PRO A 517 -8.72 -61.52 20.50
CA PRO A 517 -9.35 -62.51 19.62
C PRO A 517 -9.25 -63.96 20.08
N GLY A 518 -8.81 -64.24 21.31
CA GLY A 518 -8.55 -65.59 21.74
C GLY A 518 -9.30 -65.95 23.02
N VAL A 519 -9.23 -67.24 23.35
CA VAL A 519 -9.81 -67.76 24.58
C VAL A 519 -9.01 -67.29 25.80
N PHE A 520 -7.70 -67.06 25.62
CA PHE A 520 -6.82 -66.69 26.71
C PHE A 520 -7.12 -65.31 27.28
N SER A 521 -7.72 -64.43 26.48
CA SER A 521 -8.16 -63.13 26.95
C SER A 521 -9.59 -63.24 27.46
N PHE A 522 -9.79 -63.00 28.75
CA PHE A 522 -11.08 -63.20 29.39
C PHE A 522 -11.97 -61.98 29.17
N LEU A 523 -13.20 -62.07 29.69
CA LEU A 523 -14.25 -61.03 29.64
C LEU A 523 -14.64 -60.65 28.21
N ASN A 524 -14.46 -61.57 27.27
CA ASN A 524 -14.98 -61.41 25.91
C ASN A 524 -16.51 -61.59 25.86
N PRO A 525 -17.14 -62.47 26.70
CA PRO A 525 -18.57 -62.27 26.98
C PRO A 525 -18.83 -61.13 27.94
N LEU A 526 -20.08 -61.02 28.40
CA LEU A 526 -20.54 -59.90 29.20
C LEU A 526 -20.06 -59.99 30.65
N SER A 527 -20.68 -59.19 31.52
CA SER A 527 -20.21 -58.94 32.88
C SER A 527 -20.28 -60.21 33.74
N PRO A 528 -19.35 -60.34 34.70
CA PRO A 528 -19.42 -61.49 35.64
C PRO A 528 -20.60 -61.44 36.59
N ASP A 529 -21.28 -60.30 36.75
CA ASP A 529 -22.51 -60.26 37.51
C ASP A 529 -23.63 -61.05 36.82
N ILE A 530 -23.59 -61.11 35.49
CA ILE A 530 -24.56 -61.90 34.74
C ILE A 530 -24.35 -63.38 34.98
N TRP A 531 -23.10 -63.81 35.15
CA TRP A 531 -22.83 -65.24 35.37
C TRP A 531 -23.23 -65.69 36.78
N MET A 532 -23.01 -64.86 37.79
CA MET A 532 -23.53 -65.19 39.11
C MET A 532 -25.04 -65.03 39.17
N TYR A 533 -25.62 -64.17 38.32
CA TYR A 533 -27.06 -64.14 38.16
C TYR A 533 -27.58 -65.44 37.54
N VAL A 534 -26.82 -66.01 36.61
CA VAL A 534 -27.14 -67.32 36.03
C VAL A 534 -27.07 -68.42 37.09
N LEU A 535 -26.07 -68.32 37.98
CA LEU A 535 -25.98 -69.24 39.11
C LEU A 535 -27.17 -69.11 40.06
N LEU A 536 -27.62 -67.87 40.32
CA LEU A 536 -28.82 -67.66 41.13
C LEU A 536 -30.08 -68.17 40.43
N ALA A 537 -30.14 -68.06 39.10
CA ALA A 537 -31.25 -68.63 38.34
C ALA A 537 -31.26 -70.14 38.42
N TYR A 538 -30.07 -70.76 38.40
CA TYR A 538 -30.00 -72.22 38.57
C TYR A 538 -30.34 -72.63 40.00
N LEU A 539 -30.07 -71.76 40.98
CA LEU A 539 -30.53 -71.99 42.34
C LEU A 539 -32.06 -71.96 42.42
N GLY A 540 -32.69 -71.03 41.70
CA GLY A 540 -34.13 -71.02 41.58
C GLY A 540 -34.70 -72.25 40.88
N VAL A 541 -34.01 -72.72 39.84
CA VAL A 541 -34.40 -73.94 39.13
C VAL A 541 -34.26 -75.16 40.06
N SER A 542 -33.23 -75.17 40.91
CA SER A 542 -33.09 -76.23 41.90
C SER A 542 -34.17 -76.18 42.97
N VAL A 543 -34.63 -74.97 43.33
CA VAL A 543 -35.78 -74.82 44.24
C VAL A 543 -37.05 -75.37 43.59
N VAL A 544 -37.23 -75.10 42.28
CA VAL A 544 -38.35 -75.64 41.52
C VAL A 544 -38.28 -77.17 41.46
N LEU A 545 -37.09 -77.72 41.25
CA LEU A 545 -36.91 -79.17 41.25
C LEU A 545 -37.12 -79.78 42.63
N PHE A 546 -36.85 -79.02 43.69
CA PHE A 546 -37.15 -79.50 45.03
C PHE A 546 -38.65 -79.53 45.31
N VAL A 547 -39.37 -78.46 44.93
CA VAL A 547 -40.81 -78.43 45.20
C VAL A 547 -41.62 -79.24 44.21
N ILE A 548 -41.02 -79.67 43.09
CA ILE A 548 -41.70 -80.54 42.15
C ILE A 548 -40.99 -81.88 42.08
N LEU A 598 -50.73 -77.82 34.59
CA LEU A 598 -51.25 -76.49 34.91
C LEU A 598 -50.17 -75.63 35.53
N SER A 599 -49.72 -76.00 36.73
CA SER A 599 -48.61 -75.29 37.36
C SER A 599 -47.30 -75.57 36.63
N THR A 600 -47.13 -76.79 36.11
CA THR A 600 -45.95 -77.14 35.35
C THR A 600 -45.87 -76.36 34.04
N ARG A 601 -47.02 -76.17 33.38
CA ARG A 601 -47.07 -75.40 32.14
C ARG A 601 -46.71 -73.93 32.37
N ILE A 602 -47.23 -73.33 33.44
CA ILE A 602 -46.94 -71.92 33.67
C ILE A 602 -45.52 -71.72 34.19
N VAL A 603 -44.96 -72.68 34.96
CA VAL A 603 -43.59 -72.51 35.40
C VAL A 603 -42.61 -72.77 34.23
N GLY A 604 -42.99 -73.64 33.29
CA GLY A 604 -42.19 -73.81 32.09
C GLY A 604 -42.24 -72.60 31.19
N GLY A 605 -43.42 -71.99 31.06
CA GLY A 605 -43.54 -70.76 30.29
C GLY A 605 -42.78 -69.60 30.91
N ILE A 606 -42.81 -69.50 32.24
CA ILE A 606 -42.07 -68.46 32.95
C ILE A 606 -40.56 -68.66 32.79
N TRP A 607 -40.08 -69.90 32.91
CA TRP A 607 -38.65 -70.17 32.75
C TRP A 607 -38.18 -69.94 31.32
N TRP A 608 -38.97 -70.37 30.34
CA TRP A 608 -38.62 -70.17 28.93
C TRP A 608 -38.65 -68.68 28.56
N PHE A 609 -39.61 -67.93 29.10
CA PHE A 609 -39.69 -66.51 28.81
C PHE A 609 -38.54 -65.75 29.46
N PHE A 610 -38.18 -66.11 30.71
CA PHE A 610 -37.05 -65.50 31.39
C PHE A 610 -35.74 -65.81 30.67
N THR A 611 -35.61 -67.04 30.16
CA THR A 611 -34.43 -67.44 29.39
C THR A 611 -34.32 -66.63 28.10
N LEU A 612 -35.43 -66.44 27.39
CA LEU A 612 -35.35 -65.69 26.13
C LEU A 612 -35.15 -64.20 26.36
N ILE A 613 -35.63 -63.64 27.48
CA ILE A 613 -35.31 -62.25 27.80
C ILE A 613 -33.83 -62.08 28.10
N ILE A 614 -33.25 -63.03 28.85
CA ILE A 614 -31.80 -62.97 29.15
C ILE A 614 -30.97 -63.14 27.87
N ILE A 615 -31.38 -64.06 27.00
CA ILE A 615 -30.71 -64.30 25.73
C ILE A 615 -30.82 -63.08 24.80
N SER A 616 -32.00 -62.45 24.76
CA SER A 616 -32.20 -61.29 23.90
C SER A 616 -31.43 -60.07 24.41
N SER A 617 -31.34 -59.90 25.73
CA SER A 617 -30.55 -58.80 26.29
C SER A 617 -29.06 -58.99 26.02
N TYR A 618 -28.57 -60.24 26.15
CA TYR A 618 -27.19 -60.54 25.80
C TYR A 618 -26.95 -60.33 24.31
N THR A 619 -27.92 -60.69 23.47
CA THR A 619 -27.81 -60.54 22.03
C THR A 619 -27.77 -59.07 21.62
N ALA A 620 -28.58 -58.24 22.28
CA ALA A 620 -28.55 -56.81 22.00
C ALA A 620 -27.26 -56.16 22.47
N ASN A 621 -26.73 -56.60 23.62
CA ASN A 621 -25.44 -56.10 24.09
C ASN A 621 -24.30 -56.50 23.15
N LEU A 622 -24.33 -57.74 22.67
CA LEU A 622 -23.31 -58.21 21.74
C LEU A 622 -23.42 -57.51 20.38
N ALA A 623 -24.65 -57.25 19.94
CA ALA A 623 -24.87 -56.54 18.69
C ALA A 623 -24.39 -55.09 18.79
N ALA A 624 -24.64 -54.44 19.93
CA ALA A 624 -24.15 -53.08 20.12
C ALA A 624 -22.63 -53.02 20.19
N PHE A 625 -22.02 -54.00 20.88
CA PHE A 625 -20.56 -54.03 20.99
C PHE A 625 -19.92 -54.34 19.64
N LEU A 626 -20.54 -55.21 18.84
CA LEU A 626 -20.01 -55.49 17.51
C LEU A 626 -20.25 -54.36 16.54
N THR A 627 -21.34 -53.61 16.72
CA THR A 627 -21.61 -52.47 15.85
C THR A 627 -20.65 -51.32 16.15
N VAL A 628 -20.37 -51.05 17.42
CA VAL A 628 -19.45 -49.97 17.75
C VAL A 628 -18.01 -50.36 17.42
N GLU A 629 -17.71 -51.66 17.36
CA GLU A 629 -16.37 -52.08 16.95
C GLU A 629 -16.17 -51.91 15.45
N ARG A 630 -17.17 -52.30 14.65
CA ARG A 630 -17.06 -52.15 13.21
C ARG A 630 -17.24 -50.72 12.73
N MET A 631 -17.80 -49.85 13.56
CA MET A 631 -17.91 -48.44 13.23
C MET A 631 -16.66 -47.66 13.54
N GLU A 632 -15.64 -48.30 14.11
CA GLU A 632 -14.37 -47.63 14.37
C GLU A 632 -13.66 -47.33 13.06
N SER A 633 -13.20 -46.09 12.94
CA SER A 633 -12.43 -45.66 11.77
C SER A 633 -11.01 -45.35 12.23
N PRO A 634 -10.06 -46.24 11.99
CA PRO A 634 -8.65 -45.93 12.30
C PRO A 634 -8.14 -44.82 11.39
N ILE A 635 -7.21 -44.04 11.93
CA ILE A 635 -6.70 -42.87 11.23
C ILE A 635 -5.77 -43.33 10.11
N ASP A 636 -6.09 -42.93 8.89
CA ASP A 636 -5.34 -43.34 7.71
C ASP A 636 -4.68 -42.18 7.00
N SER A 637 -5.45 -41.13 6.67
CA SER A 637 -4.90 -39.98 5.97
C SER A 637 -4.62 -38.85 6.95
N ALA A 638 -4.03 -37.77 6.42
CA ALA A 638 -3.82 -36.57 7.22
C ALA A 638 -5.12 -35.84 7.49
N ASP A 639 -6.14 -36.04 6.66
CA ASP A 639 -7.48 -35.53 6.93
C ASP A 639 -8.06 -36.15 8.19
N ASP A 640 -7.80 -37.44 8.41
CA ASP A 640 -8.20 -38.10 9.64
C ASP A 640 -7.44 -37.55 10.83
N LEU A 641 -6.16 -37.20 10.64
CA LEU A 641 -5.35 -36.67 11.71
C LEU A 641 -5.69 -35.22 12.02
N ALA A 642 -6.27 -34.48 11.07
CA ALA A 642 -6.57 -33.08 11.29
C ALA A 642 -7.76 -32.89 12.23
N LYS A 643 -8.79 -33.71 12.07
CA LYS A 643 -10.00 -33.56 12.85
C LYS A 643 -9.88 -34.12 14.26
N GLN A 644 -8.82 -34.88 14.55
CA GLN A 644 -8.63 -35.48 15.86
C GLN A 644 -7.48 -34.80 16.58
N THR A 645 -7.73 -34.38 17.82
CA THR A 645 -6.69 -33.80 18.67
C THR A 645 -6.27 -34.74 19.78
N LYS A 646 -6.88 -35.92 19.88
CA LYS A 646 -6.49 -36.88 20.91
C LYS A 646 -5.13 -37.48 20.63
N ILE A 647 -4.90 -37.91 19.38
CA ILE A 647 -3.62 -38.49 19.02
C ILE A 647 -2.67 -37.35 18.66
N GLU A 648 -1.61 -37.20 19.43
CA GLU A 648 -0.64 -36.15 19.19
C GLU A 648 0.22 -36.49 17.99
N TYR A 649 0.76 -35.46 17.35
CA TYR A 649 1.53 -35.66 16.14
C TYR A 649 2.54 -34.54 15.99
N GLY A 650 3.51 -34.75 15.11
CA GLY A 650 4.50 -33.73 14.82
C GLY A 650 5.68 -34.30 14.07
N ALA A 651 6.69 -33.45 13.91
CA ALA A 651 7.86 -33.77 13.13
C ALA A 651 9.10 -33.24 13.85
N VAL A 652 10.25 -33.35 13.20
CA VAL A 652 11.50 -32.79 13.73
C VAL A 652 11.52 -31.31 13.38
N GLU A 653 11.69 -30.45 14.40
CA GLU A 653 11.69 -29.01 14.22
C GLU A 653 12.87 -28.56 13.37
N ASP A 654 12.61 -27.57 12.50
CA ASP A 654 13.56 -27.01 11.53
C ASP A 654 14.12 -28.06 10.58
N GLY A 655 13.30 -29.06 10.24
CA GLY A 655 13.70 -30.08 9.29
C GLY A 655 12.90 -29.98 8.02
N ALA A 656 12.52 -28.76 7.65
CA ALA A 656 11.85 -28.34 6.41
C ALA A 656 10.44 -28.91 6.23
N THR A 657 9.91 -29.66 7.19
CA THR A 657 8.57 -30.23 7.04
C THR A 657 7.50 -29.21 7.43
N MET A 658 7.66 -28.58 8.59
CA MET A 658 6.77 -27.49 8.96
C MET A 658 7.06 -26.22 8.18
N THR A 659 8.21 -26.13 7.51
CA THR A 659 8.40 -25.10 6.49
C THR A 659 7.41 -25.29 5.35
N PHE A 660 7.18 -26.54 4.95
CA PHE A 660 6.13 -26.84 3.98
C PHE A 660 4.75 -26.60 4.59
N PHE A 661 4.58 -26.94 5.87
CA PHE A 661 3.26 -26.86 6.49
C PHE A 661 2.81 -25.43 6.74
N LYS A 662 3.76 -24.51 6.94
CA LYS A 662 3.41 -23.12 7.14
C LYS A 662 3.10 -22.39 5.84
N LYS A 663 3.36 -23.01 4.69
CA LYS A 663 2.88 -22.46 3.43
C LYS A 663 1.35 -22.51 3.35
N SER A 664 0.76 -23.60 3.83
CA SER A 664 -0.68 -23.81 4.00
C SER A 664 -1.44 -23.68 2.68
N LYS A 665 -1.05 -24.51 1.72
CA LYS A 665 -1.74 -24.56 0.44
C LYS A 665 -3.13 -25.16 0.60
N ILE A 666 -3.27 -26.17 1.44
CA ILE A 666 -4.54 -26.78 1.78
C ILE A 666 -4.81 -26.48 3.25
N SER A 667 -6.09 -26.26 3.58
CA SER A 667 -6.49 -25.90 4.93
C SER A 667 -6.24 -27.02 5.94
N THR A 668 -6.16 -28.28 5.48
CA THR A 668 -5.73 -29.37 6.34
C THR A 668 -4.30 -29.16 6.83
N TYR A 669 -3.41 -28.75 5.93
CA TYR A 669 -2.04 -28.47 6.32
C TYR A 669 -1.95 -27.19 7.14
N ASP A 670 -2.89 -26.26 6.93
CA ASP A 670 -3.01 -25.09 7.80
C ASP A 670 -3.38 -25.50 9.22
N LYS A 671 -4.29 -26.46 9.37
CA LYS A 671 -4.63 -26.96 10.70
C LYS A 671 -3.47 -27.74 11.31
N MET A 672 -2.70 -28.45 10.48
CA MET A 672 -1.48 -29.12 10.92
C MET A 672 -0.47 -28.13 11.49
N TRP A 673 -0.22 -27.04 10.76
CA TRP A 673 0.73 -26.03 11.21
C TRP A 673 0.19 -25.24 12.40
N ALA A 674 -1.13 -25.07 12.48
CA ALA A 674 -1.73 -24.39 13.63
C ALA A 674 -1.61 -25.22 14.90
N PHE A 675 -1.83 -26.53 14.79
CA PHE A 675 -1.61 -27.41 15.94
C PHE A 675 -0.15 -27.52 16.29
N MET A 676 0.74 -27.42 15.30
CA MET A 676 2.17 -27.44 15.59
C MET A 676 2.62 -26.17 16.28
N SER A 677 2.06 -25.02 15.89
CA SER A 677 2.43 -23.77 16.53
C SER A 677 1.83 -23.65 17.92
N SER A 678 0.59 -24.15 18.10
CA SER A 678 -0.04 -24.10 19.41
C SER A 678 0.60 -25.07 20.39
N ARG A 679 1.17 -26.16 19.88
CA ARG A 679 1.85 -27.14 20.72
C ARG A 679 3.32 -27.16 20.36
N ARG A 680 3.90 -25.95 20.26
CA ARG A 680 5.31 -25.80 19.87
C ARG A 680 6.24 -26.40 20.92
N GLN A 681 5.92 -26.21 22.20
CA GLN A 681 6.74 -26.72 23.27
C GLN A 681 6.24 -28.06 23.79
N SER A 682 5.35 -28.71 23.06
CA SER A 682 4.73 -29.94 23.51
C SER A 682 5.11 -31.17 22.68
N VAL A 683 4.95 -31.11 21.35
CA VAL A 683 5.05 -32.31 20.54
C VAL A 683 6.13 -32.17 19.47
N LEU A 684 7.16 -31.38 19.75
CA LEU A 684 8.24 -31.17 18.80
C LEU A 684 9.49 -31.92 19.25
N VAL A 685 10.17 -32.55 18.29
CA VAL A 685 11.36 -33.32 18.56
C VAL A 685 12.51 -32.74 17.75
N LYS A 686 13.72 -33.19 18.07
CA LYS A 686 14.93 -32.74 17.39
C LYS A 686 15.64 -33.83 16.59
N SER A 687 15.32 -35.09 16.82
CA SER A 687 15.93 -36.20 16.10
C SER A 687 14.85 -37.10 15.54
N ASN A 688 15.20 -37.84 14.48
CA ASN A 688 14.31 -38.85 13.94
C ASN A 688 14.09 -39.97 14.94
N GLU A 689 15.16 -40.43 15.59
CA GLU A 689 15.02 -41.47 16.61
C GLU A 689 14.36 -40.95 17.88
N GLU A 690 14.45 -39.64 18.15
CA GLU A 690 13.66 -39.07 19.23
C GLU A 690 12.18 -39.11 18.90
N GLY A 691 11.83 -38.84 17.64
CA GLY A 691 10.44 -38.95 17.23
C GLY A 691 9.95 -40.38 17.12
N ILE A 692 10.88 -41.33 16.93
CA ILE A 692 10.51 -42.74 16.88
C ILE A 692 10.10 -43.23 18.26
N GLN A 693 10.91 -42.91 19.27
CA GLN A 693 10.67 -43.43 20.61
C GLN A 693 9.45 -42.81 21.29
N ARG A 694 9.05 -41.60 20.87
CA ARG A 694 7.80 -41.03 21.38
C ARG A 694 6.59 -41.79 20.85
N VAL A 695 6.69 -42.30 19.61
CA VAL A 695 5.64 -43.16 19.06
C VAL A 695 5.61 -44.50 19.78
N LEU A 696 6.79 -45.04 20.11
CA LEU A 696 6.84 -46.29 20.85
C LEU A 696 6.45 -46.14 22.31
N THR A 697 6.56 -44.93 22.87
CA THR A 697 6.17 -44.72 24.26
C THR A 697 4.66 -44.49 24.39
N SER A 698 4.18 -43.41 23.79
CA SER A 698 2.78 -43.01 23.89
C SER A 698 2.17 -42.97 22.49
N ASP A 699 0.88 -42.62 22.44
CA ASP A 699 0.17 -42.55 21.16
C ASP A 699 0.63 -41.31 20.39
N TYR A 700 1.44 -41.52 19.37
CA TYR A 700 2.04 -40.42 18.64
C TYR A 700 2.14 -40.78 17.16
N ALA A 701 2.03 -39.76 16.32
CA ALA A 701 2.07 -39.92 14.87
C ALA A 701 3.21 -39.07 14.32
N PHE A 702 4.31 -39.71 13.94
CA PHE A 702 5.52 -38.99 13.59
C PHE A 702 5.56 -38.74 12.10
N LEU A 703 5.74 -37.48 11.71
CA LEU A 703 5.80 -37.07 10.31
C LEU A 703 7.26 -37.03 9.87
N MET A 704 7.65 -37.92 8.98
CA MET A 704 9.06 -38.05 8.61
C MET A 704 9.13 -38.66 7.21
N GLU A 705 10.35 -38.84 6.73
CA GLU A 705 10.58 -39.10 5.31
C GLU A 705 10.18 -40.53 4.93
N SER A 706 9.57 -40.66 3.74
CA SER A 706 8.95 -41.91 3.34
C SER A 706 9.96 -42.98 2.95
N THR A 707 11.19 -42.62 2.60
CA THR A 707 12.17 -43.65 2.30
C THR A 707 12.70 -44.26 3.59
N THR A 708 12.88 -43.43 4.62
CA THR A 708 13.26 -43.93 5.93
C THR A 708 12.13 -44.69 6.62
N ILE A 709 10.88 -44.46 6.19
CA ILE A 709 9.75 -45.30 6.58
C ILE A 709 9.99 -46.75 6.18
N GLU A 710 10.54 -46.95 4.97
CA GLU A 710 10.86 -48.30 4.49
C GLU A 710 11.94 -48.95 5.36
N PHE A 711 12.93 -48.16 5.80
CA PHE A 711 13.97 -48.68 6.68
C PHE A 711 13.42 -49.08 8.05
N VAL A 712 12.64 -48.19 8.67
CA VAL A 712 12.13 -48.48 10.00
C VAL A 712 11.01 -49.50 10.00
N THR A 713 10.39 -49.77 8.85
CA THR A 713 9.44 -50.87 8.76
C THR A 713 10.10 -52.19 8.40
N GLN A 714 11.22 -52.14 7.65
CA GLN A 714 12.01 -53.34 7.44
C GLN A 714 12.67 -53.80 8.73
N ARG A 715 13.04 -52.86 9.60
CA ARG A 715 13.68 -53.24 10.85
C ARG A 715 12.65 -53.63 11.91
N ASN A 716 11.75 -52.71 12.26
CA ASN A 716 10.80 -52.93 13.34
C ASN A 716 9.41 -53.20 12.77
N CYS A 717 8.79 -54.27 13.24
CA CYS A 717 7.47 -54.68 12.77
C CYS A 717 6.33 -54.09 13.61
N ASN A 718 6.64 -53.41 14.71
CA ASN A 718 5.60 -52.79 15.52
C ASN A 718 5.16 -51.44 14.97
N LEU A 719 5.84 -50.92 13.96
CA LEU A 719 5.56 -49.61 13.38
C LEU A 719 5.22 -49.77 11.91
N THR A 720 4.47 -48.80 11.39
CA THR A 720 4.03 -48.82 10.00
C THR A 720 3.77 -47.39 9.57
N GLN A 721 3.37 -47.24 8.30
CA GLN A 721 2.94 -45.95 7.80
C GLN A 721 1.44 -45.97 7.54
N ILE A 722 0.86 -44.77 7.54
CA ILE A 722 -0.54 -44.57 7.18
C ILE A 722 -0.58 -43.50 6.09
N GLY A 723 -1.54 -43.64 5.18
CA GLY A 723 -1.63 -42.74 4.06
C GLY A 723 -0.55 -42.97 3.02
N GLY A 724 -0.52 -42.08 2.04
CA GLY A 724 0.47 -42.15 0.98
C GLY A 724 1.55 -41.09 1.13
N LEU A 725 1.77 -40.32 0.08
CA LEU A 725 2.74 -39.23 0.10
C LEU A 725 1.98 -37.91 0.21
N ILE A 726 2.18 -37.21 1.33
CA ILE A 726 1.54 -35.92 1.53
C ILE A 726 2.11 -34.88 0.58
N ASP A 727 3.44 -34.82 0.47
CA ASP A 727 4.12 -33.91 -0.43
C ASP A 727 5.34 -34.60 -0.99
N SER A 728 5.57 -34.42 -2.28
CA SER A 728 6.66 -35.07 -2.99
C SER A 728 7.82 -34.09 -3.16
N LYS A 729 9.00 -34.50 -2.68
CA LYS A 729 10.24 -33.76 -2.87
C LYS A 729 11.32 -34.71 -3.36
N GLY A 730 12.57 -34.27 -3.37
CA GLY A 730 13.66 -35.16 -3.73
C GLY A 730 14.92 -34.76 -3.01
N TYR A 731 15.86 -35.69 -2.96
CA TYR A 731 17.17 -35.40 -2.39
C TYR A 731 18.15 -35.04 -3.49
N GLY A 732 18.71 -33.83 -3.39
CA GLY A 732 19.71 -33.38 -4.35
C GLY A 732 21.02 -33.03 -3.69
N VAL A 733 22.08 -32.95 -4.47
CA VAL A 733 23.41 -32.65 -3.95
C VAL A 733 23.50 -31.15 -3.65
N GLY A 734 23.95 -30.81 -2.45
CA GLY A 734 24.07 -29.43 -2.05
C GLY A 734 25.32 -28.74 -2.59
N THR A 735 25.11 -27.66 -3.34
CA THR A 735 26.17 -26.87 -3.96
C THR A 735 25.96 -25.41 -3.62
N PRO A 736 27.03 -24.61 -3.59
CA PRO A 736 26.86 -23.15 -3.51
C PRO A 736 26.37 -22.60 -4.84
N MET A 737 25.90 -21.36 -4.78
CA MET A 737 25.38 -20.68 -5.97
C MET A 737 26.51 -20.38 -6.94
N GLY A 738 26.25 -20.64 -8.22
CA GLY A 738 27.24 -20.39 -9.25
C GLY A 738 28.36 -21.39 -9.32
N SER A 739 28.26 -22.52 -8.64
CA SER A 739 29.27 -23.54 -8.75
C SER A 739 29.15 -24.24 -10.10
N PRO A 740 30.20 -24.26 -10.92
CA PRO A 740 30.10 -24.88 -12.25
C PRO A 740 30.16 -26.40 -12.22
N TYR A 741 30.52 -26.99 -11.09
CA TYR A 741 30.59 -28.44 -10.96
C TYR A 741 29.20 -29.07 -10.78
N ARG A 742 28.18 -28.25 -10.53
CA ARG A 742 26.82 -28.75 -10.31
C ARG A 742 26.23 -29.38 -11.56
N ASP A 743 26.56 -28.83 -12.73
CA ASP A 743 26.06 -29.42 -13.98
C ASP A 743 26.74 -30.74 -14.28
N LYS A 744 28.04 -30.86 -13.96
CA LYS A 744 28.73 -32.14 -14.08
C LYS A 744 28.16 -33.16 -13.11
N ILE A 745 27.79 -32.71 -11.91
CA ILE A 745 27.14 -33.58 -10.92
C ILE A 745 25.78 -34.04 -11.43
N THR A 746 25.02 -33.14 -12.06
CA THR A 746 23.71 -33.48 -12.61
C THR A 746 23.82 -34.49 -13.75
N ILE A 747 24.81 -34.31 -14.62
CA ILE A 747 25.06 -35.25 -15.72
C ILE A 747 25.49 -36.61 -15.18
N ALA A 748 26.30 -36.61 -14.12
CA ALA A 748 26.71 -37.86 -13.49
C ALA A 748 25.54 -38.57 -12.81
N ILE A 749 24.62 -37.80 -12.20
CA ILE A 749 23.41 -38.37 -11.60
C ILE A 749 22.51 -38.98 -12.65
N LEU A 750 22.37 -38.30 -13.80
CA LEU A 750 21.59 -38.84 -14.91
C LEU A 750 22.23 -40.11 -15.48
N GLN A 751 23.57 -40.16 -15.51
CA GLN A 751 24.27 -41.36 -15.95
C GLN A 751 24.06 -42.52 -14.97
N LEU A 752 24.13 -42.24 -13.67
CA LEU A 752 23.95 -43.28 -12.67
C LEU A 752 22.51 -43.79 -12.62
N GLN A 753 21.54 -42.90 -12.84
CA GLN A 753 20.14 -43.33 -12.88
C GLN A 753 19.83 -44.09 -14.17
N GLU A 754 20.46 -43.69 -15.28
CA GLU A 754 20.31 -44.43 -16.52
C GLU A 754 20.95 -45.81 -16.43
N GLU A 755 22.08 -45.91 -15.72
CA GLU A 755 22.70 -47.21 -15.48
C GLU A 755 21.92 -48.03 -14.46
N GLY A 756 21.07 -47.39 -13.66
CA GLY A 756 20.27 -48.12 -12.69
C GLY A 756 21.05 -48.62 -11.50
N LYS A 757 22.20 -48.01 -11.19
CA LYS A 757 22.98 -48.43 -10.03
C LYS A 757 22.28 -48.09 -8.72
N LEU A 758 21.52 -46.99 -8.73
CA LEU A 758 20.86 -46.49 -7.53
C LEU A 758 19.81 -47.46 -7.01
N HIS A 759 19.13 -48.16 -7.92
CA HIS A 759 18.05 -49.06 -7.55
C HIS A 759 18.56 -50.27 -6.76
N MET A 760 19.57 -50.96 -7.27
CA MET A 760 20.02 -52.12 -6.52
C MET A 760 20.95 -51.76 -5.38
N MET A 761 21.60 -50.58 -5.39
CA MET A 761 22.31 -50.22 -4.17
C MET A 761 21.33 -49.81 -3.06
N LYS A 762 20.18 -49.23 -3.43
CA LYS A 762 19.13 -48.95 -2.45
C LYS A 762 18.50 -50.24 -1.95
N GLU A 763 18.27 -51.20 -2.84
CA GLU A 763 17.74 -52.49 -2.40
C GLU A 763 18.76 -53.30 -1.60
N LYS A 764 20.05 -53.05 -1.80
CA LYS A 764 21.07 -53.68 -0.96
C LYS A 764 21.09 -53.05 0.43
N TRP A 765 21.05 -51.72 0.50
CA TRP A 765 21.24 -51.07 1.79
C TRP A 765 19.97 -51.05 2.62
N TRP A 766 18.85 -50.64 2.02
CA TRP A 766 17.63 -50.32 2.77
C TRP A 766 16.87 -51.56 3.23
N ARG A 767 17.09 -52.72 2.61
CA ARG A 767 16.34 -53.92 2.95
C ARG A 767 17.01 -54.62 4.12
N GLY A 768 16.68 -54.14 5.32
CA GLY A 768 17.22 -54.71 6.54
C GLY A 768 16.16 -55.23 7.48
N VAL A 784 -12.41 -65.95 15.40
CA VAL A 784 -12.63 -67.40 15.48
C VAL A 784 -12.50 -67.86 16.93
N GLN A 785 -11.32 -67.66 17.51
CA GLN A 785 -11.09 -68.04 18.89
C GLN A 785 -11.69 -67.06 19.88
N ASN A 786 -12.11 -65.88 19.42
CA ASN A 786 -12.83 -64.94 20.28
C ASN A 786 -14.18 -65.50 20.71
N ILE A 787 -14.86 -66.18 19.80
CA ILE A 787 -16.13 -66.85 20.09
C ILE A 787 -15.96 -68.36 20.21
N GLY A 788 -14.74 -68.87 20.09
CA GLY A 788 -14.47 -70.29 20.18
C GLY A 788 -14.21 -70.81 21.58
N GLY A 789 -14.37 -69.96 22.61
CA GLY A 789 -14.08 -70.38 23.97
C GLY A 789 -15.11 -71.30 24.59
N ILE A 790 -16.34 -71.32 24.06
CA ILE A 790 -17.40 -72.16 24.63
C ILE A 790 -17.26 -73.62 24.22
N PHE A 791 -16.39 -73.93 23.25
CA PHE A 791 -16.21 -75.31 22.83
C PHE A 791 -15.43 -76.11 23.86
N ILE A 792 -14.56 -75.45 24.62
CA ILE A 792 -13.88 -76.12 25.74
C ILE A 792 -14.89 -76.42 26.84
N VAL A 793 -15.85 -75.52 27.07
CA VAL A 793 -16.90 -75.74 28.04
C VAL A 793 -17.81 -76.90 27.60
N LEU A 794 -18.12 -76.95 26.30
CA LEU A 794 -18.91 -78.05 25.75
C LEU A 794 -18.19 -79.39 25.86
N ALA A 795 -16.87 -79.39 25.61
CA ALA A 795 -16.08 -80.61 25.76
C ALA A 795 -15.99 -81.06 27.22
N ALA A 796 -15.87 -80.10 28.14
CA ALA A 796 -15.88 -80.42 29.57
C ALA A 796 -17.22 -80.97 30.02
N GLY A 797 -18.32 -80.40 29.50
CA GLY A 797 -19.64 -80.93 29.81
C GLY A 797 -19.87 -82.31 29.23
N LEU A 798 -19.32 -82.57 28.03
CA LEU A 798 -19.41 -83.90 27.44
C LEU A 798 -18.61 -84.92 28.23
N VAL A 799 -17.42 -84.53 28.71
CA VAL A 799 -16.59 -85.41 29.54
C VAL A 799 -17.28 -85.71 30.86
N LEU A 800 -17.89 -84.69 31.48
CA LEU A 800 -18.65 -84.88 32.72
C LEU A 800 -19.87 -85.76 32.51
N SER A 801 -20.56 -85.61 31.37
CA SER A 801 -21.74 -86.42 31.10
C SER A 801 -21.37 -87.87 30.80
N VAL A 802 -20.21 -88.11 30.17
CA VAL A 802 -19.70 -89.47 30.01
C VAL A 802 -19.35 -90.07 31.37
N PHE A 803 -18.72 -89.29 32.24
CA PHE A 803 -18.31 -89.81 33.55
C PHE A 803 -19.48 -90.05 34.49
N VAL A 804 -20.59 -89.32 34.33
CA VAL A 804 -21.78 -89.57 35.15
C VAL A 804 -22.82 -90.42 34.45
N ALA A 805 -22.60 -90.78 33.18
CA ALA A 805 -23.55 -91.58 32.42
C ALA A 805 -23.18 -93.05 32.37
N VAL A 806 -21.98 -93.36 31.90
CA VAL A 806 -21.53 -94.74 31.82
C VAL A 806 -21.09 -95.23 33.19
N HIS B 1 69.04 42.51 12.13
CA HIS B 1 68.93 41.37 11.22
C HIS B 1 67.96 41.64 10.09
N VAL B 2 68.25 41.03 8.93
CA VAL B 2 67.33 41.04 7.79
C VAL B 2 67.19 39.62 7.29
N LEU B 3 66.08 39.37 6.62
CA LEU B 3 65.78 38.04 6.10
C LEU B 3 64.84 38.20 4.91
N ARG B 4 64.98 37.30 3.94
CA ARG B 4 64.25 37.39 2.69
C ARG B 4 63.45 36.12 2.45
N PHE B 5 62.24 36.29 1.92
CA PHE B 5 61.36 35.17 1.59
C PHE B 5 61.16 35.12 0.08
N GLY B 6 61.22 33.91 -0.48
CA GLY B 6 60.98 33.74 -1.89
C GLY B 6 59.54 33.41 -2.20
N GLY B 7 58.74 34.42 -2.53
CA GLY B 7 57.35 34.18 -2.82
C GLY B 7 57.09 34.08 -4.31
N ILE B 8 56.99 32.85 -4.82
CA ILE B 8 56.68 32.63 -6.22
C ILE B 8 55.18 32.45 -6.37
N PHE B 9 54.60 33.14 -7.35
CA PHE B 9 53.16 33.19 -7.51
C PHE B 9 52.80 33.10 -8.98
N GLU B 10 51.51 32.91 -9.24
CA GLU B 10 51.02 32.81 -10.61
C GLU B 10 50.76 34.22 -11.15
N TYR B 11 51.30 34.50 -12.33
CA TYR B 11 51.20 35.83 -12.89
C TYR B 11 49.80 36.10 -13.41
N VAL B 12 49.24 37.24 -13.04
CA VAL B 12 47.94 37.68 -13.51
C VAL B 12 48.15 38.78 -14.54
N GLU B 13 47.56 38.58 -15.72
CA GLU B 13 47.86 39.47 -16.85
C GLU B 13 47.18 40.83 -16.71
N SER B 14 45.94 40.86 -16.22
CA SER B 14 45.17 42.09 -16.13
C SER B 14 44.64 42.28 -14.72
N GLY B 15 44.34 43.53 -14.39
CA GLY B 15 43.82 43.87 -13.10
C GLY B 15 44.88 43.80 -12.02
N PRO B 16 44.47 43.53 -10.79
CA PRO B 16 45.44 43.46 -9.69
C PRO B 16 46.19 42.14 -9.65
N MET B 17 47.01 41.96 -8.62
CA MET B 17 47.70 40.70 -8.40
C MET B 17 46.76 39.69 -7.75
N GLY B 18 47.29 38.49 -7.48
CA GLY B 18 46.48 37.45 -6.89
C GLY B 18 46.18 37.72 -5.44
N ALA B 19 45.16 37.00 -4.95
CA ALA B 19 44.78 37.12 -3.54
C ALA B 19 45.84 36.53 -2.61
N GLU B 20 46.52 35.47 -3.07
CA GLU B 20 47.59 34.86 -2.28
C GLU B 20 48.78 35.80 -2.15
N GLU B 21 49.11 36.52 -3.23
CA GLU B 21 50.23 37.47 -3.17
C GLU B 21 49.89 38.66 -2.29
N LEU B 22 48.64 39.13 -2.35
CA LEU B 22 48.17 40.20 -1.47
C LEU B 22 48.20 39.77 -0.02
N ALA B 23 47.79 38.53 0.26
CA ALA B 23 47.86 37.99 1.62
C ALA B 23 49.29 37.81 2.08
N PHE B 24 50.19 37.46 1.17
CA PHE B 24 51.61 37.32 1.50
C PHE B 24 52.22 38.66 1.90
N ARG B 25 51.93 39.70 1.11
CA ARG B 25 52.44 41.03 1.42
C ARG B 25 51.82 41.59 2.70
N PHE B 26 50.52 41.34 2.90
CA PHE B 26 49.86 41.79 4.11
C PHE B 26 50.37 41.05 5.34
N ALA B 27 50.68 39.76 5.19
CA ALA B 27 51.23 38.97 6.28
C ALA B 27 52.64 39.40 6.63
N VAL B 28 53.44 39.80 5.63
CA VAL B 28 54.77 40.34 5.91
C VAL B 28 54.66 41.68 6.63
N ASN B 29 53.76 42.55 6.16
CA ASN B 29 53.63 43.89 6.73
C ASN B 29 53.02 43.87 8.13
N THR B 30 52.25 42.84 8.46
CA THR B 30 51.72 42.73 9.82
C THR B 30 52.73 42.15 10.80
N ILE B 31 53.91 41.73 10.34
CA ILE B 31 54.97 41.32 11.24
C ILE B 31 55.99 42.44 11.32
N ASN B 32 56.18 43.15 10.20
CA ASN B 32 57.10 44.29 10.19
C ASN B 32 56.58 45.43 11.05
N ARG B 33 55.32 45.82 10.86
CA ARG B 33 54.66 46.63 11.86
C ARG B 33 54.03 45.71 12.89
N ASN B 34 53.69 46.29 14.06
CA ASN B 34 53.08 45.61 15.20
C ASN B 34 53.97 44.46 15.69
N ARG B 35 55.11 44.85 16.26
CA ARG B 35 56.07 43.88 16.74
C ARG B 35 55.50 43.19 17.97
N THR B 36 54.94 42.00 17.77
CA THR B 36 54.69 41.06 18.85
C THR B 36 55.79 40.02 18.95
N LEU B 37 56.69 39.97 17.97
CA LEU B 37 57.80 39.03 17.90
C LEU B 37 58.78 39.57 16.88
N LEU B 38 59.97 38.93 16.82
CA LEU B 38 61.11 39.26 15.97
C LEU B 38 61.53 40.71 16.13
N PRO B 39 62.20 41.07 17.24
CA PRO B 39 62.48 42.49 17.52
C PRO B 39 63.53 43.12 16.61
N ASN B 40 64.63 42.42 16.37
CA ASN B 40 65.75 42.94 15.60
C ASN B 40 65.80 42.43 14.17
N THR B 41 64.77 41.71 13.72
CA THR B 41 64.73 41.14 12.38
C THR B 41 63.58 41.74 11.60
N THR B 42 63.88 42.22 10.39
CA THR B 42 62.88 42.72 9.46
C THR B 42 62.84 41.80 8.26
N LEU B 43 61.67 41.29 7.94
CA LEU B 43 61.51 40.26 6.92
C LEU B 43 61.23 40.91 5.57
N THR B 44 62.23 40.91 4.69
CA THR B 44 62.01 41.33 3.32
C THR B 44 61.46 40.16 2.52
N TYR B 45 61.14 40.41 1.25
CA TYR B 45 60.64 39.36 0.40
C TYR B 45 61.01 39.65 -1.05
N ASP B 46 61.01 38.59 -1.86
CA ASP B 46 61.20 38.70 -3.29
C ASP B 46 60.04 37.99 -3.97
N THR B 47 59.42 38.65 -4.94
CA THR B 47 58.22 38.15 -5.59
C THR B 47 58.53 37.85 -7.05
N GLN B 48 58.31 36.61 -7.47
CA GLN B 48 58.37 36.22 -8.86
C GLN B 48 56.98 35.78 -9.30
N LYS B 49 56.55 36.26 -10.45
CA LYS B 49 55.25 35.92 -11.00
C LYS B 49 55.46 35.10 -12.27
N ILE B 50 54.96 33.87 -12.27
CA ILE B 50 55.21 32.94 -13.36
C ILE B 50 53.92 32.62 -14.08
N ASN B 51 54.07 32.08 -15.29
CA ASN B 51 52.93 31.80 -16.15
C ASN B 51 52.17 30.58 -15.65
N LEU B 52 50.99 30.39 -16.23
CA LEU B 52 50.12 29.29 -15.83
C LEU B 52 50.64 27.98 -16.41
N TYR B 53 50.86 27.00 -15.52
CA TYR B 53 51.18 25.60 -15.84
C TYR B 53 52.47 25.49 -16.67
N ASP B 54 53.56 25.95 -16.07
CA ASP B 54 54.87 25.87 -16.71
C ASP B 54 55.91 25.68 -15.61
N SER B 55 56.31 24.43 -15.39
CA SER B 55 57.23 24.12 -14.30
C SER B 55 58.66 24.53 -14.60
N PHE B 56 59.01 24.72 -15.88
CA PHE B 56 60.37 25.14 -16.22
C PHE B 56 60.63 26.58 -15.77
N GLU B 57 59.67 27.46 -16.00
CA GLU B 57 59.79 28.84 -15.54
C GLU B 57 59.79 28.94 -14.03
N ALA B 58 59.07 28.03 -13.36
CA ALA B 58 59.13 27.94 -11.91
C ALA B 58 60.52 27.53 -11.44
N SER B 59 61.16 26.61 -12.16
CA SER B 59 62.53 26.22 -11.83
C SER B 59 63.51 27.36 -12.07
N LYS B 60 63.30 28.13 -13.14
CA LYS B 60 64.16 29.28 -13.43
C LYS B 60 64.04 30.36 -12.36
N LYS B 61 62.81 30.65 -11.94
CA LYS B 61 62.61 31.67 -10.91
C LYS B 61 63.07 31.18 -9.54
N ALA B 62 62.97 29.87 -9.28
CA ALA B 62 63.50 29.32 -8.04
C ALA B 62 65.02 29.41 -8.00
N CYS B 63 65.68 29.14 -9.13
CA CYS B 63 67.13 29.31 -9.19
C CYS B 63 67.54 30.76 -9.07
N ASP B 64 66.76 31.69 -9.63
CA ASP B 64 67.06 33.11 -9.48
C ASP B 64 66.89 33.57 -8.03
N GLN B 65 65.85 33.10 -7.36
CA GLN B 65 65.62 33.48 -5.97
C GLN B 65 66.64 32.85 -5.03
N LEU B 66 67.10 31.63 -5.35
CA LEU B 66 68.14 31.02 -4.52
C LEU B 66 69.51 31.60 -4.82
N SER B 67 69.72 32.12 -6.03
CA SER B 67 70.93 32.88 -6.30
C SER B 67 70.92 34.20 -5.55
N LEU B 68 69.74 34.83 -5.43
CA LEU B 68 69.62 35.96 -4.53
C LEU B 68 69.71 35.51 -3.07
N GLY B 69 69.21 34.32 -2.77
CA GLY B 69 69.32 33.79 -1.43
C GLY B 69 68.13 34.14 -0.57
N VAL B 70 67.39 33.13 -0.12
CA VAL B 70 66.25 33.31 0.78
C VAL B 70 66.36 32.29 1.90
N ALA B 71 65.35 32.28 2.77
CA ALA B 71 65.26 31.30 3.85
C ALA B 71 64.19 30.26 3.63
N ALA B 72 63.10 30.63 2.94
CA ALA B 72 62.04 29.68 2.63
C ALA B 72 61.35 30.15 1.36
N ILE B 73 60.81 29.19 0.61
CA ILE B 73 60.14 29.47 -0.65
C ILE B 73 58.68 29.06 -0.51
N PHE B 74 57.78 29.99 -0.80
CA PHE B 74 56.34 29.73 -0.77
C PHE B 74 55.92 29.40 -2.20
N GLY B 75 55.71 28.12 -2.47
CA GLY B 75 55.55 27.63 -3.81
C GLY B 75 54.18 27.94 -4.38
N PRO B 76 54.03 27.65 -5.68
CA PRO B 76 52.74 27.94 -6.34
C PRO B 76 51.70 26.87 -6.08
N SER B 77 50.55 26.99 -6.73
CA SER B 77 49.42 26.10 -6.49
C SER B 77 49.27 24.98 -7.52
N HIS B 78 49.82 25.15 -8.71
CA HIS B 78 49.78 24.09 -9.71
C HIS B 78 50.72 22.96 -9.32
N SER B 79 50.27 21.72 -9.53
CA SER B 79 50.93 20.55 -8.95
C SER B 79 52.29 20.26 -9.57
N SER B 80 52.44 20.44 -10.88
CA SER B 80 53.70 20.11 -11.54
C SER B 80 54.79 21.11 -11.17
N SER B 81 54.45 22.39 -11.16
CA SER B 81 55.39 23.42 -10.73
C SER B 81 55.74 23.27 -9.25
N ALA B 82 54.76 22.87 -8.44
CA ALA B 82 55.03 22.60 -7.04
C ALA B 82 55.96 21.41 -6.87
N ASN B 83 55.82 20.39 -7.71
CA ASN B 83 56.71 19.24 -7.67
C ASN B 83 58.13 19.62 -8.05
N ALA B 84 58.28 20.48 -9.07
CA ALA B 84 59.61 20.94 -9.47
C ALA B 84 60.26 21.80 -8.39
N VAL B 85 59.47 22.68 -7.77
CA VAL B 85 59.97 23.54 -6.70
C VAL B 85 60.35 22.70 -5.48
N GLN B 86 59.55 21.67 -5.17
CA GLN B 86 59.85 20.78 -4.05
C GLN B 86 61.11 19.96 -4.30
N SER B 87 61.33 19.52 -5.55
CA SER B 87 62.55 18.79 -5.88
C SER B 87 63.78 19.68 -5.76
N ILE B 88 63.68 20.94 -6.21
CA ILE B 88 64.78 21.89 -6.09
C ILE B 88 65.08 22.19 -4.63
N CYS B 89 64.03 22.40 -3.82
CA CYS B 89 64.22 22.74 -2.42
C CYS B 89 64.72 21.55 -1.61
N ASN B 90 64.35 20.32 -1.99
CA ASN B 90 64.94 19.15 -1.35
C ASN B 90 66.40 18.98 -1.74
N ALA B 91 66.72 19.29 -3.00
CA ALA B 91 68.10 19.12 -3.45
C ALA B 91 69.03 20.18 -2.87
N LEU B 92 68.52 21.35 -2.51
CA LEU B 92 69.37 22.38 -1.93
C LEU B 92 69.10 22.65 -0.46
N GLY B 93 68.16 21.94 0.15
CA GLY B 93 67.98 22.03 1.59
C GLY B 93 67.18 23.21 2.08
N VAL B 94 66.73 24.09 1.19
CA VAL B 94 65.90 25.22 1.60
C VAL B 94 64.50 24.73 1.92
N PRO B 95 63.88 25.16 3.02
CA PRO B 95 62.49 24.80 3.29
C PRO B 95 61.53 25.35 2.25
N HIS B 96 60.50 24.56 1.96
CA HIS B 96 59.48 24.92 0.99
C HIS B 96 58.12 24.74 1.64
N ILE B 97 57.26 25.73 1.49
CA ILE B 97 55.94 25.74 2.10
C ILE B 97 54.91 25.59 0.99
N GLN B 98 53.96 24.68 1.19
CA GLN B 98 52.88 24.47 0.24
C GLN B 98 51.58 24.94 0.87
N THR B 99 50.89 25.85 0.19
CA THR B 99 49.61 26.36 0.66
C THR B 99 48.44 25.77 -0.11
N ARG B 100 48.70 24.95 -1.10
CA ARG B 100 47.67 24.27 -1.87
C ARG B 100 47.93 22.78 -1.79
N TRP B 101 46.86 22.00 -1.74
CA TRP B 101 46.98 20.56 -1.81
C TRP B 101 47.46 20.14 -3.20
N LYS B 102 48.37 19.17 -3.23
CA LYS B 102 48.77 18.52 -4.46
C LYS B 102 48.73 17.02 -4.24
N HIS B 103 48.70 16.28 -5.33
CA HIS B 103 48.86 14.84 -5.24
C HIS B 103 50.30 14.52 -4.93
N GLN B 104 50.53 13.66 -3.95
CA GLN B 104 51.87 13.32 -3.50
C GLN B 104 52.18 11.89 -3.92
N VAL B 105 53.29 11.72 -4.63
CA VAL B 105 53.74 10.39 -5.03
C VAL B 105 54.29 9.68 -3.81
N SER B 106 53.84 8.45 -3.58
CA SER B 106 54.26 7.69 -2.40
C SER B 106 55.71 7.26 -2.46
N ASP B 107 56.29 7.12 -3.65
CA ASP B 107 57.68 6.74 -3.76
C ASP B 107 58.64 7.91 -3.59
N ASN B 108 58.13 9.13 -3.50
CA ASN B 108 58.98 10.28 -3.27
C ASN B 108 59.43 10.31 -1.82
N LYS B 109 60.73 10.51 -1.61
CA LYS B 109 61.30 10.54 -0.27
C LYS B 109 61.81 11.93 0.09
N ASP B 110 61.10 12.97 -0.33
CA ASP B 110 61.48 14.33 0.00
C ASP B 110 61.09 14.65 1.44
N SER B 111 62.04 15.22 2.18
CA SER B 111 61.78 15.56 3.58
C SER B 111 62.02 17.03 3.85
N PHE B 112 62.00 17.88 2.83
CA PHE B 112 62.26 19.29 3.04
C PHE B 112 61.08 20.14 2.61
N TYR B 113 59.88 19.76 3.04
CA TYR B 113 58.68 20.49 2.67
C TYR B 113 57.60 20.23 3.72
N VAL B 114 56.72 21.21 3.89
CA VAL B 114 55.51 21.06 4.69
C VAL B 114 54.33 21.59 3.89
N SER B 115 53.14 21.17 4.28
CA SER B 115 51.91 21.60 3.64
C SER B 115 50.92 22.04 4.69
N LEU B 116 50.11 23.04 4.34
CA LEU B 116 49.14 23.59 5.26
C LEU B 116 47.69 23.45 4.81
N TYR B 117 47.45 22.96 3.60
CA TYR B 117 46.11 22.54 3.26
C TYR B 117 45.76 21.31 4.10
N PRO B 118 44.52 21.20 4.58
CA PRO B 118 44.11 20.00 5.31
C PRO B 118 44.13 18.79 4.39
N ASP B 119 44.73 17.71 4.87
CA ASP B 119 44.92 16.53 4.02
C ASP B 119 43.59 15.84 3.77
N PHE B 120 43.40 15.42 2.53
CA PHE B 120 42.09 14.98 2.08
C PHE B 120 41.71 13.59 2.56
N SER B 121 42.63 12.85 3.18
CA SER B 121 42.24 11.61 3.85
C SER B 121 41.39 11.92 5.08
N SER B 122 41.83 12.88 5.90
CA SER B 122 41.05 13.29 7.06
C SER B 122 39.77 14.01 6.65
N LEU B 123 39.83 14.79 5.57
CA LEU B 123 38.64 15.45 5.06
C LEU B 123 37.64 14.44 4.52
N SER B 124 38.12 13.40 3.85
CA SER B 124 37.25 12.36 3.35
C SER B 124 36.64 11.54 4.48
N ARG B 125 37.40 11.32 5.56
CA ARG B 125 36.84 10.66 6.73
C ARG B 125 35.80 11.55 7.42
N ALA B 126 36.00 12.86 7.41
CA ALA B 126 35.01 13.79 7.93
C ALA B 126 33.72 13.75 7.12
N ILE B 127 33.85 13.72 5.79
CA ILE B 127 32.69 13.66 4.92
C ILE B 127 31.96 12.32 5.06
N LEU B 128 32.74 11.24 5.21
CA LEU B 128 32.16 9.91 5.43
C LEU B 128 31.43 9.82 6.76
N ASP B 129 31.98 10.43 7.82
CA ASP B 129 31.30 10.45 9.10
C ASP B 129 30.06 11.32 9.07
N LEU B 130 30.09 12.40 8.29
CA LEU B 130 28.90 13.24 8.10
C LEU B 130 27.81 12.49 7.35
N VAL B 131 28.20 11.68 6.36
CA VAL B 131 27.24 10.85 5.63
C VAL B 131 26.67 9.78 6.55
N GLN B 132 27.52 9.18 7.39
CA GLN B 132 27.08 8.17 8.34
C GLN B 132 26.17 8.74 9.41
N PHE B 133 26.31 10.03 9.73
CA PHE B 133 25.35 10.66 10.63
C PHE B 133 23.99 10.83 9.96
N PHE B 134 23.97 11.17 8.67
CA PHE B 134 22.72 11.49 7.99
C PHE B 134 21.97 10.26 7.52
N LYS B 135 22.53 9.06 7.74
CA LYS B 135 21.92 7.75 7.44
C LYS B 135 21.57 7.62 5.95
N TRP B 136 22.46 8.08 5.09
CA TRP B 136 22.25 7.95 3.66
C TRP B 136 22.56 6.53 3.21
N LYS B 137 22.03 6.17 2.06
CA LYS B 137 22.29 4.88 1.46
C LYS B 137 22.75 4.96 0.01
N THR B 138 22.22 5.91 -0.75
CA THR B 138 22.58 6.11 -2.15
C THR B 138 23.14 7.50 -2.30
N VAL B 139 24.45 7.61 -2.54
CA VAL B 139 25.14 8.89 -2.63
C VAL B 139 25.72 9.03 -4.02
N THR B 140 25.45 10.16 -4.66
CA THR B 140 26.08 10.50 -5.93
C THR B 140 27.16 11.54 -5.68
N VAL B 141 28.40 11.19 -6.00
CA VAL B 141 29.53 12.11 -5.89
C VAL B 141 29.83 12.66 -7.27
N VAL B 142 29.77 13.97 -7.41
CA VAL B 142 30.09 14.66 -8.64
C VAL B 142 31.43 15.33 -8.46
N TYR B 143 32.41 14.93 -9.26
CA TYR B 143 33.74 15.51 -9.15
C TYR B 143 34.05 16.33 -10.40
N ASP B 144 35.06 17.19 -10.28
CA ASP B 144 35.39 18.15 -11.33
C ASP B 144 36.56 17.70 -12.19
N ASP B 145 37.72 17.50 -11.58
CA ASP B 145 38.92 17.16 -12.31
C ASP B 145 39.40 15.78 -11.89
N SER B 146 40.29 15.21 -12.71
CA SER B 146 40.73 13.83 -12.53
C SER B 146 41.56 13.63 -11.27
N THR B 147 42.12 14.71 -10.70
CA THR B 147 42.81 14.59 -9.42
C THR B 147 41.82 14.44 -8.25
N GLY B 148 40.55 14.76 -8.47
CA GLY B 148 39.57 14.70 -7.39
C GLY B 148 39.30 13.30 -6.89
N LEU B 149 39.46 12.29 -7.77
CA LEU B 149 39.37 10.91 -7.33
C LEU B 149 40.54 10.55 -6.41
N ILE B 150 41.68 11.22 -6.57
CA ILE B 150 42.74 11.11 -5.58
C ILE B 150 42.30 11.74 -4.26
N ARG B 151 41.54 12.84 -4.33
CA ARG B 151 41.13 13.55 -3.13
C ARG B 151 40.05 12.83 -2.35
N LEU B 152 39.36 11.89 -2.96
CA LEU B 152 38.25 11.23 -2.29
C LEU B 152 38.46 9.73 -2.24
N GLN B 153 39.67 9.30 -1.87
CA GLN B 153 40.00 7.88 -1.85
C GLN B 153 39.23 7.13 -0.76
N GLU B 154 39.12 7.73 0.43
CA GLU B 154 38.42 7.08 1.52
C GLU B 154 36.92 7.02 1.25
N LEU B 155 36.37 8.07 0.65
CA LEU B 155 34.96 8.06 0.29
C LEU B 155 34.67 7.07 -0.83
N ILE B 156 35.64 6.85 -1.72
CA ILE B 156 35.48 5.84 -2.76
C ILE B 156 35.55 4.44 -2.16
N LYS B 157 36.48 4.22 -1.24
CA LYS B 157 36.66 2.89 -0.66
C LYS B 157 35.66 2.54 0.42
N ALA B 158 34.91 3.52 0.93
CA ALA B 158 33.91 3.34 1.98
C ALA B 158 32.76 2.35 1.73
N PRO B 159 32.37 1.99 0.50
CA PRO B 159 31.50 0.82 0.34
C PRO B 159 32.08 -0.51 0.82
N SER B 160 33.39 -0.64 0.95
CA SER B 160 33.93 -1.84 1.60
C SER B 160 33.60 -1.86 3.09
N ARG B 161 33.60 -0.69 3.74
CA ARG B 161 33.35 -0.65 5.18
C ARG B 161 31.87 -0.78 5.51
N TYR B 162 31.00 -0.16 4.71
CA TYR B 162 29.58 -0.07 5.07
C TYR B 162 28.67 -0.54 3.94
N ASN B 163 27.38 -0.30 4.10
CA ASN B 163 26.38 -0.65 3.09
C ASN B 163 26.08 0.48 2.13
N LEU B 164 26.93 1.50 2.11
CA LEU B 164 26.67 2.68 1.28
C LEU B 164 26.86 2.36 -0.20
N ARG B 165 25.90 2.76 -1.01
CA ARG B 165 26.01 2.62 -2.46
C ARG B 165 26.37 3.96 -3.06
N LEU B 166 27.31 3.95 -4.00
CA LEU B 166 27.97 5.15 -4.47
C LEU B 166 27.92 5.19 -5.99
N LYS B 167 27.48 6.31 -6.54
CA LYS B 167 27.50 6.56 -7.98
C LYS B 167 28.31 7.81 -8.24
N ILE B 168 29.27 7.72 -9.14
CA ILE B 168 30.29 8.75 -9.32
C ILE B 168 30.18 9.30 -10.72
N ARG B 169 29.99 10.63 -10.83
CA ARG B 169 29.86 11.30 -12.11
C ARG B 169 30.83 12.45 -12.20
N GLN B 170 31.27 12.74 -13.42
CA GLN B 170 32.27 13.75 -13.68
C GLN B 170 31.62 14.97 -14.30
N LEU B 171 32.04 16.15 -13.83
CA LEU B 171 31.63 17.39 -14.48
C LEU B 171 32.24 17.48 -15.88
N PRO B 172 31.53 18.11 -16.81
CA PRO B 172 32.13 18.36 -18.13
C PRO B 172 33.19 19.44 -18.04
N ALA B 173 34.03 19.48 -19.09
CA ALA B 173 35.09 20.48 -19.15
C ALA B 173 34.55 21.89 -19.31
N ASP B 174 33.45 22.04 -20.05
CA ASP B 174 32.78 23.33 -20.14
C ASP B 174 32.03 23.62 -18.84
N THR B 175 32.09 24.88 -18.40
CA THR B 175 31.50 25.25 -17.12
C THR B 175 29.98 25.32 -17.18
N LYS B 176 29.43 25.66 -18.34
CA LYS B 176 27.99 25.83 -18.50
C LYS B 176 27.29 24.58 -19.00
N ASP B 177 28.00 23.47 -19.15
CA ASP B 177 27.43 22.25 -19.70
C ASP B 177 26.95 21.32 -18.56
N ALA B 178 26.71 21.88 -17.38
CA ALA B 178 26.18 21.09 -16.27
C ALA B 178 24.71 20.75 -16.43
N LYS B 179 24.00 21.42 -17.35
CA LYS B 179 22.58 21.17 -17.53
C LYS B 179 22.21 19.77 -18.03
N PRO B 180 22.90 19.12 -18.97
CA PRO B 180 22.57 17.71 -19.23
C PRO B 180 22.88 16.79 -18.06
N LEU B 181 24.03 16.99 -17.42
CA LEU B 181 24.46 16.15 -16.31
C LEU B 181 23.49 16.25 -15.13
N LEU B 182 23.07 17.47 -14.80
CA LEU B 182 22.08 17.67 -13.76
C LEU B 182 20.73 17.07 -14.14
N LYS B 183 20.46 16.96 -15.45
CA LYS B 183 19.24 16.30 -15.91
C LYS B 183 19.23 14.83 -15.52
N GLU B 184 20.42 14.20 -15.48
CA GLU B 184 20.51 12.83 -14.99
C GLU B 184 20.19 12.74 -13.52
N MET B 185 20.45 13.82 -12.76
CA MET B 185 20.02 13.91 -11.37
C MET B 185 18.50 13.88 -11.26
N LYS B 186 17.80 14.47 -12.22
CA LYS B 186 16.34 14.35 -12.23
C LYS B 186 15.87 13.06 -12.87
N ARG B 187 16.76 12.29 -13.48
CA ARG B 187 16.35 11.04 -14.10
C ARG B 187 16.61 9.84 -13.22
N GLY B 188 17.73 9.84 -12.48
CA GLY B 188 18.02 8.79 -11.55
C GLY B 188 17.42 8.94 -10.18
N LYS B 189 16.70 10.04 -9.95
CA LYS B 189 16.06 10.40 -8.66
C LYS B 189 17.06 10.43 -7.52
N GLU B 190 18.26 10.94 -7.80
CA GLU B 190 19.34 10.95 -6.82
C GLU B 190 19.31 12.28 -6.07
N PHE B 191 19.12 12.20 -4.76
CA PHE B 191 18.88 13.38 -3.95
C PHE B 191 19.97 13.66 -2.93
N HIS B 192 21.03 12.88 -2.90
CA HIS B 192 22.13 13.08 -1.96
C HIS B 192 23.41 13.20 -2.78
N VAL B 193 23.80 14.44 -3.08
CA VAL B 193 24.89 14.74 -3.99
C VAL B 193 26.03 15.36 -3.20
N ILE B 194 27.25 14.87 -3.42
CA ILE B 194 28.46 15.43 -2.83
C ILE B 194 29.24 16.11 -3.94
N PHE B 195 29.47 17.41 -3.78
CA PHE B 195 30.15 18.21 -4.80
C PHE B 195 31.59 18.47 -4.39
N ASP B 196 32.52 18.10 -5.26
CA ASP B 196 33.93 18.39 -5.06
C ASP B 196 34.40 19.27 -6.22
N CYS B 197 34.48 20.58 -5.97
CA CYS B 197 34.96 21.54 -6.95
C CYS B 197 35.40 22.78 -6.20
N SER B 198 35.84 23.79 -6.96
CA SER B 198 36.12 25.09 -6.38
C SER B 198 34.81 25.79 -6.01
N HIS B 199 34.93 26.84 -5.20
CA HIS B 199 33.75 27.58 -4.76
C HIS B 199 33.11 28.34 -5.91
N GLU B 200 33.90 28.82 -6.86
CA GLU B 200 33.36 29.47 -8.05
C GLU B 200 32.60 28.48 -8.91
N MET B 201 33.16 27.28 -9.08
CA MET B 201 32.48 26.21 -9.78
C MET B 201 31.23 25.76 -9.03
N ALA B 202 31.29 25.79 -7.70
CA ALA B 202 30.12 25.46 -6.89
C ALA B 202 29.01 26.48 -7.06
N ALA B 203 29.36 27.76 -7.15
CA ALA B 203 28.37 28.80 -7.40
C ALA B 203 27.75 28.68 -8.78
N GLY B 204 28.56 28.33 -9.78
CA GLY B 204 28.01 28.11 -11.12
C GLY B 204 27.09 26.90 -11.19
N ILE B 205 27.45 25.83 -10.49
CA ILE B 205 26.60 24.63 -10.42
C ILE B 205 25.30 24.93 -9.69
N LEU B 206 25.37 25.73 -8.61
CA LEU B 206 24.15 26.08 -7.87
C LEU B 206 23.23 26.98 -8.68
N LYS B 207 23.79 27.89 -9.47
CA LYS B 207 22.97 28.71 -10.36
C LYS B 207 22.31 27.89 -11.44
N GLN B 208 23.06 26.96 -12.05
CA GLN B 208 22.47 26.12 -13.10
C GLN B 208 21.49 25.10 -12.51
N ALA B 209 21.64 24.75 -11.24
CA ALA B 209 20.66 23.90 -10.59
C ALA B 209 19.40 24.67 -10.22
N LEU B 210 19.53 25.95 -9.88
CA LEU B 210 18.35 26.77 -9.63
C LEU B 210 17.60 27.05 -10.93
N ALA B 211 18.32 27.14 -12.05
CA ALA B 211 17.67 27.32 -13.34
C ALA B 211 16.86 26.10 -13.75
N MET B 212 17.23 24.92 -13.27
CA MET B 212 16.50 23.70 -13.57
C MET B 212 15.55 23.32 -12.44
N GLY B 213 15.54 24.09 -11.36
CA GLY B 213 14.67 23.78 -10.23
C GLY B 213 15.10 22.52 -9.52
N MET B 214 16.40 22.31 -9.36
CA MET B 214 16.91 21.09 -8.78
C MET B 214 16.66 21.06 -7.28
N MET B 215 16.84 22.18 -6.59
CA MET B 215 16.84 22.15 -5.13
C MET B 215 15.44 22.40 -4.58
N THR B 216 15.04 21.53 -3.67
CA THR B 216 13.79 21.60 -2.92
C THR B 216 14.11 21.20 -1.49
N GLU B 217 13.08 20.87 -0.73
CA GLU B 217 13.29 20.20 0.55
C GLU B 217 13.65 18.72 0.39
N TYR B 218 13.50 18.17 -0.82
CA TYR B 218 13.88 16.78 -1.05
C TYR B 218 15.39 16.61 -1.11
N TYR B 219 16.10 17.64 -1.53
CA TYR B 219 17.49 17.51 -1.94
C TYR B 219 18.43 17.88 -0.81
N HIS B 220 19.70 17.50 -0.97
CA HIS B 220 20.70 17.68 0.07
C HIS B 220 22.07 17.66 -0.58
N TYR B 221 22.89 18.65 -0.27
CA TYR B 221 24.20 18.80 -0.91
C TYR B 221 25.30 18.82 0.14
N ILE B 222 26.41 18.17 -0.19
CA ILE B 222 27.63 18.25 0.60
C ILE B 222 28.71 18.85 -0.29
N PHE B 223 29.41 19.86 0.22
CA PHE B 223 30.47 20.52 -0.53
C PHE B 223 31.79 20.25 0.15
N THR B 224 32.73 19.66 -0.59
CA THR B 224 34.03 19.35 -0.03
C THR B 224 34.91 20.58 0.13
N THR B 225 34.59 21.66 -0.57
CA THR B 225 35.38 22.87 -0.45
C THR B 225 35.14 23.53 0.90
N LEU B 226 36.12 24.33 1.32
CA LEU B 226 36.07 25.00 2.62
C LEU B 226 35.63 26.45 2.49
N ASP B 227 35.22 26.88 1.30
CA ASP B 227 34.77 28.24 1.06
C ASP B 227 33.26 28.33 0.90
N LEU B 228 32.52 27.50 1.64
CA LEU B 228 31.06 27.54 1.56
C LEU B 228 30.50 28.81 2.19
N PHE B 229 31.17 29.33 3.21
CA PHE B 229 30.73 30.57 3.85
C PHE B 229 30.91 31.79 2.94
N ALA B 230 31.77 31.70 1.94
CA ALA B 230 32.00 32.80 1.02
C ALA B 230 31.01 32.85 -0.13
N LEU B 231 30.11 31.88 -0.23
CA LEU B 231 29.13 31.90 -1.30
C LEU B 231 27.99 32.85 -0.97
N ASP B 232 27.19 33.15 -1.99
CA ASP B 232 25.97 33.94 -1.83
C ASP B 232 24.80 32.98 -1.72
N VAL B 233 24.26 32.85 -0.51
CA VAL B 233 23.14 31.97 -0.26
C VAL B 233 21.82 32.73 -0.17
N GLU B 234 21.77 33.93 -0.77
CA GLU B 234 20.54 34.73 -0.70
C GLU B 234 19.35 34.11 -1.46
N PRO B 235 19.44 33.70 -2.74
CA PRO B 235 18.22 33.16 -3.37
C PRO B 235 17.88 31.74 -2.97
N TYR B 236 18.81 31.01 -2.36
CA TYR B 236 18.58 29.61 -2.03
C TYR B 236 18.02 29.40 -0.64
N ARG B 237 17.94 30.47 0.16
CA ARG B 237 17.66 30.33 1.58
C ARG B 237 16.20 29.99 1.86
N TYR B 238 15.28 30.69 1.21
CA TYR B 238 13.88 30.59 1.59
C TYR B 238 13.17 29.37 1.02
N SER B 239 13.77 28.68 0.05
CA SER B 239 13.14 27.48 -0.47
C SER B 239 13.20 26.34 0.53
N GLY B 240 14.32 26.21 1.23
CA GLY B 240 14.53 25.19 2.23
C GLY B 240 15.35 24.06 1.64
N VAL B 241 16.66 24.16 1.83
CA VAL B 241 17.64 23.21 1.30
C VAL B 241 18.63 22.98 2.45
N ASN B 242 19.08 21.75 2.63
CA ASN B 242 19.99 21.47 3.74
C ASN B 242 21.36 22.05 3.48
N MET B 243 22.06 21.55 2.44
CA MET B 243 23.30 22.11 1.89
C MET B 243 24.42 22.24 2.95
N THR B 244 24.78 21.09 3.51
CA THR B 244 25.73 21.05 4.61
C THR B 244 27.15 21.07 4.05
N GLY B 245 28.03 21.87 4.65
CA GLY B 245 29.41 21.91 4.22
C GLY B 245 30.39 21.97 5.36
N PHE B 246 31.63 22.35 5.06
CA PHE B 246 32.69 22.40 6.06
C PHE B 246 33.37 23.76 6.04
N ARG B 247 33.65 24.28 7.23
CA ARG B 247 34.24 25.60 7.39
C ARG B 247 35.42 25.50 8.34
N ILE B 248 36.54 26.11 7.96
CA ILE B 248 37.75 26.05 8.76
C ILE B 248 38.17 27.41 9.30
N LEU B 249 37.76 28.51 8.66
CA LEU B 249 38.20 29.85 9.06
C LEU B 249 37.51 30.25 10.34
N ASN B 250 38.27 30.30 11.44
CA ASN B 250 37.73 30.42 12.79
C ASN B 250 37.19 31.83 13.01
N THR B 251 35.99 32.08 12.49
CA THR B 251 35.39 33.40 12.50
C THR B 251 34.82 33.80 13.85
N GLU B 252 34.76 32.87 14.81
CA GLU B 252 34.23 33.21 16.13
C GLU B 252 35.21 34.04 16.94
N ASN B 253 36.50 33.91 16.66
CA ASN B 253 37.51 34.71 17.36
C ASN B 253 37.47 36.15 16.87
N THR B 254 37.63 37.09 17.80
CA THR B 254 37.52 38.51 17.49
C THR B 254 38.69 38.98 16.63
N GLN B 255 39.90 38.47 16.89
CA GLN B 255 41.08 38.88 16.15
C GLN B 255 41.03 38.43 14.70
N VAL B 256 40.40 37.27 14.45
CA VAL B 256 40.23 36.79 13.08
C VAL B 256 39.31 37.71 12.28
N SER B 257 38.21 38.14 12.91
CA SER B 257 37.31 39.09 12.28
C SER B 257 37.97 40.45 12.09
N SER B 258 38.85 40.84 13.02
CA SER B 258 39.59 42.09 12.89
C SER B 258 40.57 42.04 11.71
N ILE B 259 41.25 40.90 11.56
CA ILE B 259 42.18 40.71 10.43
C ILE B 259 41.42 40.65 9.12
N ILE B 260 40.23 40.03 9.14
CA ILE B 260 39.35 40.00 7.97
C ILE B 260 38.89 41.40 7.58
N GLU B 261 38.55 42.22 8.58
CA GLU B 261 38.17 43.60 8.33
C GLU B 261 39.34 44.44 7.82
N LYS B 262 40.55 44.17 8.30
CA LYS B 262 41.72 44.88 7.78
C LYS B 262 42.09 44.42 6.38
N TRP B 263 41.72 43.20 6.01
CA TRP B 263 41.90 42.74 4.64
C TRP B 263 40.73 43.14 3.75
N SER B 264 39.63 43.60 4.34
CA SER B 264 38.39 43.81 3.59
C SER B 264 38.50 44.98 2.62
N MET B 265 39.07 46.11 3.04
CA MET B 265 39.17 47.24 2.11
C MET B 265 40.29 47.02 1.08
N GLU B 266 41.32 46.23 1.44
CA GLU B 266 42.34 45.89 0.47
C GLU B 266 41.80 44.95 -0.60
N ARG B 267 40.86 44.08 -0.24
CA ARG B 267 40.16 43.31 -1.26
C ARG B 267 39.13 44.18 -1.98
N LEU B 268 38.55 45.17 -1.30
CA LEU B 268 37.55 46.06 -1.88
C LEU B 268 38.14 47.07 -2.85
N GLN B 269 39.47 47.20 -2.88
CA GLN B 269 40.10 47.89 -4.00
C GLN B 269 39.84 47.15 -5.31
N ALA B 270 39.89 45.82 -5.28
CA ALA B 270 39.54 45.01 -6.45
C ALA B 270 38.03 44.98 -6.65
N PRO B 271 37.56 45.09 -7.89
CA PRO B 271 36.11 45.10 -8.15
C PRO B 271 35.53 43.70 -8.07
N PRO B 272 34.23 43.57 -7.77
CA PRO B 272 33.60 42.26 -7.78
C PRO B 272 32.94 41.94 -9.12
N LYS B 273 32.45 40.70 -9.22
CA LYS B 273 31.68 40.25 -10.36
C LYS B 273 30.25 39.98 -9.92
N PRO B 274 29.24 40.64 -10.50
CA PRO B 274 27.86 40.47 -10.01
C PRO B 274 27.23 39.16 -10.44
N ASP B 275 27.69 38.57 -11.54
CA ASP B 275 27.15 37.32 -12.03
C ASP B 275 27.82 36.10 -11.42
N SER B 276 28.89 36.29 -10.64
CA SER B 276 29.59 35.16 -10.06
C SER B 276 28.84 34.55 -8.89
N GLY B 277 28.00 35.33 -8.21
CA GLY B 277 27.33 34.86 -7.03
C GLY B 277 28.26 34.63 -5.85
N LEU B 278 29.28 35.47 -5.70
CA LEU B 278 30.22 35.40 -4.60
C LEU B 278 30.18 36.71 -3.84
N LEU B 279 30.19 36.63 -2.51
CA LEU B 279 30.22 37.82 -1.69
C LEU B 279 31.64 38.37 -1.65
N ASP B 280 31.81 39.61 -2.11
CA ASP B 280 33.12 40.22 -2.15
C ASP B 280 33.57 40.64 -0.75
N GLY B 281 34.87 40.87 -0.62
CA GLY B 281 35.42 41.26 0.66
C GLY B 281 35.58 40.15 1.66
N PHE B 282 35.58 38.89 1.22
CA PHE B 282 35.79 37.76 2.10
C PHE B 282 37.12 37.09 1.81
N MET B 283 37.74 36.61 2.88
CA MET B 283 38.99 35.88 2.76
C MET B 283 38.74 34.48 2.22
N THR B 284 39.47 34.11 1.18
CA THR B 284 39.48 32.73 0.76
C THR B 284 40.36 31.92 1.70
N THR B 285 40.25 30.59 1.59
CA THR B 285 41.08 29.73 2.43
C THR B 285 42.54 29.77 2.02
N ASP B 286 42.81 30.05 0.74
CA ASP B 286 44.19 30.16 0.27
C ASP B 286 44.90 31.36 0.88
N ALA B 287 44.21 32.49 0.98
CA ALA B 287 44.79 33.70 1.55
C ALA B 287 45.06 33.53 3.04
N ALA B 288 44.10 32.94 3.76
CA ALA B 288 44.28 32.69 5.19
C ALA B 288 45.37 31.65 5.43
N LEU B 289 45.50 30.66 4.54
CA LEU B 289 46.56 29.69 4.70
C LEU B 289 47.93 30.28 4.41
N MET B 290 48.02 31.22 3.47
CA MET B 290 49.29 31.92 3.24
C MET B 290 49.66 32.80 4.43
N TYR B 291 48.66 33.48 5.01
CA TYR B 291 48.87 34.29 6.21
C TYR B 291 49.35 33.44 7.38
N ASP B 292 48.72 32.28 7.58
CA ASP B 292 49.12 31.38 8.64
C ASP B 292 50.47 30.75 8.37
N ALA B 293 50.82 30.56 7.09
CA ALA B 293 52.14 30.04 6.72
C ALA B 293 53.24 31.02 7.10
N VAL B 294 53.02 32.31 6.82
CA VAL B 294 53.98 33.34 7.18
C VAL B 294 54.12 33.44 8.69
N HIS B 295 53.01 33.32 9.42
CA HIS B 295 53.08 33.36 10.88
C HIS B 295 53.76 32.12 11.47
N VAL B 296 53.59 30.95 10.84
CA VAL B 296 54.28 29.74 11.30
C VAL B 296 55.79 29.85 11.08
N VAL B 297 56.20 30.37 9.91
CA VAL B 297 57.63 30.55 9.67
C VAL B 297 58.21 31.65 10.58
N SER B 298 57.40 32.65 10.94
CA SER B 298 57.86 33.68 11.86
C SER B 298 58.04 33.15 13.28
N VAL B 299 57.11 32.34 13.77
CA VAL B 299 57.28 31.79 15.11
C VAL B 299 58.34 30.69 15.11
N ALA B 300 58.64 30.11 13.95
CA ALA B 300 59.76 29.20 13.85
C ALA B 300 61.10 29.93 13.91
N VAL B 301 61.24 31.04 13.17
CA VAL B 301 62.50 31.77 13.19
C VAL B 301 62.68 32.61 14.45
N GLN B 302 61.63 32.74 15.27
CA GLN B 302 61.82 33.33 16.59
C GLN B 302 62.73 32.46 17.47
N GLN B 303 62.70 31.15 17.28
CA GLN B 303 63.55 30.25 18.05
C GLN B 303 64.96 30.11 17.48
N PHE B 304 65.21 30.59 16.27
CA PHE B 304 66.53 30.47 15.64
C PHE B 304 67.13 31.85 15.43
N PRO B 305 68.10 32.26 16.26
CA PRO B 305 68.68 33.59 16.09
C PRO B 305 69.78 33.67 15.05
N GLN B 306 70.30 32.53 14.60
CA GLN B 306 71.45 32.48 13.69
C GLN B 306 71.04 32.28 12.24
N MET B 307 69.91 32.85 11.85
CA MET B 307 69.36 32.66 10.51
C MET B 307 70.17 33.51 9.54
N THR B 308 71.25 32.94 9.03
CA THR B 308 72.13 33.62 8.08
C THR B 308 71.76 33.18 6.67
N VAL B 309 71.27 34.12 5.87
CA VAL B 309 70.86 33.84 4.51
C VAL B 309 72.11 33.76 3.63
N SER B 310 72.28 32.65 2.94
CA SER B 310 73.44 32.43 2.07
C SER B 310 72.96 32.23 0.63
N SER B 311 73.63 32.90 -0.30
CA SER B 311 73.32 32.72 -1.71
C SER B 311 73.83 31.37 -2.18
N LEU B 312 72.98 30.63 -2.90
CA LEU B 312 73.28 29.28 -3.32
C LEU B 312 73.27 29.19 -4.84
N GLN B 313 73.70 28.04 -5.36
CA GLN B 313 73.84 27.80 -6.79
C GLN B 313 73.08 26.55 -7.18
N CYS B 314 72.29 26.64 -8.26
CA CYS B 314 71.64 25.45 -8.79
C CYS B 314 72.63 24.55 -9.52
N ASN B 315 73.70 25.12 -10.07
CA ASN B 315 74.69 24.31 -10.79
C ASN B 315 75.61 23.53 -9.86
N ARG B 316 75.56 23.78 -8.55
CA ARG B 316 76.26 22.98 -7.57
C ARG B 316 75.25 22.33 -6.64
N HIS B 317 75.72 21.35 -5.87
CA HIS B 317 74.87 20.61 -4.96
C HIS B 317 75.27 20.81 -3.50
N LYS B 318 75.74 22.00 -3.15
CA LYS B 318 76.05 22.28 -1.76
C LYS B 318 74.76 22.53 -1.00
N PRO B 319 74.43 21.74 0.02
CA PRO B 319 73.23 22.00 0.80
C PRO B 319 73.43 23.17 1.74
N TRP B 320 72.31 23.74 2.16
CA TRP B 320 72.35 24.86 3.09
C TRP B 320 72.73 24.37 4.48
N ARG B 321 73.59 25.14 5.15
CA ARG B 321 74.13 24.71 6.43
C ARG B 321 73.11 24.80 7.55
N PHE B 322 72.12 25.67 7.43
CA PHE B 322 71.08 25.83 8.45
C PHE B 322 69.79 25.12 8.07
N GLY B 323 69.82 24.26 7.05
CA GLY B 323 68.59 23.64 6.57
C GLY B 323 67.99 22.65 7.53
N THR B 324 68.84 21.82 8.17
CA THR B 324 68.33 20.71 8.97
C THR B 324 67.70 21.18 10.27
N ARG B 325 68.36 22.11 10.97
CA ARG B 325 67.83 22.61 12.24
C ARG B 325 66.56 23.41 12.03
N PHE B 326 66.53 24.23 10.97
CA PHE B 326 65.34 25.01 10.65
C PHE B 326 64.20 24.12 10.20
N MET B 327 64.50 23.05 9.45
CA MET B 327 63.46 22.13 9.01
C MET B 327 62.88 21.34 10.17
N SER B 328 63.73 20.95 11.14
CA SER B 328 63.21 20.33 12.35
C SER B 328 62.46 21.33 13.21
N LEU B 329 62.79 22.62 13.10
CA LEU B 329 62.09 23.62 13.89
C LEU B 329 60.69 23.89 13.34
N ILE B 330 60.53 23.95 12.02
CA ILE B 330 59.22 24.28 11.47
C ILE B 330 58.24 23.13 11.59
N LYS B 331 58.72 21.89 11.70
CA LYS B 331 57.82 20.76 11.77
C LYS B 331 57.25 20.53 13.15
N GLU B 332 57.76 21.23 14.17
CA GLU B 332 57.27 21.11 15.53
C GLU B 332 56.61 22.39 16.03
N ALA B 333 56.27 23.30 15.12
CA ALA B 333 55.63 24.54 15.50
C ALA B 333 54.19 24.29 15.94
N HIS B 334 53.70 25.14 16.83
CA HIS B 334 52.36 25.00 17.39
C HIS B 334 51.66 26.36 17.38
N TRP B 335 51.72 27.03 16.24
CA TRP B 335 51.08 28.34 16.11
C TRP B 335 49.58 28.22 15.98
N GLU B 336 48.87 29.12 16.64
CA GLU B 336 47.43 29.26 16.47
C GLU B 336 47.18 30.48 15.60
N GLY B 337 46.59 30.26 14.43
CA GLY B 337 46.28 31.32 13.50
C GLY B 337 44.83 31.25 13.05
N LEU B 338 44.59 31.79 11.85
CA LEU B 338 43.24 31.96 11.33
C LEU B 338 42.53 30.65 11.04
N THR B 339 43.28 29.57 10.81
CA THR B 339 42.70 28.25 10.65
C THR B 339 42.74 27.46 11.96
N GLY B 340 42.64 28.15 13.10
CA GLY B 340 42.71 27.46 14.37
C GLY B 340 44.15 27.11 14.71
N ARG B 341 44.32 26.00 15.43
CA ARG B 341 45.65 25.52 15.73
C ARG B 341 46.30 24.93 14.48
N ILE B 342 47.62 24.94 14.45
CA ILE B 342 48.38 24.36 13.36
C ILE B 342 49.36 23.37 13.95
N THR B 343 49.28 22.11 13.51
CA THR B 343 50.12 21.05 14.04
C THR B 343 50.48 20.12 12.89
N PHE B 344 51.70 20.25 12.37
CA PHE B 344 52.24 19.20 11.52
C PHE B 344 52.62 18.01 12.38
N ASN B 345 52.88 16.88 11.73
CA ASN B 345 53.51 15.76 12.38
C ASN B 345 54.62 15.20 11.51
N LYS B 346 55.65 14.70 12.18
CA LYS B 346 56.87 14.27 11.53
C LYS B 346 56.75 12.89 10.88
N THR B 347 55.63 12.21 11.08
CA THR B 347 55.42 10.91 10.45
C THR B 347 55.29 11.06 8.94
N ASN B 348 54.52 12.03 8.48
CA ASN B 348 54.27 12.20 7.06
C ASN B 348 54.74 13.53 6.51
N GLY B 349 54.79 14.58 7.34
CA GLY B 349 55.16 15.90 6.89
C GLY B 349 53.99 16.78 6.51
N LEU B 350 52.77 16.25 6.45
CA LEU B 350 51.59 17.00 6.08
C LEU B 350 50.89 17.51 7.33
N ARG B 351 49.68 18.04 7.14
CA ARG B 351 48.86 18.53 8.24
C ARG B 351 47.60 17.67 8.30
N THR B 352 47.45 16.91 9.39
CA THR B 352 46.34 16.00 9.58
C THR B 352 45.69 16.22 10.94
N ASP B 353 45.66 17.46 11.40
CA ASP B 353 45.09 17.77 12.71
C ASP B 353 44.58 19.20 12.69
N PHE B 354 43.27 19.36 12.84
CA PHE B 354 42.63 20.67 12.76
C PHE B 354 41.31 20.61 13.50
N ASP B 355 40.53 21.69 13.43
CA ASP B 355 39.24 21.78 14.11
C ASP B 355 38.23 22.35 13.12
N LEU B 356 37.56 21.47 12.39
CA LEU B 356 36.58 21.90 11.40
C LEU B 356 35.27 22.32 12.06
N ASP B 357 34.62 23.31 11.46
CA ASP B 357 33.30 23.74 11.87
C ASP B 357 32.30 23.30 10.81
N VAL B 358 31.32 22.51 11.22
CA VAL B 358 30.30 22.01 10.30
C VAL B 358 29.21 23.05 10.20
N ILE B 359 29.02 23.60 9.01
CA ILE B 359 27.99 24.61 8.79
C ILE B 359 26.94 24.05 7.86
N SER B 360 25.75 24.64 7.94
CA SER B 360 24.63 24.22 7.12
C SER B 360 23.83 25.46 6.74
N LEU B 361 22.81 25.25 5.92
CA LEU B 361 21.93 26.33 5.49
C LEU B 361 20.57 26.16 6.14
N LYS B 362 20.10 27.20 6.81
CA LYS B 362 18.80 27.22 7.45
C LYS B 362 17.99 28.37 6.86
N GLU B 363 16.82 28.62 7.46
CA GLU B 363 15.91 29.63 6.96
C GLU B 363 16.39 31.05 7.23
N GLU B 364 17.42 31.23 8.05
CA GLU B 364 18.03 32.53 8.29
C GLU B 364 19.29 32.72 7.44
N GLY B 365 20.17 31.74 7.43
CA GLY B 365 21.41 31.86 6.68
C GLY B 365 22.32 30.69 6.98
N LEU B 366 23.60 30.88 6.68
CA LEU B 366 24.59 29.84 6.96
C LEU B 366 24.90 29.81 8.44
N GLU B 367 24.60 28.71 9.09
CA GLU B 367 24.68 28.58 10.54
C GLU B 367 25.58 27.40 10.90
N LYS B 368 26.41 27.58 11.91
CA LYS B 368 27.30 26.52 12.37
C LYS B 368 26.51 25.51 13.19
N ILE B 369 26.63 24.24 12.83
CA ILE B 369 26.09 23.15 13.64
C ILE B 369 27.24 22.21 14.02
N GLY B 370 27.84 22.49 15.16
CA GLY B 370 28.80 21.58 15.74
C GLY B 370 30.19 21.63 15.13
N THR B 371 30.97 20.63 15.51
CA THR B 371 32.40 20.60 15.23
C THR B 371 32.83 19.16 14.98
N TRP B 372 33.50 18.93 13.85
CA TRP B 372 34.15 17.66 13.60
C TRP B 372 35.58 17.71 14.15
N ASP B 373 36.04 16.59 14.66
CA ASP B 373 37.41 16.47 15.14
C ASP B 373 38.04 15.22 14.56
N PRO B 374 39.37 15.20 14.40
CA PRO B 374 40.02 13.92 14.09
C PRO B 374 40.03 12.96 15.25
N ALA B 375 40.34 13.42 16.46
CA ALA B 375 40.37 12.53 17.61
C ALA B 375 38.97 12.15 18.05
N SER B 376 38.05 13.12 18.09
CA SER B 376 36.66 12.86 18.39
C SER B 376 35.92 12.56 17.07
N GLY B 377 34.60 12.62 17.08
CA GLY B 377 33.85 12.49 15.85
C GLY B 377 33.14 13.76 15.48
N LEU B 378 31.82 13.76 15.66
CA LEU B 378 30.95 14.91 15.40
C LEU B 378 30.35 15.35 16.72
N ASN B 379 30.92 16.36 17.35
CA ASN B 379 30.28 16.96 18.51
C ASN B 379 29.37 18.05 17.98
N MET B 380 28.09 17.73 17.80
CA MET B 380 27.15 18.67 17.22
C MET B 380 26.00 18.95 18.16
N THR B 381 25.40 20.13 17.97
CA THR B 381 24.45 20.67 18.95
C THR B 381 23.13 19.93 18.96
N GLU B 382 22.68 19.42 17.81
CA GLU B 382 21.45 18.64 17.79
C GLU B 382 21.64 17.27 18.44
N SER B 383 22.85 16.74 18.40
CA SER B 383 23.17 15.58 19.24
C SER B 383 23.24 15.98 20.70
N GLN B 384 23.73 17.19 20.99
CA GLN B 384 23.68 17.71 22.35
C GLN B 384 22.27 18.08 22.76
N LYS B 385 21.42 18.44 21.80
CA LYS B 385 20.02 18.67 22.09
C LYS B 385 19.27 17.35 22.15
N GLY B 386 18.03 17.41 22.64
CA GLY B 386 17.22 16.21 22.77
C GLY B 386 17.60 15.32 23.93
N LYS B 387 18.38 15.81 24.88
CA LYS B 387 18.77 15.01 26.03
C LYS B 387 17.60 14.90 27.00
N PRO B 388 17.13 13.70 27.31
CA PRO B 388 15.99 13.54 28.22
C PRO B 388 16.39 13.71 29.67
N ALA B 389 15.37 13.82 30.52
CA ALA B 389 15.54 13.92 31.96
C ALA B 389 14.84 12.76 32.63
N ASN B 390 15.51 12.12 33.59
CA ASN B 390 14.96 10.96 34.27
C ASN B 390 14.19 11.38 35.51
N ILE B 391 13.16 10.60 35.83
CA ILE B 391 12.37 10.81 37.04
C ILE B 391 12.74 9.78 38.11
N THR B 392 13.96 9.23 38.06
CA THR B 392 14.39 8.24 39.04
C THR B 392 14.60 8.86 40.42
N ASP B 393 14.94 10.15 40.48
CA ASP B 393 15.09 10.84 41.75
C ASP B 393 13.75 11.20 42.37
N SER B 394 12.66 11.18 41.58
CA SER B 394 11.33 11.48 42.09
C SER B 394 10.48 10.24 42.30
N LEU B 395 10.77 9.14 41.62
CA LEU B 395 9.99 7.93 41.77
C LEU B 395 10.27 7.19 43.08
N SER B 396 11.40 7.47 43.73
CA SER B 396 11.69 6.89 45.02
C SER B 396 10.82 7.50 46.10
N ASN B 397 10.54 6.70 47.14
CA ASN B 397 9.71 7.06 48.30
C ASN B 397 8.30 7.50 47.87
N ARG B 398 7.75 6.83 46.87
CA ARG B 398 6.44 7.16 46.32
C ARG B 398 5.42 6.09 46.71
N SER B 399 4.19 6.53 46.94
CA SER B 399 3.10 5.62 47.24
C SER B 399 2.73 4.79 46.01
N LEU B 400 2.48 3.50 46.22
CA LEU B 400 2.11 2.59 45.14
C LEU B 400 0.62 2.29 45.22
N ILE B 401 -0.05 2.37 44.06
CA ILE B 401 -1.49 2.19 43.97
C ILE B 401 -1.76 0.77 43.51
N VAL B 402 -2.55 0.04 44.30
CA VAL B 402 -2.91 -1.34 43.99
C VAL B 402 -4.34 -1.34 43.47
N THR B 403 -4.52 -1.69 42.21
CA THR B 403 -5.83 -1.70 41.58
C THR B 403 -6.10 -3.12 41.08
N THR B 404 -6.81 -3.89 41.89
CA THR B 404 -7.26 -5.23 41.54
C THR B 404 -8.78 -5.28 41.58
N ILE B 405 -9.33 -6.44 41.22
CA ILE B 405 -10.78 -6.60 41.14
C ILE B 405 -11.19 -7.63 42.18
N LEU B 406 -12.49 -7.92 42.25
CA LEU B 406 -12.98 -8.99 43.13
C LEU B 406 -12.52 -10.32 42.55
N GLU B 407 -11.44 -10.85 43.12
CA GLU B 407 -10.71 -11.98 42.58
C GLU B 407 -11.36 -13.31 42.93
N GLU B 408 -10.58 -14.39 42.79
CA GLU B 408 -10.86 -15.77 43.18
C GLU B 408 -11.46 -15.86 44.58
N PRO B 409 -12.34 -16.84 44.85
CA PRO B 409 -13.13 -16.82 46.10
C PRO B 409 -12.32 -17.03 47.39
N TYR B 410 -11.04 -17.37 47.31
CA TYR B 410 -10.17 -17.30 48.47
C TYR B 410 -9.52 -15.94 48.62
N VAL B 411 -9.77 -15.01 47.70
CA VAL B 411 -9.30 -13.63 47.80
C VAL B 411 -10.51 -12.72 47.96
N LEU B 412 -10.87 -12.42 49.21
CA LEU B 412 -12.04 -11.60 49.48
C LEU B 412 -11.77 -10.79 50.74
N PHE B 413 -12.79 -10.08 51.21
CA PHE B 413 -12.70 -9.38 52.48
C PHE B 413 -12.65 -10.38 53.62
N LYS B 414 -11.85 -10.07 54.63
CA LYS B 414 -11.81 -10.90 55.83
C LYS B 414 -13.09 -10.74 56.63
N LYS B 415 -13.52 -11.82 57.26
CA LYS B 415 -14.77 -11.84 58.01
C LYS B 415 -14.49 -11.35 59.43
N SER B 416 -14.88 -10.10 59.70
CA SER B 416 -14.71 -9.52 61.03
C SER B 416 -15.78 -8.46 61.23
N ASP B 417 -16.04 -8.15 62.51
CA ASP B 417 -16.99 -7.10 62.83
C ASP B 417 -16.42 -5.71 62.51
N LYS B 418 -15.12 -5.53 62.70
CA LYS B 418 -14.48 -4.28 62.34
C LYS B 418 -14.14 -4.28 60.85
N PRO B 419 -14.55 -3.26 60.10
CA PRO B 419 -14.16 -3.19 58.68
C PRO B 419 -12.68 -2.84 58.50
N LEU B 420 -11.82 -3.85 58.61
CA LEU B 420 -10.38 -3.67 58.44
C LEU B 420 -10.08 -3.38 56.97
N TYR B 421 -9.70 -2.14 56.68
CA TYR B 421 -9.48 -1.68 55.32
C TYR B 421 -8.04 -1.23 55.15
N GLY B 422 -7.74 -0.65 53.99
CA GLY B 422 -6.38 -0.25 53.68
C GLY B 422 -5.57 -1.39 53.12
N ASN B 423 -4.47 -1.73 53.79
CA ASN B 423 -3.67 -2.88 53.39
C ASN B 423 -4.25 -4.19 53.88
N ASP B 424 -5.18 -4.14 54.83
CA ASP B 424 -5.86 -5.33 55.34
C ASP B 424 -7.27 -5.49 54.75
N ARG B 425 -7.53 -4.88 53.60
CA ARG B 425 -8.84 -4.96 52.96
C ARG B 425 -9.13 -6.37 52.44
N PHE B 426 -8.11 -7.08 51.99
CA PHE B 426 -8.30 -8.41 51.43
C PHE B 426 -7.24 -9.35 51.97
N GLU B 427 -7.53 -10.65 51.90
CA GLU B 427 -6.57 -11.69 52.17
C GLU B 427 -6.63 -12.72 51.05
N GLY B 428 -5.49 -13.03 50.46
CA GLY B 428 -5.45 -13.90 49.31
C GLY B 428 -4.03 -14.10 48.82
N TYR B 429 -3.90 -14.78 47.68
CA TYR B 429 -2.57 -15.03 47.13
C TYR B 429 -1.94 -13.77 46.55
N CYS B 430 -2.75 -12.86 46.01
CA CYS B 430 -2.23 -11.56 45.61
C CYS B 430 -1.84 -10.74 46.83
N ILE B 431 -2.55 -10.91 47.94
CA ILE B 431 -2.18 -10.25 49.19
C ILE B 431 -0.87 -10.82 49.73
N ASP B 432 -0.67 -12.14 49.58
CA ASP B 432 0.61 -12.75 49.96
C ASP B 432 1.75 -12.27 49.07
N LEU B 433 1.47 -12.09 47.77
CA LEU B 433 2.47 -11.52 46.87
C LEU B 433 2.73 -10.05 47.17
N LEU B 434 1.72 -9.32 47.65
CA LEU B 434 1.94 -7.94 48.09
C LEU B 434 2.73 -7.88 49.38
N ARG B 435 2.55 -8.86 50.27
CA ARG B 435 3.41 -8.98 51.44
C ARG B 435 4.86 -9.27 51.03
N GLU B 436 5.03 -10.10 50.01
CA GLU B 436 6.36 -10.36 49.45
C GLU B 436 6.95 -9.10 48.82
N LEU B 437 6.12 -8.30 48.15
CA LEU B 437 6.59 -7.05 47.58
C LEU B 437 6.89 -6.02 48.66
N SER B 438 6.19 -6.08 49.79
CA SER B 438 6.53 -5.24 50.93
C SER B 438 7.86 -5.67 51.55
N THR B 439 8.17 -6.97 51.52
CA THR B 439 9.52 -7.39 51.86
C THR B 439 10.53 -7.01 50.78
N ILE B 440 10.09 -6.81 49.55
CA ILE B 440 10.98 -6.41 48.45
C ILE B 440 11.11 -4.90 48.36
N LEU B 441 10.00 -4.18 48.32
CA LEU B 441 9.99 -2.73 48.19
C LEU B 441 9.80 -2.01 49.51
N GLY B 442 8.72 -2.33 50.22
CA GLY B 442 8.37 -1.60 51.42
C GLY B 442 7.56 -0.34 51.19
N PHE B 443 7.14 -0.09 49.95
CA PHE B 443 6.34 1.08 49.66
C PHE B 443 4.92 0.91 50.18
N THR B 444 4.23 2.04 50.36
CA THR B 444 2.86 2.00 50.84
C THR B 444 1.93 1.54 49.72
N TYR B 445 1.08 0.59 50.02
CA TYR B 445 0.17 0.00 49.04
C TYR B 445 -1.27 0.31 49.41
N GLU B 446 -2.03 0.79 48.43
CA GLU B 446 -3.44 1.09 48.60
C GLU B 446 -4.22 -0.07 47.99
N ILE B 447 -4.41 -1.13 48.77
CA ILE B 447 -5.16 -2.29 48.30
C ILE B 447 -6.64 -1.91 48.37
N ARG B 448 -7.20 -1.50 47.24
CA ARG B 448 -8.56 -0.98 47.19
C ARG B 448 -9.27 -1.54 45.97
N LEU B 449 -10.60 -1.48 46.02
CA LEU B 449 -11.42 -1.97 44.92
C LEU B 449 -11.46 -0.96 43.78
N VAL B 450 -12.16 -1.33 42.71
CA VAL B 450 -12.20 -0.56 41.48
C VAL B 450 -13.65 -0.31 41.10
N GLU B 451 -13.86 0.74 40.31
CA GLU B 451 -15.20 1.15 39.91
C GLU B 451 -15.75 0.34 38.74
N ASP B 452 -14.91 -0.44 38.05
CA ASP B 452 -15.35 -1.23 36.91
C ASP B 452 -15.35 -2.72 37.18
N GLY B 453 -14.31 -3.24 37.83
CA GLY B 453 -14.29 -4.65 38.23
C GLY B 453 -14.05 -5.63 37.11
N LYS B 454 -13.35 -5.23 36.05
CA LYS B 454 -13.12 -6.14 34.94
C LYS B 454 -11.81 -5.78 34.25
N TYR B 455 -11.17 -6.80 33.66
CA TYR B 455 -10.04 -6.59 32.76
C TYR B 455 -10.59 -6.49 31.34
N GLY B 456 -11.19 -5.34 31.05
CA GLY B 456 -11.86 -5.14 29.78
C GLY B 456 -10.89 -4.99 28.63
N ALA B 457 -11.40 -5.24 27.44
CA ALA B 457 -10.65 -5.12 26.20
C ALA B 457 -11.30 -4.05 25.32
N GLN B 458 -10.73 -3.86 24.14
CA GLN B 458 -11.26 -2.87 23.22
C GLN B 458 -12.52 -3.41 22.53
N ASP B 459 -13.31 -2.48 22.02
CA ASP B 459 -14.51 -2.80 21.28
C ASP B 459 -14.33 -2.43 19.82
N ASP B 460 -15.12 -3.07 18.96
CA ASP B 460 -15.09 -2.73 17.54
C ASP B 460 -15.73 -1.39 17.27
N VAL B 461 -16.68 -0.98 18.10
CA VAL B 461 -17.33 0.33 17.95
C VAL B 461 -16.66 1.41 18.79
N ASN B 462 -15.73 1.05 19.67
CA ASN B 462 -15.05 2.03 20.53
C ASN B 462 -13.57 2.11 20.25
N GLY B 463 -12.87 0.97 20.23
CA GLY B 463 -11.44 0.97 20.02
C GLY B 463 -10.60 1.24 21.25
N GLN B 464 -11.22 1.44 22.40
CA GLN B 464 -10.51 1.73 23.63
C GLN B 464 -10.62 0.54 24.58
N TRP B 465 -9.49 0.08 25.08
CA TRP B 465 -9.42 -1.06 25.99
C TRP B 465 -9.92 -0.64 27.36
N ASN B 466 -11.17 -1.00 27.67
CA ASN B 466 -11.84 -0.52 28.87
C ASN B 466 -11.36 -1.31 30.10
N GLY B 467 -11.98 -1.03 31.24
CA GLY B 467 -11.69 -1.80 32.44
C GLY B 467 -10.36 -1.42 33.07
N MET B 468 -9.63 -2.43 33.53
CA MET B 468 -8.37 -2.19 34.21
C MET B 468 -7.27 -1.77 33.26
N VAL B 469 -7.38 -2.09 31.97
CA VAL B 469 -6.44 -1.56 30.99
C VAL B 469 -6.69 -0.07 30.80
N ARG B 470 -7.95 0.35 30.83
CA ARG B 470 -8.28 1.78 30.83
C ARG B 470 -7.83 2.46 32.11
N GLU B 471 -7.83 1.72 33.22
CA GLU B 471 -7.31 2.24 34.47
C GLU B 471 -5.80 2.51 34.37
N LEU B 472 -5.07 1.62 33.71
CA LEU B 472 -3.62 1.73 33.63
C LEU B 472 -3.13 2.62 32.50
N ILE B 473 -4.02 3.17 31.69
CA ILE B 473 -3.63 4.13 30.66
C ILE B 473 -4.22 5.51 30.87
N ASP B 474 -5.23 5.67 31.74
CA ASP B 474 -5.82 6.97 32.01
C ASP B 474 -5.35 7.50 33.36
N HIS B 475 -4.08 7.28 33.67
CA HIS B 475 -3.29 7.91 34.72
C HIS B 475 -3.78 7.63 36.14
N LYS B 476 -4.66 6.64 36.33
CA LYS B 476 -4.94 6.17 37.68
C LYS B 476 -3.75 5.41 38.25
N ALA B 477 -3.07 4.64 37.39
CA ALA B 477 -1.75 4.10 37.69
C ALA B 477 -1.05 3.98 36.33
N ASP B 478 -0.22 4.97 36.00
CA ASP B 478 0.43 5.00 34.69
C ASP B 478 1.43 3.87 34.51
N LEU B 479 2.05 3.44 35.61
CA LEU B 479 2.82 2.20 35.60
C LEU B 479 1.85 1.03 35.60
N ALA B 480 1.91 0.21 34.55
CA ALA B 480 0.94 -0.89 34.39
C ALA B 480 1.23 -2.03 35.35
N VAL B 481 0.59 -2.02 36.52
CA VAL B 481 0.75 -3.04 37.54
C VAL B 481 -0.62 -3.68 37.77
N ALA B 482 -0.80 -4.89 37.24
CA ALA B 482 -2.06 -5.63 37.41
C ALA B 482 -1.82 -7.13 37.22
N PRO B 483 -2.33 -7.97 38.13
CA PRO B 483 -2.26 -9.43 37.91
C PRO B 483 -3.34 -9.92 36.96
N LEU B 484 -2.93 -10.31 35.75
CA LEU B 484 -3.85 -10.85 34.77
C LEU B 484 -3.10 -11.83 33.88
N ALA B 485 -3.81 -12.37 32.88
CA ALA B 485 -3.24 -13.32 31.95
C ALA B 485 -2.66 -12.61 30.73
N ILE B 486 -1.74 -13.29 30.05
CA ILE B 486 -1.16 -12.76 28.83
C ILE B 486 -2.16 -12.94 27.70
N THR B 487 -2.51 -11.85 27.04
CA THR B 487 -3.36 -11.90 25.85
C THR B 487 -2.54 -11.48 24.64
N TYR B 488 -3.24 -11.38 23.50
CA TYR B 488 -2.59 -10.92 22.28
C TYR B 488 -2.25 -9.43 22.36
N VAL B 489 -3.09 -8.65 23.03
CA VAL B 489 -2.91 -7.20 23.08
C VAL B 489 -2.24 -6.74 24.37
N ARG B 490 -2.25 -7.57 25.42
CA ARG B 490 -1.62 -7.20 26.68
C ARG B 490 -0.10 -7.29 26.64
N GLU B 491 0.48 -7.82 25.56
CA GLU B 491 1.91 -7.76 25.36
C GLU B 491 2.38 -6.32 25.12
N LYS B 492 1.56 -5.52 24.43
CA LYS B 492 1.96 -4.18 24.04
C LYS B 492 1.28 -3.07 24.83
N VAL B 493 0.12 -3.32 25.44
CA VAL B 493 -0.55 -2.31 26.25
C VAL B 493 -0.17 -2.40 27.73
N ILE B 494 0.48 -3.48 28.14
CA ILE B 494 1.02 -3.63 29.49
C ILE B 494 2.53 -3.81 29.34
N ASP B 495 3.29 -3.07 30.17
CA ASP B 495 4.75 -3.16 30.14
C ASP B 495 5.23 -4.55 30.51
N PHE B 496 4.65 -5.13 31.57
CA PHE B 496 4.64 -6.54 31.93
C PHE B 496 5.99 -7.09 32.40
N SER B 497 5.95 -8.24 33.07
CA SER B 497 7.13 -8.87 33.65
C SER B 497 7.00 -10.38 33.46
N LYS B 498 7.79 -11.14 34.20
CA LYS B 498 7.66 -12.59 34.18
C LYS B 498 6.36 -13.02 34.85
N PRO B 499 5.56 -13.88 34.21
CA PRO B 499 4.34 -14.37 34.87
C PRO B 499 4.67 -15.39 35.95
N PHE B 500 4.12 -15.15 37.15
CA PHE B 500 4.40 -16.04 38.27
C PHE B 500 3.62 -17.34 38.16
N MET B 501 2.43 -17.31 37.60
CA MET B 501 1.54 -18.47 37.56
C MET B 501 1.46 -19.02 36.14
N THR B 502 1.61 -20.32 36.01
CA THR B 502 1.48 -21.01 34.72
C THR B 502 0.27 -21.95 34.80
N LEU B 503 -0.62 -21.84 33.81
CA LEU B 503 -1.87 -22.57 33.88
C LEU B 503 -2.35 -22.89 32.47
N GLY B 504 -3.27 -23.84 32.39
CA GLY B 504 -3.92 -24.21 31.16
C GLY B 504 -5.41 -23.89 31.15
N ILE B 505 -6.06 -24.31 30.07
CA ILE B 505 -7.51 -24.20 29.93
C ILE B 505 -8.06 -25.62 29.86
N SER B 506 -8.99 -25.94 30.77
CA SER B 506 -9.57 -27.26 30.87
C SER B 506 -11.08 -27.15 30.93
N ILE B 507 -11.74 -28.30 31.01
CA ILE B 507 -13.19 -28.39 30.99
C ILE B 507 -13.68 -28.82 32.36
N LEU B 508 -14.66 -28.11 32.90
CA LEU B 508 -15.27 -28.44 34.18
C LEU B 508 -16.65 -29.05 33.93
N TYR B 509 -16.88 -30.22 34.50
CA TYR B 509 -18.15 -30.92 34.34
C TYR B 509 -18.51 -31.61 35.64
N ARG B 510 -19.81 -31.77 35.88
CA ARG B 510 -20.27 -32.45 37.06
C ARG B 510 -20.10 -33.96 36.91
N LYS B 511 -19.91 -34.64 38.03
CA LYS B 511 -19.81 -36.09 38.01
C LYS B 511 -21.21 -36.68 38.00
N PRO B 512 -21.59 -37.44 36.99
CA PRO B 512 -22.94 -38.03 36.96
C PRO B 512 -23.01 -39.37 37.70
N ASN B 513 -24.19 -39.62 38.28
CA ASN B 513 -24.43 -40.91 38.91
C ASN B 513 -24.55 -42.01 37.87
N GLY B 514 -25.36 -41.79 36.84
CA GLY B 514 -25.53 -42.75 35.76
C GLY B 514 -26.17 -44.05 36.15
N THR B 515 -27.09 -44.03 37.11
CA THR B 515 -27.73 -45.24 37.62
C THR B 515 -29.24 -45.10 37.50
N ASN B 516 -29.88 -46.06 36.84
CA ASN B 516 -31.33 -46.13 36.73
C ASN B 516 -31.79 -47.54 37.11
N PRO B 517 -31.85 -47.86 38.40
CA PRO B 517 -32.25 -49.20 38.81
C PRO B 517 -33.75 -49.35 39.03
N GLY B 518 -34.23 -50.56 38.77
CA GLY B 518 -35.62 -50.89 38.96
C GLY B 518 -36.13 -51.73 37.79
N VAL B 519 -37.43 -51.96 37.80
CA VAL B 519 -38.06 -52.75 36.75
C VAL B 519 -38.31 -51.85 35.54
N PHE B 520 -37.35 -51.82 34.62
CA PHE B 520 -37.46 -50.99 33.43
C PHE B 520 -37.61 -51.78 32.15
N SER B 521 -37.71 -53.12 32.24
CA SER B 521 -38.24 -53.88 31.13
C SER B 521 -39.75 -53.67 30.99
N PHE B 522 -40.42 -53.38 32.11
CA PHE B 522 -41.79 -52.89 32.08
C PHE B 522 -41.87 -51.44 31.63
N LEU B 523 -40.75 -50.70 31.69
CA LEU B 523 -40.73 -49.28 31.39
C LEU B 523 -39.83 -49.00 30.19
N ASN B 524 -40.01 -49.79 29.14
CA ASN B 524 -39.28 -49.60 27.89
C ASN B 524 -39.72 -48.32 27.19
N PRO B 525 -38.91 -47.79 26.27
CA PRO B 525 -39.39 -46.68 25.42
C PRO B 525 -40.56 -47.04 24.51
N LEU B 526 -40.79 -48.33 24.24
CA LEU B 526 -42.04 -48.76 23.63
C LEU B 526 -43.19 -48.53 24.59
N SER B 527 -44.37 -48.25 24.01
CA SER B 527 -45.54 -47.93 24.80
C SER B 527 -46.07 -49.16 25.52
N PRO B 528 -46.66 -48.99 26.72
CA PRO B 528 -47.31 -50.12 27.39
C PRO B 528 -48.66 -50.51 26.82
N ASP B 529 -49.14 -49.79 25.79
CA ASP B 529 -50.33 -50.22 25.07
C ASP B 529 -50.10 -51.56 24.39
N ILE B 530 -48.92 -51.76 23.81
CA ILE B 530 -48.60 -53.06 23.25
C ILE B 530 -48.36 -54.11 24.34
N TRP B 531 -47.99 -53.67 25.56
CA TRP B 531 -47.82 -54.61 26.66
C TRP B 531 -49.16 -55.14 27.15
N MET B 532 -50.15 -54.25 27.32
CA MET B 532 -51.48 -54.72 27.66
C MET B 532 -52.17 -55.40 26.49
N TYR B 533 -51.74 -55.12 25.25
CA TYR B 533 -52.18 -55.93 24.11
C TYR B 533 -51.65 -57.36 24.21
N VAL B 534 -50.39 -57.53 24.63
CA VAL B 534 -49.83 -58.87 24.84
C VAL B 534 -50.55 -59.59 25.98
N LEU B 535 -50.88 -58.85 27.05
CA LEU B 535 -51.64 -59.44 28.16
C LEU B 535 -53.05 -59.84 27.74
N LEU B 536 -53.71 -59.01 26.92
CA LEU B 536 -55.01 -59.36 26.35
C LEU B 536 -54.91 -60.55 25.40
N ALA B 537 -53.78 -60.67 24.70
CA ALA B 537 -53.55 -61.81 23.82
C ALA B 537 -53.43 -63.11 24.60
N TYR B 538 -52.68 -63.09 25.71
CA TYR B 538 -52.55 -64.28 26.53
C TYR B 538 -53.87 -64.62 27.22
N LEU B 539 -54.65 -63.60 27.58
CA LEU B 539 -56.02 -63.83 28.09
C LEU B 539 -56.89 -64.47 27.02
N GLY B 540 -56.77 -64.03 25.77
CA GLY B 540 -57.52 -64.65 24.67
C GLY B 540 -57.12 -66.08 24.38
N VAL B 541 -55.82 -66.38 24.50
CA VAL B 541 -55.35 -67.76 24.38
C VAL B 541 -55.92 -68.63 25.51
N SER B 542 -56.01 -68.06 26.72
CA SER B 542 -56.64 -68.78 27.84
C SER B 542 -58.14 -69.02 27.59
N VAL B 543 -58.82 -68.04 27.00
CA VAL B 543 -60.24 -68.18 26.66
C VAL B 543 -60.45 -69.25 25.60
N VAL B 544 -59.59 -69.27 24.56
CA VAL B 544 -59.66 -70.29 23.52
C VAL B 544 -59.34 -71.67 24.09
N LEU B 545 -58.43 -71.74 25.07
CA LEU B 545 -58.15 -72.99 25.77
C LEU B 545 -59.34 -73.46 26.60
N PHE B 546 -60.10 -72.53 27.18
CA PHE B 546 -61.24 -72.91 27.98
C PHE B 546 -62.42 -73.40 27.14
N VAL B 547 -62.65 -72.78 25.97
CA VAL B 547 -63.82 -73.13 25.18
C VAL B 547 -63.66 -74.39 24.36
N ILE B 548 -62.45 -74.93 24.25
CA ILE B 548 -62.23 -76.14 23.46
C ILE B 548 -62.13 -77.35 24.37
N LEU B 598 -55.84 -82.39 17.36
CA LEU B 598 -54.83 -82.64 16.33
C LEU B 598 -54.30 -81.33 15.76
N SER B 599 -55.18 -80.60 15.06
CA SER B 599 -54.76 -79.36 14.42
C SER B 599 -54.57 -78.23 15.41
N THR B 600 -55.40 -78.21 16.47
CA THR B 600 -55.51 -77.06 17.38
C THR B 600 -54.20 -76.79 18.11
N ARG B 601 -53.52 -77.86 18.55
CA ARG B 601 -52.19 -77.75 19.16
C ARG B 601 -51.19 -77.14 18.19
N ILE B 602 -51.24 -77.59 16.92
CA ILE B 602 -50.42 -76.98 15.87
C ILE B 602 -50.82 -75.53 15.66
N VAL B 603 -52.12 -75.24 15.79
CA VAL B 603 -52.62 -73.87 15.78
C VAL B 603 -52.01 -73.07 16.91
N GLY B 604 -51.95 -73.67 18.11
CA GLY B 604 -51.28 -73.05 19.22
C GLY B 604 -49.78 -72.92 18.98
N GLY B 605 -49.20 -73.90 18.28
CA GLY B 605 -47.80 -73.81 17.90
C GLY B 605 -47.55 -72.66 16.94
N ILE B 606 -48.53 -72.41 16.06
CA ILE B 606 -48.49 -71.25 15.16
C ILE B 606 -48.43 -69.97 15.97
N TRP B 607 -49.24 -69.92 17.05
CA TRP B 607 -49.24 -68.81 17.99
C TRP B 607 -47.86 -68.61 18.60
N TRP B 608 -47.19 -69.72 18.95
CA TRP B 608 -45.86 -69.68 19.54
C TRP B 608 -44.88 -69.04 18.57
N PHE B 609 -44.99 -69.40 17.28
CA PHE B 609 -44.11 -68.83 16.27
C PHE B 609 -44.41 -67.35 16.10
N PHE B 610 -45.69 -66.98 16.18
CA PHE B 610 -46.08 -65.58 16.13
C PHE B 610 -45.54 -64.82 17.32
N THR B 611 -45.51 -65.48 18.49
CA THR B 611 -44.96 -64.88 19.70
C THR B 611 -43.48 -64.59 19.52
N LEU B 612 -42.78 -65.48 18.79
CA LEU B 612 -41.36 -65.31 18.51
C LEU B 612 -41.11 -64.04 17.72
N ILE B 613 -42.03 -63.72 16.80
CA ILE B 613 -41.94 -62.52 15.98
C ILE B 613 -41.94 -61.28 16.85
N ILE B 614 -42.85 -61.26 17.85
CA ILE B 614 -42.97 -60.14 18.79
C ILE B 614 -41.68 -60.01 19.58
N ILE B 615 -41.13 -61.17 19.99
CA ILE B 615 -39.89 -61.21 20.78
C ILE B 615 -38.76 -60.61 19.97
N SER B 616 -38.71 -60.95 18.67
CA SER B 616 -37.68 -60.46 17.77
C SER B 616 -37.75 -58.95 17.64
N SER B 617 -38.99 -58.43 17.56
CA SER B 617 -39.20 -57.00 17.44
C SER B 617 -38.69 -56.27 18.67
N TYR B 618 -38.94 -56.87 19.85
CA TYR B 618 -38.49 -56.28 21.10
C TYR B 618 -36.98 -56.22 21.15
N THR B 619 -36.33 -57.29 20.67
CA THR B 619 -34.88 -57.36 20.67
C THR B 619 -34.29 -56.28 19.78
N ALA B 620 -34.96 -56.05 18.62
CA ALA B 620 -34.50 -55.04 17.69
C ALA B 620 -34.57 -53.66 18.30
N ASN B 621 -35.66 -53.40 19.05
CA ASN B 621 -35.83 -52.10 19.71
C ASN B 621 -34.76 -51.89 20.75
N LEU B 622 -34.42 -52.98 21.49
CA LEU B 622 -33.40 -52.90 22.51
C LEU B 622 -32.05 -52.60 21.88
N ALA B 623 -31.81 -53.19 20.69
CA ALA B 623 -30.57 -52.97 19.96
C ALA B 623 -30.41 -51.50 19.61
N ALA B 624 -31.51 -50.86 19.19
CA ALA B 624 -31.47 -49.45 18.82
C ALA B 624 -31.14 -48.60 20.04
N PHE B 625 -31.72 -48.96 21.19
CA PHE B 625 -31.44 -48.21 22.42
C PHE B 625 -30.00 -48.43 22.86
N LEU B 626 -29.46 -49.63 22.61
CA LEU B 626 -28.09 -49.86 23.02
C LEU B 626 -27.10 -49.19 22.08
N THR B 627 -27.55 -48.81 20.87
CA THR B 627 -26.70 -47.96 20.03
C THR B 627 -26.53 -46.59 20.68
N VAL B 628 -27.58 -46.12 21.37
CA VAL B 628 -27.49 -44.90 22.17
C VAL B 628 -26.49 -45.09 23.31
N GLU B 629 -26.36 -46.31 23.82
CA GLU B 629 -25.35 -46.57 24.83
C GLU B 629 -23.93 -46.59 24.27
N ARG B 630 -23.76 -46.77 22.96
CA ARG B 630 -22.43 -47.01 22.44
C ARG B 630 -21.84 -45.82 21.69
N MET B 631 -22.62 -45.14 20.84
CA MET B 631 -22.07 -43.99 20.13
C MET B 631 -21.96 -42.76 21.02
N GLU B 632 -22.70 -42.72 22.13
CA GLU B 632 -22.56 -41.64 23.11
C GLU B 632 -21.49 -42.03 24.11
N SER B 633 -20.24 -41.88 23.70
CA SER B 633 -19.12 -42.09 24.58
C SER B 633 -19.04 -40.96 25.62
N PRO B 634 -18.47 -41.23 26.79
CA PRO B 634 -18.24 -40.14 27.76
C PRO B 634 -17.22 -39.14 27.26
N ILE B 635 -17.34 -37.91 27.77
CA ILE B 635 -16.53 -36.81 27.27
C ILE B 635 -15.10 -36.94 27.81
N ASP B 636 -14.13 -36.83 26.91
CA ASP B 636 -12.72 -36.84 27.28
C ASP B 636 -11.98 -35.56 26.91
N SER B 637 -12.44 -34.84 25.90
CA SER B 637 -11.88 -33.52 25.58
C SER B 637 -12.95 -32.71 24.89
N ALA B 638 -12.55 -31.56 24.32
CA ALA B 638 -13.46 -30.74 23.54
C ALA B 638 -13.74 -31.36 22.17
N ASP B 639 -12.92 -32.31 21.73
CA ASP B 639 -13.22 -33.07 20.52
C ASP B 639 -14.48 -33.91 20.69
N ASP B 640 -14.70 -34.43 21.90
CA ASP B 640 -15.96 -35.12 22.20
C ASP B 640 -17.14 -34.16 22.18
N LEU B 641 -16.93 -32.91 22.62
CA LEU B 641 -17.97 -31.90 22.51
C LEU B 641 -18.23 -31.51 21.07
N ALA B 642 -17.21 -31.57 20.22
CA ALA B 642 -17.42 -31.40 18.78
C ALA B 642 -18.23 -32.57 18.22
N LYS B 643 -17.95 -33.79 18.69
CA LYS B 643 -18.76 -34.93 18.28
C LYS B 643 -20.15 -34.87 18.90
N GLN B 644 -20.23 -34.61 20.20
CA GLN B 644 -21.51 -34.58 20.92
C GLN B 644 -21.90 -33.12 21.13
N THR B 645 -22.67 -32.59 20.20
CA THR B 645 -23.18 -31.23 20.28
C THR B 645 -24.51 -31.15 21.02
N LYS B 646 -24.98 -32.27 21.58
CA LYS B 646 -26.19 -32.26 22.37
C LYS B 646 -26.03 -31.46 23.66
N ILE B 647 -24.91 -31.66 24.36
CA ILE B 647 -24.61 -30.91 25.57
C ILE B 647 -23.84 -29.66 25.19
N GLU B 648 -24.40 -28.50 25.52
CA GLU B 648 -23.79 -27.23 25.17
C GLU B 648 -22.84 -26.77 26.28
N TYR B 649 -22.22 -25.62 26.07
CA TYR B 649 -21.25 -25.10 27.02
C TYR B 649 -21.35 -23.58 27.05
N GLY B 650 -20.36 -22.96 27.68
CA GLY B 650 -20.28 -21.52 27.76
C GLY B 650 -18.96 -21.10 28.37
N ALA B 651 -18.75 -19.80 28.41
CA ALA B 651 -17.51 -19.23 28.93
C ALA B 651 -17.80 -17.84 29.47
N VAL B 652 -16.79 -17.26 30.11
CA VAL B 652 -16.88 -15.90 30.62
C VAL B 652 -16.91 -14.93 29.45
N GLU B 653 -17.55 -13.77 29.64
CA GLU B 653 -17.79 -12.83 28.55
C GLU B 653 -16.52 -12.07 28.16
N ASP B 654 -16.73 -11.08 27.28
CA ASP B 654 -15.74 -10.14 26.75
C ASP B 654 -14.58 -10.83 26.04
N GLY B 655 -13.43 -10.92 26.73
CA GLY B 655 -12.24 -11.47 26.11
C GLY B 655 -11.66 -12.69 26.80
N ALA B 656 -12.50 -13.61 27.24
CA ALA B 656 -12.04 -14.81 27.93
C ALA B 656 -11.70 -15.90 26.90
N THR B 657 -10.64 -15.61 26.13
CA THR B 657 -10.05 -16.45 25.09
C THR B 657 -11.03 -16.83 23.97
N MET B 658 -12.13 -16.08 23.79
CA MET B 658 -12.93 -16.26 22.59
C MET B 658 -12.20 -15.68 21.38
N THR B 659 -11.56 -14.52 21.57
CA THR B 659 -10.75 -13.92 20.51
C THR B 659 -9.49 -14.74 20.26
N PHE B 660 -8.95 -15.37 21.31
CA PHE B 660 -7.89 -16.35 21.13
C PHE B 660 -8.40 -17.56 20.35
N PHE B 661 -9.61 -18.04 20.66
CA PHE B 661 -10.19 -19.12 19.89
C PHE B 661 -10.69 -18.64 18.54
N LYS B 662 -10.97 -17.35 18.39
CA LYS B 662 -11.18 -16.78 17.06
C LYS B 662 -9.91 -16.83 16.24
N LYS B 663 -8.77 -16.51 16.87
CA LYS B 663 -7.49 -16.55 16.19
C LYS B 663 -6.92 -17.95 16.06
N SER B 664 -7.33 -18.88 16.92
CA SER B 664 -6.83 -20.24 16.84
C SER B 664 -7.42 -20.96 15.63
N LYS B 665 -6.58 -21.71 14.92
CA LYS B 665 -7.01 -22.42 13.72
C LYS B 665 -6.95 -23.93 13.90
N ILE B 666 -6.95 -24.41 15.14
CA ILE B 666 -7.14 -25.84 15.40
C ILE B 666 -8.59 -26.19 15.05
N SER B 667 -8.76 -27.29 14.31
CA SER B 667 -10.04 -27.62 13.68
C SER B 667 -11.14 -27.91 14.69
N THR B 668 -10.81 -28.66 15.76
CA THR B 668 -11.75 -28.87 16.85
C THR B 668 -12.08 -27.57 17.55
N TYR B 669 -11.06 -26.74 17.79
CA TYR B 669 -11.32 -25.46 18.41
C TYR B 669 -11.89 -24.44 17.43
N ASP B 670 -11.70 -24.65 16.13
CA ASP B 670 -12.48 -23.89 15.15
C ASP B 670 -13.96 -24.21 15.26
N LYS B 671 -14.30 -25.49 15.44
CA LYS B 671 -15.69 -25.88 15.66
C LYS B 671 -16.21 -25.35 16.99
N MET B 672 -15.36 -25.35 18.01
CA MET B 672 -15.73 -24.85 19.34
C MET B 672 -16.04 -23.36 19.30
N TRP B 673 -15.16 -22.58 18.65
CA TRP B 673 -15.39 -21.14 18.52
C TRP B 673 -16.57 -20.85 17.60
N ALA B 674 -16.78 -21.68 16.58
CA ALA B 674 -17.94 -21.52 15.70
C ALA B 674 -19.26 -21.74 16.44
N PHE B 675 -19.33 -22.78 17.26
CA PHE B 675 -20.57 -23.04 18.00
C PHE B 675 -20.78 -22.03 19.11
N MET B 676 -19.72 -21.64 19.81
CA MET B 676 -19.90 -20.68 20.90
C MET B 676 -19.99 -19.24 20.41
N SER B 677 -19.68 -18.97 19.13
CA SER B 677 -19.97 -17.67 18.55
C SER B 677 -21.33 -17.64 17.89
N SER B 678 -21.84 -18.79 17.45
CA SER B 678 -23.26 -18.89 17.11
C SER B 678 -24.12 -18.75 18.35
N ARG B 679 -23.63 -19.22 19.50
CA ARG B 679 -24.29 -19.05 20.79
C ARG B 679 -23.61 -17.97 21.61
N ARG B 680 -23.21 -16.87 20.96
CA ARG B 680 -22.48 -15.80 21.63
C ARG B 680 -23.35 -15.08 22.66
N GLN B 681 -24.55 -14.67 22.26
CA GLN B 681 -25.50 -14.08 23.19
C GLN B 681 -26.59 -15.05 23.59
N SER B 682 -26.61 -16.25 23.03
CA SER B 682 -27.68 -17.20 23.34
C SER B 682 -27.40 -17.93 24.65
N VAL B 683 -26.33 -18.71 24.69
CA VAL B 683 -25.97 -19.50 25.86
C VAL B 683 -24.55 -19.07 26.25
N LEU B 684 -24.47 -18.10 27.17
CA LEU B 684 -23.18 -17.64 27.68
C LEU B 684 -23.40 -17.05 29.06
N VAL B 685 -22.36 -17.12 29.88
CA VAL B 685 -22.42 -16.61 31.25
C VAL B 685 -21.46 -15.44 31.38
N LYS B 686 -21.70 -14.60 32.39
CA LYS B 686 -20.93 -13.38 32.58
C LYS B 686 -19.85 -13.50 33.64
N SER B 687 -20.15 -14.08 34.79
CA SER B 687 -19.19 -14.24 35.87
C SER B 687 -18.68 -15.67 35.90
N ASN B 688 -17.72 -15.91 36.80
CA ASN B 688 -17.21 -17.27 37.01
C ASN B 688 -18.25 -18.14 37.69
N GLU B 689 -18.91 -17.60 38.71
CA GLU B 689 -19.85 -18.39 39.51
C GLU B 689 -21.14 -18.69 38.76
N GLU B 690 -21.53 -17.80 37.83
CA GLU B 690 -22.75 -17.99 37.06
C GLU B 690 -22.67 -19.22 36.17
N GLY B 691 -21.51 -19.47 35.57
CA GLY B 691 -21.30 -20.72 34.84
C GLY B 691 -21.13 -21.90 35.77
N ILE B 692 -20.58 -21.67 36.97
CA ILE B 692 -20.39 -22.75 37.94
C ILE B 692 -21.72 -23.27 38.45
N GLN B 693 -22.65 -22.35 38.77
CA GLN B 693 -23.98 -22.76 39.21
C GLN B 693 -24.80 -23.39 38.09
N ARG B 694 -24.45 -23.10 36.82
CA ARG B 694 -25.10 -23.77 35.70
C ARG B 694 -24.74 -25.25 35.66
N VAL B 695 -23.49 -25.58 35.96
CA VAL B 695 -23.09 -26.98 36.10
C VAL B 695 -23.68 -27.57 37.38
N LEU B 696 -23.84 -26.75 38.42
CA LEU B 696 -24.45 -27.22 39.66
C LEU B 696 -25.93 -27.52 39.48
N THR B 697 -26.63 -26.74 38.65
CA THR B 697 -28.04 -26.99 38.40
C THR B 697 -28.24 -28.07 37.35
N SER B 698 -27.76 -27.84 36.13
CA SER B 698 -28.00 -28.71 35.00
C SER B 698 -26.69 -29.34 34.53
N ASP B 699 -26.82 -30.22 33.54
CA ASP B 699 -25.66 -30.88 32.93
C ASP B 699 -25.01 -29.92 31.93
N TYR B 700 -24.22 -29.01 32.49
CA TYR B 700 -23.59 -27.94 31.74
C TYR B 700 -22.08 -28.19 31.63
N ALA B 701 -21.52 -27.87 30.48
CA ALA B 701 -20.08 -27.93 30.28
C ALA B 701 -19.50 -26.54 30.44
N PHE B 702 -18.28 -26.48 30.99
CA PHE B 702 -17.75 -25.21 31.47
C PHE B 702 -16.25 -25.17 31.21
N LEU B 703 -15.86 -24.41 30.19
CA LEU B 703 -14.47 -24.31 29.78
C LEU B 703 -13.82 -23.10 30.44
N MET B 704 -12.84 -23.35 31.30
CA MET B 704 -12.17 -22.28 32.03
C MET B 704 -10.75 -22.69 32.38
N GLU B 705 -10.11 -21.87 33.20
CA GLU B 705 -8.73 -22.10 33.60
C GLU B 705 -8.65 -23.23 34.63
N SER B 706 -7.44 -23.76 34.78
CA SER B 706 -7.22 -24.86 35.71
C SER B 706 -7.27 -24.43 37.17
N THR B 707 -7.05 -23.14 37.45
CA THR B 707 -7.02 -22.66 38.83
C THR B 707 -8.40 -22.70 39.46
N THR B 708 -9.41 -22.22 38.72
CA THR B 708 -10.78 -22.20 39.23
C THR B 708 -11.34 -23.61 39.37
N ILE B 709 -11.07 -24.47 38.38
CA ILE B 709 -11.50 -25.86 38.43
C ILE B 709 -10.82 -26.60 39.57
N GLU B 710 -9.51 -26.38 39.75
CA GLU B 710 -8.75 -26.99 40.84
C GLU B 710 -9.23 -26.49 42.20
N PHE B 711 -9.72 -25.25 42.27
CA PHE B 711 -10.29 -24.76 43.51
C PHE B 711 -11.66 -25.38 43.79
N VAL B 712 -12.50 -25.53 42.76
CA VAL B 712 -13.86 -26.01 43.02
C VAL B 712 -13.95 -27.52 43.12
N THR B 713 -12.95 -28.29 42.69
CA THR B 713 -12.93 -29.71 43.01
C THR B 713 -12.70 -29.96 44.49
N GLN B 714 -11.94 -29.08 45.16
CA GLN B 714 -11.83 -29.17 46.60
C GLN B 714 -13.11 -28.69 47.28
N ARG B 715 -13.81 -27.76 46.64
CA ARG B 715 -15.05 -27.23 47.21
C ARG B 715 -16.18 -28.26 47.12
N ASN B 716 -16.32 -28.91 45.97
CA ASN B 716 -17.39 -29.87 45.75
C ASN B 716 -16.82 -31.16 45.18
N CYS B 717 -17.26 -32.29 45.72
CA CYS B 717 -16.86 -33.59 45.23
C CYS B 717 -17.70 -34.07 44.06
N ASN B 718 -18.73 -33.32 43.67
CA ASN B 718 -19.59 -33.68 42.56
C ASN B 718 -19.05 -33.19 41.22
N LEU B 719 -17.91 -32.50 41.21
CA LEU B 719 -17.39 -31.87 40.00
C LEU B 719 -16.12 -32.57 39.55
N THR B 720 -15.93 -32.64 38.24
CA THR B 720 -14.80 -33.33 37.63
C THR B 720 -14.15 -32.44 36.58
N GLN B 721 -12.87 -32.71 36.32
CA GLN B 721 -12.12 -32.00 35.30
C GLN B 721 -11.94 -32.90 34.09
N ILE B 722 -12.28 -32.38 32.91
CA ILE B 722 -12.23 -33.12 31.66
C ILE B 722 -11.08 -32.59 30.82
N GLY B 723 -10.17 -33.48 30.41
CA GLY B 723 -9.11 -33.12 29.51
C GLY B 723 -7.83 -32.73 30.21
N GLY B 724 -7.02 -31.90 29.56
CA GLY B 724 -5.77 -31.46 30.14
C GLY B 724 -5.48 -30.00 29.91
N LEU B 725 -4.27 -29.56 30.24
CA LEU B 725 -3.86 -28.18 30.06
C LEU B 725 -3.49 -27.99 28.59
N ILE B 726 -4.47 -27.61 27.79
CA ILE B 726 -4.24 -27.48 26.35
C ILE B 726 -3.57 -26.17 26.02
N ASP B 727 -4.12 -25.07 26.50
CA ASP B 727 -3.71 -23.73 26.08
C ASP B 727 -2.81 -23.14 27.14
N SER B 728 -1.53 -22.97 26.81
CA SER B 728 -0.56 -22.46 27.77
C SER B 728 -0.82 -20.99 28.05
N LYS B 729 -0.88 -20.63 29.33
CA LYS B 729 -1.27 -19.29 29.73
C LYS B 729 -0.50 -18.90 30.97
N GLY B 730 -0.10 -17.63 31.01
CA GLY B 730 0.64 -17.11 32.15
C GLY B 730 -0.09 -16.01 32.88
N TYR B 731 -0.51 -16.29 34.11
CA TYR B 731 -1.10 -15.26 34.96
C TYR B 731 0.03 -14.56 35.71
N GLY B 732 0.20 -13.26 35.45
CA GLY B 732 1.31 -12.53 36.03
C GLY B 732 0.98 -11.06 36.21
N VAL B 733 1.85 -10.38 36.95
CA VAL B 733 1.66 -8.99 37.31
C VAL B 733 2.57 -8.14 36.44
N GLY B 734 2.04 -7.05 35.88
CA GLY B 734 2.86 -6.13 35.14
C GLY B 734 3.79 -5.34 36.03
N THR B 735 4.82 -4.76 35.41
CA THR B 735 5.83 -4.04 36.16
C THR B 735 6.09 -2.67 35.56
N PRO B 736 6.55 -1.72 36.36
CA PRO B 736 7.09 -0.47 35.80
C PRO B 736 8.49 -0.68 35.25
N MET B 737 8.93 0.29 34.47
CA MET B 737 10.30 0.30 33.96
C MET B 737 11.22 0.80 35.05
N GLY B 738 12.20 -0.03 35.43
CA GLY B 738 13.13 0.35 36.47
C GLY B 738 12.63 0.19 37.88
N SER B 739 11.50 -0.47 38.09
CA SER B 739 11.04 -0.77 39.43
C SER B 739 11.94 -1.82 40.07
N PRO B 740 12.15 -1.75 41.39
CA PRO B 740 13.07 -2.71 42.05
C PRO B 740 12.55 -4.14 42.09
N TYR B 741 11.25 -4.36 41.94
CA TYR B 741 10.73 -5.72 41.92
C TYR B 741 10.59 -6.28 40.51
N ARG B 742 10.98 -5.52 39.48
CA ARG B 742 10.87 -5.98 38.10
C ARG B 742 11.75 -7.19 37.83
N ASP B 743 13.00 -7.13 38.27
CA ASP B 743 13.89 -8.28 38.19
C ASP B 743 13.79 -9.20 39.40
N LYS B 744 13.23 -8.71 40.50
CA LYS B 744 13.05 -9.56 41.68
C LYS B 744 11.82 -10.44 41.59
N ILE B 745 10.94 -10.19 40.62
CA ILE B 745 10.01 -11.23 40.18
C ILE B 745 10.81 -12.40 39.62
N THR B 746 11.82 -12.10 38.81
CA THR B 746 12.68 -13.10 38.21
C THR B 746 13.81 -13.56 39.13
N ILE B 747 13.94 -12.98 40.32
CA ILE B 747 14.98 -13.44 41.25
C ILE B 747 14.37 -13.85 42.59
N ALA B 748 13.74 -12.89 43.29
CA ALA B 748 13.26 -13.17 44.64
C ALA B 748 11.98 -14.00 44.62
N ILE B 749 11.08 -13.74 43.68
CA ILE B 749 9.93 -14.61 43.51
C ILE B 749 10.36 -15.91 42.83
N LEU B 750 11.42 -15.86 42.02
CA LEU B 750 12.05 -17.10 41.58
C LEU B 750 12.72 -17.83 42.74
N GLN B 751 13.20 -17.09 43.75
CA GLN B 751 13.68 -17.76 44.96
C GLN B 751 12.54 -18.33 45.79
N LEU B 752 11.35 -17.74 45.71
CA LEU B 752 10.17 -18.35 46.31
C LEU B 752 9.79 -19.62 45.58
N GLN B 753 9.97 -19.63 44.25
CA GLN B 753 9.70 -20.83 43.46
C GLN B 753 10.72 -21.93 43.72
N GLU B 754 11.99 -21.54 43.92
CA GLU B 754 13.04 -22.51 44.19
C GLU B 754 12.92 -23.09 45.59
N GLU B 755 12.50 -22.26 46.56
CA GLU B 755 12.14 -22.75 47.87
C GLU B 755 10.74 -23.34 47.91
N GLY B 756 9.97 -23.15 46.83
CA GLY B 756 8.66 -23.76 46.73
C GLY B 756 7.54 -23.02 47.41
N LYS B 757 7.75 -21.74 47.75
CA LYS B 757 6.76 -20.97 48.51
C LYS B 757 5.47 -20.75 47.72
N LEU B 758 5.59 -20.58 46.40
CA LEU B 758 4.47 -20.28 45.54
C LEU B 758 3.48 -21.43 45.41
N HIS B 759 3.88 -22.67 45.69
CA HIS B 759 2.91 -23.76 45.59
C HIS B 759 2.27 -24.14 46.93
N MET B 760 2.97 -24.08 48.07
CA MET B 760 2.18 -24.35 49.26
C MET B 760 1.48 -23.11 49.78
N MET B 761 1.75 -21.92 49.23
CA MET B 761 0.78 -20.85 49.47
C MET B 761 -0.53 -21.13 48.73
N LYS B 762 -0.46 -21.76 47.54
CA LYS B 762 -1.67 -22.21 46.87
C LYS B 762 -2.33 -23.34 47.64
N GLU B 763 -1.52 -24.24 48.20
CA GLU B 763 -2.05 -25.36 48.98
C GLU B 763 -2.71 -24.87 50.26
N LYS B 764 -2.15 -23.85 50.91
CA LYS B 764 -2.78 -23.27 52.09
C LYS B 764 -3.97 -22.40 51.73
N TRP B 765 -4.10 -21.97 50.47
CA TRP B 765 -5.38 -21.36 50.11
C TRP B 765 -6.40 -22.39 49.65
N TRP B 766 -6.00 -23.42 48.90
CA TRP B 766 -6.89 -24.53 48.58
C TRP B 766 -6.06 -25.79 48.40
N ARG B 767 -6.55 -26.89 48.98
CA ARG B 767 -5.73 -28.10 49.19
C ARG B 767 -5.32 -28.80 47.90
N GLY B 768 -6.02 -28.57 46.80
CA GLY B 768 -5.64 -29.10 45.51
C GLY B 768 -5.83 -30.60 45.34
N VAL B 784 -27.66 -56.12 37.67
CA VAL B 784 -27.90 -54.78 38.18
C VAL B 784 -28.99 -54.12 37.33
N GLN B 785 -29.79 -53.25 37.96
CA GLN B 785 -30.83 -52.41 37.36
C GLN B 785 -31.90 -53.23 36.63
N ASN B 786 -31.73 -53.40 35.32
CA ASN B 786 -32.65 -54.18 34.52
C ASN B 786 -32.63 -55.65 34.93
N ILE B 787 -31.44 -56.16 35.26
CA ILE B 787 -31.32 -57.54 35.73
C ILE B 787 -31.99 -57.72 37.09
N GLY B 788 -31.90 -56.69 37.95
CA GLY B 788 -32.61 -56.73 39.22
C GLY B 788 -34.11 -56.69 39.07
N GLY B 789 -34.61 -55.88 38.11
CA GLY B 789 -36.04 -55.88 37.83
C GLY B 789 -36.53 -57.18 37.23
N ILE B 790 -35.71 -57.80 36.38
CA ILE B 790 -36.03 -59.11 35.81
C ILE B 790 -36.06 -60.16 36.92
N PHE B 791 -35.15 -60.07 37.88
CA PHE B 791 -35.17 -60.97 39.04
C PHE B 791 -36.39 -60.74 39.92
N ILE B 792 -36.84 -59.49 40.05
CA ILE B 792 -38.04 -59.18 40.83
C ILE B 792 -39.29 -59.79 40.19
N VAL B 793 -39.42 -59.62 38.86
CA VAL B 793 -40.56 -60.19 38.13
C VAL B 793 -40.51 -61.72 38.14
N LEU B 794 -39.31 -62.29 37.98
CA LEU B 794 -39.15 -63.75 38.02
C LEU B 794 -39.42 -64.31 39.42
N ALA B 795 -39.05 -63.58 40.48
CA ALA B 795 -39.33 -64.03 41.83
C ALA B 795 -40.82 -63.97 42.15
N ALA B 796 -41.52 -62.93 41.67
CA ALA B 796 -42.96 -62.85 41.85
C ALA B 796 -43.69 -63.96 41.09
N GLY B 797 -43.25 -64.24 39.87
CA GLY B 797 -43.79 -65.38 39.12
C GLY B 797 -43.48 -66.71 39.76
N LEU B 798 -42.31 -66.82 40.41
CA LEU B 798 -41.97 -68.04 41.13
C LEU B 798 -42.85 -68.24 42.36
N VAL B 799 -43.15 -67.15 43.08
CA VAL B 799 -44.06 -67.21 44.23
C VAL B 799 -45.46 -67.61 43.78
N LEU B 800 -45.93 -67.06 42.65
CA LEU B 800 -47.21 -67.45 42.08
C LEU B 800 -47.23 -68.92 41.65
N SER B 801 -46.13 -69.39 41.05
CA SER B 801 -46.08 -70.78 40.59
C SER B 801 -46.02 -71.77 41.75
N VAL B 802 -45.34 -71.40 42.84
CA VAL B 802 -45.34 -72.24 44.04
C VAL B 802 -46.71 -72.26 44.70
N PHE B 803 -47.39 -71.11 44.77
CA PHE B 803 -48.69 -71.07 45.43
C PHE B 803 -49.78 -71.73 44.60
N VAL B 804 -49.63 -71.76 43.26
CA VAL B 804 -50.52 -72.58 42.44
C VAL B 804 -50.18 -74.06 42.58
N ALA B 805 -48.88 -74.38 42.67
CA ALA B 805 -48.41 -75.76 42.60
C ALA B 805 -48.78 -76.61 43.81
N VAL B 806 -49.13 -75.99 44.94
CA VAL B 806 -49.58 -76.75 46.09
C VAL B 806 -51.06 -76.46 46.37
N HIS C 1 -26.91 82.16 13.78
CA HIS C 1 -26.55 82.07 12.37
C HIS C 1 -27.41 81.03 11.66
N VAL C 2 -27.12 80.81 10.38
CA VAL C 2 -27.77 79.78 9.59
C VAL C 2 -26.69 78.91 8.95
N LEU C 3 -26.99 77.62 8.85
CA LEU C 3 -26.06 76.67 8.26
C LEU C 3 -26.80 75.81 7.26
N ARG C 4 -26.31 75.75 6.03
CA ARG C 4 -27.02 75.11 4.93
C ARG C 4 -26.47 73.70 4.70
N PHE C 5 -27.37 72.72 4.72
CA PHE C 5 -27.04 71.34 4.40
C PHE C 5 -27.63 70.98 3.04
N GLY C 6 -27.01 70.01 2.40
CA GLY C 6 -27.40 69.65 1.04
C GLY C 6 -27.68 68.17 0.88
N GLY C 7 -28.91 67.83 0.52
CA GLY C 7 -29.28 66.44 0.43
C GLY C 7 -29.64 66.00 -0.98
N ILE C 8 -28.88 65.06 -1.51
CA ILE C 8 -29.15 64.49 -2.82
C ILE C 8 -29.84 63.16 -2.62
N PHE C 9 -31.02 63.01 -3.22
CA PHE C 9 -31.80 61.79 -3.03
C PHE C 9 -32.33 61.26 -4.35
N GLU C 10 -33.15 60.22 -4.29
CA GLU C 10 -33.80 59.65 -5.46
C GLU C 10 -35.29 59.88 -5.34
N TYR C 11 -35.88 60.49 -6.36
CA TYR C 11 -37.31 60.76 -6.37
C TYR C 11 -38.03 59.71 -7.20
N VAL C 12 -39.21 59.33 -6.75
CA VAL C 12 -40.08 58.49 -7.55
C VAL C 12 -40.88 59.38 -8.51
N GLU C 13 -41.34 58.78 -9.60
CA GLU C 13 -42.14 59.53 -10.58
C GLU C 13 -43.50 59.88 -10.01
N SER C 14 -44.08 59.00 -9.20
CA SER C 14 -45.33 59.27 -8.51
C SER C 14 -45.27 58.61 -7.14
N GLY C 15 -45.80 59.29 -6.14
CA GLY C 15 -45.82 58.76 -4.80
C GLY C 15 -45.25 59.73 -3.78
N PRO C 16 -44.97 59.24 -2.58
CA PRO C 16 -44.49 60.12 -1.52
C PRO C 16 -43.00 60.41 -1.62
N MET C 17 -42.47 61.12 -0.63
CA MET C 17 -41.04 61.36 -0.55
C MET C 17 -40.31 60.07 -0.19
N GLY C 18 -39.03 60.03 -0.55
CA GLY C 18 -38.18 58.93 -0.14
C GLY C 18 -37.93 58.92 1.36
N ALA C 19 -37.59 57.73 1.87
CA ALA C 19 -37.43 57.55 3.30
C ALA C 19 -36.22 58.28 3.83
N GLU C 20 -35.15 58.35 3.05
CA GLU C 20 -33.95 59.08 3.44
C GLU C 20 -34.21 60.57 3.56
N GLU C 21 -34.98 61.13 2.61
CA GLU C 21 -35.31 62.55 2.64
C GLU C 21 -36.23 62.87 3.80
N LEU C 22 -37.19 61.98 4.08
CA LEU C 22 -38.10 62.17 5.20
C LEU C 22 -37.37 62.12 6.53
N ALA C 23 -36.44 61.17 6.67
CA ALA C 23 -35.63 61.10 7.88
C ALA C 23 -34.68 62.30 8.00
N PHE C 24 -34.21 62.82 6.87
CA PHE C 24 -33.36 64.00 6.87
C PHE C 24 -34.11 65.23 7.37
N ARG C 25 -35.33 65.44 6.86
CA ARG C 25 -36.15 66.57 7.31
C ARG C 25 -36.58 66.40 8.75
N PHE C 26 -36.86 65.15 9.16
CA PHE C 26 -37.21 64.85 10.54
C PHE C 26 -36.06 65.16 11.49
N ALA C 27 -34.84 64.80 11.09
CA ALA C 27 -33.66 65.09 11.91
C ALA C 27 -33.38 66.58 11.99
N VAL C 28 -33.56 67.30 10.88
CA VAL C 28 -33.32 68.74 10.85
C VAL C 28 -34.32 69.47 11.75
N ASN C 29 -35.60 69.08 11.67
CA ASN C 29 -36.62 69.72 12.50
C ASN C 29 -36.46 69.36 13.97
N THR C 30 -36.05 68.12 14.26
CA THR C 30 -35.87 67.70 15.65
C THR C 30 -34.66 68.38 16.27
N ILE C 31 -33.59 68.58 15.50
CA ILE C 31 -32.42 69.27 16.00
C ILE C 31 -32.73 70.76 16.20
N ASN C 32 -33.50 71.35 15.28
CA ASN C 32 -33.87 72.75 15.39
C ASN C 32 -34.82 73.01 16.55
N ARG C 33 -35.65 72.02 16.92
CA ARG C 33 -36.54 72.21 18.05
C ARG C 33 -35.83 72.12 19.40
N ASN C 34 -34.84 71.23 19.54
CA ASN C 34 -34.08 71.17 20.78
C ASN C 34 -33.15 72.36 20.90
N ARG C 35 -32.86 72.74 22.14
CA ARG C 35 -32.01 73.88 22.42
C ARG C 35 -30.61 73.50 22.88
N THR C 36 -30.39 72.23 23.21
CA THR C 36 -29.04 71.79 23.59
C THR C 36 -28.12 71.76 22.37
N LEU C 37 -28.61 71.24 21.25
CA LEU C 37 -27.81 71.15 20.03
C LEU C 37 -27.99 72.45 19.25
N LEU C 38 -26.90 73.22 19.13
CA LEU C 38 -26.78 74.49 18.44
C LEU C 38 -27.82 75.50 18.90
N PRO C 39 -27.66 76.09 20.10
CA PRO C 39 -28.65 77.08 20.55
C PRO C 39 -28.59 78.40 19.81
N ASN C 40 -27.51 78.69 19.09
CA ASN C 40 -27.34 79.97 18.43
C ASN C 40 -27.36 79.89 16.91
N THR C 41 -27.49 78.69 16.34
CA THR C 41 -27.44 78.53 14.90
C THR C 41 -28.57 77.62 14.45
N THR C 42 -29.23 77.98 13.35
CA THR C 42 -30.33 77.22 12.80
C THR C 42 -29.88 76.51 11.53
N LEU C 43 -30.20 75.22 11.42
CA LEU C 43 -29.83 74.41 10.27
C LEU C 43 -30.93 74.48 9.22
N THR C 44 -30.63 75.11 8.10
CA THR C 44 -31.47 75.06 6.91
C THR C 44 -30.90 74.05 5.93
N TYR C 45 -31.68 73.72 4.91
CA TYR C 45 -31.27 72.69 3.98
C TYR C 45 -31.87 72.96 2.61
N ASP C 46 -31.24 72.38 1.60
CA ASP C 46 -31.86 72.24 0.29
C ASP C 46 -31.65 70.81 -0.19
N THR C 47 -32.63 70.30 -0.92
CA THR C 47 -32.63 68.91 -1.37
C THR C 47 -32.81 68.86 -2.88
N GLN C 48 -31.96 68.10 -3.54
CA GLN C 48 -32.11 67.83 -4.96
C GLN C 48 -32.33 66.34 -5.16
N LYS C 49 -32.94 66.01 -6.29
CA LYS C 49 -33.31 64.64 -6.60
C LYS C 49 -32.76 64.25 -7.96
N ILE C 50 -32.13 63.07 -8.01
CA ILE C 50 -31.52 62.59 -9.25
C ILE C 50 -32.20 61.31 -9.70
N ASN C 51 -31.78 60.80 -10.85
CA ASN C 51 -32.36 59.60 -11.43
C ASN C 51 -31.58 58.37 -10.97
N LEU C 52 -31.87 57.23 -11.58
CA LEU C 52 -31.25 55.96 -11.23
C LEU C 52 -29.87 55.88 -11.87
N TYR C 53 -28.83 56.03 -11.04
CA TYR C 53 -27.42 55.83 -11.40
C TYR C 53 -26.98 56.77 -12.53
N ASP C 54 -27.41 58.01 -12.45
CA ASP C 54 -27.00 59.05 -13.39
C ASP C 54 -25.99 59.93 -12.66
N SER C 55 -24.71 59.56 -12.77
CA SER C 55 -23.68 60.23 -11.99
C SER C 55 -23.39 61.64 -12.52
N PHE C 56 -23.64 61.87 -13.81
CA PHE C 56 -23.50 63.22 -14.35
C PHE C 56 -24.54 64.16 -13.76
N GLU C 57 -25.78 63.67 -13.60
CA GLU C 57 -26.84 64.47 -13.00
C GLU C 57 -26.55 64.76 -11.54
N ALA C 58 -26.02 63.78 -10.81
CA ALA C 58 -25.63 63.98 -9.43
C ALA C 58 -24.46 64.96 -9.32
N SER C 59 -23.53 64.90 -10.28
CA SER C 59 -22.43 65.85 -10.33
C SER C 59 -22.92 67.27 -10.57
N LYS C 60 -23.91 67.41 -11.47
CA LYS C 60 -24.48 68.73 -11.75
C LYS C 60 -25.25 69.29 -10.55
N LYS C 61 -26.01 68.44 -9.87
CA LYS C 61 -26.73 68.88 -8.67
C LYS C 61 -25.78 69.20 -7.54
N ALA C 62 -24.67 68.46 -7.42
CA ALA C 62 -23.66 68.77 -6.42
C ALA C 62 -22.98 70.09 -6.72
N CYS C 63 -22.72 70.38 -8.00
CA CYS C 63 -22.13 71.66 -8.38
C CYS C 63 -23.09 72.81 -8.12
N ASP C 64 -24.39 72.60 -8.35
CA ASP C 64 -25.37 73.64 -8.06
C ASP C 64 -25.50 73.89 -6.56
N GLN C 65 -25.47 72.83 -5.75
CA GLN C 65 -25.58 73.02 -4.31
C GLN C 65 -24.30 73.61 -3.72
N LEU C 66 -23.15 73.33 -4.35
CA LEU C 66 -21.92 73.98 -3.91
C LEU C 66 -21.86 75.44 -4.34
N SER C 67 -22.47 75.77 -5.48
CA SER C 67 -22.58 77.16 -5.88
C SER C 67 -23.54 77.92 -4.97
N LEU C 68 -24.58 77.26 -4.48
CA LEU C 68 -25.48 77.90 -3.53
C LEU C 68 -24.85 78.09 -2.16
N GLY C 69 -23.80 77.35 -1.85
CA GLY C 69 -23.23 77.41 -0.51
C GLY C 69 -23.84 76.37 0.39
N VAL C 70 -23.01 75.51 0.96
CA VAL C 70 -23.48 74.38 1.75
C VAL C 70 -22.37 73.97 2.71
N ALA C 71 -22.76 73.60 3.94
CA ALA C 71 -21.79 73.13 4.92
C ALA C 71 -21.23 71.76 4.54
N ALA C 72 -22.11 70.77 4.40
CA ALA C 72 -21.70 69.43 4.02
C ALA C 72 -22.79 68.79 3.17
N ILE C 73 -22.38 67.82 2.36
CA ILE C 73 -23.26 67.18 1.39
C ILE C 73 -23.59 65.79 1.89
N PHE C 74 -24.88 65.50 2.04
CA PHE C 74 -25.34 64.15 2.34
C PHE C 74 -25.59 63.45 1.02
N GLY C 75 -24.72 62.50 0.68
CA GLY C 75 -24.61 62.04 -0.68
C GLY C 75 -25.69 61.05 -1.06
N PRO C 76 -25.62 60.60 -2.30
CA PRO C 76 -26.63 59.66 -2.82
C PRO C 76 -26.40 58.25 -2.30
N SER C 77 -27.32 57.36 -2.68
CA SER C 77 -27.30 55.99 -2.21
C SER C 77 -26.80 55.00 -3.24
N HIS C 78 -26.42 55.47 -4.43
CA HIS C 78 -25.86 54.59 -5.46
C HIS C 78 -24.38 54.36 -5.19
N SER C 79 -23.68 53.82 -6.18
CA SER C 79 -22.23 53.64 -6.11
C SER C 79 -21.48 54.61 -7.00
N SER C 80 -21.88 54.72 -8.28
CA SER C 80 -21.15 55.57 -9.22
C SER C 80 -21.36 57.04 -8.93
N SER C 81 -22.60 57.43 -8.64
CA SER C 81 -22.87 58.81 -8.26
C SER C 81 -22.26 59.16 -6.93
N ALA C 82 -22.19 58.19 -6.01
CA ALA C 82 -21.50 58.39 -4.75
C ALA C 82 -20.01 58.64 -4.95
N ASN C 83 -19.40 57.89 -5.87
CA ASN C 83 -17.99 58.10 -6.19
C ASN C 83 -17.76 59.46 -6.83
N ALA C 84 -18.67 59.88 -7.71
CA ALA C 84 -18.54 61.18 -8.37
C ALA C 84 -18.68 62.33 -7.38
N VAL C 85 -19.66 62.25 -6.49
CA VAL C 85 -19.86 63.29 -5.48
C VAL C 85 -18.70 63.31 -4.48
N GLN C 86 -18.16 62.12 -4.16
CA GLN C 86 -17.01 62.04 -3.26
C GLN C 86 -15.77 62.68 -3.87
N SER C 87 -15.52 62.45 -5.16
CA SER C 87 -14.37 63.08 -5.80
C SER C 87 -14.55 64.58 -5.96
N ILE C 88 -15.78 65.02 -6.24
CA ILE C 88 -16.06 66.44 -6.40
C ILE C 88 -15.87 67.19 -5.08
N CYS C 89 -16.41 66.64 -4.00
CA CYS C 89 -16.25 67.30 -2.70
C CYS C 89 -14.85 67.14 -2.13
N ASN C 90 -14.13 66.09 -2.52
CA ASN C 90 -12.73 65.98 -2.11
C ASN C 90 -11.87 67.00 -2.83
N ALA C 91 -12.23 67.36 -4.06
CA ALA C 91 -11.49 68.40 -4.75
C ALA C 91 -11.74 69.77 -4.14
N LEU C 92 -12.94 70.04 -3.65
CA LEU C 92 -13.32 71.38 -3.20
C LEU C 92 -13.31 71.53 -1.69
N GLY C 93 -12.83 70.52 -0.95
CA GLY C 93 -12.68 70.63 0.49
C GLY C 93 -13.97 70.73 1.28
N VAL C 94 -14.98 69.94 0.93
CA VAL C 94 -16.28 69.96 1.58
C VAL C 94 -16.57 68.56 2.09
N PRO C 95 -16.97 68.38 3.35
CA PRO C 95 -17.13 67.03 3.90
C PRO C 95 -18.29 66.26 3.29
N HIS C 96 -18.05 64.99 3.01
CA HIS C 96 -19.04 64.08 2.46
C HIS C 96 -19.56 63.17 3.55
N ILE C 97 -20.87 62.94 3.54
CA ILE C 97 -21.50 61.97 4.43
C ILE C 97 -22.12 60.89 3.57
N GLN C 98 -21.79 59.64 3.85
CA GLN C 98 -22.32 58.50 3.13
C GLN C 98 -23.05 57.60 4.11
N THR C 99 -24.26 57.19 3.75
CA THR C 99 -25.06 56.34 4.62
C THR C 99 -25.18 54.91 4.12
N ARG C 100 -24.95 54.67 2.84
CA ARG C 100 -24.93 53.32 2.29
C ARG C 100 -23.49 52.94 1.94
N TRP C 101 -23.16 51.68 2.15
CA TRP C 101 -21.84 51.17 1.78
C TRP C 101 -21.69 51.18 0.27
N LYS C 102 -20.51 51.58 -0.19
CA LYS C 102 -20.11 51.43 -1.57
C LYS C 102 -18.78 50.69 -1.59
N HIS C 103 -18.47 50.09 -2.74
CA HIS C 103 -17.16 49.48 -2.89
C HIS C 103 -16.11 50.57 -3.02
N GLN C 104 -15.07 50.47 -2.21
CA GLN C 104 -14.04 51.49 -2.16
C GLN C 104 -12.80 51.00 -2.90
N VAL C 105 -12.34 51.79 -3.85
CA VAL C 105 -11.10 51.47 -4.56
C VAL C 105 -9.93 51.75 -3.65
N SER C 106 -9.01 50.77 -3.54
CA SER C 106 -7.87 50.93 -2.66
C SER C 106 -6.85 51.91 -3.19
N ASP C 107 -6.86 52.19 -4.49
CA ASP C 107 -5.94 53.17 -5.06
C ASP C 107 -6.35 54.60 -4.76
N ASN C 108 -7.59 54.83 -4.34
CA ASN C 108 -8.07 56.17 -4.10
C ASN C 108 -7.44 56.77 -2.85
N LYS C 109 -6.89 57.98 -2.99
CA LYS C 109 -6.25 58.68 -1.89
C LYS C 109 -7.10 59.82 -1.36
N ASP C 110 -8.40 59.80 -1.65
CA ASP C 110 -9.30 60.82 -1.12
C ASP C 110 -9.53 60.60 0.36
N SER C 111 -9.54 61.71 1.11
CA SER C 111 -9.75 61.65 2.55
C SER C 111 -10.94 62.48 3.01
N PHE C 112 -11.63 63.16 2.10
CA PHE C 112 -12.69 64.08 2.50
C PHE C 112 -14.06 63.43 2.51
N TYR C 113 -14.19 62.30 3.22
CA TYR C 113 -15.47 61.61 3.32
C TYR C 113 -15.49 60.76 4.57
N VAL C 114 -16.70 60.42 5.01
CA VAL C 114 -16.93 59.41 6.03
C VAL C 114 -17.96 58.42 5.49
N SER C 115 -18.26 57.40 6.28
CA SER C 115 -19.25 56.39 5.89
C SER C 115 -19.85 55.81 7.15
N LEU C 116 -21.12 56.09 7.39
CA LEU C 116 -21.76 55.65 8.62
C LEU C 116 -22.44 54.31 8.51
N TYR C 117 -22.49 53.71 7.32
CA TYR C 117 -22.83 52.31 7.24
C TYR C 117 -21.71 51.49 7.85
N PRO C 118 -22.02 50.43 8.61
CA PRO C 118 -20.96 49.59 9.17
C PRO C 118 -20.22 48.85 8.08
N ASP C 119 -18.90 48.73 8.26
CA ASP C 119 -18.06 48.13 7.24
C ASP C 119 -18.31 46.63 7.15
N PHE C 120 -18.31 46.12 5.92
CA PHE C 120 -18.61 44.72 5.71
C PHE C 120 -17.46 43.79 6.05
N SER C 121 -16.27 44.33 6.34
CA SER C 121 -15.22 43.50 6.92
C SER C 121 -15.61 43.02 8.32
N SER C 122 -16.08 43.95 9.16
CA SER C 122 -16.53 43.58 10.50
C SER C 122 -17.82 42.77 10.45
N LEU C 123 -18.71 43.08 9.51
CA LEU C 123 -19.93 42.29 9.34
C LEU C 123 -19.63 40.87 8.90
N SER C 124 -18.68 40.71 7.98
CA SER C 124 -18.31 39.38 7.51
C SER C 124 -17.56 38.61 8.59
N ARG C 125 -16.76 39.29 9.41
CA ARG C 125 -16.13 38.61 10.54
C ARG C 125 -17.15 38.21 11.59
N ALA C 126 -18.20 39.00 11.78
CA ALA C 126 -19.29 38.61 12.68
C ALA C 126 -20.05 37.40 12.15
N ILE C 127 -20.28 37.36 10.84
CA ILE C 127 -20.96 36.23 10.23
C ILE C 127 -20.10 34.97 10.32
N LEU C 128 -18.78 35.13 10.14
CA LEU C 128 -17.86 34.01 10.30
C LEU C 128 -17.82 33.52 11.74
N ASP C 129 -17.90 34.44 12.70
CA ASP C 129 -17.97 34.04 14.11
C ASP C 129 -19.27 33.33 14.42
N LEU C 130 -20.37 33.74 13.78
CA LEU C 130 -21.64 33.06 13.95
C LEU C 130 -21.61 31.65 13.37
N VAL C 131 -20.94 31.49 12.23
CA VAL C 131 -20.78 30.18 11.61
C VAL C 131 -19.91 29.28 12.48
N GLN C 132 -18.84 29.84 13.05
CA GLN C 132 -17.98 29.08 13.95
C GLN C 132 -18.69 28.72 15.25
N PHE C 133 -19.62 29.57 15.70
CA PHE C 133 -20.40 29.24 16.89
C PHE C 133 -21.41 28.14 16.60
N PHE C 134 -22.01 28.17 15.41
CA PHE C 134 -22.98 27.13 15.06
C PHE C 134 -22.31 25.85 14.56
N LYS C 135 -20.98 25.87 14.36
CA LYS C 135 -20.15 24.71 14.01
C LYS C 135 -20.60 24.06 12.71
N TRP C 136 -20.79 24.89 11.68
CA TRP C 136 -21.25 24.38 10.41
C TRP C 136 -20.11 23.77 9.61
N LYS C 137 -20.47 23.02 8.58
CA LYS C 137 -19.48 22.42 7.70
C LYS C 137 -19.74 22.72 6.24
N THR C 138 -21.00 22.77 5.81
CA THR C 138 -21.36 23.04 4.42
C THR C 138 -22.27 24.25 4.39
N VAL C 139 -21.80 25.33 3.77
CA VAL C 139 -22.52 26.60 3.74
C VAL C 139 -22.81 26.95 2.29
N THR C 140 -24.06 27.24 1.99
CA THR C 140 -24.45 27.75 0.67
C THR C 140 -24.75 29.23 0.81
N VAL C 141 -24.01 30.05 0.08
CA VAL C 141 -24.12 31.50 0.16
C VAL C 141 -24.79 31.99 -1.11
N VAL C 142 -25.92 32.67 -0.97
CA VAL C 142 -26.71 33.14 -2.10
C VAL C 142 -26.71 34.65 -2.09
N TYR C 143 -26.21 35.25 -3.18
CA TYR C 143 -26.22 36.69 -3.34
C TYR C 143 -27.07 37.07 -4.54
N ASP C 144 -27.25 38.37 -4.74
CA ASP C 144 -28.02 38.87 -5.86
C ASP C 144 -27.24 39.82 -6.76
N ASP C 145 -26.46 40.72 -6.18
CA ASP C 145 -25.70 41.69 -6.94
C ASP C 145 -24.23 41.30 -6.91
N SER C 146 -23.51 41.68 -7.97
CA SER C 146 -22.12 41.28 -8.14
C SER C 146 -21.19 41.91 -7.11
N THR C 147 -21.58 43.01 -6.48
CA THR C 147 -20.78 43.62 -5.44
C THR C 147 -20.81 42.84 -4.13
N GLY C 148 -21.76 41.92 -3.98
CA GLY C 148 -21.91 41.21 -2.71
C GLY C 148 -20.76 40.28 -2.39
N LEU C 149 -20.05 39.81 -3.42
CA LEU C 149 -18.82 39.06 -3.20
C LEU C 149 -17.76 39.90 -2.53
N ILE C 150 -17.73 41.20 -2.81
CA ILE C 150 -16.87 42.10 -2.04
C ILE C 150 -17.37 42.22 -0.61
N ARG C 151 -18.69 42.17 -0.41
CA ARG C 151 -19.25 42.32 0.93
C ARG C 151 -19.06 41.09 1.79
N LEU C 152 -18.79 39.93 1.19
CA LEU C 152 -18.67 38.69 1.94
C LEU C 152 -17.35 37.99 1.67
N GLN C 153 -16.33 38.75 1.28
CA GLN C 153 -15.07 38.13 0.84
C GLN C 153 -14.28 37.49 1.97
N GLU C 154 -14.54 37.89 3.22
CA GLU C 154 -13.91 37.21 4.34
C GLU C 154 -14.46 35.80 4.51
N LEU C 155 -15.75 35.60 4.21
CA LEU C 155 -16.32 34.26 4.23
C LEU C 155 -15.78 33.40 3.12
N ILE C 156 -15.46 33.99 1.96
CA ILE C 156 -14.90 33.19 0.89
C ILE C 156 -13.42 32.89 1.13
N LYS C 157 -12.71 33.77 1.83
CA LYS C 157 -11.34 33.47 2.22
C LYS C 157 -11.26 32.58 3.44
N ALA C 158 -12.37 32.41 4.15
CA ALA C 158 -12.39 31.57 5.35
C ALA C 158 -12.12 30.07 5.18
N PRO C 159 -12.43 29.37 4.06
CA PRO C 159 -11.98 27.97 3.95
C PRO C 159 -10.48 27.75 3.93
N SER C 160 -9.68 28.78 3.61
CA SER C 160 -8.23 28.62 3.70
C SER C 160 -7.77 28.54 5.15
N ARG C 161 -8.40 29.30 6.05
CA ARG C 161 -7.95 29.36 7.44
C ARG C 161 -8.73 28.45 8.37
N TYR C 162 -9.97 28.09 8.02
CA TYR C 162 -10.78 27.21 8.84
C TYR C 162 -11.10 25.95 8.05
N ASN C 163 -11.96 25.12 8.62
CA ASN C 163 -12.48 23.92 7.95
C ASN C 163 -13.93 24.19 7.59
N LEU C 164 -14.18 24.40 6.30
CA LEU C 164 -15.52 24.67 5.80
C LEU C 164 -15.62 24.19 4.36
N ARG C 165 -16.82 24.30 3.81
CA ARG C 165 -17.03 24.02 2.39
C ARG C 165 -18.16 24.91 1.91
N LEU C 166 -17.85 25.80 0.98
CA LEU C 166 -18.79 26.82 0.54
C LEU C 166 -19.25 26.55 -0.88
N LYS C 167 -20.54 26.73 -1.12
CA LYS C 167 -21.14 26.67 -2.44
C LYS C 167 -21.89 27.98 -2.61
N ILE C 168 -21.49 28.79 -3.57
CA ILE C 168 -22.15 30.09 -3.72
C ILE C 168 -23.02 30.07 -4.96
N ARG C 169 -24.11 30.81 -4.89
CA ARG C 169 -25.08 30.91 -5.98
C ARG C 169 -25.57 32.34 -6.09
N GLN C 170 -26.04 32.68 -7.28
CA GLN C 170 -26.47 34.04 -7.60
C GLN C 170 -27.95 34.01 -7.98
N LEU C 171 -28.71 34.93 -7.40
CA LEU C 171 -30.10 35.11 -7.79
C LEU C 171 -30.17 35.66 -9.22
N PRO C 172 -31.20 35.29 -9.98
CA PRO C 172 -31.31 35.82 -11.35
C PRO C 172 -31.74 37.27 -11.38
N ALA C 173 -31.78 37.86 -12.59
CA ALA C 173 -32.13 39.26 -12.74
C ALA C 173 -33.63 39.53 -12.54
N ASP C 174 -34.46 38.49 -12.50
CA ASP C 174 -35.88 38.63 -12.23
C ASP C 174 -36.16 38.31 -10.77
N THR C 175 -37.21 38.94 -10.23
CA THR C 175 -37.51 38.83 -8.81
C THR C 175 -38.11 37.46 -8.46
N LYS C 176 -39.03 36.97 -9.29
CA LYS C 176 -39.78 35.77 -8.98
C LYS C 176 -39.10 34.49 -9.42
N ASP C 177 -37.84 34.56 -9.85
CA ASP C 177 -37.11 33.39 -10.33
C ASP C 177 -36.30 32.71 -9.25
N ALA C 178 -36.73 32.80 -7.99
CA ALA C 178 -36.08 32.03 -6.93
C ALA C 178 -36.51 30.57 -6.95
N LYS C 179 -37.61 30.26 -7.63
CA LYS C 179 -38.09 28.88 -7.73
C LYS C 179 -37.13 27.90 -8.42
N PRO C 180 -36.43 28.22 -9.52
CA PRO C 180 -35.41 27.26 -9.98
C PRO C 180 -34.24 27.12 -9.04
N LEU C 181 -33.75 28.24 -8.50
CA LEU C 181 -32.57 28.24 -7.63
C LEU C 181 -32.82 27.46 -6.35
N LEU C 182 -34.00 27.64 -5.75
CA LEU C 182 -34.39 26.85 -4.58
C LEU C 182 -34.55 25.38 -4.92
N LYS C 183 -34.86 25.07 -6.18
CA LYS C 183 -34.89 23.68 -6.64
C LYS C 183 -33.50 23.07 -6.57
N GLU C 184 -32.46 23.86 -6.83
CA GLU C 184 -31.09 23.37 -6.62
C GLU C 184 -30.81 23.15 -5.15
N MET C 185 -31.46 23.93 -4.28
CA MET C 185 -31.42 23.66 -2.83
C MET C 185 -32.04 22.32 -2.50
N LYS C 186 -33.05 21.90 -3.29
CA LYS C 186 -33.55 20.53 -3.16
C LYS C 186 -32.51 19.53 -3.65
N ARG C 187 -31.82 19.85 -4.73
CA ARG C 187 -30.92 18.86 -5.33
C ARG C 187 -29.60 18.77 -4.58
N GLY C 188 -29.10 19.89 -4.07
CA GLY C 188 -27.86 19.85 -3.34
C GLY C 188 -27.97 19.35 -1.92
N LYS C 189 -29.20 19.29 -1.39
CA LYS C 189 -29.50 18.96 0.01
C LYS C 189 -28.73 19.86 0.97
N GLU C 190 -28.70 21.14 0.66
CA GLU C 190 -27.96 22.12 1.43
C GLU C 190 -28.93 22.85 2.35
N PHE C 191 -28.72 22.71 3.66
CA PHE C 191 -29.67 23.20 4.65
C PHE C 191 -29.12 24.36 5.45
N HIS C 192 -27.98 24.92 5.08
CA HIS C 192 -27.33 26.01 5.80
C HIS C 192 -27.05 27.12 4.80
N VAL C 193 -28.01 28.05 4.66
CA VAL C 193 -27.99 29.05 3.62
C VAL C 193 -27.75 30.42 4.24
N ILE C 194 -26.77 31.14 3.71
CA ILE C 194 -26.55 32.54 4.06
C ILE C 194 -27.04 33.40 2.90
N PHE C 195 -28.05 34.22 3.17
CA PHE C 195 -28.64 35.09 2.15
C PHE C 195 -28.05 36.48 2.27
N ASP C 196 -27.64 37.05 1.14
CA ASP C 196 -27.12 38.42 1.09
C ASP C 196 -27.93 39.21 0.07
N CYS C 197 -28.98 39.87 0.55
CA CYS C 197 -29.82 40.70 -0.30
C CYS C 197 -30.52 41.72 0.60
N SER C 198 -31.31 42.59 -0.03
CA SER C 198 -32.13 43.54 0.71
C SER C 198 -33.31 42.82 1.37
N HIS C 199 -34.02 43.56 2.22
CA HIS C 199 -35.06 42.95 3.03
C HIS C 199 -36.29 42.56 2.22
N GLU C 200 -36.64 43.33 1.19
CA GLU C 200 -37.81 42.98 0.38
C GLU C 200 -37.50 41.81 -0.54
N MET C 201 -36.25 41.69 -1.00
CA MET C 201 -35.82 40.50 -1.71
C MET C 201 -35.83 39.28 -0.81
N ALA C 202 -35.46 39.47 0.46
CA ALA C 202 -35.53 38.40 1.45
C ALA C 202 -36.98 37.99 1.71
N ALA C 203 -37.89 38.96 1.75
CA ALA C 203 -39.30 38.66 1.96
C ALA C 203 -39.89 37.89 0.78
N GLY C 204 -39.52 38.29 -0.44
CA GLY C 204 -39.94 37.53 -1.61
C GLY C 204 -39.35 36.13 -1.65
N ILE C 205 -38.11 35.98 -1.19
CA ILE C 205 -37.46 34.67 -1.12
C ILE C 205 -38.17 33.78 -0.11
N LEU C 206 -38.51 34.31 1.06
CA LEU C 206 -39.20 33.51 2.06
C LEU C 206 -40.63 33.18 1.67
N LYS C 207 -41.30 34.09 0.96
CA LYS C 207 -42.64 33.80 0.47
C LYS C 207 -42.61 32.74 -0.63
N GLN C 208 -41.60 32.77 -1.50
CA GLN C 208 -41.47 31.71 -2.49
C GLN C 208 -41.05 30.39 -1.84
N ALA C 209 -40.32 30.46 -0.74
CA ALA C 209 -39.88 29.25 -0.05
C ALA C 209 -41.00 28.57 0.72
N LEU C 210 -41.90 29.36 1.32
CA LEU C 210 -43.02 28.79 2.06
C LEU C 210 -44.03 28.13 1.13
N ALA C 211 -44.21 28.67 -0.09
CA ALA C 211 -45.18 28.14 -1.03
C ALA C 211 -44.79 26.75 -1.54
N MET C 212 -43.50 26.48 -1.67
CA MET C 212 -43.03 25.13 -1.96
C MET C 212 -42.51 24.41 -0.71
N GLY C 213 -42.79 24.93 0.48
CA GLY C 213 -42.52 24.23 1.73
C GLY C 213 -41.08 24.05 2.11
N MET C 214 -40.25 25.06 1.89
CA MET C 214 -38.85 25.02 2.25
C MET C 214 -38.63 25.29 3.74
N MET C 215 -39.59 25.93 4.40
CA MET C 215 -39.47 26.39 5.78
C MET C 215 -39.80 25.27 6.77
N THR C 216 -38.90 24.30 6.84
CA THR C 216 -39.00 23.19 7.78
C THR C 216 -37.95 23.35 8.88
N GLU C 217 -37.98 22.42 9.83
CA GLU C 217 -36.97 22.41 10.89
C GLU C 217 -35.63 21.85 10.43
N TYR C 218 -35.55 21.31 9.22
CA TYR C 218 -34.27 20.85 8.68
C TYR C 218 -33.31 21.99 8.38
N TYR C 219 -33.82 23.20 8.20
CA TYR C 219 -33.06 24.27 7.57
C TYR C 219 -32.61 25.30 8.61
N HIS C 220 -31.79 26.23 8.14
CA HIS C 220 -31.27 27.31 8.97
C HIS C 220 -30.88 28.45 8.05
N TYR C 221 -31.27 29.67 8.41
CA TYR C 221 -31.03 30.84 7.57
C TYR C 221 -30.29 31.91 8.34
N ILE C 222 -29.24 32.47 7.70
CA ILE C 222 -28.54 33.63 8.21
C ILE C 222 -28.65 34.73 7.17
N PHE C 223 -29.11 35.90 7.59
CA PHE C 223 -29.30 37.02 6.70
C PHE C 223 -28.29 38.11 6.99
N THR C 224 -27.58 38.56 5.96
CA THR C 224 -26.58 39.59 6.14
C THR C 224 -27.19 40.98 6.32
N THR C 225 -28.44 41.17 5.92
CA THR C 225 -29.06 42.48 6.02
C THR C 225 -29.36 42.83 7.48
N LEU C 226 -29.42 44.13 7.75
CA LEU C 226 -29.54 44.62 9.11
C LEU C 226 -30.96 45.00 9.48
N ASP C 227 -31.92 44.83 8.57
CA ASP C 227 -33.31 45.15 8.84
C ASP C 227 -34.16 43.88 8.83
N LEU C 228 -33.64 42.82 9.43
CA LEU C 228 -34.41 41.59 9.58
C LEU C 228 -35.53 41.73 10.59
N PHE C 229 -35.43 42.72 11.47
CA PHE C 229 -36.45 42.95 12.49
C PHE C 229 -37.75 43.48 11.92
N ALA C 230 -37.75 43.98 10.68
CA ALA C 230 -38.92 44.57 10.08
C ALA C 230 -39.71 43.63 9.18
N LEU C 231 -39.29 42.37 9.04
CA LEU C 231 -40.04 41.47 8.19
C LEU C 231 -41.32 41.00 8.87
N ASP C 232 -42.29 40.61 8.04
CA ASP C 232 -43.43 39.86 8.53
C ASP C 232 -42.96 38.47 8.96
N VAL C 233 -43.44 38.03 10.12
CA VAL C 233 -42.86 36.85 10.77
C VAL C 233 -43.90 35.80 11.13
N GLU C 234 -45.18 36.15 11.25
CA GLU C 234 -46.23 35.27 11.77
C GLU C 234 -46.57 34.03 10.91
N PRO C 235 -46.54 34.06 9.56
CA PRO C 235 -46.59 32.77 8.84
C PRO C 235 -45.39 31.88 9.10
N TYR C 236 -44.22 32.43 9.34
CA TYR C 236 -43.03 31.65 9.59
C TYR C 236 -42.75 31.47 11.08
N ARG C 237 -43.67 31.91 11.93
CA ARG C 237 -43.40 31.96 13.37
C ARG C 237 -43.43 30.58 14.01
N TYR C 238 -44.33 29.71 13.58
CA TYR C 238 -44.60 28.47 14.30
C TYR C 238 -44.09 27.21 13.61
N SER C 239 -43.65 27.30 12.36
CA SER C 239 -43.13 26.12 11.69
C SER C 239 -41.76 25.72 12.24
N GLY C 240 -40.90 26.70 12.50
CA GLY C 240 -39.59 26.43 13.02
C GLY C 240 -38.58 26.43 11.89
N VAL C 241 -37.86 27.53 11.71
CA VAL C 241 -37.09 27.75 10.50
C VAL C 241 -35.62 27.87 10.88
N ASN C 242 -35.37 28.25 12.14
CA ASN C 242 -34.07 28.70 12.66
C ASN C 242 -33.51 29.84 11.81
N MET C 243 -34.25 30.95 11.81
CA MET C 243 -33.80 32.17 11.18
C MET C 243 -32.95 32.97 12.16
N THR C 244 -31.87 33.55 11.66
CA THR C 244 -30.92 34.25 12.51
C THR C 244 -30.38 35.46 11.75
N GLY C 245 -30.32 36.62 12.42
CA GLY C 245 -29.81 37.80 11.77
C GLY C 245 -29.19 38.76 12.76
N PHE C 246 -28.75 39.90 12.23
CA PHE C 246 -28.12 40.95 13.01
C PHE C 246 -29.00 42.18 13.05
N ARG C 247 -28.98 42.89 14.17
CA ARG C 247 -29.69 44.14 14.31
C ARG C 247 -28.76 45.19 14.88
N ILE C 248 -28.68 46.35 14.22
CA ILE C 248 -27.90 47.47 14.71
C ILE C 248 -28.77 48.57 15.29
N LEU C 249 -30.07 48.55 14.99
CA LEU C 249 -31.01 49.53 15.55
C LEU C 249 -31.26 49.21 17.01
N ASN C 250 -30.73 50.05 17.90
CA ASN C 250 -30.76 49.79 19.34
C ASN C 250 -32.14 50.12 19.89
N THR C 251 -33.07 49.18 19.72
CA THR C 251 -34.45 49.37 20.14
C THR C 251 -34.67 49.10 21.63
N GLU C 252 -33.61 48.78 22.37
CA GLU C 252 -33.75 48.57 23.81
C GLU C 252 -34.01 49.87 24.56
N ASN C 253 -33.46 50.98 24.08
CA ASN C 253 -33.58 52.25 24.77
C ASN C 253 -34.98 52.84 24.60
N THR C 254 -35.39 53.62 25.59
CA THR C 254 -36.70 54.27 25.54
C THR C 254 -36.71 55.43 24.55
N GLN C 255 -35.59 56.15 24.44
CA GLN C 255 -35.52 57.30 23.55
C GLN C 255 -35.59 56.87 22.08
N VAL C 256 -34.99 55.72 21.76
CA VAL C 256 -35.03 55.21 20.39
C VAL C 256 -36.44 54.80 20.00
N SER C 257 -37.15 54.14 20.92
CA SER C 257 -38.53 53.76 20.66
C SER C 257 -39.44 54.98 20.59
N SER C 258 -39.16 56.02 21.38
CA SER C 258 -39.92 57.26 21.30
C SER C 258 -39.69 57.98 19.99
N ILE C 259 -38.46 57.98 19.49
CA ILE C 259 -38.14 58.60 18.21
C ILE C 259 -38.78 57.81 17.07
N ILE C 260 -38.80 56.48 17.19
CA ILE C 260 -39.46 55.62 16.21
C ILE C 260 -40.96 55.87 16.20
N GLU C 261 -41.56 56.05 17.37
CA GLU C 261 -42.98 56.36 17.46
C GLU C 261 -43.30 57.74 16.91
N LYS C 262 -42.40 58.71 17.09
CA LYS C 262 -42.59 60.02 16.51
C LYS C 262 -42.41 60.00 15.00
N TRP C 263 -41.58 59.08 14.49
CA TRP C 263 -41.45 58.89 13.05
C TRP C 263 -42.63 58.12 12.47
N SER C 264 -43.32 57.34 13.29
CA SER C 264 -44.38 56.45 12.81
C SER C 264 -45.57 57.23 12.27
N MET C 265 -46.04 58.25 12.99
CA MET C 265 -47.15 59.02 12.46
C MET C 265 -46.72 60.04 11.41
N GLU C 266 -45.42 60.34 11.31
CA GLU C 266 -44.94 61.09 10.16
C GLU C 266 -44.77 60.21 8.93
N ARG C 267 -44.75 58.89 9.11
CA ARG C 267 -44.88 57.98 7.99
C ARG C 267 -46.33 57.60 7.71
N LEU C 268 -47.25 57.96 8.61
CA LEU C 268 -48.65 57.58 8.45
C LEU C 268 -49.33 58.32 7.31
N GLN C 269 -48.95 59.57 7.06
CA GLN C 269 -49.48 60.28 5.90
C GLN C 269 -48.82 59.83 4.60
N ALA C 270 -47.68 59.15 4.69
CA ALA C 270 -47.10 58.54 3.50
C ALA C 270 -47.81 57.23 3.20
N PRO C 271 -48.20 56.97 1.96
CA PRO C 271 -48.91 55.74 1.64
C PRO C 271 -47.99 54.53 1.67
N PRO C 272 -48.32 53.52 2.49
CA PRO C 272 -47.48 52.32 2.55
C PRO C 272 -47.91 51.26 1.57
N LYS C 273 -47.14 50.17 1.51
CA LYS C 273 -47.50 48.98 0.70
C LYS C 273 -47.32 47.77 1.62
N PRO C 274 -48.37 47.39 2.35
CA PRO C 274 -48.23 46.33 3.36
C PRO C 274 -48.57 44.92 2.89
N ASP C 275 -48.90 44.71 1.62
CA ASP C 275 -49.24 43.38 1.14
C ASP C 275 -48.06 42.62 0.57
N SER C 276 -46.86 43.20 0.63
CA SER C 276 -45.67 42.58 0.07
C SER C 276 -44.91 41.72 1.07
N GLY C 277 -45.43 41.56 2.29
CA GLY C 277 -44.75 40.79 3.30
C GLY C 277 -43.82 41.59 4.19
N LEU C 278 -44.04 42.89 4.31
CA LEU C 278 -43.22 43.76 5.14
C LEU C 278 -44.10 44.42 6.19
N LEU C 279 -43.61 44.47 7.43
CA LEU C 279 -44.34 45.14 8.49
C LEU C 279 -44.30 46.65 8.30
N ASP C 280 -45.42 47.28 8.62
CA ASP C 280 -45.60 48.70 8.36
C ASP C 280 -45.15 49.55 9.55
N GLY C 281 -44.70 50.76 9.25
CA GLY C 281 -44.39 51.72 10.29
C GLY C 281 -43.09 51.48 11.04
N PHE C 282 -42.13 50.80 10.42
CA PHE C 282 -40.83 50.59 11.03
C PHE C 282 -39.76 51.41 10.31
N MET C 283 -38.86 51.97 11.10
CA MET C 283 -37.70 52.66 10.55
C MET C 283 -36.76 51.65 9.91
N THR C 284 -36.33 51.93 8.68
CA THR C 284 -35.31 51.12 8.05
C THR C 284 -33.95 51.52 8.59
N THR C 285 -32.92 50.80 8.17
CA THR C 285 -31.57 51.10 8.64
C THR C 285 -31.06 52.39 8.01
N ASP C 286 -31.47 52.67 6.77
CA ASP C 286 -31.01 53.86 6.06
C ASP C 286 -31.55 55.15 6.70
N ALA C 287 -32.81 55.12 7.13
CA ALA C 287 -33.41 56.29 7.77
C ALA C 287 -32.76 56.60 9.11
N ALA C 288 -32.49 55.55 9.90
CA ALA C 288 -31.82 55.74 11.17
C ALA C 288 -30.38 56.19 10.98
N LEU C 289 -29.73 55.70 9.94
CA LEU C 289 -28.36 56.14 9.65
C LEU C 289 -28.33 57.59 9.18
N MET C 290 -29.33 58.03 8.43
CA MET C 290 -29.40 59.43 8.04
C MET C 290 -29.67 60.34 9.24
N TYR C 291 -30.55 59.90 10.15
CA TYR C 291 -30.82 60.64 11.38
C TYR C 291 -29.57 60.77 12.24
N ASP C 292 -28.85 59.67 12.41
CA ASP C 292 -27.64 59.69 13.20
C ASP C 292 -26.53 60.46 12.50
N ALA C 293 -26.53 60.48 11.16
CA ALA C 293 -25.56 61.27 10.41
C ALA C 293 -25.74 62.75 10.65
N VAL C 294 -27.01 63.21 10.61
CA VAL C 294 -27.31 64.62 10.86
C VAL C 294 -26.95 64.97 12.30
N HIS C 295 -27.17 64.04 13.24
CA HIS C 295 -26.80 64.28 14.63
C HIS C 295 -25.28 64.39 14.83
N VAL C 296 -24.50 63.50 14.19
CA VAL C 296 -23.03 63.55 14.33
C VAL C 296 -22.46 64.82 13.71
N VAL C 297 -22.99 65.22 12.55
CA VAL C 297 -22.52 66.47 11.93
C VAL C 297 -22.90 67.67 12.78
N SER C 298 -24.06 67.64 13.43
CA SER C 298 -24.44 68.72 14.34
C SER C 298 -23.54 68.78 15.57
N VAL C 299 -23.14 67.62 16.08
CA VAL C 299 -22.21 67.57 17.22
C VAL C 299 -20.84 68.15 16.82
N ALA C 300 -20.38 67.84 15.62
CA ALA C 300 -19.10 68.41 15.18
C ALA C 300 -19.22 69.89 14.85
N VAL C 301 -20.41 70.36 14.47
CA VAL C 301 -20.61 71.80 14.30
C VAL C 301 -20.56 72.52 15.64
N GLN C 302 -21.16 71.93 16.69
CA GLN C 302 -21.24 72.57 18.00
C GLN C 302 -19.88 72.75 18.68
N GLN C 303 -18.87 72.02 18.26
CA GLN C 303 -17.51 72.27 18.73
C GLN C 303 -16.74 73.25 17.85
N PHE C 304 -17.39 73.80 16.82
CA PHE C 304 -16.76 74.76 15.91
C PHE C 304 -17.67 75.98 15.81
N PRO C 305 -17.53 76.94 16.72
CA PRO C 305 -18.45 78.10 16.73
C PRO C 305 -18.14 79.13 15.66
N GLN C 306 -17.00 79.05 14.99
CA GLN C 306 -16.59 80.04 14.00
C GLN C 306 -17.05 79.68 12.60
N MET C 307 -18.12 78.92 12.47
CA MET C 307 -18.52 78.39 11.18
C MET C 307 -19.21 79.45 10.34
N THR C 308 -18.92 79.43 9.04
CA THR C 308 -19.60 80.26 8.06
C THR C 308 -19.59 79.51 6.74
N VAL C 309 -20.44 79.97 5.82
CA VAL C 309 -20.62 79.31 4.53
C VAL C 309 -19.99 80.18 3.46
N SER C 310 -19.12 79.57 2.64
CA SER C 310 -18.51 80.24 1.50
C SER C 310 -18.91 79.50 0.24
N SER C 311 -19.53 80.21 -0.69
CA SER C 311 -19.95 79.60 -1.94
C SER C 311 -18.74 79.32 -2.82
N LEU C 312 -18.67 78.11 -3.36
CA LEU C 312 -17.54 77.68 -4.17
C LEU C 312 -18.03 77.35 -5.58
N GLN C 313 -17.12 77.46 -6.55
CA GLN C 313 -17.45 77.28 -7.95
C GLN C 313 -16.77 76.02 -8.49
N CYS C 314 -17.47 75.30 -9.35
CA CYS C 314 -16.94 74.07 -9.93
C CYS C 314 -15.96 74.32 -11.08
N ASN C 315 -15.91 75.54 -11.61
CA ASN C 315 -14.99 75.84 -12.69
C ASN C 315 -13.58 76.15 -12.22
N ARG C 316 -13.37 76.21 -10.91
CA ARG C 316 -12.04 76.43 -10.34
C ARG C 316 -11.86 75.47 -9.18
N HIS C 317 -10.60 75.18 -8.87
CA HIS C 317 -10.24 74.23 -7.82
C HIS C 317 -9.90 74.94 -6.52
N LYS C 318 -10.57 76.03 -6.21
CA LYS C 318 -10.26 76.77 -5.00
C LYS C 318 -10.85 76.06 -3.80
N PRO C 319 -10.03 75.58 -2.86
CA PRO C 319 -10.57 74.80 -1.75
C PRO C 319 -11.17 75.69 -0.67
N TRP C 320 -11.94 75.05 0.20
CA TRP C 320 -12.61 75.75 1.28
C TRP C 320 -11.63 76.08 2.40
N ARG C 321 -11.87 77.21 3.05
CA ARG C 321 -11.07 77.60 4.21
C ARG C 321 -11.43 76.82 5.46
N PHE C 322 -12.60 76.19 5.49
CA PHE C 322 -13.11 75.52 6.67
C PHE C 322 -13.23 74.02 6.45
N GLY C 323 -12.22 73.43 5.83
CA GLY C 323 -12.28 72.00 5.55
C GLY C 323 -11.55 71.14 6.55
N THR C 324 -10.29 71.49 6.83
CA THR C 324 -9.39 70.58 7.54
C THR C 324 -9.74 70.49 9.02
N ARG C 325 -10.02 71.62 9.66
CA ARG C 325 -10.41 71.60 11.07
C ARG C 325 -11.79 70.97 11.25
N PHE C 326 -12.68 71.21 10.29
CA PHE C 326 -14.03 70.65 10.35
C PHE C 326 -14.01 69.13 10.24
N MET C 327 -13.15 68.58 9.38
CA MET C 327 -13.10 67.13 9.33
C MET C 327 -12.09 66.52 10.28
N SER C 328 -11.26 67.33 10.94
CA SER C 328 -10.66 66.84 12.17
C SER C 328 -11.72 66.69 13.25
N LEU C 329 -12.72 67.57 13.24
CA LEU C 329 -13.79 67.50 14.23
C LEU C 329 -14.80 66.40 13.92
N ILE C 330 -15.05 66.08 12.65
CA ILE C 330 -16.06 65.08 12.33
C ILE C 330 -15.56 63.67 12.65
N LYS C 331 -14.25 63.46 12.70
CA LYS C 331 -13.70 62.12 12.83
C LYS C 331 -13.37 61.74 14.26
N GLU C 332 -13.69 62.60 15.22
CA GLU C 332 -13.43 62.30 16.63
C GLU C 332 -14.69 62.30 17.48
N ALA C 333 -15.85 62.56 16.91
CA ALA C 333 -17.06 62.77 17.69
C ALA C 333 -17.69 61.43 18.03
N HIS C 334 -17.55 61.01 19.27
CA HIS C 334 -18.36 59.91 19.78
C HIS C 334 -19.80 60.39 19.95
N TRP C 335 -20.75 59.59 19.49
CA TRP C 335 -22.14 60.00 19.64
C TRP C 335 -23.04 58.79 19.81
N GLU C 336 -23.98 58.89 20.74
CA GLU C 336 -24.98 57.84 20.92
C GLU C 336 -26.21 58.19 20.11
N GLY C 337 -26.52 57.36 19.12
CA GLY C 337 -27.71 57.57 18.31
C GLY C 337 -28.53 56.30 18.21
N LEU C 338 -29.43 56.26 17.22
CA LEU C 338 -30.33 55.12 17.07
C LEU C 338 -29.59 53.88 16.60
N THR C 339 -28.45 54.05 15.94
CA THR C 339 -27.62 52.91 15.59
C THR C 339 -26.70 52.50 16.73
N GLY C 340 -26.71 53.23 17.84
CA GLY C 340 -25.86 52.87 18.98
C GLY C 340 -24.69 53.80 19.14
N ARG C 341 -23.52 53.25 19.44
CA ARG C 341 -22.31 54.05 19.51
C ARG C 341 -21.88 54.45 18.10
N ILE C 342 -21.36 55.67 17.98
CA ILE C 342 -20.78 56.14 16.73
C ILE C 342 -19.40 56.68 17.03
N THR C 343 -18.39 56.05 16.45
CA THR C 343 -17.03 56.55 16.42
C THR C 343 -16.53 56.35 14.99
N PHE C 344 -15.24 56.55 14.78
CA PHE C 344 -14.69 56.39 13.44
C PHE C 344 -13.31 55.77 13.50
N ASN C 345 -12.93 55.18 12.37
CA ASN C 345 -11.67 54.45 12.27
C ASN C 345 -10.46 55.38 12.34
N LYS C 346 -10.62 56.62 11.86
CA LYS C 346 -9.68 57.74 11.86
C LYS C 346 -8.44 57.52 10.99
N THR C 347 -8.32 56.39 10.30
CA THR C 347 -7.24 56.17 9.34
C THR C 347 -7.78 56.14 7.92
N ASN C 348 -8.74 55.25 7.66
CA ASN C 348 -9.43 55.20 6.37
C ASN C 348 -10.72 56.00 6.38
N GLY C 349 -11.17 56.46 7.53
CA GLY C 349 -12.38 57.24 7.62
C GLY C 349 -13.67 56.44 7.67
N LEU C 350 -13.60 55.12 7.63
CA LEU C 350 -14.81 54.30 7.66
C LEU C 350 -15.28 54.11 9.10
N ARG C 351 -16.26 53.24 9.28
CA ARG C 351 -16.79 52.89 10.59
C ARG C 351 -16.52 51.42 10.84
N THR C 352 -15.83 51.13 11.93
CA THR C 352 -15.41 49.76 12.20
C THR C 352 -15.84 49.28 13.58
N ASP C 353 -15.78 50.14 14.59
CA ASP C 353 -16.19 49.76 15.95
C ASP C 353 -17.65 50.13 16.15
N PHE C 354 -18.47 49.13 16.48
CA PHE C 354 -19.88 49.33 16.76
C PHE C 354 -20.34 48.19 17.66
N ASP C 355 -21.65 48.02 17.76
CA ASP C 355 -22.22 46.86 18.45
C ASP C 355 -23.40 46.30 17.67
N LEU C 356 -23.56 44.98 17.70
CA LEU C 356 -24.65 44.31 17.04
C LEU C 356 -25.40 43.45 18.03
N ASP C 357 -26.71 43.36 17.85
CA ASP C 357 -27.53 42.42 18.60
C ASP C 357 -27.86 41.25 17.67
N VAL C 358 -27.35 40.08 18.02
CA VAL C 358 -27.64 38.86 17.28
C VAL C 358 -29.04 38.42 17.68
N ILE C 359 -29.97 38.49 16.73
CA ILE C 359 -31.35 38.08 16.97
C ILE C 359 -31.62 36.82 16.20
N SER C 360 -32.65 36.10 16.62
CA SER C 360 -33.04 34.87 15.96
C SER C 360 -34.54 34.70 16.10
N LEU C 361 -35.06 33.65 15.49
CA LEU C 361 -36.48 33.37 15.43
C LEU C 361 -36.84 32.33 16.48
N LYS C 362 -37.78 32.67 17.34
CA LYS C 362 -38.34 31.74 18.31
C LYS C 362 -39.84 31.63 18.07
N GLU C 363 -40.53 30.90 18.96
CA GLU C 363 -41.98 30.81 18.86
C GLU C 363 -42.66 32.10 19.30
N GLU C 364 -41.95 32.98 20.00
CA GLU C 364 -42.46 34.29 20.38
C GLU C 364 -42.16 35.35 19.33
N GLY C 365 -41.54 34.98 18.22
CA GLY C 365 -41.15 35.94 17.21
C GLY C 365 -39.65 36.11 17.15
N LEU C 366 -39.19 37.35 16.98
CA LEU C 366 -37.77 37.66 16.91
C LEU C 366 -37.34 38.31 18.21
N GLU C 367 -36.31 37.74 18.84
CA GLU C 367 -35.82 38.22 20.12
C GLU C 367 -34.30 38.30 20.10
N LYS C 368 -33.76 39.19 20.90
CA LYS C 368 -32.32 39.36 21.00
C LYS C 368 -31.73 38.21 21.82
N ILE C 369 -30.83 37.44 21.21
CA ILE C 369 -30.22 36.32 21.89
C ILE C 369 -28.73 36.50 22.12
N GLY C 370 -28.09 37.46 21.46
CA GLY C 370 -26.65 37.62 21.67
C GLY C 370 -26.18 39.01 21.34
N THR C 371 -24.89 39.24 21.61
CA THR C 371 -24.27 40.54 21.37
C THR C 371 -22.91 40.32 20.71
N TRP C 372 -22.64 41.09 19.67
CA TRP C 372 -21.36 41.04 18.97
C TRP C 372 -20.69 42.40 19.00
N ASP C 373 -19.37 42.38 19.19
CA ASP C 373 -18.51 43.55 19.24
C ASP C 373 -17.23 43.19 18.51
N PRO C 374 -16.54 44.17 17.92
CA PRO C 374 -15.22 43.86 17.33
C PRO C 374 -14.15 43.57 18.36
N ALA C 375 -14.18 44.26 19.50
CA ALA C 375 -13.15 44.05 20.52
C ALA C 375 -13.37 42.72 21.24
N SER C 376 -14.59 42.42 21.61
CA SER C 376 -14.92 41.15 22.24
C SER C 376 -15.30 40.15 21.15
N GLY C 377 -15.90 39.03 21.52
CA GLY C 377 -16.29 38.05 20.54
C GLY C 377 -17.79 37.94 20.33
N LEU C 378 -18.35 36.81 20.78
CA LEU C 378 -19.71 36.41 20.46
C LEU C 378 -20.41 35.92 21.74
N ASN C 379 -20.52 36.84 22.71
CA ASN C 379 -21.08 36.69 24.06
C ASN C 379 -22.27 35.73 24.17
N MET C 380 -23.28 35.91 23.32
CA MET C 380 -24.35 34.95 22.99
C MET C 380 -25.31 34.62 24.13
N THR C 381 -25.11 35.15 25.33
CA THR C 381 -25.96 35.05 26.54
C THR C 381 -26.09 33.56 26.89
N GLU C 382 -27.20 33.10 27.47
CA GLU C 382 -27.45 31.69 27.77
C GLU C 382 -28.94 31.42 27.61
N SER C 383 -29.26 30.26 27.05
CA SER C 383 -30.65 29.81 26.94
C SER C 383 -30.74 28.31 27.24
N GLN C 384 -30.03 27.86 28.27
CA GLN C 384 -29.93 26.44 28.58
C GLN C 384 -31.10 26.04 29.46
N LYS C 385 -32.17 25.58 28.83
CA LYS C 385 -33.38 25.10 29.51
C LYS C 385 -33.85 23.80 28.88
N GLY C 386 -32.91 22.88 28.66
CA GLY C 386 -33.21 21.63 27.96
C GLY C 386 -33.94 20.60 28.80
N LYS C 387 -35.19 20.87 29.12
CA LYS C 387 -36.04 19.98 29.87
C LYS C 387 -36.87 19.11 28.93
N PRO C 388 -37.20 17.88 29.34
CA PRO C 388 -38.08 17.05 28.50
C PRO C 388 -39.53 17.52 28.47
N ALA C 389 -39.94 18.36 29.44
CA ALA C 389 -41.26 18.99 29.55
C ALA C 389 -42.39 17.96 29.58
N ASN C 390 -43.23 17.96 28.55
CA ASN C 390 -44.35 17.03 28.46
C ASN C 390 -44.34 16.20 27.19
N ILE C 391 -43.99 16.81 26.05
CA ILE C 391 -44.10 16.29 24.69
C ILE C 391 -45.51 15.75 24.47
N THR C 392 -46.49 16.66 24.44
CA THR C 392 -47.88 16.24 24.29
C THR C 392 -48.53 16.92 23.10
N ASP C 393 -48.02 18.10 22.73
CA ASP C 393 -48.49 18.79 21.53
C ASP C 393 -47.34 19.46 20.79
N SER C 394 -46.10 19.14 21.11
CA SER C 394 -44.94 19.86 20.59
C SER C 394 -44.65 19.59 19.13
N LEU C 395 -45.29 18.60 18.52
CA LEU C 395 -45.15 18.34 17.09
C LEU C 395 -46.42 18.61 16.32
N SER C 396 -47.48 19.11 16.99
CA SER C 396 -48.83 19.13 16.43
C SER C 396 -49.00 20.09 15.28
N ASN C 397 -48.10 21.07 15.13
CA ASN C 397 -48.18 22.01 14.02
C ASN C 397 -47.35 21.58 12.83
N ARG C 398 -46.73 20.41 12.88
CA ARG C 398 -45.95 19.88 11.77
C ARG C 398 -46.74 18.75 11.11
N SER C 399 -46.89 18.84 9.79
CA SER C 399 -47.53 17.79 9.00
C SER C 399 -46.43 16.95 8.35
N LEU C 400 -46.33 15.70 8.76
CA LEU C 400 -45.26 14.83 8.27
C LEU C 400 -45.80 13.86 7.23
N ILE C 401 -44.86 13.31 6.46
CA ILE C 401 -45.17 12.29 5.46
C ILE C 401 -44.54 10.99 5.93
N VAL C 402 -45.37 10.03 6.28
CA VAL C 402 -44.92 8.70 6.67
C VAL C 402 -45.05 7.79 5.47
N THR C 403 -44.14 6.82 5.38
CA THR C 403 -44.08 5.94 4.23
C THR C 403 -43.99 4.48 4.69
N THR C 404 -44.68 3.61 3.96
CA THR C 404 -44.77 2.19 4.29
C THR C 404 -44.48 1.35 3.04
N ILE C 405 -44.63 0.04 3.18
CA ILE C 405 -44.39 -0.89 2.09
C ILE C 405 -45.52 -1.90 1.89
N LEU C 406 -46.43 -2.04 2.86
CA LEU C 406 -47.63 -2.92 2.80
C LEU C 406 -47.30 -4.38 2.53
N GLU C 407 -46.15 -4.85 2.99
CA GLU C 407 -45.76 -6.24 2.81
C GLU C 407 -45.97 -7.06 4.07
N GLU C 408 -45.40 -6.62 5.17
CA GLU C 408 -45.48 -7.23 6.48
C GLU C 408 -46.89 -7.10 7.06
N PRO C 409 -47.32 -8.03 7.91
CA PRO C 409 -48.56 -7.82 8.68
C PRO C 409 -48.50 -6.71 9.73
N TYR C 410 -47.36 -6.05 9.92
CA TYR C 410 -47.34 -4.78 10.64
C TYR C 410 -48.20 -3.74 9.92
N VAL C 411 -48.07 -3.65 8.61
CA VAL C 411 -48.79 -2.69 7.78
C VAL C 411 -49.75 -3.47 6.90
N LEU C 412 -51.00 -3.55 7.29
CA LEU C 412 -52.01 -4.30 6.55
C LEU C 412 -52.93 -3.35 5.80
N PHE C 413 -53.34 -3.77 4.61
CA PHE C 413 -54.30 -3.01 3.83
C PHE C 413 -55.71 -3.46 4.20
N LYS C 414 -56.57 -2.52 4.53
CA LYS C 414 -57.91 -2.83 4.99
C LYS C 414 -58.78 -3.28 3.83
N LYS C 415 -59.48 -4.39 4.02
CA LYS C 415 -60.28 -5.01 2.97
C LYS C 415 -61.76 -4.80 3.27
N SER C 416 -62.46 -4.16 2.34
CA SER C 416 -63.89 -3.92 2.47
C SER C 416 -64.47 -3.72 1.07
N ASP C 417 -65.79 -3.60 1.00
CA ASP C 417 -66.46 -3.40 -0.28
C ASP C 417 -66.23 -1.98 -0.80
N LYS C 418 -66.39 -0.99 0.07
CA LYS C 418 -66.16 0.39 -0.32
C LYS C 418 -64.67 0.70 -0.29
N PRO C 419 -64.10 1.25 -1.36
CA PRO C 419 -62.68 1.65 -1.32
C PRO C 419 -62.47 2.86 -0.43
N LEU C 420 -61.54 2.75 0.51
CA LEU C 420 -61.26 3.80 1.47
C LEU C 420 -60.01 4.58 1.07
N TYR C 421 -59.95 5.82 1.54
CA TYR C 421 -58.92 6.76 1.12
C TYR C 421 -58.28 7.40 2.35
N GLY C 422 -57.08 7.94 2.14
CA GLY C 422 -56.37 8.65 3.18
C GLY C 422 -55.69 7.73 4.16
N ASN C 423 -56.19 7.70 5.41
CA ASN C 423 -55.62 6.85 6.45
C ASN C 423 -56.52 5.68 6.82
N ASP C 424 -57.73 5.61 6.28
CA ASP C 424 -58.61 4.48 6.55
C ASP C 424 -58.27 3.25 5.73
N ARG C 425 -57.47 3.41 4.67
CA ARG C 425 -57.10 2.30 3.81
C ARG C 425 -56.03 1.41 4.43
N PHE C 426 -55.35 1.88 5.47
CA PHE C 426 -54.25 1.16 6.08
C PHE C 426 -54.62 0.71 7.49
N GLU C 427 -54.16 -0.48 7.86
CA GLU C 427 -54.36 -0.99 9.21
C GLU C 427 -53.17 -1.87 9.57
N GLY C 428 -53.31 -2.64 10.64
CA GLY C 428 -52.23 -3.45 11.13
C GLY C 428 -51.58 -2.85 12.36
N TYR C 429 -50.33 -3.25 12.58
CA TYR C 429 -49.66 -2.89 13.82
C TYR C 429 -49.04 -1.50 13.75
N CYS C 430 -48.37 -1.17 12.64
CA CYS C 430 -47.70 0.12 12.53
C CYS C 430 -48.67 1.27 12.44
N ILE C 431 -49.87 1.04 11.90
CA ILE C 431 -50.87 2.10 11.82
C ILE C 431 -51.44 2.40 13.21
N ASP C 432 -51.63 1.37 14.04
CA ASP C 432 -52.02 1.60 15.43
C ASP C 432 -50.88 2.22 16.22
N LEU C 433 -49.63 1.91 15.87
CA LEU C 433 -48.48 2.56 16.48
C LEU C 433 -48.46 4.05 16.14
N LEU C 434 -48.77 4.41 14.90
CA LEU C 434 -48.90 5.81 14.53
C LEU C 434 -50.10 6.48 15.18
N ARG C 435 -51.18 5.73 15.40
CA ARG C 435 -52.33 6.26 16.12
C ARG C 435 -51.98 6.61 17.56
N GLU C 436 -51.21 5.72 18.21
CA GLU C 436 -50.75 6.01 19.56
C GLU C 436 -49.73 7.14 19.60
N LEU C 437 -48.88 7.23 18.56
CA LEU C 437 -47.91 8.32 18.50
C LEU C 437 -48.58 9.67 18.28
N SER C 438 -49.58 9.73 17.39
CA SER C 438 -50.35 10.95 17.18
C SER C 438 -51.28 11.24 18.35
N THR C 439 -51.60 10.24 19.17
CA THR C 439 -52.20 10.53 20.46
C THR C 439 -51.19 11.18 21.39
N ILE C 440 -49.92 10.75 21.31
CA ILE C 440 -48.89 11.30 22.18
C ILE C 440 -48.36 12.61 21.62
N LEU C 441 -47.88 12.59 20.38
CA LEU C 441 -47.26 13.79 19.80
C LEU C 441 -48.29 14.84 19.43
N GLY C 442 -49.42 14.42 18.86
CA GLY C 442 -50.39 15.35 18.34
C GLY C 442 -50.17 15.73 16.89
N PHE C 443 -49.13 15.23 16.26
CA PHE C 443 -48.79 15.64 14.91
C PHE C 443 -49.71 14.98 13.89
N THR C 444 -49.64 15.48 12.66
CA THR C 444 -50.46 15.00 11.55
C THR C 444 -49.57 14.26 10.56
N TYR C 445 -50.02 13.09 10.14
CA TYR C 445 -49.25 12.24 9.24
C TYR C 445 -50.07 11.97 7.98
N GLU C 446 -49.37 11.95 6.84
CA GLU C 446 -49.96 11.48 5.59
C GLU C 446 -49.21 10.22 5.15
N ILE C 447 -49.97 9.17 4.87
CA ILE C 447 -49.38 7.85 4.62
C ILE C 447 -49.20 7.65 3.14
N ARG C 448 -48.01 7.22 2.74
CA ARG C 448 -47.68 7.02 1.34
C ARG C 448 -46.91 5.72 1.19
N LEU C 449 -47.09 5.07 0.05
CA LEU C 449 -46.34 3.88 -0.31
C LEU C 449 -45.10 4.27 -1.10
N VAL C 450 -44.26 3.28 -1.37
CA VAL C 450 -43.07 3.44 -2.19
C VAL C 450 -43.30 2.67 -3.49
N GLU C 451 -43.20 3.37 -4.62
CA GLU C 451 -43.43 2.74 -5.91
C GLU C 451 -42.30 1.80 -6.30
N ASP C 452 -41.09 2.00 -5.75
CA ASP C 452 -40.00 1.09 -6.02
C ASP C 452 -40.21 -0.26 -5.34
N GLY C 453 -40.85 -0.27 -4.17
CA GLY C 453 -41.13 -1.50 -3.47
C GLY C 453 -39.95 -2.13 -2.77
N LYS C 454 -38.82 -1.43 -2.69
CA LYS C 454 -37.60 -1.96 -2.11
C LYS C 454 -37.16 -1.10 -0.94
N TYR C 455 -36.40 -1.70 -0.03
CA TYR C 455 -35.91 -0.96 1.13
C TYR C 455 -34.65 -0.17 0.78
N GLY C 456 -33.58 -0.85 0.43
CA GLY C 456 -32.35 -0.17 0.10
C GLY C 456 -31.31 -1.17 -0.37
N ALA C 457 -30.40 -0.68 -1.20
CA ALA C 457 -29.34 -1.51 -1.75
C ALA C 457 -28.13 -0.65 -2.05
N GLN C 458 -26.98 -1.31 -2.14
CA GLN C 458 -25.71 -0.62 -2.39
C GLN C 458 -25.12 -1.13 -3.69
N ASP C 459 -25.96 -1.13 -4.75
CA ASP C 459 -25.58 -1.61 -6.06
C ASP C 459 -24.42 -0.81 -6.64
N ASP C 460 -23.44 -1.53 -7.21
CA ASP C 460 -22.14 -0.98 -7.57
C ASP C 460 -22.14 -0.27 -8.91
N VAL C 461 -23.30 0.09 -9.47
CA VAL C 461 -23.33 0.97 -10.64
C VAL C 461 -22.85 2.36 -10.24
N ASN C 462 -23.39 2.89 -9.14
CA ASN C 462 -22.96 4.17 -8.62
C ASN C 462 -22.86 4.21 -7.11
N GLY C 463 -23.07 3.11 -6.42
CA GLY C 463 -23.28 3.15 -4.98
C GLY C 463 -24.55 3.86 -4.60
N GLN C 464 -25.57 3.78 -5.46
CA GLN C 464 -26.80 4.54 -5.29
C GLN C 464 -27.84 3.69 -4.56
N TRP C 465 -28.42 4.25 -3.51
CA TRP C 465 -29.47 3.56 -2.79
C TRP C 465 -30.78 3.67 -3.56
N ASN C 466 -31.68 2.74 -3.28
CA ASN C 466 -32.95 2.65 -3.99
C ASN C 466 -34.10 2.45 -3.01
N GLY C 467 -35.29 2.83 -3.45
CA GLY C 467 -36.49 2.66 -2.65
C GLY C 467 -36.54 3.53 -1.42
N MET C 468 -36.69 2.89 -0.25
CA MET C 468 -36.97 3.60 1.00
C MET C 468 -35.79 4.44 1.45
N VAL C 469 -34.57 3.91 1.32
CA VAL C 469 -33.38 4.66 1.69
C VAL C 469 -33.18 5.84 0.74
N ARG C 470 -33.49 5.65 -0.54
CA ARG C 470 -33.33 6.73 -1.52
C ARG C 470 -34.35 7.85 -1.29
N GLU C 471 -35.60 7.52 -0.96
CA GLU C 471 -36.54 8.59 -0.67
C GLU C 471 -36.29 9.22 0.70
N LEU C 472 -35.67 8.47 1.62
CA LEU C 472 -35.25 9.10 2.87
C LEU C 472 -34.04 10.00 2.68
N ILE C 473 -33.23 9.77 1.64
CA ILE C 473 -32.17 10.70 1.29
C ILE C 473 -32.76 12.03 0.82
N ASP C 474 -33.74 11.96 -0.06
CA ASP C 474 -34.29 13.14 -0.71
C ASP C 474 -35.30 13.90 0.13
N HIS C 475 -35.62 13.38 1.33
CA HIS C 475 -36.56 13.97 2.29
C HIS C 475 -37.97 14.13 1.70
N LYS C 476 -38.34 13.24 0.79
CA LYS C 476 -39.68 13.28 0.23
C LYS C 476 -40.71 12.81 1.25
N ALA C 477 -40.35 11.85 2.09
CA ALA C 477 -41.11 11.50 3.28
C ALA C 477 -40.20 11.69 4.48
N ASP C 478 -40.63 12.53 5.43
CA ASP C 478 -39.76 12.91 6.53
C ASP C 478 -39.59 11.76 7.52
N LEU C 479 -40.67 11.09 7.87
CA LEU C 479 -40.64 9.97 8.80
C LEU C 479 -40.88 8.68 8.02
N ALA C 480 -40.22 7.61 8.45
CA ALA C 480 -40.37 6.31 7.80
C ALA C 480 -40.60 5.25 8.89
N VAL C 481 -41.86 4.92 9.13
CA VAL C 481 -42.20 3.79 9.98
C VAL C 481 -42.40 2.55 9.10
N ALA C 482 -41.66 1.50 9.41
CA ALA C 482 -41.58 0.32 8.56
C ALA C 482 -41.00 -0.82 9.38
N PRO C 483 -41.22 -2.06 8.97
CA PRO C 483 -40.36 -3.13 9.45
C PRO C 483 -38.99 -3.05 8.81
N LEU C 484 -38.12 -2.19 9.33
CA LEU C 484 -36.80 -1.96 8.77
C LEU C 484 -35.80 -2.17 9.90
N ALA C 485 -34.98 -3.21 9.76
CA ALA C 485 -34.00 -3.52 10.80
C ALA C 485 -32.85 -2.53 10.76
N ILE C 486 -32.28 -2.28 11.93
CA ILE C 486 -31.13 -1.39 12.04
C ILE C 486 -29.90 -2.11 11.52
N THR C 487 -29.27 -1.54 10.50
CA THR C 487 -28.20 -2.20 9.77
C THR C 487 -27.04 -1.23 9.66
N TYR C 488 -25.82 -1.77 9.72
CA TYR C 488 -24.60 -0.95 9.74
C TYR C 488 -24.42 -0.14 8.46
N VAL C 489 -24.74 -0.73 7.30
CA VAL C 489 -24.69 0.03 6.07
C VAL C 489 -25.84 1.03 5.96
N ARG C 490 -26.92 0.83 6.72
CA ARG C 490 -27.99 1.82 6.78
C ARG C 490 -27.77 2.84 7.89
N GLU C 491 -26.82 2.61 8.80
CA GLU C 491 -26.54 3.60 9.84
C GLU C 491 -25.85 4.84 9.27
N LYS C 492 -25.01 4.66 8.25
CA LYS C 492 -24.28 5.79 7.68
C LYS C 492 -25.18 6.71 6.86
N VAL C 493 -26.22 6.16 6.22
CA VAL C 493 -27.05 6.90 5.31
C VAL C 493 -28.22 7.55 6.02
N ILE C 494 -28.94 6.81 6.85
CA ILE C 494 -30.10 7.31 7.56
C ILE C 494 -29.92 7.05 9.05
N ASP C 495 -30.79 7.67 9.83
CA ASP C 495 -30.73 7.56 11.28
C ASP C 495 -31.98 6.88 11.82
N PHE C 496 -31.84 6.29 13.00
CA PHE C 496 -32.91 5.51 13.59
C PHE C 496 -33.23 6.03 14.97
N SER C 497 -34.41 5.65 15.46
CA SER C 497 -34.75 5.85 16.85
C SER C 497 -34.27 4.65 17.66
N LYS C 498 -34.72 4.53 18.90
CA LYS C 498 -34.50 3.29 19.63
C LYS C 498 -35.32 2.17 19.00
N PRO C 499 -34.83 0.93 19.06
CA PRO C 499 -35.66 -0.20 18.62
C PRO C 499 -36.82 -0.41 19.58
N PHE C 500 -38.05 -0.28 19.07
CA PHE C 500 -39.21 -0.50 19.91
C PHE C 500 -39.43 -1.95 20.27
N MET C 501 -38.84 -2.88 19.50
CA MET C 501 -38.79 -4.29 19.86
C MET C 501 -37.58 -4.93 19.21
N THR C 502 -37.09 -5.99 19.84
CA THR C 502 -35.87 -6.66 19.43
C THR C 502 -36.22 -7.92 18.64
N LEU C 503 -35.57 -8.12 17.51
CA LEU C 503 -35.77 -9.28 16.68
C LEU C 503 -34.44 -9.88 16.27
N GLY C 504 -34.51 -11.08 15.71
CA GLY C 504 -33.33 -11.75 15.19
C GLY C 504 -33.72 -12.65 14.05
N ILE C 505 -32.70 -13.17 13.38
CA ILE C 505 -32.91 -14.05 12.24
C ILE C 505 -33.23 -15.45 12.74
N SER C 506 -34.32 -16.03 12.25
CA SER C 506 -34.70 -17.39 12.57
C SER C 506 -34.88 -18.18 11.29
N ILE C 507 -34.88 -19.50 11.42
CA ILE C 507 -34.99 -20.42 10.28
C ILE C 507 -36.40 -20.95 10.20
N LEU C 508 -36.97 -20.93 9.00
CA LEU C 508 -38.34 -21.39 8.77
C LEU C 508 -38.29 -22.71 8.00
N TYR C 509 -39.08 -23.68 8.45
CA TYR C 509 -39.21 -24.96 7.77
C TYR C 509 -40.57 -25.55 8.10
N ARG C 510 -40.97 -26.53 7.29
CA ARG C 510 -42.17 -27.31 7.59
C ARG C 510 -41.96 -28.14 8.85
N LYS C 511 -43.07 -28.44 9.53
CA LYS C 511 -43.00 -29.32 10.68
C LYS C 511 -42.73 -30.73 10.19
N PRO C 512 -41.53 -31.28 10.42
CA PRO C 512 -41.08 -32.47 9.69
C PRO C 512 -41.56 -33.77 10.30
N ASN C 513 -42.83 -34.08 10.10
CA ASN C 513 -43.35 -35.37 10.56
C ASN C 513 -42.88 -36.51 9.65
N GLY C 514 -43.29 -36.51 8.38
CA GLY C 514 -42.84 -37.47 7.37
C GLY C 514 -43.11 -38.92 7.67
N THR C 515 -44.08 -39.22 8.52
CA THR C 515 -44.22 -40.54 9.13
C THR C 515 -45.60 -41.10 8.86
N ASN C 516 -45.66 -42.17 8.07
CA ASN C 516 -46.90 -42.91 7.82
C ASN C 516 -46.62 -44.40 8.03
N PRO C 517 -46.62 -44.86 9.29
CA PRO C 517 -46.42 -46.30 9.52
C PRO C 517 -47.66 -47.09 9.14
N GLY C 518 -47.43 -48.33 8.71
CA GLY C 518 -48.52 -49.15 8.23
C GLY C 518 -48.38 -50.63 8.50
N VAL C 519 -49.25 -51.43 7.86
CA VAL C 519 -49.22 -52.87 8.02
C VAL C 519 -47.99 -53.46 7.32
N PHE C 520 -47.72 -53.02 6.10
CA PHE C 520 -46.66 -53.62 5.29
C PHE C 520 -45.27 -53.22 5.76
N SER C 521 -45.13 -52.05 6.38
CA SER C 521 -43.82 -51.60 6.85
C SER C 521 -43.38 -52.37 8.09
N PHE C 522 -44.30 -52.65 9.00
CA PHE C 522 -43.97 -53.36 10.23
C PHE C 522 -44.07 -54.87 10.09
N LEU C 523 -44.87 -55.36 9.13
CA LEU C 523 -45.02 -56.80 8.95
C LEU C 523 -43.88 -57.38 8.12
N ASN C 524 -43.77 -56.94 6.87
CA ASN C 524 -42.74 -57.42 5.94
C ASN C 524 -42.00 -56.24 5.35
N PRO C 525 -40.99 -55.71 6.05
CA PRO C 525 -40.12 -54.70 5.42
C PRO C 525 -39.16 -55.29 4.40
N LEU C 526 -39.00 -56.61 4.36
CA LEU C 526 -38.11 -57.26 3.42
C LEU C 526 -38.85 -57.50 2.09
N SER C 527 -38.26 -58.30 1.23
CA SER C 527 -38.92 -58.66 -0.02
C SER C 527 -40.04 -59.66 0.26
N PRO C 528 -41.23 -59.45 -0.32
CA PRO C 528 -42.30 -60.44 -0.18
C PRO C 528 -42.04 -61.73 -0.95
N ASP C 529 -41.11 -61.72 -1.92
CA ASP C 529 -40.70 -62.94 -2.60
C ASP C 529 -40.03 -63.91 -1.62
N ILE C 530 -39.24 -63.37 -0.69
CA ILE C 530 -38.63 -64.17 0.37
C ILE C 530 -39.71 -64.78 1.26
N TRP C 531 -40.75 -64.00 1.56
CA TRP C 531 -41.84 -64.45 2.43
C TRP C 531 -42.67 -65.55 1.77
N MET C 532 -42.92 -65.44 0.47
CA MET C 532 -43.66 -66.50 -0.20
C MET C 532 -42.78 -67.72 -0.49
N TYR C 533 -41.46 -67.53 -0.56
CA TYR C 533 -40.55 -68.68 -0.59
C TYR C 533 -40.56 -69.43 0.74
N VAL C 534 -40.63 -68.71 1.86
CA VAL C 534 -40.79 -69.33 3.17
C VAL C 534 -42.15 -70.04 3.27
N LEU C 535 -43.18 -69.45 2.67
CA LEU C 535 -44.50 -70.09 2.62
C LEU C 535 -44.47 -71.38 1.80
N LEU C 536 -43.77 -71.37 0.66
CA LEU C 536 -43.63 -72.58 -0.15
C LEU C 536 -42.79 -73.64 0.57
N ALA C 537 -41.79 -73.22 1.33
CA ALA C 537 -40.99 -74.16 2.12
C ALA C 537 -41.81 -74.77 3.24
N TYR C 538 -42.68 -73.97 3.88
CA TYR C 538 -43.58 -74.51 4.90
C TYR C 538 -44.59 -75.48 4.31
N LEU C 539 -45.08 -75.19 3.11
CA LEU C 539 -45.97 -76.12 2.41
C LEU C 539 -45.25 -77.41 2.06
N GLY C 540 -43.99 -77.33 1.63
CA GLY C 540 -43.22 -78.53 1.34
C GLY C 540 -42.92 -79.37 2.56
N VAL C 541 -42.62 -78.71 3.69
CA VAL C 541 -42.40 -79.42 4.96
C VAL C 541 -43.70 -80.08 5.43
N SER C 542 -44.84 -79.41 5.26
CA SER C 542 -46.12 -80.00 5.62
C SER C 542 -46.50 -81.16 4.70
N VAL C 543 -46.06 -81.13 3.44
CA VAL C 543 -46.25 -82.29 2.57
C VAL C 543 -45.37 -83.46 3.00
N VAL C 544 -44.10 -83.18 3.30
CA VAL C 544 -43.13 -84.24 3.65
C VAL C 544 -43.50 -84.90 4.98
N LEU C 545 -44.03 -84.11 5.94
CA LEU C 545 -44.34 -84.62 7.27
C LEU C 545 -45.49 -85.63 7.30
N PHE C 546 -46.29 -85.72 6.24
CA PHE C 546 -47.41 -86.64 6.18
C PHE C 546 -47.40 -87.43 4.87
N VAL C 547 -46.23 -87.97 4.51
CA VAL C 547 -46.14 -88.84 3.34
C VAL C 547 -46.58 -90.26 3.69
N ILE C 548 -45.95 -90.84 4.70
CA ILE C 548 -46.26 -92.21 5.10
C ILE C 548 -46.98 -92.21 6.44
N LEU C 598 -37.35 -91.62 13.56
CA LEU C 598 -36.27 -90.75 13.99
C LEU C 598 -35.84 -89.82 12.87
N SER C 599 -36.07 -90.24 11.62
CA SER C 599 -35.76 -89.41 10.47
C SER C 599 -36.74 -88.25 10.34
N THR C 600 -37.97 -88.42 10.84
CA THR C 600 -38.93 -87.33 10.90
C THR C 600 -38.44 -86.23 11.84
N ARG C 601 -37.77 -86.62 12.94
CA ARG C 601 -37.11 -85.64 13.80
C ARG C 601 -35.95 -84.94 13.10
N ILE C 602 -35.27 -85.63 12.18
CA ILE C 602 -34.20 -85.00 11.41
C ILE C 602 -34.76 -83.97 10.44
N VAL C 603 -35.89 -84.30 9.78
CA VAL C 603 -36.57 -83.36 8.89
C VAL C 603 -37.10 -82.16 9.68
N GLY C 604 -37.64 -82.41 10.87
CA GLY C 604 -38.06 -81.32 11.75
C GLY C 604 -36.90 -80.48 12.25
N GLY C 605 -35.74 -81.08 12.47
CA GLY C 605 -34.56 -80.31 12.82
C GLY C 605 -34.05 -79.44 11.68
N ILE C 606 -34.17 -79.95 10.44
CA ILE C 606 -33.82 -79.16 9.25
C ILE C 606 -34.76 -77.95 9.12
N TRP C 607 -36.07 -78.19 9.31
CA TRP C 607 -37.06 -77.12 9.27
C TRP C 607 -36.86 -76.12 10.41
N TRP C 608 -36.47 -76.62 11.59
CA TRP C 608 -36.16 -75.79 12.74
C TRP C 608 -34.93 -74.92 12.48
N PHE C 609 -33.90 -75.48 11.85
CA PHE C 609 -32.70 -74.73 11.50
C PHE C 609 -32.99 -73.64 10.48
N PHE C 610 -33.82 -73.95 9.48
CA PHE C 610 -34.19 -72.96 8.47
C PHE C 610 -35.01 -71.82 9.07
N THR C 611 -35.95 -72.15 9.98
CA THR C 611 -36.74 -71.11 10.62
C THR C 611 -35.89 -70.28 11.58
N LEU C 612 -34.90 -70.90 12.23
CA LEU C 612 -33.97 -70.15 13.08
C LEU C 612 -33.14 -69.16 12.27
N ILE C 613 -32.70 -69.59 11.06
CA ILE C 613 -31.98 -68.71 10.16
C ILE C 613 -32.84 -67.54 9.72
N ILE C 614 -34.11 -67.82 9.38
CA ILE C 614 -35.03 -66.78 8.93
C ILE C 614 -35.34 -65.77 10.04
N ILE C 615 -35.57 -66.27 11.27
CA ILE C 615 -35.85 -65.39 12.41
C ILE C 615 -34.64 -64.55 12.78
N SER C 616 -33.43 -65.13 12.73
CA SER C 616 -32.22 -64.37 13.03
C SER C 616 -31.95 -63.30 11.98
N SER C 617 -32.17 -63.62 10.70
CA SER C 617 -32.01 -62.63 9.64
C SER C 617 -33.02 -61.50 9.75
N TYR C 618 -34.27 -61.83 10.07
CA TYR C 618 -35.31 -60.82 10.21
C TYR C 618 -35.06 -59.93 11.42
N THR C 619 -34.56 -60.52 12.51
CA THR C 619 -34.22 -59.75 13.70
C THR C 619 -33.05 -58.81 13.44
N ALA C 620 -32.05 -59.28 12.70
CA ALA C 620 -30.91 -58.43 12.35
C ALA C 620 -31.33 -57.29 11.41
N ASN C 621 -32.22 -57.57 10.47
CA ASN C 621 -32.70 -56.54 9.56
C ASN C 621 -33.53 -55.50 10.28
N LEU C 622 -34.40 -55.92 11.20
CA LEU C 622 -35.19 -54.97 11.99
C LEU C 622 -34.32 -54.16 12.92
N ALA C 623 -33.27 -54.78 13.48
CA ALA C 623 -32.33 -54.06 14.34
C ALA C 623 -31.55 -53.02 13.56
N ALA C 624 -31.13 -53.35 12.33
CA ALA C 624 -30.42 -52.38 11.50
C ALA C 624 -31.35 -51.25 11.06
N PHE C 625 -32.61 -51.56 10.77
CA PHE C 625 -33.57 -50.52 10.39
C PHE C 625 -33.87 -49.60 11.56
N LEU C 626 -34.02 -50.14 12.76
CA LEU C 626 -34.25 -49.29 13.93
C LEU C 626 -33.01 -48.50 14.31
N THR C 627 -31.82 -49.05 14.05
CA THR C 627 -30.58 -48.29 14.27
C THR C 627 -30.47 -47.13 13.30
N VAL C 628 -30.90 -47.34 12.04
CA VAL C 628 -30.94 -46.26 11.07
C VAL C 628 -31.96 -45.20 11.47
N GLU C 629 -33.13 -45.63 11.94
CA GLU C 629 -34.19 -44.69 12.33
C GLU C 629 -33.82 -43.91 13.59
N ARG C 630 -33.07 -44.52 14.51
CA ARG C 630 -32.53 -43.76 15.62
C ARG C 630 -31.33 -42.91 15.22
N MET C 631 -30.64 -43.28 14.15
CA MET C 631 -29.51 -42.52 13.64
C MET C 631 -29.94 -41.49 12.59
N GLU C 632 -30.92 -40.66 12.94
CA GLU C 632 -31.41 -39.62 12.06
C GLU C 632 -31.06 -38.26 12.65
N SER C 633 -30.72 -37.32 11.78
CA SER C 633 -30.28 -35.98 12.19
C SER C 633 -31.22 -34.95 11.56
N PRO C 634 -32.32 -34.60 12.24
CA PRO C 634 -33.12 -33.46 11.80
C PRO C 634 -32.37 -32.16 12.00
N ILE C 635 -32.73 -31.16 11.19
CA ILE C 635 -32.07 -29.87 11.24
C ILE C 635 -32.50 -29.14 12.51
N ASP C 636 -31.53 -28.73 13.31
CA ASP C 636 -31.83 -28.11 14.59
C ASP C 636 -31.15 -26.75 14.72
N SER C 637 -29.95 -26.62 14.18
CA SER C 637 -29.17 -25.41 14.28
C SER C 637 -28.83 -24.89 12.89
N ALA C 638 -28.23 -23.70 12.84
CA ALA C 638 -27.82 -23.13 11.57
C ALA C 638 -26.60 -23.85 11.00
N ASP C 639 -25.78 -24.45 11.86
CA ASP C 639 -24.64 -25.23 11.38
C ASP C 639 -25.07 -26.50 10.68
N ASP C 640 -26.24 -27.04 11.07
CA ASP C 640 -26.83 -28.18 10.38
C ASP C 640 -27.17 -27.84 8.94
N LEU C 641 -27.72 -26.64 8.72
CA LEU C 641 -27.92 -26.15 7.36
C LEU C 641 -26.60 -25.81 6.68
N ALA C 642 -25.61 -25.37 7.45
CA ALA C 642 -24.34 -24.94 6.88
C ALA C 642 -23.53 -26.11 6.33
N LYS C 643 -23.67 -27.29 6.93
CA LYS C 643 -22.99 -28.47 6.41
C LYS C 643 -23.86 -29.28 5.46
N GLN C 644 -25.03 -28.77 5.08
CA GLN C 644 -25.98 -29.50 4.25
C GLN C 644 -26.10 -28.83 2.89
N THR C 645 -26.06 -29.63 1.83
CA THR C 645 -26.27 -29.12 0.47
C THR C 645 -27.53 -29.64 -0.19
N LYS C 646 -28.04 -30.81 0.20
CA LYS C 646 -29.22 -31.37 -0.45
C LYS C 646 -30.48 -30.61 -0.06
N ILE C 647 -30.49 -29.96 1.11
CA ILE C 647 -31.59 -29.12 1.52
C ILE C 647 -31.27 -27.69 1.13
N GLU C 648 -32.15 -27.08 0.34
CA GLU C 648 -31.97 -25.69 -0.05
C GLU C 648 -32.25 -24.77 1.13
N TYR C 649 -31.56 -23.64 1.16
CA TYR C 649 -31.79 -22.65 2.21
C TYR C 649 -31.50 -21.26 1.66
N GLY C 650 -32.33 -20.31 2.05
CA GLY C 650 -32.17 -18.96 1.56
C GLY C 650 -33.02 -17.99 2.34
N ALA C 651 -33.12 -16.77 1.83
CA ALA C 651 -33.84 -15.71 2.50
C ALA C 651 -34.39 -14.75 1.46
N VAL C 652 -34.79 -13.57 1.93
CA VAL C 652 -35.25 -12.49 1.06
C VAL C 652 -34.10 -11.97 0.22
N GLU C 653 -34.35 -11.75 -1.07
CA GLU C 653 -33.33 -11.28 -2.00
C GLU C 653 -32.83 -9.88 -1.64
N ASP C 654 -33.75 -8.97 -1.36
CA ASP C 654 -33.39 -7.60 -0.97
C ASP C 654 -33.81 -7.41 0.48
N GLY C 655 -32.86 -7.55 1.39
CA GLY C 655 -33.16 -7.39 2.80
C GLY C 655 -31.91 -7.42 3.63
N ALA C 656 -32.04 -6.98 4.88
CA ALA C 656 -30.91 -6.89 5.78
C ALA C 656 -30.42 -8.24 6.28
N THR C 657 -31.22 -9.30 6.14
CA THR C 657 -30.78 -10.63 6.51
C THR C 657 -29.67 -11.12 5.58
N MET C 658 -29.76 -10.76 4.30
CA MET C 658 -28.67 -11.05 3.36
C MET C 658 -27.43 -10.25 3.69
N THR C 659 -27.60 -8.98 4.11
CA THR C 659 -26.48 -8.14 4.47
C THR C 659 -25.78 -8.59 5.74
N PHE C 660 -26.48 -9.35 6.59
CA PHE C 660 -25.82 -10.01 7.72
C PHE C 660 -24.81 -11.04 7.25
N PHE C 661 -25.11 -11.74 6.17
CA PHE C 661 -24.14 -12.66 5.59
C PHE C 661 -23.08 -11.96 4.75
N LYS C 662 -23.34 -10.72 4.33
CA LYS C 662 -22.25 -9.93 3.75
C LYS C 662 -21.27 -9.48 4.82
N LYS C 663 -21.79 -9.00 5.94
CA LYS C 663 -20.96 -8.65 7.10
C LYS C 663 -20.89 -9.84 8.06
N SER C 664 -20.34 -10.94 7.55
CA SER C 664 -20.29 -12.19 8.29
C SER C 664 -18.86 -12.48 8.70
N LYS C 665 -18.65 -12.75 9.99
CA LYS C 665 -17.35 -13.15 10.51
C LYS C 665 -17.29 -14.60 10.93
N ILE C 666 -18.42 -15.17 11.34
CA ILE C 666 -18.49 -16.60 11.63
C ILE C 666 -18.45 -17.37 10.31
N SER C 667 -17.64 -18.43 10.29
CA SER C 667 -17.41 -19.18 9.05
C SER C 667 -18.65 -19.92 8.57
N THR C 668 -19.56 -20.26 9.49
CA THR C 668 -20.84 -20.85 9.09
C THR C 668 -21.67 -19.87 8.27
N TYR C 669 -21.70 -18.61 8.70
CA TYR C 669 -22.41 -17.60 7.93
C TYR C 669 -21.66 -17.25 6.65
N ASP C 670 -20.34 -17.46 6.62
CA ASP C 670 -19.59 -17.37 5.38
C ASP C 670 -19.99 -18.46 4.40
N LYS C 671 -20.22 -19.68 4.90
CA LYS C 671 -20.73 -20.77 4.07
C LYS C 671 -22.14 -20.45 3.57
N MET C 672 -22.96 -19.84 4.43
CA MET C 672 -24.29 -19.39 4.05
C MET C 672 -24.24 -18.36 2.93
N TRP C 673 -23.32 -17.39 3.03
CA TRP C 673 -23.19 -16.36 2.03
C TRP C 673 -22.65 -16.90 0.71
N ALA C 674 -21.72 -17.87 0.79
CA ALA C 674 -21.21 -18.50 -0.42
C ALA C 674 -22.28 -19.35 -1.09
N PHE C 675 -23.15 -20.00 -0.31
CA PHE C 675 -24.26 -20.73 -0.90
C PHE C 675 -25.28 -19.79 -1.52
N MET C 676 -25.51 -18.63 -0.91
CA MET C 676 -26.43 -17.65 -1.48
C MET C 676 -25.89 -17.04 -2.76
N SER C 677 -24.57 -16.80 -2.81
CA SER C 677 -23.96 -16.24 -4.01
C SER C 677 -23.88 -17.28 -5.12
N SER C 678 -23.62 -18.54 -4.77
CA SER C 678 -23.50 -19.59 -5.77
C SER C 678 -24.85 -19.97 -6.37
N ARG C 679 -25.92 -19.83 -5.59
CA ARG C 679 -27.25 -20.16 -6.07
C ARG C 679 -28.12 -18.91 -6.13
N ARG C 680 -27.54 -17.82 -6.66
CA ARG C 680 -28.28 -16.58 -6.84
C ARG C 680 -29.36 -16.68 -7.92
N GLN C 681 -29.26 -17.69 -8.79
CA GLN C 681 -30.31 -17.94 -9.78
C GLN C 681 -31.19 -19.13 -9.42
N SER C 682 -30.86 -19.88 -8.38
CA SER C 682 -31.54 -21.13 -8.07
C SER C 682 -32.48 -21.02 -6.88
N VAL C 683 -31.98 -20.63 -5.72
CA VAL C 683 -32.77 -20.64 -4.49
C VAL C 683 -33.04 -19.23 -3.98
N LEU C 684 -32.69 -18.21 -4.76
CA LEU C 684 -32.92 -16.84 -4.35
C LEU C 684 -34.40 -16.51 -4.40
N VAL C 685 -34.91 -15.95 -3.31
CA VAL C 685 -36.35 -15.72 -3.13
C VAL C 685 -36.56 -14.23 -2.93
N LYS C 686 -37.46 -13.66 -3.74
CA LYS C 686 -37.65 -12.21 -3.76
C LYS C 686 -38.44 -11.73 -2.55
N SER C 687 -39.68 -12.18 -2.41
CA SER C 687 -40.60 -11.64 -1.43
C SER C 687 -40.67 -12.55 -0.20
N ASN C 688 -41.54 -12.17 0.74
CA ASN C 688 -41.78 -13.02 1.91
C ASN C 688 -42.62 -14.23 1.54
N GLU C 689 -43.74 -14.00 0.85
CA GLU C 689 -44.70 -15.07 0.55
C GLU C 689 -44.20 -16.03 -0.52
N GLU C 690 -43.19 -15.65 -1.29
CA GLU C 690 -42.52 -16.61 -2.16
C GLU C 690 -41.78 -17.66 -1.34
N GLY C 691 -41.16 -17.24 -0.24
CA GLY C 691 -40.49 -18.18 0.64
C GLY C 691 -41.46 -19.05 1.43
N ILE C 692 -42.67 -18.55 1.67
CA ILE C 692 -43.70 -19.36 2.31
C ILE C 692 -44.17 -20.47 1.38
N GLN C 693 -44.33 -20.16 0.10
CA GLN C 693 -44.76 -21.17 -0.85
C GLN C 693 -43.65 -22.14 -1.21
N ARG C 694 -42.39 -21.70 -1.17
CA ARG C 694 -41.31 -22.57 -1.59
C ARG C 694 -40.98 -23.63 -0.54
N VAL C 695 -41.14 -23.32 0.76
CA VAL C 695 -40.93 -24.35 1.77
C VAL C 695 -42.07 -25.37 1.74
N LEU C 696 -43.29 -24.94 1.44
CA LEU C 696 -44.44 -25.83 1.44
C LEU C 696 -44.55 -26.64 0.16
N THR C 697 -43.72 -26.37 -0.84
CA THR C 697 -43.74 -27.10 -2.10
C THR C 697 -42.44 -27.81 -2.43
N SER C 698 -41.33 -27.44 -1.81
CA SER C 698 -40.03 -28.03 -2.11
C SER C 698 -39.22 -28.15 -0.83
N ASP C 699 -38.05 -28.78 -0.96
CA ASP C 699 -37.12 -28.94 0.16
C ASP C 699 -36.26 -27.68 0.23
N TYR C 700 -36.85 -26.62 0.76
CA TYR C 700 -36.22 -25.31 0.83
C TYR C 700 -36.41 -24.72 2.22
N ALA C 701 -35.32 -24.40 2.88
CA ALA C 701 -35.39 -23.70 4.16
C ALA C 701 -35.42 -22.20 3.91
N PHE C 702 -36.04 -21.48 4.83
CA PHE C 702 -36.17 -20.04 4.70
C PHE C 702 -35.67 -19.34 5.95
N LEU C 703 -35.06 -18.18 5.78
CA LEU C 703 -34.59 -17.35 6.88
C LEU C 703 -35.46 -16.10 6.97
N MET C 704 -35.99 -15.84 8.16
CA MET C 704 -36.95 -14.76 8.34
C MET C 704 -36.83 -14.22 9.75
N GLU C 705 -37.30 -12.98 9.93
CA GLU C 705 -37.30 -12.35 11.23
C GLU C 705 -38.34 -12.97 12.15
N SER C 706 -38.11 -12.84 13.45
CA SER C 706 -38.73 -13.71 14.45
C SER C 706 -40.23 -13.48 14.63
N THR C 707 -40.72 -12.24 14.48
CA THR C 707 -42.15 -12.01 14.65
C THR C 707 -42.94 -12.56 13.47
N THR C 708 -42.36 -12.52 12.27
CA THR C 708 -43.02 -13.09 11.11
C THR C 708 -43.02 -14.62 11.18
N ILE C 709 -41.95 -15.19 11.77
CA ILE C 709 -41.92 -16.61 12.12
C ILE C 709 -43.08 -16.97 13.04
N GLU C 710 -43.27 -16.18 14.09
CA GLU C 710 -44.33 -16.46 15.06
C GLU C 710 -45.71 -16.30 14.44
N PHE C 711 -45.87 -15.32 13.54
CA PHE C 711 -47.14 -15.12 12.87
C PHE C 711 -47.47 -16.26 11.91
N VAL C 712 -46.52 -16.68 11.08
CA VAL C 712 -46.82 -17.74 10.12
C VAL C 712 -46.81 -19.13 10.75
N THR C 713 -46.25 -19.30 11.96
CA THR C 713 -46.37 -20.59 12.61
C THR C 713 -47.57 -20.67 13.54
N GLN C 714 -48.05 -19.56 14.07
CA GLN C 714 -49.34 -19.60 14.75
C GLN C 714 -50.48 -19.69 13.74
N ARG C 715 -50.34 -19.06 12.58
CA ARG C 715 -51.39 -19.10 11.57
C ARG C 715 -51.42 -20.45 10.86
N ASN C 716 -50.26 -20.99 10.52
CA ASN C 716 -50.16 -22.27 9.81
C ASN C 716 -49.44 -23.27 10.70
N CYS C 717 -50.09 -24.42 10.93
CA CYS C 717 -49.54 -25.45 11.79
C CYS C 717 -48.66 -26.45 11.06
N ASN C 718 -48.55 -26.36 9.74
CA ASN C 718 -47.67 -27.26 8.99
C ASN C 718 -46.21 -26.84 9.05
N LEU C 719 -45.91 -25.66 9.56
CA LEU C 719 -44.57 -25.11 9.60
C LEU C 719 -44.05 -25.06 11.03
N THR C 720 -42.75 -24.80 11.15
CA THR C 720 -42.11 -24.76 12.46
C THR C 720 -40.90 -23.83 12.40
N GLN C 721 -40.39 -23.49 13.58
CA GLN C 721 -39.19 -22.69 13.73
C GLN C 721 -38.03 -23.60 14.13
N ILE C 722 -36.94 -23.54 13.39
CA ILE C 722 -35.76 -24.34 13.65
C ILE C 722 -34.71 -23.43 14.28
N GLY C 723 -34.26 -23.79 15.47
CA GLY C 723 -33.24 -23.01 16.16
C GLY C 723 -33.80 -21.79 16.84
N GLY C 724 -32.91 -21.11 17.55
CA GLY C 724 -33.26 -19.89 18.26
C GLY C 724 -32.96 -18.65 17.43
N LEU C 725 -32.72 -17.55 18.14
CA LEU C 725 -32.40 -16.27 17.50
C LEU C 725 -30.90 -16.24 17.22
N ILE C 726 -30.53 -16.41 15.96
CA ILE C 726 -29.11 -16.44 15.60
C ILE C 726 -28.51 -15.04 15.48
N ASP C 727 -29.33 -14.00 15.51
CA ASP C 727 -28.86 -12.63 15.45
C ASP C 727 -29.70 -11.78 16.40
N SER C 728 -29.38 -10.50 16.48
CA SER C 728 -30.13 -9.55 17.29
C SER C 728 -30.21 -8.23 16.51
N LYS C 729 -31.29 -8.04 15.76
CA LYS C 729 -31.50 -6.84 14.98
C LYS C 729 -32.83 -6.24 15.41
N GLY C 730 -32.77 -5.20 16.24
CA GLY C 730 -33.98 -4.53 16.69
C GLY C 730 -34.59 -3.70 15.57
N TYR C 731 -35.90 -3.53 15.62
CA TYR C 731 -36.62 -2.78 14.60
C TYR C 731 -37.05 -1.43 15.14
N GLY C 732 -36.69 -0.37 14.43
CA GLY C 732 -37.02 0.98 14.78
C GLY C 732 -37.70 1.69 13.61
N VAL C 733 -37.72 3.02 13.69
CA VAL C 733 -38.28 3.85 12.64
C VAL C 733 -37.12 4.49 11.86
N GLY C 734 -37.44 4.99 10.68
CA GLY C 734 -36.43 5.55 9.80
C GLY C 734 -36.51 7.05 9.68
N THR C 735 -35.39 7.73 9.92
CA THR C 735 -35.25 9.18 9.81
C THR C 735 -34.00 9.51 9.01
N PRO C 736 -34.01 10.63 8.27
CA PRO C 736 -32.82 10.98 7.49
C PRO C 736 -31.66 11.51 8.31
N MET C 737 -30.60 11.95 7.64
CA MET C 737 -29.47 12.57 8.32
C MET C 737 -29.89 13.89 8.94
N GLY C 738 -29.45 14.13 10.17
CA GLY C 738 -29.97 15.24 10.93
C GLY C 738 -31.29 14.83 11.55
N SER C 739 -32.39 15.26 10.95
CA SER C 739 -33.77 14.89 11.24
C SER C 739 -34.14 15.10 12.70
N PRO C 740 -34.39 16.34 13.14
CA PRO C 740 -34.58 16.62 14.57
C PRO C 740 -35.87 16.07 15.17
N TYR C 741 -36.74 15.44 14.37
CA TYR C 741 -37.93 14.79 14.91
C TYR C 741 -37.59 13.55 15.72
N ARG C 742 -36.44 12.91 15.43
CA ARG C 742 -36.18 11.56 15.89
C ARG C 742 -35.91 11.46 17.38
N ASP C 743 -35.57 12.56 18.05
CA ASP C 743 -35.21 12.47 19.45
C ASP C 743 -36.45 12.35 20.33
N LYS C 744 -37.37 13.31 20.19
CA LYS C 744 -38.55 13.40 21.05
C LYS C 744 -39.46 12.19 20.88
N ILE C 745 -39.64 11.74 19.64
CA ILE C 745 -40.44 10.55 19.36
C ILE C 745 -39.79 9.30 19.96
N THR C 746 -38.46 9.29 20.08
CA THR C 746 -37.77 8.20 20.78
C THR C 746 -38.18 8.17 22.25
N ILE C 747 -38.28 9.36 22.87
CA ILE C 747 -38.79 9.46 24.23
C ILE C 747 -40.24 9.00 24.29
N ALA C 748 -40.99 9.25 23.20
CA ALA C 748 -42.37 8.76 23.10
C ALA C 748 -42.42 7.24 23.14
N ILE C 749 -41.50 6.56 22.43
CA ILE C 749 -41.56 5.11 22.53
C ILE C 749 -40.88 4.65 23.80
N LEU C 750 -40.05 5.51 24.41
CA LEU C 750 -39.59 5.24 25.75
C LEU C 750 -40.69 5.41 26.77
N GLN C 751 -41.74 6.17 26.44
CA GLN C 751 -42.96 6.12 27.23
C GLN C 751 -43.70 4.81 26.99
N LEU C 752 -43.63 4.27 25.77
CA LEU C 752 -44.48 3.15 25.36
C LEU C 752 -44.11 1.88 26.12
N GLN C 753 -42.83 1.56 26.19
CA GLN C 753 -42.38 0.47 27.05
C GLN C 753 -42.55 0.82 28.52
N GLU C 754 -42.54 2.11 28.85
CA GLU C 754 -43.00 2.54 30.17
C GLU C 754 -44.49 2.25 30.34
N GLU C 755 -45.28 2.52 29.29
CA GLU C 755 -46.71 2.28 29.38
C GLU C 755 -47.05 0.80 29.24
N GLY C 756 -46.28 0.07 28.44
CA GLY C 756 -46.60 -1.32 28.18
C GLY C 756 -47.72 -1.55 27.20
N LYS C 757 -48.22 -0.48 26.55
CA LYS C 757 -49.29 -0.62 25.57
C LYS C 757 -48.81 -1.32 24.31
N LEU C 758 -47.51 -1.24 24.04
CA LEU C 758 -46.89 -1.88 22.88
C LEU C 758 -47.03 -3.40 22.95
N HIS C 759 -47.03 -3.96 24.16
CA HIS C 759 -47.09 -5.41 24.35
C HIS C 759 -48.43 -5.99 23.89
N MET C 760 -49.53 -5.56 24.51
CA MET C 760 -50.82 -6.08 24.08
C MET C 760 -51.29 -5.50 22.76
N MET C 761 -50.73 -4.37 22.33
CA MET C 761 -50.96 -3.93 20.95
C MET C 761 -50.33 -4.90 19.96
N LYS C 762 -49.16 -5.44 20.28
CA LYS C 762 -48.59 -6.52 19.47
C LYS C 762 -49.42 -7.79 19.58
N GLU C 763 -49.87 -8.11 20.79
CA GLU C 763 -50.63 -9.33 21.04
C GLU C 763 -52.03 -9.31 20.41
N LYS C 764 -52.53 -8.12 20.07
CA LYS C 764 -53.79 -8.01 19.34
C LYS C 764 -53.70 -8.65 17.96
N TRP C 765 -52.60 -8.42 17.25
CA TRP C 765 -52.39 -9.07 15.95
C TRP C 765 -51.63 -10.38 16.07
N TRP C 766 -50.97 -10.64 17.20
CA TRP C 766 -50.21 -11.87 17.38
C TRP C 766 -51.01 -12.80 18.29
N ARG C 767 -51.92 -13.54 17.67
CA ARG C 767 -52.72 -14.55 18.36
C ARG C 767 -53.17 -15.58 17.33
N GLY C 768 -53.54 -16.76 17.82
CA GLY C 768 -54.07 -17.81 16.98
C GLY C 768 -53.06 -18.43 16.04
N VAL C 784 -46.30 -47.07 17.17
CA VAL C 784 -46.31 -48.35 17.88
C VAL C 784 -47.71 -48.95 17.75
N GLN C 785 -48.68 -48.10 17.40
CA GLN C 785 -50.03 -48.58 17.17
C GLN C 785 -50.14 -49.40 15.89
N ASN C 786 -49.33 -49.08 14.88
CA ASN C 786 -49.33 -49.85 13.65
C ASN C 786 -48.61 -51.19 13.79
N ILE C 787 -47.78 -51.34 14.82
CA ILE C 787 -47.25 -52.65 15.17
C ILE C 787 -48.37 -53.54 15.70
N GLY C 788 -49.34 -52.97 16.41
CA GLY C 788 -50.48 -53.72 16.89
C GLY C 788 -51.51 -54.04 15.83
N GLY C 789 -51.41 -53.40 14.65
CA GLY C 789 -52.33 -53.72 13.57
C GLY C 789 -52.12 -55.12 13.02
N ILE C 790 -50.86 -55.49 12.77
CA ILE C 790 -50.57 -56.86 12.34
C ILE C 790 -50.79 -57.83 13.48
N PHE C 791 -50.69 -57.37 14.72
CA PHE C 791 -50.98 -58.19 15.89
C PHE C 791 -52.46 -58.56 15.95
N ILE C 792 -53.35 -57.59 15.76
CA ILE C 792 -54.77 -57.91 15.80
C ILE C 792 -55.23 -58.61 14.51
N VAL C 793 -54.53 -58.40 13.39
CA VAL C 793 -54.80 -59.18 12.19
C VAL C 793 -54.48 -60.66 12.40
N LEU C 794 -53.31 -60.95 13.00
CA LEU C 794 -52.97 -62.34 13.25
C LEU C 794 -53.75 -62.93 14.42
N ALA C 795 -54.23 -62.09 15.35
CA ALA C 795 -55.16 -62.57 16.37
C ALA C 795 -56.50 -62.98 15.76
N ALA C 796 -57.00 -62.18 14.81
CA ALA C 796 -58.20 -62.57 14.06
C ALA C 796 -57.95 -63.81 13.21
N GLY C 797 -56.72 -63.98 12.71
CA GLY C 797 -56.38 -65.21 12.02
C GLY C 797 -56.37 -66.42 12.93
N LEU C 798 -55.93 -66.24 14.18
CA LEU C 798 -56.02 -67.29 15.19
C LEU C 798 -57.47 -67.64 15.51
N VAL C 799 -58.33 -66.62 15.60
CA VAL C 799 -59.77 -66.83 15.82
C VAL C 799 -60.40 -67.56 14.64
N LEU C 800 -59.98 -67.23 13.41
CA LEU C 800 -60.46 -67.94 12.23
C LEU C 800 -59.97 -69.39 12.21
N SER C 801 -58.72 -69.63 12.63
CA SER C 801 -58.17 -70.98 12.64
C SER C 801 -58.82 -71.86 13.69
N VAL C 802 -59.22 -71.29 14.83
CA VAL C 802 -59.95 -72.09 15.80
C VAL C 802 -61.45 -72.15 15.47
N PHE C 803 -61.94 -71.25 14.61
CA PHE C 803 -63.32 -71.37 14.12
C PHE C 803 -63.45 -72.43 13.05
N VAL C 804 -62.41 -72.64 12.25
CA VAL C 804 -62.45 -73.65 11.20
C VAL C 804 -62.47 -75.06 11.81
N ALA C 805 -61.68 -75.29 12.85
CA ALA C 805 -61.47 -76.61 13.42
C ALA C 805 -62.55 -77.03 14.43
N VAL C 806 -63.74 -76.44 14.38
CA VAL C 806 -64.83 -76.83 15.28
C VAL C 806 -65.46 -78.14 14.80
N HIS D 1 -11.41 65.64 -45.15
CA HIS D 1 -12.10 66.29 -44.04
C HIS D 1 -11.34 66.09 -42.73
N VAL D 2 -11.55 67.00 -41.79
CA VAL D 2 -10.85 66.98 -40.51
C VAL D 2 -11.82 66.48 -39.44
N LEU D 3 -11.41 65.44 -38.72
CA LEU D 3 -12.20 64.87 -37.64
C LEU D 3 -11.35 64.82 -36.39
N ARG D 4 -11.98 65.02 -35.24
CA ARG D 4 -11.27 65.11 -33.97
C ARG D 4 -11.69 63.97 -33.06
N PHE D 5 -10.73 63.40 -32.36
CA PHE D 5 -10.97 62.34 -31.39
C PHE D 5 -10.55 62.79 -29.99
N GLY D 6 -11.28 62.31 -28.99
CA GLY D 6 -11.02 62.65 -27.61
C GLY D 6 -10.16 61.59 -26.95
N GLY D 7 -9.02 62.01 -26.43
CA GLY D 7 -8.13 61.09 -25.75
C GLY D 7 -7.87 61.49 -24.31
N ILE D 8 -8.33 60.66 -23.38
CA ILE D 8 -8.09 60.88 -21.95
C ILE D 8 -7.11 59.82 -21.50
N PHE D 9 -5.98 60.25 -20.95
CA PHE D 9 -4.93 59.33 -20.54
C PHE D 9 -4.37 59.77 -19.20
N GLU D 10 -4.36 58.85 -18.25
CA GLU D 10 -3.83 59.13 -16.92
C GLU D 10 -2.31 59.15 -17.01
N TYR D 11 -1.72 60.34 -16.85
CA TYR D 11 -0.31 60.51 -17.10
C TYR D 11 0.51 60.24 -15.85
N VAL D 12 1.77 59.85 -16.08
CA VAL D 12 2.77 59.71 -15.03
C VAL D 12 3.65 60.94 -15.09
N GLU D 13 3.90 61.55 -13.93
CA GLU D 13 4.83 62.67 -13.85
C GLU D 13 6.24 62.23 -14.20
N SER D 14 6.93 63.07 -14.96
CA SER D 14 8.25 62.86 -15.57
C SER D 14 8.19 61.59 -16.44
N GLY D 15 9.33 60.92 -16.60
CA GLY D 15 9.40 59.67 -17.31
C GLY D 15 9.16 59.81 -18.79
N PRO D 16 8.84 58.71 -19.46
CA PRO D 16 8.46 58.79 -20.88
C PRO D 16 6.96 59.02 -21.05
N MET D 17 6.52 59.08 -22.30
CA MET D 17 5.09 59.14 -22.61
C MET D 17 4.44 57.80 -22.31
N GLY D 18 3.16 57.84 -21.95
CA GLY D 18 2.43 56.63 -21.62
C GLY D 18 2.22 55.73 -22.83
N ALA D 19 2.03 54.43 -22.55
CA ALA D 19 1.99 53.44 -23.62
C ALA D 19 0.70 53.50 -24.40
N GLU D 20 -0.42 53.72 -23.72
CA GLU D 20 -1.73 53.76 -24.38
C GLU D 20 -1.85 54.99 -25.27
N GLU D 21 -1.34 56.14 -24.83
CA GLU D 21 -1.37 57.33 -25.65
C GLU D 21 -0.44 57.21 -26.84
N LEU D 22 0.70 56.53 -26.66
CA LEU D 22 1.59 56.24 -27.76
C LEU D 22 0.94 55.34 -28.79
N ALA D 23 0.18 54.33 -28.32
CA ALA D 23 -0.57 53.47 -29.24
C ALA D 23 -1.67 54.23 -29.96
N PHE D 24 -2.32 55.15 -29.26
CA PHE D 24 -3.38 55.96 -29.84
C PHE D 24 -2.85 56.86 -30.96
N ARG D 25 -1.74 57.56 -30.69
CA ARG D 25 -1.17 58.44 -31.71
C ARG D 25 -0.49 57.65 -32.83
N PHE D 26 0.05 56.47 -32.52
CA PHE D 26 0.60 55.61 -33.56
C PHE D 26 -0.50 55.09 -34.48
N ALA D 27 -1.66 54.76 -33.92
CA ALA D 27 -2.80 54.34 -34.72
C ALA D 27 -3.31 55.47 -35.60
N VAL D 28 -3.34 56.69 -35.05
CA VAL D 28 -3.75 57.86 -35.81
C VAL D 28 -2.80 58.12 -36.98
N ASN D 29 -1.49 58.03 -36.72
CA ASN D 29 -0.50 58.28 -37.76
C ASN D 29 -0.51 57.20 -38.84
N THR D 30 -0.73 55.94 -38.45
CA THR D 30 -0.78 54.87 -39.45
C THR D 30 -2.06 54.92 -40.27
N ILE D 31 -3.17 55.37 -39.68
CA ILE D 31 -4.39 55.54 -40.45
C ILE D 31 -4.26 56.73 -41.41
N ASN D 32 -3.63 57.82 -40.94
CA ASN D 32 -3.44 59.00 -41.78
C ASN D 32 -2.45 58.74 -42.91
N ARG D 33 -1.45 57.89 -42.69
CA ARG D 33 -0.54 57.53 -43.77
C ARG D 33 -1.20 56.61 -44.79
N ASN D 34 -2.06 55.71 -44.32
CA ASN D 34 -2.77 54.82 -45.24
C ASN D 34 -3.84 55.58 -46.00
N ARG D 35 -4.04 55.19 -47.26
CA ARG D 35 -5.09 55.75 -48.09
C ARG D 35 -6.16 54.73 -48.47
N THR D 36 -5.94 53.45 -48.19
CA THR D 36 -6.97 52.45 -48.44
C THR D 36 -8.14 52.60 -47.48
N LEU D 37 -7.89 53.14 -46.28
CA LEU D 37 -8.91 53.37 -45.28
C LEU D 37 -8.99 54.87 -45.03
N LEU D 38 -10.23 55.40 -45.00
CA LEU D 38 -10.58 56.82 -44.89
C LEU D 38 -9.85 57.65 -45.94
N PRO D 39 -10.29 57.59 -47.21
CA PRO D 39 -9.49 58.19 -48.28
C PRO D 39 -9.52 59.71 -48.29
N ASN D 40 -10.68 60.33 -48.08
CA ASN D 40 -10.82 61.78 -48.14
C ASN D 40 -11.09 62.41 -46.78
N THR D 41 -10.65 61.75 -45.70
CA THR D 41 -10.84 62.26 -44.35
C THR D 41 -9.57 62.07 -43.56
N THR D 42 -9.16 63.11 -42.83
CA THR D 42 -8.01 63.05 -41.93
C THR D 42 -8.49 63.14 -40.49
N LEU D 43 -7.68 62.60 -39.58
CA LEU D 43 -8.03 62.52 -38.17
C LEU D 43 -7.08 63.36 -37.34
N THR D 44 -7.63 64.04 -36.35
CA THR D 44 -6.86 64.79 -35.36
C THR D 44 -7.22 64.28 -33.97
N TYR D 45 -6.37 64.57 -33.01
CA TYR D 45 -6.58 64.15 -31.64
C TYR D 45 -6.38 65.32 -30.69
N ASP D 46 -6.91 65.16 -29.48
CA ASP D 46 -6.69 66.11 -28.38
C ASP D 46 -6.45 65.28 -27.13
N THR D 47 -5.18 64.98 -26.86
CA THR D 47 -4.85 64.18 -25.69
C THR D 47 -4.93 65.03 -24.43
N GLN D 48 -5.29 64.39 -23.33
CA GLN D 48 -5.39 65.03 -22.03
C GLN D 48 -4.58 64.25 -21.01
N LYS D 49 -4.11 64.96 -19.99
CA LYS D 49 -3.28 64.38 -18.95
C LYS D 49 -3.99 64.56 -17.62
N ILE D 50 -4.63 63.50 -17.12
CA ILE D 50 -5.36 63.55 -15.87
C ILE D 50 -4.60 62.72 -14.83
N ASN D 51 -4.99 62.90 -13.58
CA ASN D 51 -4.40 62.10 -12.51
C ASN D 51 -4.98 60.69 -12.51
N LEU D 52 -4.25 59.79 -11.88
CA LEU D 52 -4.76 58.46 -11.63
C LEU D 52 -5.87 58.53 -10.58
N TYR D 53 -6.83 57.58 -10.70
CA TYR D 53 -7.94 57.31 -9.76
C TYR D 53 -8.72 58.57 -9.35
N ASP D 54 -8.90 59.49 -10.28
CA ASP D 54 -9.71 60.68 -10.05
C ASP D 54 -10.75 60.79 -11.13
N SER D 55 -11.98 61.17 -10.74
CA SER D 55 -13.06 61.31 -11.69
C SER D 55 -13.44 62.76 -11.97
N PHE D 56 -13.19 63.67 -11.03
CA PHE D 56 -13.53 65.07 -11.25
C PHE D 56 -12.61 65.72 -12.27
N GLU D 57 -11.32 65.35 -12.24
CA GLU D 57 -10.38 65.82 -13.25
C GLU D 57 -10.75 65.29 -14.63
N ALA D 58 -11.16 64.02 -14.70
CA ALA D 58 -11.65 63.45 -15.95
C ALA D 58 -12.93 64.11 -16.40
N SER D 59 -13.79 64.49 -15.46
CA SER D 59 -15.01 65.22 -15.80
C SER D 59 -14.72 66.59 -16.39
N LYS D 60 -13.75 67.31 -15.81
CA LYS D 60 -13.37 68.62 -16.31
C LYS D 60 -12.71 68.53 -17.68
N LYS D 61 -11.84 67.54 -17.87
CA LYS D 61 -11.18 67.38 -19.17
C LYS D 61 -12.15 66.90 -20.24
N ALA D 62 -13.13 66.07 -19.87
CA ALA D 62 -14.16 65.66 -20.82
C ALA D 62 -15.06 66.82 -21.19
N CYS D 63 -15.37 67.70 -20.22
CA CYS D 63 -16.16 68.88 -20.52
C CYS D 63 -15.39 69.85 -21.43
N ASP D 64 -14.07 69.96 -21.23
CA ASP D 64 -13.26 70.79 -22.12
C ASP D 64 -13.18 70.18 -23.52
N GLN D 65 -13.13 68.85 -23.61
CA GLN D 65 -13.11 68.18 -24.91
C GLN D 65 -14.44 68.35 -25.64
N LEU D 66 -15.56 68.31 -24.92
CA LEU D 66 -16.85 68.56 -25.54
C LEU D 66 -17.05 70.03 -25.87
N SER D 67 -16.37 70.92 -25.14
CA SER D 67 -16.32 72.32 -25.56
C SER D 67 -15.57 72.46 -26.88
N LEU D 68 -14.47 71.72 -27.04
CA LEU D 68 -13.83 71.64 -28.35
C LEU D 68 -14.67 70.82 -29.31
N GLY D 69 -15.32 69.76 -28.82
CA GLY D 69 -16.11 68.90 -29.68
C GLY D 69 -15.27 67.80 -30.29
N VAL D 70 -15.64 66.55 -30.05
CA VAL D 70 -14.95 65.40 -30.62
C VAL D 70 -15.98 64.44 -31.20
N ALA D 71 -15.50 63.54 -32.06
CA ALA D 71 -16.36 62.48 -32.57
C ALA D 71 -16.60 61.41 -31.52
N ALA D 72 -15.57 61.01 -30.78
CA ALA D 72 -15.68 60.00 -29.75
C ALA D 72 -14.58 60.22 -28.73
N ILE D 73 -14.75 59.61 -27.56
CA ILE D 73 -13.81 59.72 -26.46
C ILE D 73 -13.24 58.35 -26.17
N PHE D 74 -11.93 58.27 -25.99
CA PHE D 74 -11.26 57.04 -25.58
C PHE D 74 -10.89 57.19 -24.11
N GLY D 75 -11.57 56.43 -23.26
CA GLY D 75 -11.59 56.71 -21.84
C GLY D 75 -10.39 56.19 -21.11
N PRO D 76 -10.31 56.52 -19.82
CA PRO D 76 -9.19 56.07 -18.99
C PRO D 76 -9.35 54.64 -18.48
N SER D 77 -8.45 54.23 -17.59
CA SER D 77 -8.39 52.84 -17.12
C SER D 77 -9.04 52.62 -15.77
N HIS D 78 -9.03 53.60 -14.87
CA HIS D 78 -9.66 53.43 -13.57
C HIS D 78 -11.18 53.38 -13.70
N SER D 79 -11.81 52.67 -12.76
CA SER D 79 -13.23 52.36 -12.89
C SER D 79 -14.10 53.57 -12.61
N SER D 80 -13.73 54.38 -11.61
CA SER D 80 -14.53 55.55 -11.26
C SER D 80 -14.46 56.62 -12.34
N SER D 81 -13.27 56.85 -12.88
CA SER D 81 -13.09 57.84 -13.94
C SER D 81 -13.80 57.41 -15.22
N ALA D 82 -13.71 56.13 -15.56
CA ALA D 82 -14.42 55.62 -16.74
C ALA D 82 -15.92 55.65 -16.54
N ASN D 83 -16.40 55.41 -15.32
CA ASN D 83 -17.83 55.51 -15.05
C ASN D 83 -18.33 56.94 -15.19
N ALA D 84 -17.56 57.90 -14.68
CA ALA D 84 -17.95 59.31 -14.80
C ALA D 84 -17.93 59.78 -16.24
N VAL D 85 -16.90 59.37 -17.00
CA VAL D 85 -16.79 59.72 -18.41
C VAL D 85 -17.91 59.09 -19.23
N GLN D 86 -18.26 57.83 -18.91
CA GLN D 86 -19.34 57.13 -19.58
C GLN D 86 -20.69 57.78 -19.30
N SER D 87 -20.93 58.21 -18.06
CA SER D 87 -22.19 58.88 -17.76
C SER D 87 -22.27 60.25 -18.42
N ILE D 88 -21.14 60.97 -18.49
CA ILE D 88 -21.10 62.29 -19.09
C ILE D 88 -21.38 62.20 -20.59
N CYS D 89 -20.73 61.26 -21.28
CA CYS D 89 -20.93 61.16 -22.71
C CYS D 89 -22.25 60.50 -23.07
N ASN D 90 -22.77 59.63 -22.20
CA ASN D 90 -24.09 59.06 -22.44
C ASN D 90 -25.18 60.09 -22.22
N ALA D 91 -24.92 61.10 -21.38
CA ALA D 91 -25.85 62.22 -21.29
C ALA D 91 -25.85 63.10 -22.53
N LEU D 92 -24.79 63.06 -23.33
CA LEU D 92 -24.68 63.91 -24.51
C LEU D 92 -24.69 63.14 -25.82
N GLY D 93 -24.74 61.81 -25.78
CA GLY D 93 -24.85 61.02 -26.98
C GLY D 93 -23.55 60.79 -27.73
N VAL D 94 -22.44 61.32 -27.24
CA VAL D 94 -21.14 61.05 -27.87
C VAL D 94 -20.71 59.63 -27.51
N PRO D 95 -20.29 58.81 -28.49
CA PRO D 95 -19.92 57.43 -28.19
C PRO D 95 -18.64 57.33 -27.37
N HIS D 96 -18.60 56.30 -26.53
CA HIS D 96 -17.48 56.03 -25.65
C HIS D 96 -16.85 54.73 -26.05
N ILE D 97 -15.52 54.71 -26.13
CA ILE D 97 -14.78 53.49 -26.37
C ILE D 97 -13.81 53.32 -25.21
N GLN D 98 -13.91 52.20 -24.52
CA GLN D 98 -13.03 51.92 -23.39
C GLN D 98 -12.27 50.63 -23.64
N THR D 99 -10.99 50.63 -23.29
CA THR D 99 -10.12 49.50 -23.58
C THR D 99 -9.83 48.65 -22.37
N ARG D 100 -10.30 49.04 -21.19
CA ARG D 100 -10.08 48.28 -19.97
C ARG D 100 -11.40 47.80 -19.43
N TRP D 101 -11.38 46.64 -18.80
CA TRP D 101 -12.56 46.12 -18.14
C TRP D 101 -12.89 46.95 -16.92
N LYS D 102 -14.18 47.17 -16.69
CA LYS D 102 -14.65 47.76 -15.44
C LYS D 102 -15.88 47.01 -14.99
N HIS D 103 -16.11 47.03 -13.68
CA HIS D 103 -17.32 46.43 -13.15
C HIS D 103 -18.52 47.31 -13.48
N GLN D 104 -19.58 46.70 -14.00
CA GLN D 104 -20.74 47.42 -14.45
C GLN D 104 -21.94 47.08 -13.58
N VAL D 105 -22.58 48.11 -13.04
CA VAL D 105 -23.80 47.90 -12.26
C VAL D 105 -24.93 47.54 -13.20
N SER D 106 -25.73 46.55 -12.79
CA SER D 106 -26.84 46.08 -13.61
C SER D 106 -27.97 47.10 -13.72
N ASP D 107 -28.05 48.05 -12.79
CA ASP D 107 -29.09 49.08 -12.86
C ASP D 107 -28.71 50.22 -13.80
N ASN D 108 -27.51 50.22 -14.35
CA ASN D 108 -27.12 51.27 -15.29
C ASN D 108 -27.83 51.09 -16.61
N LYS D 109 -28.22 52.21 -17.22
CA LYS D 109 -29.03 52.20 -18.43
C LYS D 109 -28.37 52.97 -19.57
N ASP D 110 -27.04 53.05 -19.55
CA ASP D 110 -26.32 53.73 -20.62
C ASP D 110 -26.29 52.85 -21.86
N SER D 111 -26.22 53.51 -23.02
CA SER D 111 -26.19 52.79 -24.28
C SER D 111 -25.22 53.40 -25.28
N PHE D 112 -24.31 54.24 -24.84
CA PHE D 112 -23.39 54.94 -25.74
C PHE D 112 -21.94 54.56 -25.43
N TYR D 113 -21.72 53.32 -25.04
CA TYR D 113 -20.38 52.86 -24.68
C TYR D 113 -20.14 51.49 -25.27
N VAL D 114 -18.91 51.27 -25.72
CA VAL D 114 -18.43 49.96 -26.11
C VAL D 114 -17.12 49.69 -25.39
N SER D 115 -16.89 48.42 -25.08
CA SER D 115 -15.68 47.97 -24.39
C SER D 115 -15.04 46.88 -25.22
N LEU D 116 -13.77 47.07 -25.58
CA LEU D 116 -13.05 46.11 -26.40
C LEU D 116 -12.17 45.17 -25.62
N TYR D 117 -12.11 45.32 -24.30
CA TYR D 117 -11.54 44.25 -23.49
C TYR D 117 -12.45 43.04 -23.54
N PRO D 118 -11.91 41.83 -23.59
CA PRO D 118 -12.75 40.64 -23.55
C PRO D 118 -13.43 40.51 -22.20
N ASP D 119 -14.68 40.07 -22.23
CA ASP D 119 -15.46 39.98 -21.00
C ASP D 119 -14.97 38.81 -20.15
N PHE D 120 -14.83 39.05 -18.85
CA PHE D 120 -14.33 38.04 -17.94
C PHE D 120 -15.31 36.90 -17.67
N SER D 121 -16.58 37.04 -18.06
CA SER D 121 -17.48 35.89 -18.03
C SER D 121 -17.03 34.83 -19.03
N SER D 122 -16.78 35.24 -20.26
CA SER D 122 -16.30 34.31 -21.28
C SER D 122 -14.88 33.85 -21.00
N LEU D 123 -14.04 34.74 -20.45
CA LEU D 123 -12.68 34.37 -20.06
C LEU D 123 -12.68 33.33 -18.94
N SER D 124 -13.56 33.51 -17.95
CA SER D 124 -13.67 32.56 -16.87
C SER D 124 -14.28 31.25 -17.32
N ARG D 125 -15.18 31.28 -18.30
CA ARG D 125 -15.69 30.03 -18.87
C ARG D 125 -14.61 29.30 -19.65
N ALA D 126 -13.74 30.05 -20.34
CA ALA D 126 -12.58 29.45 -20.99
C ALA D 126 -11.62 28.85 -19.98
N ILE D 127 -11.44 29.51 -18.84
CA ILE D 127 -10.58 29.00 -17.78
C ILE D 127 -11.18 27.73 -17.16
N LEU D 128 -12.51 27.70 -17.04
CA LEU D 128 -13.19 26.49 -16.57
C LEU D 128 -13.05 25.35 -17.55
N ASP D 129 -13.09 25.64 -18.86
CA ASP D 129 -12.86 24.61 -19.87
C ASP D 129 -11.43 24.08 -19.81
N LEU D 130 -10.47 24.99 -19.57
CA LEU D 130 -9.07 24.59 -19.40
C LEU D 130 -8.85 23.75 -18.15
N VAL D 131 -9.57 24.06 -17.08
CA VAL D 131 -9.46 23.30 -15.83
C VAL D 131 -10.08 21.92 -16.01
N GLN D 132 -11.25 21.85 -16.66
CA GLN D 132 -11.89 20.57 -16.92
C GLN D 132 -11.12 19.72 -17.93
N PHE D 133 -10.30 20.35 -18.78
CA PHE D 133 -9.42 19.56 -19.64
C PHE D 133 -8.31 18.90 -18.84
N PHE D 134 -7.80 19.59 -17.80
CA PHE D 134 -6.68 19.08 -17.04
C PHE D 134 -7.09 18.14 -15.92
N LYS D 135 -8.40 17.85 -15.79
CA LYS D 135 -8.97 16.88 -14.85
C LYS D 135 -8.63 17.21 -13.40
N TRP D 136 -8.68 18.49 -13.05
CA TRP D 136 -8.29 18.89 -11.71
C TRP D 136 -9.41 18.64 -10.70
N LYS D 137 -9.02 18.59 -9.43
CA LYS D 137 -9.96 18.45 -8.34
C LYS D 137 -9.90 19.62 -7.36
N THR D 138 -8.69 19.98 -6.93
CA THR D 138 -8.51 21.06 -5.96
C THR D 138 -7.77 22.20 -6.65
N VAL D 139 -8.39 23.38 -6.68
CA VAL D 139 -7.84 24.56 -7.32
C VAL D 139 -7.72 25.66 -6.28
N THR D 140 -6.54 26.26 -6.19
CA THR D 140 -6.35 27.45 -5.37
C THR D 140 -6.31 28.66 -6.28
N VAL D 141 -7.22 29.59 -6.07
CA VAL D 141 -7.30 30.81 -6.84
C VAL D 141 -6.70 31.93 -6.00
N VAL D 142 -5.65 32.56 -6.51
CA VAL D 142 -5.02 33.69 -5.86
C VAL D 142 -5.34 34.94 -6.66
N TYR D 143 -6.02 35.88 -6.02
CA TYR D 143 -6.46 37.10 -6.67
C TYR D 143 -5.78 38.30 -6.04
N ASP D 144 -5.50 39.31 -6.86
CA ASP D 144 -4.74 40.47 -6.41
C ASP D 144 -5.64 41.61 -5.93
N ASP D 145 -6.47 42.13 -6.82
CA ASP D 145 -7.34 43.25 -6.48
C ASP D 145 -8.68 42.73 -5.98
N SER D 146 -9.30 43.51 -5.09
CA SER D 146 -10.58 43.12 -4.50
C SER D 146 -11.73 43.11 -5.50
N THR D 147 -11.58 43.82 -6.62
CA THR D 147 -12.57 43.72 -7.69
C THR D 147 -12.47 42.41 -8.45
N GLY D 148 -11.32 41.72 -8.35
CA GLY D 148 -11.01 40.58 -9.20
C GLY D 148 -11.92 39.38 -9.00
N LEU D 149 -12.57 39.29 -7.84
CA LEU D 149 -13.57 38.26 -7.60
C LEU D 149 -14.73 38.38 -8.57
N ILE D 150 -15.14 39.62 -8.88
CA ILE D 150 -16.15 39.84 -9.91
C ILE D 150 -15.62 39.40 -11.26
N ARG D 151 -14.32 39.60 -11.50
CA ARG D 151 -13.67 39.10 -12.70
C ARG D 151 -13.62 37.58 -12.73
N LEU D 152 -13.74 36.93 -11.58
CA LEU D 152 -13.85 35.48 -11.54
C LEU D 152 -15.22 35.05 -11.04
N GLN D 153 -16.24 35.90 -11.30
CA GLN D 153 -17.58 35.67 -10.75
C GLN D 153 -18.21 34.40 -11.28
N GLU D 154 -17.91 34.02 -12.52
CA GLU D 154 -18.33 32.71 -13.00
C GLU D 154 -17.46 31.60 -12.45
N LEU D 155 -16.15 31.87 -12.29
CA LEU D 155 -15.22 30.81 -11.90
C LEU D 155 -15.38 30.41 -10.44
N ILE D 156 -15.59 31.39 -9.56
CA ILE D 156 -15.82 31.11 -8.15
C ILE D 156 -17.15 30.41 -7.96
N LYS D 157 -18.18 30.88 -8.66
CA LYS D 157 -19.51 30.29 -8.60
C LYS D 157 -19.52 29.03 -9.47
N ALA D 158 -19.04 27.94 -8.90
CA ALA D 158 -19.15 26.62 -9.51
C ALA D 158 -19.74 25.63 -8.51
N PRO D 159 -21.03 25.78 -8.16
CA PRO D 159 -21.61 24.86 -7.17
C PRO D 159 -22.06 23.53 -7.78
N SER D 160 -21.23 22.50 -7.60
CA SER D 160 -21.51 21.10 -7.98
C SER D 160 -21.85 20.89 -9.45
N ARG D 161 -21.50 21.87 -10.30
CA ARG D 161 -21.61 21.73 -11.74
C ARG D 161 -20.44 20.96 -12.32
N TYR D 162 -19.39 20.78 -11.53
CA TYR D 162 -18.21 20.01 -11.88
C TYR D 162 -17.56 19.61 -10.57
N ASN D 163 -16.92 18.45 -10.56
CA ASN D 163 -16.27 17.94 -9.36
C ASN D 163 -15.02 18.76 -9.09
N LEU D 164 -15.19 19.82 -8.31
CA LEU D 164 -14.13 20.79 -8.09
C LEU D 164 -14.25 21.39 -6.70
N ARG D 165 -13.10 21.58 -6.05
CA ARG D 165 -13.03 22.22 -4.74
C ARG D 165 -12.05 23.38 -4.80
N LEU D 166 -12.49 24.54 -4.34
CA LEU D 166 -11.74 25.78 -4.48
C LEU D 166 -11.26 26.29 -3.13
N LYS D 167 -10.04 26.83 -3.13
CA LYS D 167 -9.52 27.60 -2.00
C LYS D 167 -9.05 28.94 -2.55
N ILE D 168 -9.51 30.02 -1.95
CA ILE D 168 -9.29 31.36 -2.48
C ILE D 168 -8.40 32.15 -1.53
N ARG D 169 -7.31 32.69 -2.05
CA ARG D 169 -6.38 33.48 -1.28
C ARG D 169 -6.10 34.80 -1.99
N GLN D 170 -5.82 35.83 -1.19
CA GLN D 170 -5.57 37.17 -1.69
C GLN D 170 -4.10 37.53 -1.52
N LEU D 171 -3.54 38.15 -2.55
CA LEU D 171 -2.22 38.73 -2.44
C LEU D 171 -2.24 39.90 -1.45
N PRO D 172 -1.15 40.14 -0.72
CA PRO D 172 -1.14 41.26 0.21
C PRO D 172 -1.02 42.61 -0.48
N ALA D 173 -1.10 43.69 0.31
CA ALA D 173 -1.01 45.04 -0.24
C ALA D 173 0.38 45.33 -0.79
N ASP D 174 1.41 44.90 -0.08
CA ASP D 174 2.77 45.01 -0.60
C ASP D 174 3.03 43.91 -1.63
N THR D 175 3.84 44.25 -2.63
CA THR D 175 4.18 43.28 -3.66
C THR D 175 5.21 42.26 -3.18
N LYS D 176 6.13 42.68 -2.31
CA LYS D 176 7.22 41.81 -1.89
C LYS D 176 6.81 40.81 -0.81
N ASP D 177 5.62 40.93 -0.24
CA ASP D 177 5.21 40.11 0.89
C ASP D 177 4.45 38.87 0.47
N ALA D 178 4.75 38.32 -0.70
CA ALA D 178 4.14 37.06 -1.12
C ALA D 178 4.76 35.85 -0.43
N LYS D 179 5.89 36.04 0.27
CA LYS D 179 6.55 34.93 0.95
C LYS D 179 5.74 34.25 2.07
N PRO D 180 5.01 34.94 2.96
CA PRO D 180 4.11 34.18 3.85
C PRO D 180 2.95 33.51 3.13
N LEU D 181 2.42 34.16 2.07
CA LEU D 181 1.38 33.54 1.27
C LEU D 181 1.91 32.31 0.54
N LEU D 182 3.12 32.38 0.02
CA LEU D 182 3.70 31.21 -0.64
C LEU D 182 4.13 30.16 0.37
N LYS D 183 4.44 30.55 1.61
CA LYS D 183 4.75 29.54 2.63
C LYS D 183 3.50 28.78 3.04
N GLU D 184 2.38 29.47 3.18
CA GLU D 184 1.11 28.78 3.42
C GLU D 184 0.66 27.99 2.20
N MET D 185 1.05 28.45 1.01
CA MET D 185 0.81 27.70 -0.21
C MET D 185 1.58 26.38 -0.22
N LYS D 186 2.84 26.42 0.21
CA LYS D 186 3.68 25.23 0.21
C LYS D 186 3.25 24.26 1.31
N ARG D 187 2.95 24.77 2.50
CA ARG D 187 2.54 23.91 3.60
C ARG D 187 1.13 23.38 3.41
N GLY D 188 0.30 24.04 2.60
CA GLY D 188 -1.02 23.54 2.33
C GLY D 188 -1.09 22.39 1.34
N LYS D 189 0.03 22.11 0.67
CA LYS D 189 0.18 21.02 -0.31
C LYS D 189 -0.84 21.12 -1.44
N GLU D 190 -1.04 22.33 -1.95
CA GLU D 190 -1.94 22.56 -3.06
C GLU D 190 -1.13 23.00 -4.27
N PHE D 191 -1.33 22.32 -5.40
CA PHE D 191 -0.40 22.38 -6.52
C PHE D 191 -1.02 22.86 -7.82
N HIS D 192 -2.25 23.39 -7.79
CA HIS D 192 -2.90 23.88 -9.00
C HIS D 192 -3.44 25.27 -8.69
N VAL D 193 -2.69 26.28 -9.11
CA VAL D 193 -2.93 27.66 -8.71
C VAL D 193 -3.34 28.46 -9.93
N ILE D 194 -4.44 29.20 -9.81
CA ILE D 194 -4.86 30.16 -10.82
C ILE D 194 -4.53 31.55 -10.31
N PHE D 195 -3.64 32.25 -11.01
CA PHE D 195 -3.20 33.58 -10.64
C PHE D 195 -4.00 34.61 -11.42
N ASP D 196 -4.67 35.52 -10.73
CA ASP D 196 -5.39 36.60 -11.40
C ASP D 196 -4.78 37.93 -10.97
N CYS D 197 -3.88 38.45 -11.80
CA CYS D 197 -3.23 39.73 -11.54
C CYS D 197 -2.75 40.28 -12.88
N SER D 198 -2.07 41.43 -12.81
CA SER D 198 -1.43 41.97 -13.99
C SER D 198 -0.14 41.19 -14.28
N HIS D 199 0.46 41.49 -15.43
CA HIS D 199 1.66 40.77 -15.86
C HIS D 199 2.87 41.13 -15.01
N GLU D 200 2.94 42.37 -14.52
CA GLU D 200 4.05 42.77 -13.65
C GLU D 200 3.98 42.07 -12.30
N MET D 201 2.78 41.99 -11.73
CA MET D 201 2.58 41.23 -10.50
C MET D 201 2.82 39.74 -10.72
N ALA D 202 2.48 39.24 -11.91
CA ALA D 202 2.74 37.84 -12.25
C ALA D 202 4.23 37.55 -12.31
N ALA D 203 5.01 38.46 -12.90
CA ALA D 203 6.47 38.29 -12.93
C ALA D 203 7.07 38.39 -11.54
N GLY D 204 6.54 39.29 -10.71
CA GLY D 204 7.01 39.42 -9.35
C GLY D 204 6.76 38.18 -8.51
N ILE D 205 5.54 37.64 -8.59
CA ILE D 205 5.26 36.43 -7.83
C ILE D 205 5.90 35.19 -8.47
N LEU D 206 6.26 35.24 -9.74
CA LEU D 206 7.05 34.14 -10.30
C LEU D 206 8.47 34.16 -9.77
N LYS D 207 9.04 35.36 -9.60
CA LYS D 207 10.34 35.47 -8.93
C LYS D 207 10.27 35.01 -7.48
N GLN D 208 9.19 35.36 -6.78
CA GLN D 208 9.00 34.91 -5.41
C GLN D 208 8.81 33.40 -5.32
N ALA D 209 8.12 32.81 -6.28
CA ALA D 209 7.91 31.36 -6.28
C ALA D 209 9.19 30.62 -6.65
N LEU D 210 10.02 31.21 -7.50
CA LEU D 210 11.33 30.63 -7.77
C LEU D 210 12.22 30.69 -6.52
N ALA D 211 12.13 31.78 -5.77
CA ALA D 211 12.89 31.88 -4.53
C ALA D 211 12.35 30.96 -3.44
N MET D 212 11.06 30.61 -3.51
CA MET D 212 10.45 29.71 -2.55
C MET D 212 10.61 28.24 -2.96
N GLY D 213 11.18 27.98 -4.13
CA GLY D 213 11.32 26.60 -4.57
C GLY D 213 10.00 25.99 -5.02
N MET D 214 9.18 26.77 -5.71
CA MET D 214 7.91 26.30 -6.25
C MET D 214 8.02 25.88 -7.70
N MET D 215 9.23 25.84 -8.25
CA MET D 215 9.42 25.56 -9.68
C MET D 215 9.84 24.10 -9.85
N THR D 216 8.86 23.20 -9.72
CA THR D 216 9.08 21.78 -9.94
C THR D 216 8.17 21.30 -11.06
N GLU D 217 8.10 19.98 -11.20
CA GLU D 217 7.16 19.35 -12.12
C GLU D 217 5.77 19.20 -11.54
N TYR D 218 5.57 19.61 -10.29
CA TYR D 218 4.29 19.42 -9.61
C TYR D 218 3.33 20.59 -9.76
N TYR D 219 3.74 21.68 -10.39
CA TYR D 219 2.95 22.90 -10.38
C TYR D 219 2.52 23.27 -11.79
N HIS D 220 1.28 23.70 -11.92
CA HIS D 220 0.60 23.88 -13.21
C HIS D 220 -0.14 25.21 -13.22
N TYR D 221 0.60 26.30 -12.95
CA TYR D 221 0.02 27.63 -12.80
C TYR D 221 -0.76 28.08 -14.03
N ILE D 222 -1.86 28.79 -13.78
CA ILE D 222 -2.69 29.33 -14.84
C ILE D 222 -2.86 30.82 -14.61
N PHE D 223 -2.51 31.63 -15.60
CA PHE D 223 -2.57 33.07 -15.49
C PHE D 223 -3.76 33.59 -16.27
N THR D 224 -4.60 34.37 -15.60
CA THR D 224 -5.77 34.96 -16.26
C THR D 224 -5.39 36.12 -17.17
N THR D 225 -4.23 36.73 -16.96
CA THR D 225 -3.80 37.83 -17.79
C THR D 225 -3.39 37.35 -19.17
N LEU D 226 -3.46 38.26 -20.14
CA LEU D 226 -3.17 37.92 -21.52
C LEU D 226 -1.76 38.31 -21.94
N ASP D 227 -1.00 38.98 -21.08
CA ASP D 227 0.35 39.42 -21.41
C ASP D 227 1.39 38.42 -20.91
N LEU D 228 1.24 37.16 -21.28
CA LEU D 228 2.26 36.19 -20.90
C LEU D 228 3.46 36.23 -21.82
N PHE D 229 3.30 36.72 -23.05
CA PHE D 229 4.46 36.84 -23.92
C PHE D 229 5.38 37.99 -23.54
N ALA D 230 4.90 38.92 -22.71
CA ALA D 230 5.80 39.92 -22.14
C ALA D 230 6.67 39.35 -21.03
N LEU D 231 6.32 38.19 -20.47
CA LEU D 231 7.14 37.58 -19.45
C LEU D 231 8.41 36.98 -20.05
N ASP D 232 9.46 36.98 -19.24
CA ASP D 232 10.73 36.36 -19.62
C ASP D 232 10.77 34.99 -18.97
N VAL D 233 10.59 33.95 -19.77
CA VAL D 233 10.50 32.59 -19.26
C VAL D 233 11.84 31.90 -19.40
N GLU D 234 12.90 32.68 -19.64
CA GLU D 234 14.25 32.12 -19.71
C GLU D 234 14.76 31.47 -18.42
N PRO D 235 14.60 32.02 -17.22
CA PRO D 235 15.00 31.25 -16.03
C PRO D 235 13.99 30.24 -15.53
N TYR D 236 12.97 29.88 -16.31
CA TYR D 236 12.00 28.89 -15.88
C TYR D 236 11.76 27.76 -16.88
N ARG D 237 12.30 27.86 -18.10
CA ARG D 237 11.94 26.91 -19.15
C ARG D 237 12.53 25.53 -18.91
N TYR D 238 13.67 25.45 -18.23
CA TYR D 238 14.29 24.17 -17.94
C TYR D 238 13.82 23.59 -16.62
N SER D 239 12.93 24.27 -15.90
CA SER D 239 12.53 23.80 -14.59
C SER D 239 11.57 22.62 -14.67
N GLY D 240 10.40 22.84 -15.26
CA GLY D 240 9.41 21.78 -15.34
C GLY D 240 8.02 22.20 -14.91
N VAL D 241 7.84 23.49 -14.61
CA VAL D 241 6.49 24.00 -14.44
C VAL D 241 5.79 24.02 -15.79
N ASN D 242 4.46 24.00 -15.76
CA ASN D 242 3.71 23.85 -17.00
C ASN D 242 3.18 25.18 -17.54
N MET D 243 2.59 26.01 -16.67
CA MET D 243 2.35 27.44 -16.90
C MET D 243 1.46 27.71 -18.12
N THR D 244 0.25 27.18 -18.06
CA THR D 244 -0.69 27.31 -19.18
C THR D 244 -1.42 28.64 -19.07
N GLY D 245 -1.64 29.28 -20.21
CA GLY D 245 -2.36 30.53 -20.22
C GLY D 245 -2.96 30.86 -21.56
N PHE D 246 -3.43 32.09 -21.70
CA PHE D 246 -4.18 32.51 -22.86
C PHE D 246 -3.48 33.68 -23.55
N ARG D 247 -3.77 33.84 -24.85
CA ARG D 247 -3.27 34.97 -25.61
C ARG D 247 -4.32 35.37 -26.64
N ILE D 248 -4.66 36.64 -26.68
CA ILE D 248 -5.55 37.16 -27.72
C ILE D 248 -4.76 37.81 -28.86
N LEU D 249 -3.53 38.24 -28.60
CA LEU D 249 -2.73 38.98 -29.58
C LEU D 249 -2.27 38.04 -30.67
N ASN D 250 -2.93 38.10 -31.82
CA ASN D 250 -2.71 37.16 -32.91
C ASN D 250 -1.40 37.44 -33.63
N THR D 251 -0.30 36.88 -33.13
CA THR D 251 1.01 37.09 -33.70
C THR D 251 1.32 36.14 -34.86
N GLU D 252 0.38 35.27 -35.23
CA GLU D 252 0.60 34.35 -36.32
C GLU D 252 0.61 35.04 -37.68
N ASN D 253 -0.22 36.08 -37.84
CA ASN D 253 -0.28 36.78 -39.11
C ASN D 253 0.95 37.67 -39.31
N THR D 254 1.39 37.76 -40.55
CA THR D 254 2.60 38.50 -40.87
C THR D 254 2.37 40.01 -40.78
N GLN D 255 1.15 40.46 -41.10
CA GLN D 255 0.83 41.88 -41.03
C GLN D 255 0.80 42.38 -39.59
N VAL D 256 0.34 41.54 -38.66
CA VAL D 256 0.35 41.89 -37.25
C VAL D 256 1.79 41.96 -36.74
N SER D 257 2.65 41.05 -37.23
CA SER D 257 4.07 41.10 -36.89
C SER D 257 4.72 42.36 -37.46
N SER D 258 4.30 42.78 -38.64
CA SER D 258 4.82 44.03 -39.22
C SER D 258 4.38 45.25 -38.43
N ILE D 259 3.14 45.24 -37.94
CA ILE D 259 2.64 46.34 -37.12
C ILE D 259 3.36 46.37 -35.78
N ILE D 260 3.66 45.19 -35.22
CA ILE D 260 4.44 45.09 -33.98
C ILE D 260 5.86 45.61 -34.19
N GLU D 261 6.47 45.28 -35.33
CA GLU D 261 7.81 45.76 -35.65
C GLU D 261 7.83 47.26 -35.88
N LYS D 262 6.80 47.81 -36.51
CA LYS D 262 6.69 49.26 -36.68
C LYS D 262 6.41 49.96 -35.36
N TRP D 263 5.80 49.25 -34.41
CA TRP D 263 5.64 49.79 -33.07
C TRP D 263 6.95 49.77 -32.29
N SER D 264 7.82 48.80 -32.61
CA SER D 264 8.94 48.44 -31.73
C SER D 264 9.99 49.55 -31.62
N MET D 265 10.35 50.21 -32.73
CA MET D 265 11.39 51.23 -32.61
C MET D 265 10.86 52.52 -31.99
N GLU D 266 9.55 52.75 -32.04
CA GLU D 266 8.96 53.81 -31.22
C GLU D 266 8.78 53.36 -29.77
N ARG D 267 8.79 52.05 -29.52
CA ARG D 267 8.66 51.51 -28.18
C ARG D 267 10.01 51.42 -27.47
N LEU D 268 11.09 51.19 -28.21
CA LEU D 268 12.41 50.97 -27.64
C LEU D 268 13.10 52.25 -27.16
N GLN D 269 12.42 53.39 -27.25
CA GLN D 269 12.95 54.63 -26.68
C GLN D 269 13.06 54.54 -25.16
N ALA D 270 12.07 53.92 -24.52
CA ALA D 270 12.13 53.72 -23.08
C ALA D 270 13.12 52.62 -22.73
N PRO D 271 14.00 52.82 -21.75
CA PRO D 271 14.95 51.78 -21.40
C PRO D 271 14.29 50.64 -20.67
N PRO D 272 14.83 49.43 -20.74
CA PRO D 272 14.24 48.29 -20.04
C PRO D 272 14.51 48.33 -18.54
N LYS D 273 13.74 47.52 -17.82
CA LYS D 273 13.94 47.33 -16.38
C LYS D 273 14.40 45.90 -16.15
N PRO D 274 15.68 45.66 -15.81
CA PRO D 274 16.13 44.28 -15.59
C PRO D 274 15.62 43.67 -14.30
N ASP D 275 15.22 44.48 -13.32
CA ASP D 275 14.63 43.98 -12.09
C ASP D 275 13.19 43.50 -12.26
N SER D 276 12.52 43.95 -13.33
CA SER D 276 11.11 43.59 -13.51
C SER D 276 10.94 42.16 -13.97
N GLY D 277 11.89 41.65 -14.76
CA GLY D 277 11.72 40.33 -15.33
C GLY D 277 10.79 40.27 -16.53
N LEU D 278 10.42 41.41 -17.09
CA LEU D 278 9.58 41.47 -18.27
C LEU D 278 10.44 41.55 -19.52
N LEU D 279 10.05 40.82 -20.56
CA LEU D 279 10.73 40.87 -21.83
C LEU D 279 10.43 42.21 -22.51
N ASP D 280 11.44 43.05 -22.64
CA ASP D 280 11.27 44.39 -23.18
C ASP D 280 11.09 44.34 -24.69
N GLY D 281 10.49 45.40 -25.23
CA GLY D 281 10.27 45.49 -26.66
C GLY D 281 9.12 44.62 -27.12
N PHE D 282 7.97 44.74 -26.45
CA PHE D 282 6.83 43.92 -26.81
C PHE D 282 5.56 44.72 -26.58
N MET D 283 4.51 44.35 -27.31
CA MET D 283 3.21 45.01 -27.17
C MET D 283 2.45 44.44 -26.00
N THR D 284 1.93 45.32 -25.16
CA THR D 284 0.94 44.87 -24.18
C THR D 284 -0.41 44.72 -24.86
N THR D 285 -1.35 44.11 -24.14
CA THR D 285 -2.69 43.91 -24.70
C THR D 285 -3.44 45.24 -24.80
N ASP D 286 -3.16 46.17 -23.88
CA ASP D 286 -3.88 47.44 -23.86
C ASP D 286 -3.54 48.31 -25.06
N ALA D 287 -2.27 48.31 -25.47
CA ALA D 287 -1.86 49.08 -26.63
C ALA D 287 -2.46 48.53 -27.92
N ALA D 288 -2.49 47.21 -28.05
CA ALA D 288 -3.10 46.58 -29.22
C ALA D 288 -4.60 46.81 -29.24
N LEU D 289 -5.23 46.83 -28.07
CA LEU D 289 -6.66 47.10 -28.00
C LEU D 289 -6.97 48.55 -28.34
N MET D 290 -6.10 49.48 -27.97
CA MET D 290 -6.29 50.88 -28.36
C MET D 290 -6.13 51.06 -29.86
N TYR D 291 -5.14 50.38 -30.46
CA TYR D 291 -4.93 50.40 -31.90
C TYR D 291 -6.15 49.86 -32.65
N ASP D 292 -6.66 48.73 -32.17
CA ASP D 292 -7.84 48.14 -32.80
C ASP D 292 -9.09 48.97 -32.56
N ALA D 293 -9.16 49.68 -31.43
CA ALA D 293 -10.27 50.57 -31.16
C ALA D 293 -10.31 51.74 -32.14
N VAL D 294 -9.14 52.30 -32.43
CA VAL D 294 -9.06 53.38 -33.41
C VAL D 294 -9.42 52.87 -34.80
N HIS D 295 -9.03 51.63 -35.12
CA HIS D 295 -9.38 51.08 -36.44
C HIS D 295 -10.88 50.79 -36.56
N VAL D 296 -11.51 50.30 -35.48
CA VAL D 296 -12.95 50.03 -35.52
C VAL D 296 -13.75 51.32 -35.59
N VAL D 297 -13.35 52.35 -34.85
CA VAL D 297 -14.07 53.62 -34.95
C VAL D 297 -13.80 54.30 -36.29
N SER D 298 -12.65 54.02 -36.93
CA SER D 298 -12.38 54.57 -38.24
C SER D 298 -13.24 53.92 -39.32
N VAL D 299 -13.38 52.59 -39.27
CA VAL D 299 -14.21 51.93 -40.27
C VAL D 299 -15.69 52.19 -39.99
N ALA D 300 -16.05 52.53 -38.75
CA ALA D 300 -17.40 53.02 -38.50
C ALA D 300 -17.60 54.43 -39.04
N VAL D 301 -16.56 55.26 -39.02
CA VAL D 301 -16.64 56.60 -39.62
C VAL D 301 -16.80 56.51 -41.13
N GLN D 302 -16.10 55.56 -41.76
CA GLN D 302 -16.03 55.49 -43.22
C GLN D 302 -17.38 55.15 -43.86
N GLN D 303 -18.27 54.49 -43.13
CA GLN D 303 -19.61 54.25 -43.63
C GLN D 303 -20.56 55.41 -43.37
N PHE D 304 -20.12 56.45 -42.66
CA PHE D 304 -20.96 57.58 -42.29
C PHE D 304 -20.25 58.86 -42.71
N PRO D 305 -20.41 59.29 -43.97
CA PRO D 305 -19.71 60.49 -44.44
C PRO D 305 -20.29 61.79 -43.91
N GLN D 306 -21.55 61.80 -43.49
CA GLN D 306 -22.19 63.01 -42.97
C GLN D 306 -21.84 63.17 -41.50
N MET D 307 -20.60 63.59 -41.27
CA MET D 307 -20.04 63.68 -39.93
C MET D 307 -19.60 65.11 -39.67
N THR D 308 -20.42 65.85 -38.92
CA THR D 308 -20.08 67.21 -38.53
C THR D 308 -19.89 67.23 -37.02
N VAL D 309 -18.72 67.67 -36.58
CA VAL D 309 -18.43 67.78 -35.15
C VAL D 309 -19.06 69.08 -34.65
N SER D 310 -19.93 68.97 -33.65
CA SER D 310 -20.60 70.11 -33.07
C SER D 310 -20.16 70.27 -31.62
N SER D 311 -19.80 71.48 -31.24
CA SER D 311 -19.39 71.74 -29.87
C SER D 311 -20.60 71.69 -28.94
N LEU D 312 -20.45 71.00 -27.82
CA LEU D 312 -21.54 70.79 -26.88
C LEU D 312 -21.18 71.41 -25.54
N GLN D 313 -22.20 71.65 -24.73
CA GLN D 313 -22.05 72.31 -23.44
C GLN D 313 -22.43 71.35 -22.32
N CYS D 314 -21.59 71.28 -21.29
CA CYS D 314 -21.91 70.47 -20.13
C CYS D 314 -23.00 71.11 -19.28
N ASN D 315 -23.14 72.44 -19.34
CA ASN D 315 -24.16 73.13 -18.56
C ASN D 315 -25.56 72.86 -19.05
N ARG D 316 -25.72 72.48 -20.31
CA ARG D 316 -26.99 72.01 -20.85
C ARG D 316 -26.89 70.51 -21.10
N HIS D 317 -28.00 69.93 -21.52
CA HIS D 317 -28.06 68.53 -21.92
C HIS D 317 -28.55 68.41 -23.35
N LYS D 318 -28.05 69.29 -24.21
CA LYS D 318 -28.38 69.22 -25.63
C LYS D 318 -27.66 68.04 -26.25
N PRO D 319 -28.37 67.04 -26.76
CA PRO D 319 -27.70 65.86 -27.30
C PRO D 319 -27.10 66.12 -28.66
N TRP D 320 -26.17 65.26 -29.04
CA TRP D 320 -25.52 65.37 -30.34
C TRP D 320 -26.50 64.96 -31.44
N ARG D 321 -26.33 65.58 -32.61
CA ARG D 321 -27.27 65.36 -33.71
C ARG D 321 -27.08 63.98 -34.33
N PHE D 322 -25.84 63.52 -34.43
CA PHE D 322 -25.52 62.26 -35.08
C PHE D 322 -25.18 61.17 -34.06
N GLY D 323 -25.89 61.15 -32.94
CA GLY D 323 -25.57 60.22 -31.89
C GLY D 323 -25.96 58.77 -32.17
N THR D 324 -27.27 58.54 -32.37
CA THR D 324 -27.80 57.18 -32.42
C THR D 324 -27.36 56.44 -33.67
N ARG D 325 -27.31 57.15 -34.80
CA ARG D 325 -26.89 56.55 -36.07
C ARG D 325 -25.43 56.11 -36.03
N PHE D 326 -24.55 56.96 -35.50
CA PHE D 326 -23.14 56.62 -35.38
C PHE D 326 -22.91 55.56 -34.33
N MET D 327 -23.72 55.55 -33.26
CA MET D 327 -23.60 54.51 -32.25
C MET D 327 -24.01 53.14 -32.80
N SER D 328 -25.09 53.09 -33.58
CA SER D 328 -25.50 51.83 -34.20
C SER D 328 -24.52 51.41 -35.29
N LEU D 329 -23.87 52.37 -35.95
CA LEU D 329 -22.83 52.03 -36.91
C LEU D 329 -21.59 51.48 -36.23
N ILE D 330 -21.28 51.97 -35.02
CA ILE D 330 -20.18 51.42 -34.25
C ILE D 330 -20.50 50.00 -33.79
N LYS D 331 -21.72 49.79 -33.30
CA LYS D 331 -22.07 48.54 -32.63
C LYS D 331 -22.33 47.36 -33.58
N GLU D 332 -21.95 47.44 -34.86
CA GLU D 332 -22.12 46.31 -35.75
C GLU D 332 -20.93 46.07 -36.66
N ALA D 333 -19.79 46.71 -36.42
CA ALA D 333 -18.64 46.57 -37.30
C ALA D 333 -17.97 45.21 -37.11
N HIS D 334 -17.27 44.78 -38.16
CA HIS D 334 -16.51 43.53 -38.16
C HIS D 334 -15.14 43.84 -38.76
N TRP D 335 -14.18 44.16 -37.91
CA TRP D 335 -12.84 44.54 -38.33
C TRP D 335 -11.84 43.50 -37.86
N GLU D 336 -10.91 43.14 -38.75
CA GLU D 336 -9.80 42.26 -38.40
C GLU D 336 -8.66 43.12 -37.89
N GLY D 337 -8.43 43.10 -36.58
CA GLY D 337 -7.37 43.84 -35.96
C GLY D 337 -6.22 42.96 -35.51
N LEU D 338 -5.43 43.48 -34.57
CA LEU D 338 -4.33 42.72 -34.01
C LEU D 338 -4.83 41.59 -33.12
N THR D 339 -5.99 41.77 -32.51
CA THR D 339 -6.60 40.73 -31.70
C THR D 339 -7.47 39.79 -32.51
N GLY D 340 -7.49 39.93 -33.83
CA GLY D 340 -8.24 39.02 -34.68
C GLY D 340 -9.61 39.55 -35.04
N ARG D 341 -10.62 38.67 -34.96
CA ARG D 341 -11.98 39.07 -35.26
C ARG D 341 -12.53 39.92 -34.14
N ILE D 342 -13.14 41.05 -34.50
CA ILE D 342 -13.72 41.98 -33.54
C ILE D 342 -15.20 42.11 -33.87
N THR D 343 -16.04 41.81 -32.89
CA THR D 343 -17.47 42.06 -33.01
C THR D 343 -17.99 42.40 -31.62
N PHE D 344 -19.19 42.96 -31.58
CA PHE D 344 -19.79 43.39 -30.33
C PHE D 344 -21.09 42.64 -30.10
N ASN D 345 -21.42 42.45 -28.83
CA ASN D 345 -22.75 41.98 -28.48
C ASN D 345 -23.76 43.06 -28.80
N LYS D 346 -24.84 42.68 -29.48
CA LYS D 346 -25.82 43.68 -29.92
C LYS D 346 -26.67 44.19 -28.77
N THR D 347 -26.77 43.43 -27.68
CA THR D 347 -27.50 43.86 -26.49
C THR D 347 -26.58 44.46 -25.43
N ASN D 348 -25.29 44.59 -25.70
CA ASN D 348 -24.33 45.12 -24.74
C ASN D 348 -23.37 46.02 -25.48
N GLY D 349 -22.27 46.36 -24.82
CA GLY D 349 -21.16 47.00 -25.48
C GLY D 349 -19.91 46.17 -25.24
N LEU D 350 -20.12 44.93 -24.84
CA LEU D 350 -19.04 44.05 -24.40
C LEU D 350 -18.63 43.12 -25.53
N ARG D 351 -17.32 42.97 -25.70
CA ARG D 351 -16.77 42.07 -26.70
C ARG D 351 -16.81 40.66 -26.13
N THR D 352 -17.93 39.98 -26.33
CA THR D 352 -18.12 38.64 -25.80
C THR D 352 -17.76 37.54 -26.78
N ASP D 353 -17.24 37.89 -27.96
CA ASP D 353 -16.79 36.90 -28.93
C ASP D 353 -15.38 37.24 -29.36
N PHE D 354 -14.50 36.25 -29.32
CA PHE D 354 -13.10 36.45 -29.68
C PHE D 354 -12.54 35.09 -30.09
N ASP D 355 -11.21 34.99 -30.17
CA ASP D 355 -10.56 33.75 -30.58
C ASP D 355 -9.24 33.65 -29.82
N LEU D 356 -9.25 32.92 -28.71
CA LEU D 356 -8.07 32.84 -27.85
C LEU D 356 -7.16 31.71 -28.28
N ASP D 357 -5.86 31.91 -28.10
CA ASP D 357 -4.87 30.87 -28.30
C ASP D 357 -4.37 30.42 -26.94
N VAL D 358 -4.54 29.13 -26.65
CA VAL D 358 -4.08 28.55 -25.40
C VAL D 358 -2.62 28.21 -25.57
N ILE D 359 -1.76 28.92 -24.85
CA ILE D 359 -0.33 28.70 -24.90
C ILE D 359 0.11 28.04 -23.60
N SER D 360 1.33 27.51 -23.59
CA SER D 360 1.88 26.87 -22.41
C SER D 360 3.39 26.97 -22.48
N LEU D 361 4.04 26.58 -21.38
CA LEU D 361 5.49 26.66 -21.27
C LEU D 361 6.08 25.28 -21.46
N LYS D 362 6.92 25.13 -22.46
CA LYS D 362 7.71 23.93 -22.69
C LYS D 362 9.18 24.30 -22.63
N GLU D 363 10.06 23.34 -22.95
CA GLU D 363 11.49 23.58 -22.83
C GLU D 363 12.02 24.50 -23.92
N GLU D 364 11.27 24.71 -25.00
CA GLU D 364 11.63 25.70 -26.02
C GLU D 364 11.16 27.10 -25.67
N GLY D 365 10.39 27.25 -24.59
CA GLY D 365 9.77 28.52 -24.24
C GLY D 365 8.26 28.41 -24.29
N LEU D 366 7.63 29.46 -24.80
CA LEU D 366 6.18 29.50 -24.94
C LEU D 366 5.77 29.14 -26.36
N GLU D 367 4.74 28.31 -26.48
CA GLU D 367 4.25 27.89 -27.78
C GLU D 367 2.75 27.67 -27.70
N LYS D 368 2.09 27.82 -28.85
CA LYS D 368 0.65 27.67 -28.92
C LYS D 368 0.29 26.19 -28.95
N ILE D 369 -0.52 25.74 -27.99
CA ILE D 369 -0.92 24.34 -27.91
C ILE D 369 -2.41 24.13 -28.12
N GLY D 370 -3.21 25.19 -28.17
CA GLY D 370 -4.63 24.98 -28.39
C GLY D 370 -5.32 26.25 -28.83
N THR D 371 -6.61 26.11 -29.14
CA THR D 371 -7.42 27.24 -29.58
C THR D 371 -8.78 27.17 -28.91
N TRP D 372 -9.19 28.29 -28.31
CA TRP D 372 -10.48 28.38 -27.65
C TRP D 372 -11.34 29.43 -28.34
N ASP D 373 -12.63 29.13 -28.44
CA ASP D 373 -13.63 29.98 -29.06
C ASP D 373 -14.89 29.87 -28.22
N PRO D 374 -15.67 30.96 -28.11
CA PRO D 374 -16.91 30.85 -27.33
C PRO D 374 -18.01 30.07 -28.04
N ALA D 375 -18.07 30.13 -29.37
CA ALA D 375 -19.12 29.40 -30.09
C ALA D 375 -18.87 27.90 -30.07
N SER D 376 -17.63 27.48 -30.29
CA SER D 376 -17.26 26.08 -30.16
C SER D 376 -16.82 25.83 -28.72
N GLY D 377 -16.20 24.69 -28.48
CA GLY D 377 -15.65 24.41 -27.17
C GLY D 377 -14.20 24.82 -27.07
N LEU D 378 -13.31 23.84 -26.92
CA LEU D 378 -11.89 24.06 -26.86
C LEU D 378 -11.22 23.00 -27.72
N ASN D 379 -10.44 23.42 -28.72
CA ASN D 379 -9.93 22.47 -29.69
C ASN D 379 -8.81 21.62 -29.10
N MET D 380 -7.72 22.25 -28.64
CA MET D 380 -6.60 21.63 -27.94
C MET D 380 -5.94 20.54 -28.79
N THR D 381 -5.23 21.00 -29.82
CA THR D 381 -4.74 20.16 -30.92
C THR D 381 -3.79 19.04 -30.49
N GLU D 382 -3.20 19.12 -29.29
CA GLU D 382 -2.46 17.98 -28.75
C GLU D 382 -3.38 16.81 -28.44
N SER D 383 -4.63 17.08 -28.06
CA SER D 383 -5.63 16.03 -27.95
C SER D 383 -6.21 15.63 -29.30
N GLN D 384 -5.96 16.43 -30.34
CA GLN D 384 -6.32 16.09 -31.71
C GLN D 384 -5.22 15.32 -32.42
N LYS D 385 -4.16 14.92 -31.70
CA LYS D 385 -3.07 14.16 -32.28
C LYS D 385 -3.50 12.74 -32.66
N GLY D 386 -4.55 12.22 -32.05
CA GLY D 386 -5.03 10.89 -32.40
C GLY D 386 -5.96 10.92 -33.60
N LYS D 387 -5.42 10.56 -34.77
CA LYS D 387 -6.17 10.52 -36.02
C LYS D 387 -5.96 9.14 -36.65
N PRO D 388 -6.74 8.15 -36.24
CA PRO D 388 -6.53 6.79 -36.77
C PRO D 388 -7.06 6.65 -38.20
N ALA D 389 -6.44 5.73 -38.94
CA ALA D 389 -6.83 5.50 -40.33
C ALA D 389 -8.15 4.74 -40.43
N ASN D 390 -8.46 3.90 -39.43
CA ASN D 390 -9.65 3.04 -39.37
C ASN D 390 -9.76 2.12 -40.59
N ILE D 391 -8.64 1.53 -40.99
CA ILE D 391 -8.63 0.63 -42.14
C ILE D 391 -9.20 -0.75 -41.79
N THR D 392 -9.20 -1.12 -40.51
CA THR D 392 -9.62 -2.45 -40.08
C THR D 392 -11.11 -2.54 -39.78
N ASP D 393 -11.85 -1.44 -39.87
CA ASP D 393 -13.28 -1.48 -39.59
C ASP D 393 -14.05 -2.16 -40.71
N SER D 394 -13.66 -1.92 -41.96
CA SER D 394 -14.33 -2.48 -43.13
C SER D 394 -13.45 -3.51 -43.83
N LEU D 395 -12.75 -4.33 -43.04
CA LEU D 395 -11.89 -5.38 -43.58
C LEU D 395 -12.76 -6.50 -44.12
N SER D 396 -13.08 -6.45 -45.41
CA SER D 396 -13.99 -7.41 -46.02
C SER D 396 -13.35 -8.78 -46.24
N ASN D 397 -12.02 -8.85 -46.30
CA ASN D 397 -11.33 -10.11 -46.49
C ASN D 397 -11.36 -10.90 -45.19
N ARG D 398 -12.17 -11.96 -45.15
CA ARG D 398 -12.40 -12.73 -43.94
C ARG D 398 -11.89 -14.15 -44.15
N SER D 399 -10.60 -14.35 -43.87
CA SER D 399 -9.96 -15.66 -43.91
C SER D 399 -9.20 -15.83 -42.61
N LEU D 400 -9.74 -16.67 -41.71
CA LEU D 400 -9.20 -16.84 -40.37
C LEU D 400 -8.72 -18.27 -40.18
N ILE D 401 -7.59 -18.42 -39.51
CA ILE D 401 -7.05 -19.73 -39.18
C ILE D 401 -7.77 -20.24 -37.93
N VAL D 402 -8.39 -21.40 -38.05
CA VAL D 402 -9.05 -22.06 -36.93
C VAL D 402 -8.19 -23.25 -36.54
N THR D 403 -7.78 -23.29 -35.27
CA THR D 403 -7.02 -24.42 -34.76
C THR D 403 -7.63 -24.86 -33.44
N THR D 404 -7.52 -26.16 -33.16
CA THR D 404 -8.16 -26.76 -31.99
C THR D 404 -7.20 -27.74 -31.31
N ILE D 405 -7.52 -28.06 -30.06
CA ILE D 405 -6.80 -29.07 -29.30
C ILE D 405 -7.33 -30.45 -29.69
N LEU D 406 -6.65 -31.50 -29.19
CA LEU D 406 -7.17 -32.86 -29.29
C LEU D 406 -8.52 -32.95 -28.57
N GLU D 407 -9.57 -33.29 -29.31
CA GLU D 407 -10.91 -32.85 -28.98
C GLU D 407 -11.89 -34.02 -28.97
N GLU D 408 -12.88 -33.92 -28.08
CA GLU D 408 -14.11 -34.70 -27.93
C GLU D 408 -14.92 -34.72 -29.22
N PRO D 409 -15.96 -35.59 -29.36
CA PRO D 409 -16.75 -35.63 -30.61
C PRO D 409 -17.53 -34.39 -31.05
N TYR D 410 -17.38 -33.25 -30.38
CA TYR D 410 -17.71 -31.97 -31.01
C TYR D 410 -16.90 -31.78 -32.28
N VAL D 411 -15.59 -32.01 -32.21
CA VAL D 411 -14.70 -32.02 -33.37
C VAL D 411 -13.88 -33.31 -33.29
N LEU D 412 -14.18 -34.27 -34.15
CA LEU D 412 -13.42 -35.51 -34.22
C LEU D 412 -13.09 -35.83 -35.67
N PHE D 413 -12.03 -36.61 -35.86
CA PHE D 413 -11.60 -36.97 -37.20
C PHE D 413 -12.53 -38.02 -37.79
N LYS D 414 -13.08 -37.73 -38.96
CA LYS D 414 -13.87 -38.72 -39.68
C LYS D 414 -12.96 -39.73 -40.35
N LYS D 415 -13.55 -40.87 -40.74
CA LYS D 415 -12.81 -41.95 -41.37
C LYS D 415 -13.36 -42.20 -42.77
N SER D 416 -12.46 -42.23 -43.75
CA SER D 416 -12.84 -42.44 -45.14
C SER D 416 -11.73 -43.23 -45.82
N ASP D 417 -12.05 -43.76 -47.00
CA ASP D 417 -11.09 -44.58 -47.74
C ASP D 417 -9.98 -43.75 -48.38
N LYS D 418 -10.21 -42.45 -48.59
CA LYS D 418 -9.23 -41.59 -49.20
C LYS D 418 -8.74 -40.54 -48.20
N PRO D 419 -7.47 -40.15 -48.25
CA PRO D 419 -7.00 -39.06 -47.40
C PRO D 419 -7.60 -37.72 -47.82
N LEU D 420 -7.84 -36.88 -46.82
CA LEU D 420 -8.49 -35.59 -47.02
C LEU D 420 -7.52 -34.49 -46.58
N TYR D 421 -7.99 -33.25 -46.58
CA TYR D 421 -7.17 -32.12 -46.20
C TYR D 421 -8.04 -30.97 -45.71
N GLY D 422 -7.41 -30.04 -44.99
CA GLY D 422 -8.10 -28.84 -44.56
C GLY D 422 -9.07 -29.12 -43.42
N ASN D 423 -10.22 -28.45 -43.49
CA ASN D 423 -11.29 -28.68 -42.53
C ASN D 423 -12.13 -29.90 -42.86
N ASP D 424 -11.87 -30.56 -44.00
CA ASP D 424 -12.67 -31.69 -44.45
C ASP D 424 -12.28 -32.99 -43.75
N ARG D 425 -11.17 -33.02 -43.02
CA ARG D 425 -10.76 -34.21 -42.29
C ARG D 425 -11.55 -34.44 -41.01
N PHE D 426 -12.37 -33.49 -40.60
CA PHE D 426 -13.02 -33.51 -39.29
C PHE D 426 -14.50 -33.84 -39.42
N GLU D 427 -15.13 -34.03 -38.27
CA GLU D 427 -16.56 -34.32 -38.16
C GLU D 427 -17.00 -33.95 -36.75
N GLY D 428 -18.31 -33.88 -36.55
CA GLY D 428 -18.86 -33.73 -35.22
C GLY D 428 -19.81 -32.56 -35.13
N TYR D 429 -20.14 -32.19 -33.90
CA TYR D 429 -21.13 -31.14 -33.64
C TYR D 429 -20.57 -29.75 -33.94
N CYS D 430 -19.42 -29.43 -33.36
CA CYS D 430 -18.84 -28.10 -33.50
C CYS D 430 -18.32 -27.85 -34.90
N ILE D 431 -17.99 -28.90 -35.66
CA ILE D 431 -17.60 -28.74 -37.05
C ILE D 431 -18.76 -28.23 -37.90
N ASP D 432 -19.93 -28.86 -37.75
CA ASP D 432 -21.11 -28.45 -38.49
C ASP D 432 -21.61 -27.09 -38.01
N LEU D 433 -21.52 -26.84 -36.70
CA LEU D 433 -21.91 -25.54 -36.16
C LEU D 433 -21.00 -24.42 -36.65
N LEU D 434 -19.69 -24.69 -36.73
CA LEU D 434 -18.74 -23.70 -37.22
C LEU D 434 -18.89 -23.47 -38.71
N ARG D 435 -19.21 -24.51 -39.49
CA ARG D 435 -19.45 -24.32 -40.91
C ARG D 435 -20.75 -23.55 -41.16
N GLU D 436 -21.78 -23.80 -40.35
CA GLU D 436 -23.02 -23.03 -40.44
C GLU D 436 -22.79 -21.57 -40.06
N LEU D 437 -21.98 -21.32 -39.02
CA LEU D 437 -21.66 -19.96 -38.63
C LEU D 437 -20.78 -19.26 -39.67
N SER D 438 -19.91 -20.01 -40.33
CA SER D 438 -19.08 -19.43 -41.39
C SER D 438 -19.90 -19.10 -42.62
N THR D 439 -20.94 -19.89 -42.92
CA THR D 439 -21.89 -19.49 -43.96
C THR D 439 -22.73 -18.30 -43.54
N ILE D 440 -23.03 -18.18 -42.24
CA ILE D 440 -23.79 -17.03 -41.75
C ILE D 440 -22.92 -15.79 -41.73
N LEU D 441 -21.72 -15.89 -41.14
CA LEU D 441 -20.88 -14.71 -41.01
C LEU D 441 -20.16 -14.34 -42.30
N GLY D 442 -19.96 -15.30 -43.20
CA GLY D 442 -19.25 -15.04 -44.43
C GLY D 442 -17.75 -15.15 -44.26
N PHE D 443 -17.29 -16.31 -43.79
CA PHE D 443 -15.89 -16.54 -43.48
C PHE D 443 -15.40 -17.80 -44.17
N THR D 444 -14.09 -17.87 -44.38
CA THR D 444 -13.43 -19.05 -44.92
C THR D 444 -12.40 -19.55 -43.92
N TYR D 445 -12.48 -20.84 -43.58
CA TYR D 445 -11.70 -21.40 -42.50
C TYR D 445 -10.88 -22.59 -42.96
N GLU D 446 -9.65 -22.67 -42.47
CA GLU D 446 -8.84 -23.88 -42.49
C GLU D 446 -8.63 -24.31 -41.04
N ILE D 447 -9.02 -25.53 -40.72
CA ILE D 447 -9.01 -26.04 -39.36
C ILE D 447 -7.83 -26.98 -39.20
N ARG D 448 -7.03 -26.75 -38.16
CA ARG D 448 -5.83 -27.54 -37.90
C ARG D 448 -5.74 -27.79 -36.40
N LEU D 449 -4.62 -28.37 -35.97
CA LEU D 449 -4.42 -28.79 -34.59
C LEU D 449 -3.31 -27.97 -33.95
N VAL D 450 -3.47 -27.67 -32.66
CA VAL D 450 -2.52 -26.85 -31.92
C VAL D 450 -1.26 -27.65 -31.62
N GLU D 451 -0.21 -26.95 -31.15
CA GLU D 451 1.08 -27.60 -30.93
C GLU D 451 1.05 -28.47 -29.68
N ASP D 452 0.72 -27.88 -28.53
CA ASP D 452 0.83 -28.57 -27.25
C ASP D 452 -0.31 -29.55 -27.00
N GLY D 453 -1.41 -29.46 -27.74
CA GLY D 453 -2.54 -30.34 -27.53
C GLY D 453 -3.46 -29.93 -26.39
N LYS D 454 -3.20 -28.80 -25.74
CA LYS D 454 -3.96 -28.36 -24.58
C LYS D 454 -4.31 -26.89 -24.74
N TYR D 455 -5.28 -26.45 -23.94
CA TYR D 455 -5.57 -25.02 -23.85
C TYR D 455 -4.46 -24.26 -23.13
N GLY D 456 -3.68 -24.94 -22.30
CA GLY D 456 -2.62 -24.30 -21.55
C GLY D 456 -3.12 -23.76 -20.22
N ALA D 457 -2.18 -23.62 -19.29
CA ALA D 457 -2.48 -23.15 -17.95
C ALA D 457 -1.49 -22.06 -17.57
N GLN D 458 -1.89 -21.27 -16.57
CA GLN D 458 -0.98 -20.32 -15.96
C GLN D 458 0.13 -21.06 -15.23
N ASP D 459 1.35 -20.57 -15.35
CA ASP D 459 2.51 -21.25 -14.81
C ASP D 459 2.65 -20.98 -13.31
N ASP D 460 3.81 -21.32 -12.75
CA ASP D 460 3.98 -21.34 -11.30
C ASP D 460 4.04 -19.94 -10.72
N VAL D 461 5.04 -19.15 -11.12
CA VAL D 461 5.26 -17.84 -10.53
C VAL D 461 5.24 -16.71 -11.55
N ASN D 462 5.50 -16.96 -12.83
CA ASN D 462 5.58 -15.89 -13.80
C ASN D 462 4.23 -15.36 -14.24
N GLY D 463 3.16 -16.12 -14.02
CA GLY D 463 1.85 -15.68 -14.46
C GLY D 463 1.60 -15.80 -15.95
N GLN D 464 2.46 -16.50 -16.67
CA GLN D 464 2.37 -16.61 -18.12
C GLN D 464 1.48 -17.78 -18.48
N TRP D 465 0.33 -17.48 -19.09
CA TRP D 465 -0.53 -18.52 -19.62
C TRP D 465 0.08 -19.13 -20.87
N ASN D 466 -0.24 -20.39 -21.11
CA ASN D 466 0.31 -21.13 -22.25
C ASN D 466 -0.83 -21.65 -23.13
N GLY D 467 -0.46 -22.44 -24.13
CA GLY D 467 -1.45 -23.16 -24.93
C GLY D 467 -2.23 -22.25 -25.85
N MET D 468 -3.54 -22.54 -25.96
CA MET D 468 -4.44 -21.75 -26.80
C MET D 468 -4.59 -20.32 -26.27
N VAL D 469 -4.49 -20.15 -24.94
CA VAL D 469 -4.55 -18.84 -24.32
C VAL D 469 -3.38 -17.97 -24.78
N ARG D 470 -2.17 -18.53 -24.79
CA ARG D 470 -1.02 -17.79 -25.30
C ARG D 470 -1.05 -17.67 -26.82
N GLU D 471 -1.72 -18.60 -27.50
CA GLU D 471 -1.89 -18.49 -28.95
C GLU D 471 -2.78 -17.31 -29.32
N LEU D 472 -3.78 -17.01 -28.48
CA LEU D 472 -4.60 -15.83 -28.70
C LEU D 472 -3.99 -14.56 -28.12
N ILE D 473 -3.11 -14.67 -27.13
CA ILE D 473 -2.43 -13.50 -26.58
C ILE D 473 -1.48 -12.91 -27.63
N ASP D 474 -0.68 -13.76 -28.26
CA ASP D 474 0.21 -13.31 -29.33
C ASP D 474 -0.46 -13.32 -30.69
N HIS D 475 -1.76 -13.68 -30.73
CA HIS D 475 -2.59 -13.75 -31.94
C HIS D 475 -2.00 -14.71 -32.98
N LYS D 476 -1.44 -15.81 -32.50
CA LYS D 476 -1.02 -16.88 -33.40
C LYS D 476 -2.22 -17.65 -33.93
N ALA D 477 -3.30 -17.73 -33.15
CA ALA D 477 -4.55 -18.35 -33.56
C ALA D 477 -5.58 -17.26 -33.80
N ASP D 478 -6.20 -17.28 -34.98
CA ASP D 478 -7.23 -16.29 -35.29
C ASP D 478 -8.52 -16.57 -34.54
N LEU D 479 -8.87 -17.83 -34.33
CA LEU D 479 -10.09 -18.21 -33.65
C LEU D 479 -9.82 -19.28 -32.61
N ALA D 480 -10.71 -19.36 -31.63
CA ALA D 480 -10.65 -20.32 -30.53
C ALA D 480 -12.00 -20.97 -30.33
N VAL D 481 -12.59 -21.48 -31.40
CA VAL D 481 -13.84 -22.24 -31.32
C VAL D 481 -13.54 -23.55 -30.62
N ALA D 482 -13.95 -23.66 -29.36
CA ALA D 482 -13.55 -24.75 -28.50
C ALA D 482 -14.59 -24.92 -27.40
N PRO D 483 -14.68 -26.11 -26.78
CA PRO D 483 -15.60 -26.28 -25.64
C PRO D 483 -15.03 -25.82 -24.30
N LEU D 484 -14.01 -24.97 -24.31
CA LEU D 484 -13.47 -24.43 -23.07
C LEU D 484 -14.49 -23.54 -22.37
N ALA D 485 -14.54 -23.65 -21.04
CA ALA D 485 -15.49 -22.88 -20.26
C ALA D 485 -15.00 -21.45 -20.06
N ILE D 486 -15.91 -20.59 -19.62
CA ILE D 486 -15.61 -19.18 -19.37
C ILE D 486 -15.29 -19.06 -17.89
N THR D 487 -14.01 -19.21 -17.56
CA THR D 487 -13.53 -18.94 -16.21
C THR D 487 -13.19 -17.47 -16.08
N TYR D 488 -13.21 -16.99 -14.83
CA TYR D 488 -13.03 -15.55 -14.59
C TYR D 488 -11.59 -15.11 -14.79
N VAL D 489 -10.62 -15.99 -14.50
CA VAL D 489 -9.22 -15.64 -14.71
C VAL D 489 -8.90 -15.53 -16.19
N ARG D 490 -9.39 -16.48 -16.99
CA ARG D 490 -9.21 -16.41 -18.44
C ARG D 490 -10.02 -15.27 -19.06
N GLU D 491 -11.16 -14.92 -18.44
CA GLU D 491 -11.93 -13.78 -18.93
C GLU D 491 -11.21 -12.47 -18.63
N LYS D 492 -10.49 -12.41 -17.51
CA LYS D 492 -9.59 -11.29 -17.25
C LYS D 492 -8.44 -11.27 -18.24
N VAL D 493 -7.94 -12.44 -18.64
CA VAL D 493 -6.87 -12.50 -19.63
C VAL D 493 -7.40 -12.21 -21.03
N ILE D 494 -8.46 -12.90 -21.45
CA ILE D 494 -8.93 -12.89 -22.83
C ILE D 494 -10.43 -12.68 -22.86
N ASP D 495 -10.88 -11.73 -23.69
CA ASP D 495 -12.31 -11.50 -23.89
C ASP D 495 -12.95 -12.71 -24.56
N PHE D 496 -14.12 -13.09 -24.07
CA PHE D 496 -14.81 -14.28 -24.52
C PHE D 496 -16.13 -13.93 -25.18
N SER D 497 -16.63 -14.88 -25.96
CA SER D 497 -17.98 -14.77 -26.49
C SER D 497 -19.01 -15.00 -25.39
N LYS D 498 -20.24 -14.58 -25.65
CA LYS D 498 -21.31 -14.77 -24.69
C LYS D 498 -21.69 -16.25 -24.62
N PRO D 499 -22.11 -16.74 -23.43
CA PRO D 499 -22.51 -18.14 -23.33
C PRO D 499 -23.82 -18.43 -24.03
N PHE D 500 -23.74 -19.10 -25.18
CA PHE D 500 -24.94 -19.39 -25.94
C PHE D 500 -25.74 -20.55 -25.34
N MET D 501 -25.06 -21.53 -24.75
CA MET D 501 -25.75 -22.59 -24.03
C MET D 501 -25.02 -22.87 -22.73
N THR D 502 -25.78 -23.23 -21.71
CA THR D 502 -25.24 -23.39 -20.37
C THR D 502 -24.59 -24.76 -20.20
N LEU D 503 -23.70 -24.84 -19.21
CA LEU D 503 -22.99 -26.07 -18.87
C LEU D 503 -23.25 -26.41 -17.42
N GLY D 504 -22.71 -27.54 -16.99
CA GLY D 504 -22.89 -27.97 -15.61
C GLY D 504 -21.90 -29.06 -15.25
N ILE D 505 -21.77 -29.28 -13.95
CA ILE D 505 -20.89 -30.31 -13.40
C ILE D 505 -21.74 -31.25 -12.56
N SER D 506 -21.70 -32.54 -12.91
CA SER D 506 -22.43 -33.57 -12.17
C SER D 506 -21.47 -34.70 -11.84
N ILE D 507 -22.00 -35.81 -11.34
CA ILE D 507 -21.19 -36.93 -10.89
C ILE D 507 -21.36 -38.08 -11.89
N LEU D 508 -20.24 -38.54 -12.44
CA LEU D 508 -20.24 -39.75 -13.25
C LEU D 508 -20.11 -40.97 -12.34
N TYR D 509 -20.91 -41.99 -12.60
CA TYR D 509 -20.75 -43.22 -11.83
C TYR D 509 -21.16 -44.41 -12.69
N ARG D 510 -20.73 -45.59 -12.26
CA ARG D 510 -21.19 -46.80 -12.92
C ARG D 510 -22.56 -47.21 -12.38
N LYS D 511 -23.17 -48.17 -13.05
CA LYS D 511 -24.38 -48.78 -12.53
C LYS D 511 -24.04 -49.56 -11.26
N PRO D 512 -24.92 -49.56 -10.25
CA PRO D 512 -24.59 -50.18 -8.96
C PRO D 512 -24.42 -51.69 -9.00
N ASN D 513 -25.43 -52.38 -9.55
CA ASN D 513 -25.47 -53.84 -9.71
C ASN D 513 -25.26 -54.56 -8.39
N GLY D 514 -25.83 -54.02 -7.31
CA GLY D 514 -25.64 -54.51 -5.97
C GLY D 514 -26.55 -55.64 -5.55
N THR D 515 -27.38 -56.15 -6.47
CA THR D 515 -28.32 -57.23 -6.17
C THR D 515 -27.77 -58.58 -6.62
N ASN D 516 -26.46 -58.78 -6.49
CA ASN D 516 -25.81 -60.03 -6.87
C ASN D 516 -24.99 -60.56 -5.69
N PRO D 517 -25.64 -61.26 -4.75
CA PRO D 517 -24.87 -61.85 -3.64
C PRO D 517 -24.31 -63.22 -3.96
N GLY D 518 -24.94 -63.95 -4.89
CA GLY D 518 -24.55 -65.31 -5.18
C GLY D 518 -25.10 -66.29 -4.16
N VAL D 519 -24.64 -67.54 -4.29
CA VAL D 519 -25.02 -68.58 -3.34
C VAL D 519 -24.16 -68.55 -2.08
N PHE D 520 -23.14 -67.71 -2.05
CA PHE D 520 -22.26 -67.56 -0.89
C PHE D 520 -22.76 -66.51 0.09
N SER D 521 -24.01 -66.05 -0.07
CA SER D 521 -24.57 -65.02 0.80
C SER D 521 -24.82 -65.52 2.21
N PHE D 522 -24.97 -66.83 2.39
CA PHE D 522 -24.96 -67.42 3.73
C PHE D 522 -23.59 -67.26 4.39
N LEU D 523 -22.52 -67.32 3.59
CA LEU D 523 -21.15 -67.15 4.07
C LEU D 523 -20.75 -65.69 4.28
N ASN D 524 -21.68 -64.73 4.07
CA ASN D 524 -21.33 -63.32 4.21
C ASN D 524 -21.06 -62.90 5.67
N PRO D 525 -21.99 -63.02 6.64
CA PRO D 525 -21.71 -62.42 7.95
C PRO D 525 -20.73 -63.20 8.81
N LEU D 526 -20.54 -64.49 8.55
CA LEU D 526 -19.53 -65.29 9.21
C LEU D 526 -18.75 -66.04 8.14
N SER D 527 -17.43 -65.99 8.21
CA SER D 527 -16.60 -66.69 7.25
C SER D 527 -16.69 -68.19 7.50
N PRO D 528 -16.71 -69.02 6.45
CA PRO D 528 -16.82 -70.48 6.65
C PRO D 528 -15.53 -71.11 7.14
N ASP D 529 -15.16 -70.81 8.38
CA ASP D 529 -14.05 -71.49 9.06
C ASP D 529 -14.39 -71.89 10.48
N ILE D 530 -15.38 -71.27 11.12
CA ILE D 530 -15.87 -71.70 12.41
C ILE D 530 -16.98 -72.76 12.24
N TRP D 531 -17.68 -72.74 11.11
CA TRP D 531 -18.85 -73.61 10.91
C TRP D 531 -18.47 -75.08 10.79
N MET D 532 -17.29 -75.39 10.25
CA MET D 532 -16.83 -76.77 10.23
C MET D 532 -16.54 -77.29 11.63
N TYR D 533 -15.98 -76.44 12.49
CA TYR D 533 -15.67 -76.85 13.86
C TYR D 533 -16.96 -76.94 14.67
N VAL D 534 -17.95 -76.10 14.34
CA VAL D 534 -19.29 -76.20 14.91
C VAL D 534 -19.94 -77.52 14.51
N LEU D 535 -19.80 -77.91 13.24
CA LEU D 535 -20.35 -79.18 12.77
C LEU D 535 -19.66 -80.37 13.40
N LEU D 536 -18.34 -80.26 13.64
CA LEU D 536 -17.61 -81.30 14.35
C LEU D 536 -18.06 -81.43 15.80
N ALA D 537 -18.33 -80.29 16.45
CA ALA D 537 -18.86 -80.32 17.82
C ALA D 537 -20.26 -80.92 17.87
N TYR D 538 -21.11 -80.58 16.88
CA TYR D 538 -22.45 -81.15 16.80
C TYR D 538 -22.40 -82.66 16.54
N LEU D 539 -21.47 -83.11 15.70
CA LEU D 539 -21.29 -84.54 15.48
C LEU D 539 -20.76 -85.23 16.71
N GLY D 540 -19.91 -84.54 17.49
CA GLY D 540 -19.45 -85.10 18.76
C GLY D 540 -20.56 -85.25 19.78
N VAL D 541 -21.47 -84.27 19.84
CA VAL D 541 -22.66 -84.35 20.69
C VAL D 541 -23.56 -85.50 20.22
N SER D 542 -23.68 -85.69 18.90
CA SER D 542 -24.46 -86.79 18.35
C SER D 542 -23.87 -88.16 18.70
N VAL D 543 -22.53 -88.29 18.66
CA VAL D 543 -21.88 -89.55 19.03
C VAL D 543 -22.01 -89.81 20.52
N VAL D 544 -21.90 -88.78 21.36
CA VAL D 544 -22.08 -88.94 22.81
C VAL D 544 -23.53 -89.34 23.13
N LEU D 545 -24.50 -88.76 22.43
CA LEU D 545 -25.89 -89.17 22.61
C LEU D 545 -26.16 -90.57 22.06
N PHE D 546 -25.41 -90.98 21.04
CA PHE D 546 -25.59 -92.32 20.47
C PHE D 546 -24.98 -93.40 21.36
N VAL D 547 -23.87 -93.09 22.02
CA VAL D 547 -23.17 -94.09 22.84
C VAL D 547 -23.96 -94.37 24.11
N ILE D 548 -24.37 -93.32 24.81
CA ILE D 548 -25.08 -93.47 26.08
C ILE D 548 -26.54 -93.80 25.85
N LEU D 598 -30.84 -88.80 33.95
CA LEU D 598 -30.47 -87.58 34.65
C LEU D 598 -29.42 -86.79 33.88
N SER D 599 -28.47 -87.51 33.27
CA SER D 599 -27.42 -86.87 32.51
C SER D 599 -27.93 -86.32 31.19
N THR D 600 -29.01 -86.91 30.65
CA THR D 600 -29.57 -86.47 29.37
C THR D 600 -30.19 -85.08 29.48
N ARG D 601 -30.75 -84.74 30.65
CA ARG D 601 -31.27 -83.39 30.87
C ARG D 601 -30.15 -82.36 30.87
N ILE D 602 -29.00 -82.70 31.47
CA ILE D 602 -27.84 -81.81 31.47
C ILE D 602 -27.27 -81.68 30.06
N VAL D 603 -27.26 -82.79 29.30
CA VAL D 603 -26.78 -82.78 27.91
C VAL D 603 -27.66 -81.88 27.05
N GLY D 604 -28.98 -82.02 27.19
CA GLY D 604 -29.90 -81.16 26.45
C GLY D 604 -29.84 -79.70 26.88
N GLY D 605 -29.61 -79.46 28.17
CA GLY D 605 -29.47 -78.09 28.65
C GLY D 605 -28.23 -77.39 28.13
N ILE D 606 -27.09 -78.08 28.16
CA ILE D 606 -25.88 -77.45 27.64
C ILE D 606 -25.89 -77.40 26.12
N TRP D 607 -26.63 -78.29 25.45
CA TRP D 607 -26.76 -78.21 24.00
C TRP D 607 -27.64 -77.04 23.59
N TRP D 608 -28.74 -76.82 24.32
CA TRP D 608 -29.58 -75.64 24.10
C TRP D 608 -28.83 -74.36 24.40
N PHE D 609 -28.01 -74.37 25.46
CA PHE D 609 -27.16 -73.23 25.80
C PHE D 609 -26.15 -72.92 24.70
N PHE D 610 -25.49 -73.97 24.19
CA PHE D 610 -24.48 -73.82 23.14
C PHE D 610 -25.09 -73.32 21.83
N THR D 611 -26.24 -73.89 21.45
CA THR D 611 -26.89 -73.47 20.21
C THR D 611 -27.46 -72.06 20.34
N LEU D 612 -27.94 -71.69 21.53
CA LEU D 612 -28.44 -70.33 21.75
C LEU D 612 -27.32 -69.31 21.69
N ILE D 613 -26.15 -69.63 22.26
CA ILE D 613 -25.01 -68.72 22.21
C ILE D 613 -24.49 -68.58 20.78
N ILE D 614 -24.44 -69.68 20.03
CA ILE D 614 -23.98 -69.66 18.64
C ILE D 614 -24.94 -68.87 17.76
N ILE D 615 -26.25 -69.08 17.94
CA ILE D 615 -27.26 -68.36 17.16
C ILE D 615 -27.26 -66.88 17.50
N SER D 616 -27.09 -66.53 18.78
CA SER D 616 -27.03 -65.14 19.19
C SER D 616 -25.79 -64.44 18.66
N SER D 617 -24.64 -65.13 18.64
CA SER D 617 -23.42 -64.55 18.10
C SER D 617 -23.53 -64.35 16.59
N TYR D 618 -24.13 -65.32 15.89
CA TYR D 618 -24.37 -65.18 14.46
C TYR D 618 -25.32 -64.03 14.16
N THR D 619 -26.36 -63.89 14.98
CA THR D 619 -27.32 -62.80 14.82
C THR D 619 -26.68 -61.45 15.08
N ALA D 620 -25.80 -61.37 16.07
CA ALA D 620 -25.12 -60.12 16.38
C ALA D 620 -24.12 -59.73 15.29
N ASN D 621 -23.40 -60.72 14.74
CA ASN D 621 -22.49 -60.43 13.62
C ASN D 621 -23.25 -60.00 12.37
N LEU D 622 -24.38 -60.66 12.09
CA LEU D 622 -25.21 -60.26 10.95
C LEU D 622 -25.82 -58.89 11.15
N ALA D 623 -26.21 -58.57 12.39
CA ALA D 623 -26.76 -57.25 12.70
C ALA D 623 -25.70 -56.16 12.55
N ALA D 624 -24.47 -56.42 12.99
CA ALA D 624 -23.39 -55.45 12.84
C ALA D 624 -23.03 -55.23 11.38
N PHE D 625 -22.97 -56.32 10.59
CA PHE D 625 -22.67 -56.20 9.17
C PHE D 625 -23.77 -55.47 8.42
N LEU D 626 -25.04 -55.76 8.75
CA LEU D 626 -26.15 -55.07 8.13
C LEU D 626 -26.23 -53.60 8.55
N THR D 627 -25.83 -53.30 9.78
CA THR D 627 -25.83 -51.91 10.22
C THR D 627 -24.72 -51.11 9.54
N VAL D 628 -23.55 -51.73 9.32
CA VAL D 628 -22.49 -51.09 8.57
C VAL D 628 -22.91 -50.87 7.11
N GLU D 629 -23.56 -51.87 6.51
CA GLU D 629 -24.02 -51.74 5.13
C GLU D 629 -25.14 -50.71 4.99
N ARG D 630 -26.01 -50.59 6.00
CA ARG D 630 -27.06 -49.58 5.97
C ARG D 630 -26.51 -48.19 6.26
N MET D 631 -25.45 -48.09 7.06
CA MET D 631 -24.76 -46.81 7.26
C MET D 631 -24.06 -46.37 5.98
N GLU D 632 -23.54 -47.32 5.21
CA GLU D 632 -23.00 -47.02 3.88
C GLU D 632 -24.17 -46.82 2.92
N SER D 633 -24.69 -45.59 2.92
CA SER D 633 -25.87 -45.26 2.14
C SER D 633 -25.52 -45.18 0.65
N PRO D 634 -26.52 -45.35 -0.22
CA PRO D 634 -26.30 -45.06 -1.65
C PRO D 634 -25.95 -43.59 -1.87
N ILE D 635 -25.03 -43.36 -2.80
CA ILE D 635 -24.39 -42.06 -2.95
C ILE D 635 -25.26 -41.15 -3.82
N ASP D 636 -25.56 -39.96 -3.31
CA ASP D 636 -26.28 -38.96 -4.09
C ASP D 636 -25.96 -37.58 -3.53
N SER D 637 -25.88 -36.60 -4.45
CA SER D 637 -25.77 -35.16 -4.18
C SER D 637 -24.52 -34.77 -3.40
N ALA D 638 -23.49 -35.63 -3.44
CA ALA D 638 -22.12 -35.40 -2.98
C ALA D 638 -21.96 -35.23 -1.47
N ASP D 639 -23.03 -35.14 -0.70
CA ASP D 639 -22.87 -35.15 0.75
C ASP D 639 -22.58 -36.55 1.25
N ASP D 640 -22.94 -37.57 0.48
CA ASP D 640 -22.43 -38.91 0.73
C ASP D 640 -20.98 -39.04 0.27
N LEU D 641 -20.57 -38.25 -0.72
CA LEU D 641 -19.17 -38.25 -1.13
C LEU D 641 -18.28 -37.60 -0.08
N ALA D 642 -18.81 -36.60 0.63
CA ALA D 642 -18.07 -35.97 1.72
C ALA D 642 -17.88 -36.93 2.88
N LYS D 643 -18.89 -37.74 3.18
CA LYS D 643 -18.78 -38.70 4.28
C LYS D 643 -17.96 -39.92 3.87
N GLN D 644 -18.33 -40.56 2.76
CA GLN D 644 -17.66 -41.78 2.34
C GLN D 644 -16.35 -41.41 1.65
N THR D 645 -15.25 -41.55 2.36
CA THR D 645 -13.92 -41.45 1.78
C THR D 645 -13.40 -42.78 1.27
N LYS D 646 -14.20 -43.85 1.40
CA LYS D 646 -13.80 -45.15 0.88
C LYS D 646 -13.77 -45.17 -0.64
N ILE D 647 -14.84 -44.68 -1.27
CA ILE D 647 -14.89 -44.54 -2.72
C ILE D 647 -14.17 -43.25 -3.08
N GLU D 648 -12.96 -43.36 -3.63
CA GLU D 648 -12.23 -42.17 -4.02
C GLU D 648 -12.81 -41.57 -5.29
N TYR D 649 -12.62 -40.27 -5.46
CA TYR D 649 -13.22 -39.53 -6.55
C TYR D 649 -12.35 -38.33 -6.86
N GLY D 650 -12.89 -37.39 -7.61
CA GLY D 650 -12.20 -36.16 -7.92
C GLY D 650 -12.66 -35.62 -9.26
N ALA D 651 -12.06 -34.51 -9.66
CA ALA D 651 -12.31 -33.96 -10.97
C ALA D 651 -11.43 -34.67 -12.00
N VAL D 652 -11.50 -34.19 -13.25
CA VAL D 652 -10.67 -34.78 -14.30
C VAL D 652 -9.24 -34.29 -14.12
N GLU D 653 -9.03 -32.99 -14.29
CA GLU D 653 -7.71 -32.39 -14.16
C GLU D 653 -7.89 -30.89 -13.90
N ASP D 654 -6.80 -30.15 -14.04
CA ASP D 654 -6.82 -28.72 -13.77
C ASP D 654 -7.61 -27.96 -14.85
N GLY D 655 -8.22 -26.85 -14.43
CA GLY D 655 -8.98 -26.04 -15.35
C GLY D 655 -10.20 -25.39 -14.70
N ALA D 656 -11.36 -25.53 -15.35
CA ALA D 656 -12.58 -24.93 -14.83
C ALA D 656 -13.08 -25.66 -13.60
N THR D 657 -12.93 -26.98 -13.57
CA THR D 657 -13.35 -27.75 -12.40
C THR D 657 -12.40 -27.55 -11.23
N MET D 658 -11.13 -27.30 -11.51
CA MET D 658 -10.15 -27.08 -10.44
C MET D 658 -10.38 -25.75 -9.74
N THR D 659 -10.54 -24.68 -10.51
CA THR D 659 -10.65 -23.34 -9.94
C THR D 659 -12.00 -23.09 -9.28
N PHE D 660 -13.05 -23.78 -9.74
CA PHE D 660 -14.37 -23.64 -9.13
C PHE D 660 -14.38 -24.26 -7.73
N PHE D 661 -13.76 -25.42 -7.57
CA PHE D 661 -13.69 -26.04 -6.25
C PHE D 661 -12.67 -25.37 -5.35
N LYS D 662 -11.62 -24.78 -5.92
CA LYS D 662 -10.63 -24.06 -5.13
C LYS D 662 -11.21 -22.79 -4.54
N LYS D 663 -12.01 -22.06 -5.32
CA LYS D 663 -12.58 -20.79 -4.88
C LYS D 663 -13.89 -20.96 -4.13
N SER D 664 -14.39 -22.18 -3.97
CA SER D 664 -15.67 -22.39 -3.31
C SER D 664 -15.51 -22.23 -1.80
N LYS D 665 -16.39 -21.42 -1.21
CA LYS D 665 -16.38 -21.16 0.23
C LYS D 665 -17.59 -21.77 0.93
N ILE D 666 -18.26 -22.73 0.28
CA ILE D 666 -19.43 -23.38 0.87
C ILE D 666 -19.02 -24.41 1.92
N SER D 667 -17.74 -24.83 1.90
CA SER D 667 -17.02 -25.77 2.77
C SER D 667 -17.46 -27.22 2.58
N THR D 668 -18.44 -27.50 1.73
CA THR D 668 -18.60 -28.85 1.21
C THR D 668 -17.70 -29.04 0.00
N TYR D 669 -17.81 -28.15 -0.98
CA TYR D 669 -16.93 -28.20 -2.14
C TYR D 669 -15.50 -27.79 -1.79
N ASP D 670 -15.32 -26.98 -0.77
CA ASP D 670 -13.97 -26.70 -0.28
C ASP D 670 -13.36 -27.94 0.37
N LYS D 671 -14.18 -28.73 1.07
CA LYS D 671 -13.72 -30.02 1.57
C LYS D 671 -13.44 -30.99 0.43
N MET D 672 -14.23 -30.91 -0.65
CA MET D 672 -13.94 -31.68 -1.86
C MET D 672 -12.60 -31.30 -2.45
N TRP D 673 -12.31 -29.99 -2.50
CA TRP D 673 -11.04 -29.53 -3.04
C TRP D 673 -9.87 -29.92 -2.15
N ALA D 674 -10.10 -29.94 -0.82
CA ALA D 674 -9.08 -30.41 0.11
C ALA D 674 -8.79 -31.90 -0.10
N PHE D 675 -9.84 -32.70 -0.30
CA PHE D 675 -9.65 -34.13 -0.50
C PHE D 675 -8.98 -34.42 -1.86
N MET D 676 -9.39 -33.71 -2.91
CA MET D 676 -8.82 -33.98 -4.22
C MET D 676 -7.47 -33.32 -4.41
N SER D 677 -7.09 -32.35 -3.56
CA SER D 677 -5.78 -31.76 -3.62
C SER D 677 -4.78 -32.42 -2.69
N SER D 678 -5.26 -33.14 -1.67
CA SER D 678 -4.36 -33.96 -0.88
C SER D 678 -3.80 -35.13 -1.67
N ARG D 679 -4.61 -35.71 -2.57
CA ARG D 679 -4.24 -36.86 -3.37
C ARG D 679 -4.32 -36.54 -4.86
N ARG D 680 -3.82 -35.37 -5.26
CA ARG D 680 -3.99 -34.91 -6.63
C ARG D 680 -3.10 -35.62 -7.64
N GLN D 681 -2.08 -36.34 -7.19
CA GLN D 681 -1.24 -37.12 -8.09
C GLN D 681 -1.74 -38.53 -8.29
N SER D 682 -2.86 -38.90 -7.65
CA SER D 682 -3.42 -40.24 -7.77
C SER D 682 -4.83 -40.23 -8.34
N VAL D 683 -5.71 -39.35 -7.84
CA VAL D 683 -7.12 -39.38 -8.24
C VAL D 683 -7.41 -38.53 -9.46
N LEU D 684 -6.44 -37.81 -9.99
CA LEU D 684 -6.64 -36.98 -11.17
C LEU D 684 -6.14 -37.70 -12.42
N VAL D 685 -6.78 -37.40 -13.55
CA VAL D 685 -6.51 -38.09 -14.80
C VAL D 685 -6.15 -37.08 -15.87
N LYS D 686 -5.36 -37.54 -16.84
CA LYS D 686 -4.87 -36.63 -17.88
C LYS D 686 -5.94 -36.31 -18.92
N SER D 687 -6.78 -37.28 -19.27
CA SER D 687 -7.81 -37.08 -20.27
C SER D 687 -9.18 -37.41 -19.66
N ASN D 688 -10.22 -37.03 -20.40
CA ASN D 688 -11.58 -37.39 -19.99
C ASN D 688 -11.83 -38.89 -20.14
N GLU D 689 -11.14 -39.54 -21.09
CA GLU D 689 -11.34 -40.97 -21.30
C GLU D 689 -10.72 -41.81 -20.21
N GLU D 690 -9.66 -41.30 -19.57
CA GLU D 690 -9.04 -42.01 -18.45
C GLU D 690 -9.96 -42.05 -17.25
N GLY D 691 -10.76 -41.01 -17.04
CA GLY D 691 -11.74 -41.01 -15.97
C GLY D 691 -12.85 -42.02 -16.19
N ILE D 692 -13.24 -42.24 -17.44
CA ILE D 692 -14.28 -43.22 -17.77
C ILE D 692 -13.78 -44.63 -17.47
N GLN D 693 -12.50 -44.89 -17.73
CA GLN D 693 -11.93 -46.21 -17.47
C GLN D 693 -11.83 -46.49 -15.97
N ARG D 694 -11.56 -45.45 -15.17
CA ARG D 694 -11.52 -45.65 -13.72
C ARG D 694 -12.91 -45.84 -13.14
N VAL D 695 -13.93 -45.22 -13.74
CA VAL D 695 -15.30 -45.45 -13.29
C VAL D 695 -15.76 -46.85 -13.67
N LEU D 696 -15.48 -47.28 -14.91
CA LEU D 696 -16.01 -48.55 -15.40
C LEU D 696 -15.31 -49.74 -14.78
N THR D 697 -14.00 -49.64 -14.55
CA THR D 697 -13.26 -50.77 -14.00
C THR D 697 -13.16 -50.69 -12.48
N SER D 698 -12.58 -49.61 -11.96
CA SER D 698 -12.43 -49.43 -10.53
C SER D 698 -13.67 -48.74 -9.97
N ASP D 699 -13.62 -48.34 -8.70
CA ASP D 699 -14.72 -47.62 -8.05
C ASP D 699 -14.30 -46.16 -7.91
N TYR D 700 -14.67 -45.36 -8.90
CA TYR D 700 -14.35 -43.94 -8.91
C TYR D 700 -15.55 -43.14 -9.40
N ALA D 701 -15.50 -41.84 -9.12
CA ALA D 701 -16.47 -40.89 -9.64
C ALA D 701 -15.71 -39.68 -10.15
N PHE D 702 -16.14 -39.15 -11.29
CA PHE D 702 -15.41 -38.05 -11.93
C PHE D 702 -16.36 -36.94 -12.31
N LEU D 703 -16.14 -35.77 -11.72
CA LEU D 703 -16.88 -34.57 -12.06
C LEU D 703 -16.43 -34.05 -13.42
N MET D 704 -17.38 -33.83 -14.31
CA MET D 704 -17.05 -33.57 -15.70
C MET D 704 -18.23 -32.82 -16.31
N GLU D 705 -18.04 -32.31 -17.53
CA GLU D 705 -19.03 -31.45 -18.17
C GLU D 705 -20.30 -32.21 -18.53
N SER D 706 -21.45 -31.56 -18.31
CA SER D 706 -22.73 -32.26 -18.23
C SER D 706 -23.23 -32.75 -19.59
N THR D 707 -23.03 -31.95 -20.65
CA THR D 707 -23.43 -32.40 -21.98
C THR D 707 -22.54 -33.53 -22.47
N THR D 708 -21.27 -33.49 -22.08
CA THR D 708 -20.37 -34.60 -22.36
C THR D 708 -20.76 -35.85 -21.55
N ILE D 709 -21.24 -35.67 -20.32
CA ILE D 709 -21.85 -36.77 -19.57
C ILE D 709 -23.07 -37.31 -20.29
N GLU D 710 -23.85 -36.42 -20.92
CA GLU D 710 -25.05 -36.84 -21.63
C GLU D 710 -24.72 -37.69 -22.86
N PHE D 711 -23.69 -37.33 -23.63
CA PHE D 711 -23.43 -38.21 -24.76
C PHE D 711 -22.49 -39.37 -24.43
N VAL D 712 -21.80 -39.37 -23.28
CA VAL D 712 -21.24 -40.63 -22.79
C VAL D 712 -22.37 -41.55 -22.32
N THR D 713 -23.43 -40.96 -21.75
CA THR D 713 -24.60 -41.72 -21.35
C THR D 713 -25.33 -42.32 -22.54
N GLN D 714 -25.40 -41.58 -23.66
CA GLN D 714 -25.91 -42.20 -24.88
C GLN D 714 -24.90 -43.19 -25.48
N ARG D 715 -23.61 -43.07 -25.13
CA ARG D 715 -22.63 -44.03 -25.59
C ARG D 715 -22.55 -45.26 -24.69
N ASN D 716 -22.65 -45.08 -23.37
CA ASN D 716 -22.46 -46.15 -22.41
C ASN D 716 -23.79 -46.49 -21.76
N CYS D 717 -24.21 -47.75 -21.89
CA CYS D 717 -25.47 -48.22 -21.35
C CYS D 717 -25.32 -48.80 -19.94
N ASN D 718 -24.15 -48.70 -19.34
CA ASN D 718 -23.90 -49.20 -17.99
C ASN D 718 -23.30 -48.12 -17.12
N LEU D 719 -23.79 -46.88 -17.26
CA LEU D 719 -23.36 -45.75 -16.47
C LEU D 719 -24.57 -45.01 -15.93
N THR D 720 -24.30 -44.00 -15.10
CA THR D 720 -25.35 -43.16 -14.54
C THR D 720 -24.76 -41.81 -14.16
N GLN D 721 -25.64 -40.82 -14.07
CA GLN D 721 -25.30 -39.46 -13.68
C GLN D 721 -25.90 -39.22 -12.29
N ILE D 722 -25.06 -39.38 -11.27
CA ILE D 722 -25.46 -39.10 -9.90
C ILE D 722 -25.35 -37.60 -9.66
N GLY D 723 -26.43 -37.00 -9.16
CA GLY D 723 -26.43 -35.60 -8.82
C GLY D 723 -26.81 -34.71 -9.99
N GLY D 724 -27.23 -33.49 -9.66
CA GLY D 724 -27.59 -32.51 -10.64
C GLY D 724 -26.44 -31.60 -11.01
N LEU D 725 -26.78 -30.46 -11.59
CA LEU D 725 -25.78 -29.46 -11.97
C LEU D 725 -25.31 -28.74 -10.71
N ILE D 726 -24.03 -28.91 -10.38
CA ILE D 726 -23.47 -28.22 -9.22
C ILE D 726 -23.35 -26.73 -9.49
N ASP D 727 -22.81 -26.36 -10.65
CA ASP D 727 -22.67 -24.98 -11.06
C ASP D 727 -23.20 -24.81 -12.47
N SER D 728 -23.11 -23.58 -12.97
CA SER D 728 -23.56 -23.25 -14.33
C SER D 728 -22.44 -22.50 -15.03
N LYS D 729 -21.89 -23.10 -16.07
CA LYS D 729 -20.85 -22.48 -16.88
C LYS D 729 -21.39 -22.18 -18.28
N GLY D 730 -20.51 -21.71 -19.14
CA GLY D 730 -20.90 -21.38 -20.50
C GLY D 730 -19.77 -21.64 -21.47
N TYR D 731 -20.14 -21.93 -22.71
CA TYR D 731 -19.16 -22.09 -23.77
C TYR D 731 -18.72 -20.73 -24.28
N GLY D 732 -17.42 -20.59 -24.50
CA GLY D 732 -16.87 -19.32 -24.94
C GLY D 732 -15.79 -19.52 -25.98
N VAL D 733 -15.66 -18.53 -26.85
CA VAL D 733 -14.63 -18.51 -27.90
C VAL D 733 -13.68 -17.37 -27.56
N GLY D 734 -12.39 -17.70 -27.44
CA GLY D 734 -11.41 -16.70 -27.03
C GLY D 734 -11.13 -15.70 -28.14
N THR D 735 -11.31 -14.42 -27.82
CA THR D 735 -11.14 -13.33 -28.76
C THR D 735 -10.20 -12.28 -28.18
N PRO D 736 -9.43 -11.57 -29.02
CA PRO D 736 -8.55 -10.52 -28.50
C PRO D 736 -9.29 -9.28 -28.00
N MET D 737 -8.53 -8.28 -27.56
CA MET D 737 -9.08 -7.07 -26.96
C MET D 737 -9.72 -6.21 -28.03
N GLY D 738 -11.04 -6.04 -27.95
CA GLY D 738 -11.76 -5.20 -28.90
C GLY D 738 -11.84 -5.77 -30.29
N SER D 739 -11.76 -7.09 -30.44
CA SER D 739 -11.75 -7.70 -31.76
C SER D 739 -13.16 -7.68 -32.35
N PRO D 740 -13.28 -7.51 -33.68
CA PRO D 740 -14.60 -7.59 -34.30
C PRO D 740 -15.16 -8.99 -34.41
N TYR D 741 -14.33 -10.01 -34.18
CA TYR D 741 -14.80 -11.39 -34.21
C TYR D 741 -15.77 -11.68 -33.06
N ARG D 742 -15.48 -11.13 -31.88
CA ARG D 742 -16.37 -11.28 -30.73
C ARG D 742 -17.71 -10.60 -30.97
N ASP D 743 -17.67 -9.40 -31.57
CA ASP D 743 -18.91 -8.68 -31.89
C ASP D 743 -19.72 -9.41 -32.95
N LYS D 744 -19.05 -9.96 -33.97
CA LYS D 744 -19.74 -10.69 -35.02
C LYS D 744 -20.32 -12.00 -34.51
N ILE D 745 -19.62 -12.65 -33.57
CA ILE D 745 -20.14 -13.87 -32.96
C ILE D 745 -21.33 -13.55 -32.07
N THR D 746 -21.25 -12.48 -31.28
CA THR D 746 -22.33 -12.07 -30.39
C THR D 746 -23.57 -11.64 -31.18
N ILE D 747 -23.36 -11.06 -32.36
CA ILE D 747 -24.47 -10.84 -33.29
C ILE D 747 -25.00 -12.18 -33.80
N ALA D 748 -24.10 -13.11 -34.14
CA ALA D 748 -24.51 -14.39 -34.73
C ALA D 748 -25.19 -15.30 -33.71
N ILE D 749 -24.68 -15.35 -32.48
CA ILE D 749 -25.31 -16.16 -31.42
C ILE D 749 -26.50 -15.40 -30.85
N LEU D 750 -27.27 -16.09 -30.01
CA LEU D 750 -28.50 -15.67 -29.33
C LEU D 750 -29.66 -15.43 -30.29
N GLN D 751 -29.53 -15.88 -31.54
CA GLN D 751 -30.63 -15.89 -32.49
C GLN D 751 -30.78 -17.22 -33.20
N LEU D 752 -29.75 -18.05 -33.24
CA LEU D 752 -29.84 -19.37 -33.85
C LEU D 752 -30.67 -20.33 -33.02
N GLN D 753 -30.57 -20.23 -31.70
CA GLN D 753 -31.34 -21.08 -30.81
C GLN D 753 -32.80 -20.67 -30.73
N GLU D 754 -33.12 -19.43 -31.11
CA GLU D 754 -34.52 -19.05 -31.29
C GLU D 754 -35.12 -19.73 -32.51
N GLU D 755 -34.29 -20.08 -33.49
CA GLU D 755 -34.72 -20.78 -34.69
C GLU D 755 -34.83 -22.27 -34.50
N GLY D 756 -34.44 -22.79 -33.34
CA GLY D 756 -34.49 -24.22 -33.09
C GLY D 756 -33.26 -24.99 -33.50
N LYS D 757 -32.13 -24.32 -33.71
CA LYS D 757 -30.94 -25.01 -34.18
C LYS D 757 -30.28 -25.82 -33.06
N LEU D 758 -30.27 -25.29 -31.84
CA LEU D 758 -29.67 -26.02 -30.72
C LEU D 758 -30.45 -27.28 -30.38
N HIS D 759 -31.78 -27.25 -30.54
CA HIS D 759 -32.59 -28.44 -30.34
C HIS D 759 -32.33 -29.49 -31.41
N MET D 760 -32.09 -29.08 -32.66
CA MET D 760 -31.86 -30.10 -33.67
C MET D 760 -30.42 -30.63 -33.64
N MET D 761 -29.45 -29.84 -33.17
CA MET D 761 -28.16 -30.47 -32.87
C MET D 761 -28.20 -31.31 -31.60
N LYS D 762 -29.11 -31.01 -30.67
CA LYS D 762 -29.28 -31.90 -29.51
C LYS D 762 -29.96 -33.20 -29.93
N GLU D 763 -30.81 -33.15 -30.95
CA GLU D 763 -31.30 -34.39 -31.55
C GLU D 763 -30.19 -35.08 -32.35
N LYS D 764 -29.27 -34.30 -32.91
CA LYS D 764 -28.24 -34.85 -33.80
C LYS D 764 -27.17 -35.62 -33.03
N TRP D 765 -26.77 -35.15 -31.85
CA TRP D 765 -25.64 -35.73 -31.14
C TRP D 765 -25.94 -36.14 -29.70
N TRP D 766 -27.13 -35.85 -29.17
CA TRP D 766 -27.49 -36.20 -27.81
C TRP D 766 -28.80 -36.99 -27.80
N ARG D 767 -28.86 -38.02 -28.63
CA ARG D 767 -30.04 -38.87 -28.76
C ARG D 767 -30.11 -39.87 -27.61
N GLY D 768 -31.09 -40.76 -27.66
CA GLY D 768 -31.23 -41.79 -26.64
C GLY D 768 -30.20 -42.89 -26.74
N VAL D 784 -33.75 -65.42 -5.29
CA VAL D 784 -32.63 -65.54 -4.35
C VAL D 784 -32.07 -64.16 -4.05
N GLN D 785 -32.37 -63.67 -2.85
CA GLN D 785 -31.95 -62.35 -2.41
C GLN D 785 -30.69 -62.47 -1.56
N ASN D 786 -30.35 -61.39 -0.85
CA ASN D 786 -29.19 -61.36 0.03
C ASN D 786 -29.34 -62.33 1.20
N ILE D 787 -30.56 -62.57 1.68
CA ILE D 787 -30.81 -63.58 2.68
C ILE D 787 -31.48 -64.81 2.10
N GLY D 788 -31.73 -64.84 0.79
CA GLY D 788 -32.35 -65.96 0.10
C GLY D 788 -31.39 -67.00 -0.43
N GLY D 789 -30.10 -66.91 -0.12
CA GLY D 789 -29.14 -67.88 -0.60
C GLY D 789 -29.13 -69.20 0.13
N ILE D 790 -29.89 -69.31 1.22
CA ILE D 790 -30.00 -70.57 1.97
C ILE D 790 -31.11 -71.45 1.43
N PHE D 791 -31.94 -70.95 0.50
CA PHE D 791 -33.10 -71.70 0.02
C PHE D 791 -32.70 -72.87 -0.86
N ILE D 792 -31.63 -72.75 -1.64
CA ILE D 792 -31.16 -73.85 -2.47
C ILE D 792 -30.58 -74.96 -1.61
N VAL D 793 -29.88 -74.60 -0.53
CA VAL D 793 -29.37 -75.59 0.41
C VAL D 793 -30.51 -76.26 1.16
N LEU D 794 -31.57 -75.50 1.47
CA LEU D 794 -32.77 -76.07 2.07
C LEU D 794 -33.45 -77.08 1.15
N ALA D 795 -33.56 -76.73 -0.14
CA ALA D 795 -34.18 -77.63 -1.12
C ALA D 795 -33.36 -78.90 -1.33
N ALA D 796 -32.02 -78.76 -1.38
CA ALA D 796 -31.15 -79.93 -1.52
C ALA D 796 -31.21 -80.82 -0.28
N GLY D 797 -31.25 -80.22 0.91
CA GLY D 797 -31.39 -81.01 2.13
C GLY D 797 -32.74 -81.69 2.23
N LEU D 798 -33.80 -81.04 1.73
CA LEU D 798 -35.12 -81.65 1.74
C LEU D 798 -35.21 -82.82 0.76
N VAL D 799 -34.57 -82.67 -0.42
CA VAL D 799 -34.52 -83.77 -1.39
C VAL D 799 -33.73 -84.95 -0.85
N LEU D 800 -32.61 -84.67 -0.17
CA LEU D 800 -31.82 -85.75 0.44
C LEU D 800 -32.56 -86.41 1.60
N SER D 801 -33.33 -85.63 2.39
CA SER D 801 -34.09 -86.20 3.49
C SER D 801 -35.26 -87.03 2.99
N VAL D 802 -35.84 -86.68 1.84
CA VAL D 802 -36.87 -87.52 1.24
C VAL D 802 -36.24 -88.80 0.67
N PHE D 803 -35.09 -88.67 0.01
CA PHE D 803 -34.50 -89.81 -0.70
C PHE D 803 -33.86 -90.82 0.24
N VAL D 804 -33.32 -90.38 1.37
CA VAL D 804 -32.63 -91.30 2.28
C VAL D 804 -33.63 -92.09 3.11
N ALA D 805 -34.60 -91.40 3.73
CA ALA D 805 -35.56 -92.04 4.62
C ALA D 805 -36.59 -92.81 3.78
N VAL D 806 -36.47 -94.14 3.80
CA VAL D 806 -37.30 -95.11 3.07
C VAL D 806 -37.35 -94.84 1.56
#